data_6DWI
#
_entry.id   6DWI
#
_cell.length_a   122.573
_cell.length_b   114.097
_cell.length_c   128.301
_cell.angle_alpha   90.00
_cell.angle_beta   90.46
_cell.angle_gamma   90.00
#
_symmetry.space_group_name_H-M   'P 1 21 1'
#
loop_
_entity.id
_entity.type
_entity.pdbx_description
1 polymer '4462 Fab Light Chain'
2 polymer '4462 Fab Heavy chain'
3 non-polymer 'CHLORIDE ION'
4 non-polymer 4-O-[2-acetamido-2-deoxy-beta-D-glucopyranosyl]-1-O-phosphono-D-ribitol
5 non-polymer 'CITRATE ANION'
6 non-polymer GLYCEROL
7 water water
#
loop_
_entity_poly.entity_id
_entity_poly.type
_entity_poly.pdbx_seq_one_letter_code
_entity_poly.pdbx_strand_id
1 'polypeptide(L)'
;MGWSCIILFLVATATGVHSDIQMTQSPATLSVSPGETVTLSCRASQSVRTNVAWYRHKAGQAPMILVSGASTRASGAPAR
FSGSGYGTEFTLTITSLQSEDFAVYYCLQYNTWPRTFGQGTKVEVKRTVAAPSVFIFPPSDEQLKSGTASVVCLLNNFYP
REAKVQWKVDNALQSGNSQESVTEQDSKDSTYSLSSTLTLSKADYEKHKVYACEVTHQGLSSPVTKSFNRGEC
;
A,C,E,G,I,K,M,O
2 'polypeptide(L)'
;MGWSCIILFLVATATGVHSQVQLQHSGGGLEQPGGSLRISCAASGFTFNTNDMSWVRQAPGKGLQWVSTIIGIDDTTHYA
DSVRGRFTVSRDTSKNMVYLQMNSLRVEDTALYYCVKNSGIYSFWGQGTLVTVSSASTKGPSVFPLAPSSKSTSGGTAAL
GCLVKDYFPEPVTVSWNSGALTSGVHTFPAVLQSSGLYSLSSVVTVPSSSLGTQTYICNVNHKPSNTKVDKKVEPKSCDK
THT
;
B,D,F,H,J,L,N,P
#
loop_
_chem_comp.id
_chem_comp.type
_chem_comp.name
_chem_comp.formula
CL non-polymer 'CHLORIDE ION' 'Cl -1'
FLC non-polymer 'CITRATE ANION' 'C6 H5 O7 -3'
GOL non-polymer GLYCEROL 'C3 H8 O3'
HD4 D-saccharide 4-O-[2-acetamido-2-deoxy-beta-D-glucopyranosyl]-1-O-phosphono-D-ribitol 'C13 H26 N O13 P'
#
# COMPACT_ATOMS: atom_id res chain seq x y z
N ASP A 20 43.11 17.60 -27.52
CA ASP A 20 42.60 18.76 -26.80
C ASP A 20 43.44 19.06 -25.59
N ILE A 21 43.64 20.37 -25.29
CA ILE A 21 44.40 20.81 -24.13
C ILE A 21 43.43 20.85 -22.94
N GLN A 22 43.77 20.16 -21.87
CA GLN A 22 42.94 20.13 -20.69
C GLN A 22 43.38 21.25 -19.78
N MET A 23 42.41 22.05 -19.29
CA MET A 23 42.68 23.15 -18.37
C MET A 23 42.13 22.75 -16.99
N THR A 24 43.04 22.57 -16.01
CA THR A 24 42.74 22.09 -14.64
C THR A 24 42.82 23.20 -13.61
N GLN A 25 41.68 23.58 -13.07
CA GLN A 25 41.58 24.61 -12.07
C GLN A 25 41.59 24.06 -10.63
N SER A 26 42.32 24.73 -9.71
CA SER A 26 42.42 24.32 -8.32
C SER A 26 42.50 25.50 -7.32
N PRO A 27 41.87 25.35 -6.13
CA PRO A 27 41.02 24.21 -5.70
C PRO A 27 39.63 24.33 -6.35
N ALA A 28 38.73 23.35 -6.14
CA ALA A 28 37.39 23.43 -6.72
C ALA A 28 36.62 24.59 -6.05
N THR A 29 36.71 24.68 -4.71
CA THR A 29 36.09 25.72 -3.87
C THR A 29 37.13 26.35 -2.95
N LEU A 30 37.03 27.67 -2.81
CA LEU A 30 37.87 28.48 -1.95
C LEU A 30 36.94 29.22 -0.97
N SER A 31 37.11 28.96 0.35
CA SER A 31 36.34 29.55 1.47
C SER A 31 37.17 30.66 2.11
N VAL A 32 36.84 31.91 1.79
CA VAL A 32 37.57 33.09 2.27
C VAL A 32 36.64 34.23 2.72
N SER A 33 37.23 35.25 3.38
CA SER A 33 36.51 36.42 3.90
C SER A 33 36.75 37.67 3.04
N PRO A 34 35.84 38.68 3.06
CA PRO A 34 36.09 39.91 2.29
C PRO A 34 37.32 40.67 2.83
N GLY A 35 38.00 41.39 1.93
CA GLY A 35 39.19 42.16 2.25
C GLY A 35 40.49 41.39 2.14
N GLU A 36 40.40 40.05 1.91
CA GLU A 36 41.56 39.16 1.79
C GLU A 36 42.11 39.12 0.38
N THR A 37 43.42 38.87 0.26
CA THR A 37 44.11 38.69 -1.01
C THR A 37 44.02 37.19 -1.28
N VAL A 38 43.72 36.81 -2.52
CA VAL A 38 43.53 35.39 -2.81
C VAL A 38 44.12 35.01 -4.19
N THR A 39 44.67 33.78 -4.33
CA THR A 39 45.25 33.29 -5.59
C THR A 39 44.58 31.99 -6.09
N LEU A 40 44.20 31.97 -7.37
CA LEU A 40 43.55 30.82 -8.02
C LEU A 40 44.51 30.22 -9.04
N SER A 41 44.59 28.88 -9.10
CA SER A 41 45.49 28.18 -10.01
C SER A 41 44.81 27.57 -11.23
N CYS A 42 45.55 27.49 -12.34
CA CYS A 42 45.08 26.91 -13.59
C CYS A 42 46.23 26.21 -14.27
N ARG A 43 46.01 24.95 -14.62
CA ARG A 43 47.04 24.12 -15.23
C ARG A 43 46.66 23.57 -16.60
N ALA A 44 47.47 23.91 -17.61
CA ALA A 44 47.32 23.42 -18.98
C ALA A 44 48.01 22.04 -19.13
N SER A 45 47.35 21.05 -19.78
CA SER A 45 47.89 19.70 -19.97
C SER A 45 49.22 19.71 -20.79
N GLN A 46 49.37 20.69 -21.68
CA GLN A 46 50.57 20.95 -22.46
C GLN A 46 50.71 22.47 -22.65
N SER A 47 51.91 22.95 -23.05
CA SER A 47 52.19 24.39 -23.21
C SER A 47 51.14 25.18 -24.01
N VAL A 48 50.67 26.30 -23.41
CA VAL A 48 49.72 27.25 -23.99
C VAL A 48 50.38 28.64 -24.05
N ARG A 49 51.72 28.66 -23.80
CA ARG A 49 52.59 29.82 -23.73
C ARG A 49 52.02 30.82 -22.73
N THR A 50 51.56 31.97 -23.19
CA THR A 50 50.93 33.01 -22.38
C THR A 50 49.48 33.24 -22.85
N ASN A 51 48.98 32.45 -23.82
CA ASN A 51 47.64 32.72 -24.36
C ASN A 51 46.51 32.19 -23.47
N VAL A 52 46.36 32.76 -22.26
CA VAL A 52 45.32 32.36 -21.31
C VAL A 52 44.63 33.57 -20.76
N ALA A 53 43.32 33.42 -20.53
CA ALA A 53 42.42 34.47 -20.04
C ALA A 53 41.67 33.99 -18.80
N TRP A 54 41.23 34.94 -17.96
CA TRP A 54 40.46 34.65 -16.75
C TRP A 54 39.13 35.36 -16.79
N TYR A 55 38.13 34.71 -16.24
CA TYR A 55 36.76 35.20 -16.24
C TYR A 55 36.10 35.03 -14.93
N ARG A 56 35.24 36.01 -14.62
CA ARG A 56 34.42 36.01 -13.42
C ARG A 56 32.97 35.79 -13.87
N HIS A 57 32.29 34.81 -13.26
CA HIS A 57 30.89 34.61 -13.58
C HIS A 57 29.96 34.55 -12.35
N LYS A 58 29.04 35.55 -12.29
CA LYS A 58 27.95 35.69 -11.31
C LYS A 58 26.66 35.26 -12.00
N ALA A 59 25.79 34.52 -11.30
CA ALA A 59 24.54 34.03 -11.91
C ALA A 59 23.57 35.15 -12.29
N GLY A 60 22.96 35.00 -13.47
CA GLY A 60 22.01 35.95 -14.02
C GLY A 60 22.62 37.02 -14.90
N GLN A 61 23.95 37.20 -14.78
CA GLN A 61 24.73 38.16 -15.59
C GLN A 61 25.82 37.47 -16.38
N ALA A 62 26.12 38.00 -17.59
CA ALA A 62 27.14 37.49 -18.51
C ALA A 62 28.53 37.49 -17.85
N PRO A 63 29.37 36.46 -18.12
CA PRO A 63 30.71 36.42 -17.51
C PRO A 63 31.59 37.59 -17.94
N MET A 64 32.45 38.11 -17.06
CA MET A 64 33.29 39.23 -17.43
C MET A 64 34.80 38.90 -17.39
N ILE A 65 35.56 39.45 -18.34
CA ILE A 65 37.01 39.25 -18.47
C ILE A 65 37.82 39.95 -17.34
N LEU A 66 38.90 39.30 -16.88
CA LEU A 66 39.74 39.88 -15.82
C LEU A 66 41.15 40.06 -16.31
N VAL A 67 41.71 38.97 -16.88
CA VAL A 67 43.09 38.89 -17.35
C VAL A 67 43.14 38.28 -18.75
N SER A 68 44.07 38.77 -19.61
CA SER A 68 44.33 38.24 -20.97
C SER A 68 45.84 38.16 -21.15
N GLY A 69 46.32 37.29 -22.03
CA GLY A 69 47.76 37.12 -22.19
C GLY A 69 48.47 36.70 -20.90
N ALA A 70 47.79 35.83 -20.06
CA ALA A 70 48.22 35.28 -18.76
C ALA A 70 48.45 36.30 -17.64
N SER A 71 49.01 37.49 -17.98
CA SER A 71 49.39 38.51 -17.00
C SER A 71 48.83 39.92 -17.23
N THR A 72 48.48 40.25 -18.50
CA THR A 72 47.91 41.55 -18.84
C THR A 72 46.50 41.61 -18.23
N ARG A 73 46.24 42.60 -17.35
CA ARG A 73 44.90 42.81 -16.77
C ARG A 73 44.07 43.43 -17.89
N ALA A 74 42.83 42.96 -18.06
CA ALA A 74 41.93 43.46 -19.10
C ALA A 74 41.47 44.89 -18.87
N SER A 75 41.39 45.65 -19.99
CA SER A 75 41.07 47.07 -20.15
C SER A 75 40.03 47.67 -19.16
N GLY A 76 38.92 46.96 -18.95
CA GLY A 76 37.85 47.42 -18.06
C GLY A 76 37.75 46.66 -16.75
N ALA A 77 38.72 45.77 -16.47
CA ALA A 77 38.70 44.98 -15.24
C ALA A 77 39.22 45.80 -14.06
N PRO A 78 38.67 45.61 -12.83
CA PRO A 78 39.20 46.36 -11.67
C PRO A 78 40.70 46.14 -11.42
N ALA A 79 41.34 47.16 -10.80
CA ALA A 79 42.76 47.23 -10.44
C ALA A 79 43.24 46.06 -9.56
N ARG A 80 42.32 45.51 -8.72
CA ARG A 80 42.55 44.40 -7.78
C ARG A 80 42.79 43.00 -8.43
N PHE A 81 42.59 42.86 -9.74
CA PHE A 81 42.83 41.58 -10.41
C PHE A 81 44.20 41.56 -11.11
N SER A 82 45.04 40.56 -10.76
CA SER A 82 46.40 40.33 -11.31
C SER A 82 46.51 38.89 -11.79
N GLY A 83 47.31 38.67 -12.81
CA GLY A 83 47.57 37.34 -13.36
C GLY A 83 49.03 37.07 -13.55
N SER A 84 49.44 35.82 -13.41
CA SER A 84 50.82 35.43 -13.60
C SER A 84 50.95 34.01 -14.15
N GLY A 85 52.12 33.71 -14.69
CA GLY A 85 52.47 32.39 -15.18
C GLY A 85 52.64 32.28 -16.66
N TYR A 86 53.22 31.16 -17.11
CA TYR A 86 53.42 30.83 -18.52
C TYR A 86 53.71 29.34 -18.68
N GLY A 87 53.39 28.82 -19.86
CA GLY A 87 53.54 27.42 -20.22
C GLY A 87 52.38 26.56 -19.78
N THR A 88 52.47 25.98 -18.57
CA THR A 88 51.44 25.08 -18.01
C THR A 88 50.84 25.54 -16.67
N GLU A 89 51.46 26.47 -15.92
CA GLU A 89 50.92 26.92 -14.62
C GLU A 89 50.60 28.41 -14.56
N PHE A 90 49.31 28.74 -14.43
CA PHE A 90 48.83 30.12 -14.38
C PHE A 90 48.12 30.44 -13.09
N THR A 91 48.18 31.71 -12.68
CA THR A 91 47.55 32.12 -11.42
C THR A 91 46.68 33.35 -11.62
N LEU A 92 45.74 33.56 -10.70
CA LEU A 92 44.90 34.74 -10.66
C LEU A 92 44.95 35.27 -9.23
N THR A 93 45.33 36.54 -9.04
CA THR A 93 45.36 37.15 -7.73
C THR A 93 44.28 38.24 -7.63
N ILE A 94 43.45 38.15 -6.59
CA ILE A 94 42.41 39.12 -6.28
C ILE A 94 42.86 39.80 -4.99
N THR A 95 43.32 41.06 -5.09
CA THR A 95 43.80 41.79 -3.91
C THR A 95 42.62 42.50 -3.22
N SER A 96 42.43 42.23 -1.89
CA SER A 96 41.37 42.79 -1.03
C SER A 96 40.01 42.56 -1.66
N LEU A 97 39.57 41.31 -1.67
CA LEU A 97 38.36 40.94 -2.38
C LEU A 97 37.07 41.51 -1.76
N GLN A 98 36.20 41.95 -2.66
CA GLN A 98 34.90 42.58 -2.43
C GLN A 98 33.77 41.55 -2.49
N SER A 99 32.57 41.93 -2.02
CA SER A 99 31.37 41.08 -2.03
C SER A 99 31.01 40.57 -3.48
N GLU A 100 31.28 41.39 -4.52
CA GLU A 100 31.02 40.99 -5.91
C GLU A 100 32.03 39.92 -6.42
N ASP A 101 33.10 39.68 -5.64
CA ASP A 101 34.14 38.71 -5.98
C ASP A 101 33.73 37.29 -5.62
N PHE A 102 32.69 37.15 -4.75
CA PHE A 102 32.17 35.84 -4.38
C PHE A 102 31.34 35.32 -5.55
N ALA A 103 32.04 34.63 -6.45
CA ALA A 103 31.58 34.08 -7.72
C ALA A 103 32.48 32.90 -8.18
N VAL A 104 32.35 32.52 -9.47
CA VAL A 104 33.09 31.42 -10.12
C VAL A 104 34.05 31.98 -11.12
N TYR A 105 35.28 31.47 -11.09
CA TYR A 105 36.35 31.90 -11.95
C TYR A 105 36.80 30.80 -12.88
N TYR A 106 36.91 31.15 -14.16
CA TYR A 106 37.31 30.22 -15.21
C TYR A 106 38.55 30.72 -15.90
N CYS A 107 39.48 29.82 -16.20
CA CYS A 107 40.62 30.16 -17.01
C CYS A 107 40.31 29.58 -18.38
N LEU A 108 40.92 30.14 -19.42
CA LEU A 108 40.69 29.74 -20.80
C LEU A 108 42.00 29.74 -21.55
N GLN A 109 42.24 28.71 -22.38
CA GLN A 109 43.39 28.73 -23.26
C GLN A 109 42.85 29.08 -24.63
N TYR A 110 43.52 30.02 -25.32
CA TYR A 110 43.21 30.43 -26.68
C TYR A 110 44.48 30.39 -27.56
N ASN A 111 45.40 29.48 -27.23
CA ASN A 111 46.65 29.26 -27.94
C ASN A 111 46.48 28.39 -29.18
N THR A 112 45.50 27.49 -29.13
CA THR A 112 45.21 26.55 -30.20
C THR A 112 43.67 26.34 -30.29
N TRP A 113 43.23 25.38 -31.11
CA TRP A 113 41.83 24.97 -31.34
C TRP A 113 41.66 23.47 -30.91
N PRO A 114 40.56 23.06 -30.22
CA PRO A 114 39.46 23.91 -29.69
C PRO A 114 39.97 24.84 -28.59
N ARG A 115 39.28 25.98 -28.34
CA ARG A 115 39.60 26.82 -27.18
C ARG A 115 39.07 25.99 -26.03
N THR A 116 39.80 25.92 -24.92
CA THR A 116 39.33 25.13 -23.80
C THR A 116 39.37 25.91 -22.52
N PHE A 117 38.29 25.83 -21.75
CA PHE A 117 38.13 26.43 -20.44
C PHE A 117 38.46 25.40 -19.38
N GLY A 118 38.83 25.90 -18.20
CA GLY A 118 38.99 25.11 -17.01
C GLY A 118 37.61 24.88 -16.42
N GLN A 119 37.46 23.90 -15.51
CA GLN A 119 36.15 23.57 -14.92
C GLN A 119 35.63 24.59 -13.85
N GLY A 120 36.41 25.58 -13.50
CA GLY A 120 35.94 26.60 -12.58
C GLY A 120 36.33 26.44 -11.13
N THR A 121 36.49 27.59 -10.46
CA THR A 121 36.82 27.69 -9.05
C THR A 121 35.81 28.67 -8.41
N LYS A 122 35.03 28.13 -7.47
CA LYS A 122 34.01 28.83 -6.73
C LYS A 122 34.62 29.47 -5.45
N VAL A 123 34.58 30.82 -5.39
CA VAL A 123 35.07 31.63 -4.28
C VAL A 123 33.84 31.93 -3.44
N GLU A 124 33.73 31.22 -2.31
CA GLU A 124 32.59 31.31 -1.41
C GLU A 124 32.89 32.06 -0.09
N VAL A 125 31.82 32.52 0.61
CA VAL A 125 31.94 33.29 1.86
C VAL A 125 32.25 32.38 3.07
N LYS A 126 33.46 32.52 3.62
CA LYS A 126 33.85 31.79 4.83
C LYS A 126 33.05 32.36 6.06
N ARG A 127 32.66 31.46 6.97
CA ARG A 127 31.89 31.78 8.16
C ARG A 127 32.07 30.60 9.11
N THR A 128 31.51 30.67 10.34
CA THR A 128 31.61 29.60 11.34
C THR A 128 30.79 28.38 10.93
N VAL A 129 31.08 27.21 11.54
CA VAL A 129 30.34 25.98 11.30
C VAL A 129 28.97 26.12 11.97
N ALA A 130 27.90 25.70 11.27
CA ALA A 130 26.53 25.68 11.77
C ALA A 130 25.92 24.32 11.39
N ALA A 131 25.33 23.62 12.37
CA ALA A 131 24.70 22.32 12.11
C ALA A 131 23.31 22.53 11.45
N PRO A 132 22.90 21.63 10.52
CA PRO A 132 21.57 21.79 9.92
C PRO A 132 20.41 21.39 10.84
N SER A 133 19.28 22.11 10.70
CA SER A 133 18.01 21.79 11.37
C SER A 133 17.28 20.88 10.37
N VAL A 134 17.12 19.60 10.70
CA VAL A 134 16.56 18.59 9.81
C VAL A 134 15.07 18.38 10.04
N PHE A 135 14.31 18.29 8.94
CA PHE A 135 12.88 18.10 8.90
C PHE A 135 12.55 17.11 7.77
N ILE A 136 11.53 16.28 7.99
CA ILE A 136 11.02 15.29 7.03
C ILE A 136 9.52 15.56 6.77
N PHE A 137 9.09 15.36 5.52
CA PHE A 137 7.72 15.60 5.08
C PHE A 137 7.23 14.40 4.28
N PRO A 138 6.16 13.76 4.79
CA PRO A 138 5.58 12.62 4.06
C PRO A 138 4.85 13.12 2.82
N PRO A 139 4.55 12.27 1.84
CA PRO A 139 3.76 12.77 0.70
C PRO A 139 2.39 13.23 1.17
N SER A 140 1.85 14.26 0.51
CA SER A 140 0.51 14.79 0.77
C SER A 140 -0.54 13.77 0.31
N ASP A 141 -1.77 13.87 0.83
CA ASP A 141 -2.88 12.96 0.49
C ASP A 141 -3.33 13.20 -0.95
N GLU A 142 -3.28 14.47 -1.39
CA GLU A 142 -3.62 14.89 -2.74
C GLU A 142 -2.58 14.36 -3.77
N GLN A 143 -1.29 14.24 -3.39
CA GLN A 143 -0.27 13.70 -4.29
C GLN A 143 -0.46 12.20 -4.49
N LEU A 144 -0.87 11.49 -3.43
CA LEU A 144 -1.10 10.04 -3.48
C LEU A 144 -2.25 9.65 -4.40
N LYS A 145 -3.19 10.58 -4.65
CA LYS A 145 -4.30 10.44 -5.57
C LYS A 145 -3.82 10.42 -7.04
N SER A 146 -2.48 10.58 -7.27
CA SER A 146 -1.94 10.63 -8.64
C SER A 146 -0.82 9.60 -8.93
N GLY A 147 -0.86 8.44 -8.25
CA GLY A 147 0.06 7.32 -8.47
C GLY A 147 1.54 7.46 -8.14
N THR A 148 1.93 8.64 -7.57
CA THR A 148 3.31 8.94 -7.17
C THR A 148 3.40 9.61 -5.79
N ALA A 149 4.43 9.25 -5.01
CA ALA A 149 4.73 9.78 -3.68
C ALA A 149 6.07 10.57 -3.62
N SER A 150 6.09 11.73 -2.93
CA SER A 150 7.32 12.52 -2.71
C SER A 150 7.59 12.74 -1.24
N VAL A 151 8.69 12.18 -0.74
CA VAL A 151 9.16 12.36 0.62
C VAL A 151 10.23 13.43 0.56
N VAL A 152 10.01 14.54 1.23
CA VAL A 152 10.95 15.65 1.22
C VAL A 152 11.71 15.75 2.53
N CYS A 153 13.04 15.85 2.43
CA CYS A 153 13.88 16.06 3.56
C CYS A 153 14.58 17.41 3.47
N LEU A 154 14.36 18.27 4.48
CA LEU A 154 14.92 19.61 4.56
C LEU A 154 16.13 19.72 5.52
N LEU A 155 17.19 20.35 5.05
CA LEU A 155 18.43 20.61 5.79
C LEU A 155 18.56 22.11 5.73
N ASN A 156 18.19 22.78 6.81
CA ASN A 156 18.15 24.23 6.87
C ASN A 156 19.34 24.92 7.51
N ASN A 157 19.77 26.01 6.89
CA ASN A 157 20.79 26.97 7.34
C ASN A 157 22.03 26.34 8.05
N PHE A 158 22.82 25.61 7.26
CA PHE A 158 24.03 24.96 7.72
C PHE A 158 25.27 25.51 7.00
N TYR A 159 26.46 25.18 7.53
CA TYR A 159 27.77 25.52 7.00
C TYR A 159 28.81 24.54 7.58
N PRO A 160 29.76 24.00 6.77
CA PRO A 160 29.96 24.18 5.31
C PRO A 160 28.88 23.54 4.42
N ARG A 161 28.96 23.75 3.09
CA ARG A 161 28.01 23.22 2.07
C ARG A 161 27.91 21.71 2.08
N GLU A 162 29.04 21.02 2.32
CA GLU A 162 29.18 19.58 2.36
C GLU A 162 28.22 18.94 3.36
N ALA A 163 27.27 18.15 2.86
CA ALA A 163 26.28 17.42 3.65
C ALA A 163 25.93 16.09 2.97
N LYS A 164 25.98 14.99 3.74
CA LYS A 164 25.63 13.66 3.26
C LYS A 164 24.21 13.35 3.74
N VAL A 165 23.29 13.00 2.80
CA VAL A 165 21.88 12.71 3.08
C VAL A 165 21.56 11.31 2.63
N GLN A 166 21.20 10.45 3.59
CA GLN A 166 20.86 9.04 3.36
C GLN A 166 19.40 8.82 3.54
N TRP A 167 18.82 8.05 2.64
CA TRP A 167 17.41 7.70 2.64
C TRP A 167 17.31 6.22 2.93
N LYS A 168 16.51 5.87 3.94
CA LYS A 168 16.28 4.49 4.35
C LYS A 168 14.80 4.26 4.35
N VAL A 169 14.38 3.16 3.75
CA VAL A 169 12.98 2.74 3.68
C VAL A 169 12.97 1.35 4.32
N ASP A 170 12.41 1.25 5.56
CA ASP A 170 12.43 0.01 6.38
C ASP A 170 13.88 -0.51 6.50
N ASN A 171 14.81 0.41 6.83
CA ASN A 171 16.26 0.24 7.02
C ASN A 171 17.05 -0.17 5.73
N ALA A 172 16.38 -0.11 4.57
CA ALA A 172 17.03 -0.39 3.29
C ALA A 172 17.45 0.93 2.64
N LEU A 173 18.78 1.08 2.46
CA LEU A 173 19.46 2.20 1.80
C LEU A 173 18.93 2.33 0.38
N GLN A 174 18.63 3.59 -0.02
CA GLN A 174 18.03 3.94 -1.31
C GLN A 174 19.00 4.48 -2.33
N SER A 175 18.96 3.94 -3.55
CA SER A 175 19.82 4.39 -4.63
C SER A 175 19.06 4.58 -5.94
N GLY A 176 19.27 5.73 -6.59
CA GLY A 176 18.67 6.04 -7.88
C GLY A 176 17.33 6.75 -7.87
N ASN A 177 16.72 6.96 -6.73
CA ASN A 177 15.39 7.59 -6.64
C ASN A 177 15.33 8.86 -5.76
N SER A 178 16.49 9.54 -5.61
CA SER A 178 16.55 10.79 -4.85
C SER A 178 17.27 11.90 -5.64
N GLN A 179 16.98 13.14 -5.36
CA GLN A 179 17.64 14.29 -5.98
C GLN A 179 17.74 15.39 -4.96
N GLU A 180 18.90 16.00 -4.86
CA GLU A 180 19.14 17.12 -3.94
C GLU A 180 19.12 18.44 -4.69
N SER A 181 18.72 19.49 -3.97
CA SER A 181 18.74 20.86 -4.48
C SER A 181 19.29 21.73 -3.34
N VAL A 182 20.25 22.60 -3.64
CA VAL A 182 20.86 23.41 -2.57
C VAL A 182 20.85 24.88 -2.99
N THR A 183 20.47 25.75 -2.05
CA THR A 183 20.40 27.19 -2.29
C THR A 183 21.79 27.82 -2.36
N GLU A 184 21.85 29.09 -2.81
CA GLU A 184 23.10 29.84 -2.79
C GLU A 184 23.32 30.30 -1.34
N GLN A 185 24.53 30.81 -1.03
CA GLN A 185 24.79 31.33 0.32
C GLN A 185 23.82 32.45 0.65
N ASP A 186 23.18 32.35 1.84
CA ASP A 186 22.20 33.33 2.32
C ASP A 186 22.88 34.70 2.46
N SER A 187 22.31 35.74 1.80
CA SER A 187 22.89 37.09 1.82
C SER A 187 23.18 37.62 3.24
N LYS A 188 22.31 37.26 4.22
CA LYS A 188 22.39 37.69 5.63
C LYS A 188 23.33 36.85 6.50
N ASP A 189 23.16 35.51 6.52
CA ASP A 189 23.98 34.69 7.43
C ASP A 189 25.04 33.82 6.74
N SER A 190 25.14 33.86 5.39
CA SER A 190 26.12 33.09 4.58
C SER A 190 26.00 31.54 4.70
N THR A 191 24.80 31.03 5.08
CA THR A 191 24.53 29.58 5.18
C THR A 191 23.82 29.02 3.94
N TYR A 192 23.71 27.68 3.88
CA TYR A 192 23.11 26.93 2.80
C TYR A 192 21.92 26.19 3.33
N SER A 193 20.91 25.99 2.47
CA SER A 193 19.76 25.16 2.74
C SER A 193 19.66 24.15 1.61
N LEU A 194 19.26 22.92 1.92
CA LEU A 194 19.24 21.79 1.00
C LEU A 194 17.98 20.99 1.19
N SER A 195 17.36 20.58 0.08
CA SER A 195 16.23 19.67 0.04
C SER A 195 16.74 18.43 -0.67
N SER A 196 16.42 17.25 -0.13
CA SER A 196 16.63 15.98 -0.76
C SER A 196 15.23 15.40 -0.87
N THR A 197 14.76 15.20 -2.10
CA THR A 197 13.42 14.66 -2.39
C THR A 197 13.51 13.21 -2.90
N LEU A 198 12.82 12.29 -2.21
CA LEU A 198 12.73 10.86 -2.55
C LEU A 198 11.44 10.60 -3.35
N THR A 199 11.59 9.98 -4.55
CA THR A 199 10.49 9.64 -5.47
C THR A 199 10.17 8.15 -5.38
N LEU A 200 8.89 7.82 -5.14
CA LEU A 200 8.35 6.47 -5.10
C LEU A 200 7.04 6.41 -5.83
N SER A 201 6.72 5.23 -6.39
CA SER A 201 5.40 4.97 -6.97
C SER A 201 4.41 4.88 -5.76
N LYS A 202 3.10 5.09 -5.96
CA LYS A 202 2.14 4.96 -4.83
C LYS A 202 2.23 3.51 -4.29
N ALA A 203 2.25 2.53 -5.21
CA ALA A 203 2.36 1.10 -4.95
C ALA A 203 3.53 0.78 -4.02
N ASP A 204 4.77 1.20 -4.38
CA ASP A 204 5.97 0.97 -3.57
C ASP A 204 5.93 1.71 -2.23
N TYR A 205 5.31 2.90 -2.17
CA TYR A 205 5.15 3.68 -0.93
C TYR A 205 4.30 2.94 0.14
N GLU A 206 3.28 2.15 -0.31
CA GLU A 206 2.35 1.38 0.51
C GLU A 206 2.90 0.03 0.98
N LYS A 207 4.04 -0.37 0.43
CA LYS A 207 4.71 -1.63 0.79
C LYS A 207 5.57 -1.43 2.04
N HIS A 208 5.85 -0.17 2.42
CA HIS A 208 6.76 0.14 3.53
C HIS A 208 6.16 1.09 4.57
N LYS A 209 6.76 1.10 5.79
CA LYS A 209 6.33 1.87 6.96
C LYS A 209 7.29 2.97 7.35
N VAL A 210 8.56 2.62 7.59
CA VAL A 210 9.58 3.56 8.08
C VAL A 210 10.35 4.28 6.98
N TYR A 211 10.13 5.60 6.91
CA TYR A 211 10.80 6.53 5.99
C TYR A 211 11.72 7.42 6.78
N ALA A 212 13.05 7.21 6.62
CA ALA A 212 14.09 7.92 7.37
C ALA A 212 15.05 8.70 6.53
N CYS A 213 15.35 9.90 7.00
CA CYS A 213 16.31 10.76 6.36
C CYS A 213 17.48 10.96 7.34
N GLU A 214 18.58 10.24 7.13
CA GLU A 214 19.78 10.30 7.97
C GLU A 214 20.82 11.29 7.40
N VAL A 215 21.16 12.33 8.18
CA VAL A 215 22.05 13.43 7.79
C VAL A 215 23.43 13.37 8.47
N THR A 216 24.51 13.65 7.72
CA THR A 216 25.88 13.69 8.25
C THR A 216 26.50 15.03 7.91
N HIS A 217 26.93 15.76 8.93
CA HIS A 217 27.50 17.10 8.77
C HIS A 217 28.62 17.39 9.77
N GLN A 218 29.56 18.28 9.40
CA GLN A 218 30.68 18.66 10.26
C GLN A 218 30.21 19.30 11.59
N GLY A 219 29.05 19.95 11.57
CA GLY A 219 28.46 20.58 12.73
C GLY A 219 27.72 19.65 13.68
N LEU A 220 27.56 18.39 13.27
CA LEU A 220 26.88 17.33 14.02
C LEU A 220 27.91 16.29 14.47
N SER A 221 27.96 16.02 15.78
CA SER A 221 28.88 15.04 16.37
C SER A 221 28.48 13.63 15.91
N SER A 222 27.17 13.39 15.83
CA SER A 222 26.64 12.12 15.38
C SER A 222 25.55 12.34 14.33
N PRO A 223 25.35 11.38 13.38
CA PRO A 223 24.28 11.52 12.38
C PRO A 223 22.88 11.66 12.97
N VAL A 224 22.18 12.68 12.52
CA VAL A 224 20.81 12.92 12.93
C VAL A 224 19.87 12.22 11.93
N THR A 225 18.84 11.55 12.44
CA THR A 225 17.88 10.86 11.61
C THR A 225 16.50 11.42 11.89
N LYS A 226 15.84 11.93 10.86
CA LYS A 226 14.47 12.45 10.92
C LYS A 226 13.60 11.48 10.16
N SER A 227 12.67 10.85 10.85
CA SER A 227 11.81 9.80 10.30
C SER A 227 10.34 9.90 10.71
N PHE A 228 9.51 9.07 10.08
CA PHE A 228 8.08 8.96 10.35
C PHE A 228 7.62 7.55 9.97
N ASN A 229 6.38 7.19 10.38
CA ASN A 229 5.74 5.92 10.03
C ASN A 229 4.55 6.28 9.13
N ARG A 230 4.47 5.64 7.94
CA ARG A 230 3.43 5.82 6.90
C ARG A 230 2.03 6.06 7.47
N GLN B 20 30.00 52.81 -28.06
CA GLN B 20 30.53 51.71 -27.25
C GLN B 20 30.24 50.36 -27.92
N VAL B 21 31.04 49.31 -27.60
CA VAL B 21 30.80 47.97 -28.15
C VAL B 21 29.49 47.43 -27.60
N GLN B 22 28.52 47.25 -28.48
CA GLN B 22 27.23 46.67 -28.14
C GLN B 22 27.05 45.35 -28.91
N LEU B 23 26.41 44.41 -28.24
CA LEU B 23 26.05 43.09 -28.74
C LEU B 23 24.62 42.77 -28.28
N GLN B 24 23.66 42.83 -29.23
CA GLN B 24 22.23 42.65 -28.98
C GLN B 24 21.79 41.27 -29.37
N HIS B 25 21.48 40.42 -28.38
CA HIS B 25 21.04 39.04 -28.60
C HIS B 25 19.59 38.91 -29.10
N SER B 26 19.32 37.80 -29.78
CA SER B 26 17.99 37.46 -30.25
C SER B 26 17.37 36.65 -29.16
N GLY B 27 16.12 36.24 -29.38
CA GLY B 27 15.44 35.28 -28.51
C GLY B 27 15.95 33.90 -28.87
N GLY B 28 15.96 32.98 -27.92
CA GLY B 28 16.31 31.60 -28.18
C GLY B 28 15.04 30.81 -28.43
N GLY B 29 14.84 29.73 -27.67
CA GLY B 29 13.66 28.89 -27.81
C GLY B 29 13.67 27.56 -27.11
N LEU B 30 12.59 26.84 -27.30
CA LEU B 30 12.27 25.52 -26.78
C LEU B 30 12.23 24.67 -28.02
N GLU B 31 13.08 23.63 -28.09
CA GLU B 31 13.12 22.76 -29.26
C GLU B 31 13.12 21.30 -28.88
N GLN B 32 12.58 20.48 -29.78
CA GLN B 32 12.58 19.04 -29.66
C GLN B 32 13.95 18.50 -30.09
N PRO B 33 14.46 17.41 -29.48
CA PRO B 33 15.67 16.76 -30.04
C PRO B 33 15.52 16.50 -31.53
N GLY B 34 16.58 16.72 -32.30
CA GLY B 34 16.57 16.58 -33.75
C GLY B 34 16.01 17.79 -34.46
N GLY B 35 15.58 18.79 -33.69
CA GLY B 35 15.02 20.04 -34.19
C GLY B 35 16.11 21.05 -34.51
N SER B 36 15.70 22.26 -34.92
CA SER B 36 16.68 23.29 -35.30
C SER B 36 16.29 24.69 -34.87
N LEU B 37 17.31 25.51 -34.57
CA LEU B 37 17.15 26.89 -34.13
C LEU B 37 18.29 27.76 -34.69
N ARG B 38 18.02 29.06 -34.92
CA ARG B 38 19.03 30.04 -35.30
C ARG B 38 18.97 31.18 -34.30
N ILE B 39 20.10 31.46 -33.66
CA ILE B 39 20.20 32.57 -32.72
C ILE B 39 21.15 33.62 -33.33
N SER B 40 21.13 34.86 -32.80
CA SER B 40 21.95 35.94 -33.33
C SER B 40 22.29 36.99 -32.32
N CYS B 41 23.17 37.90 -32.72
CA CYS B 41 23.60 39.12 -32.06
C CYS B 41 23.82 40.15 -33.14
N ALA B 42 23.26 41.34 -32.95
CA ALA B 42 23.45 42.52 -33.80
C ALA B 42 24.56 43.30 -33.10
N ALA B 43 25.63 43.57 -33.82
CA ALA B 43 26.82 44.24 -33.28
C ALA B 43 26.86 45.69 -33.70
N SER B 44 27.57 46.51 -32.92
CA SER B 44 27.80 47.94 -33.16
C SER B 44 28.87 48.46 -32.17
N GLY B 45 29.47 49.62 -32.48
CA GLY B 45 30.49 50.28 -31.66
C GLY B 45 31.91 49.77 -31.89
N PHE B 46 32.10 48.99 -32.98
CA PHE B 46 33.39 48.43 -33.39
C PHE B 46 33.34 48.07 -34.86
N THR B 47 34.51 47.76 -35.45
CA THR B 47 34.66 47.37 -36.85
C THR B 47 34.35 45.89 -36.96
N PHE B 48 33.07 45.57 -37.12
CA PHE B 48 32.56 44.22 -37.20
C PHE B 48 33.04 43.42 -38.43
N ASN B 49 33.12 44.05 -39.61
CA ASN B 49 33.49 43.31 -40.83
C ASN B 49 34.86 42.56 -40.78
N THR B 50 35.78 43.01 -39.93
CA THR B 50 37.15 42.49 -39.84
C THR B 50 37.43 41.80 -38.49
N ASN B 51 36.41 41.76 -37.60
CA ASN B 51 36.56 41.15 -36.29
C ASN B 51 36.15 39.68 -36.20
N ASP B 52 36.86 38.92 -35.38
CA ASP B 52 36.53 37.53 -35.11
C ASP B 52 35.43 37.56 -34.11
N MET B 53 34.42 36.71 -34.33
CA MET B 53 33.28 36.60 -33.43
C MET B 53 33.18 35.14 -32.94
N SER B 54 32.83 34.97 -31.65
CA SER B 54 32.68 33.62 -31.11
C SER B 54 31.30 33.38 -30.44
N TRP B 55 31.03 32.10 -30.15
CA TRP B 55 29.88 31.59 -29.42
C TRP B 55 30.41 30.71 -28.28
N VAL B 56 29.97 31.01 -27.05
CA VAL B 56 30.28 30.35 -25.78
C VAL B 56 28.95 29.98 -25.14
N ARG B 57 28.88 28.80 -24.57
CA ARG B 57 27.67 28.35 -23.94
C ARG B 57 27.94 27.87 -22.56
N GLN B 58 26.91 27.94 -21.70
CA GLN B 58 26.93 27.41 -20.34
C GLN B 58 25.66 26.58 -20.06
N ALA B 59 25.83 25.28 -19.81
CA ALA B 59 24.74 24.35 -19.47
C ALA B 59 24.45 24.46 -17.99
N PRO B 60 23.16 24.31 -17.58
CA PRO B 60 22.80 24.35 -16.15
C PRO B 60 23.66 23.45 -15.27
N GLY B 61 24.26 24.04 -14.21
CA GLY B 61 25.18 23.36 -13.30
C GLY B 61 26.53 23.01 -13.89
N LYS B 62 26.82 23.46 -15.14
CA LYS B 62 28.10 23.16 -15.78
C LYS B 62 28.91 24.43 -16.00
N GLY B 63 30.12 24.28 -16.52
CA GLY B 63 30.97 25.43 -16.77
C GLY B 63 30.85 25.96 -18.18
N LEU B 64 31.61 27.04 -18.45
CA LEU B 64 31.67 27.66 -19.76
C LEU B 64 32.31 26.70 -20.76
N GLN B 65 31.79 26.71 -21.98
CA GLN B 65 32.26 25.87 -23.05
C GLN B 65 32.20 26.67 -24.35
N TRP B 66 33.29 26.64 -25.10
CA TRP B 66 33.42 27.29 -26.37
C TRP B 66 32.70 26.44 -27.45
N VAL B 67 31.94 27.10 -28.32
CA VAL B 67 31.13 26.48 -29.35
C VAL B 67 31.77 26.64 -30.72
N SER B 68 31.97 27.88 -31.15
CA SER B 68 32.53 28.16 -32.47
C SER B 68 33.06 29.56 -32.56
N THR B 69 33.85 29.84 -33.62
CA THR B 69 34.30 31.18 -33.94
C THR B 69 34.39 31.34 -35.45
N ILE B 70 33.94 32.51 -35.91
CA ILE B 70 34.03 32.93 -37.30
C ILE B 70 35.16 33.98 -37.39
N ILE B 71 36.01 33.89 -38.41
CA ILE B 71 37.18 34.75 -38.59
C ILE B 71 36.82 35.94 -39.47
N GLY B 72 37.05 37.15 -38.96
CA GLY B 72 36.71 38.40 -39.62
C GLY B 72 37.37 38.66 -40.97
N ILE B 73 38.68 38.43 -41.05
CA ILE B 73 39.51 38.68 -42.21
C ILE B 73 39.16 37.83 -43.44
N ASP B 74 38.81 36.53 -43.25
CA ASP B 74 38.57 35.64 -44.39
C ASP B 74 37.29 34.80 -44.31
N ASP B 75 36.45 35.03 -43.28
CA ASP B 75 35.19 34.27 -43.13
C ASP B 75 35.39 32.76 -42.80
N THR B 76 36.60 32.34 -42.39
CA THR B 76 36.79 30.93 -42.02
C THR B 76 36.14 30.68 -40.66
N THR B 77 35.92 29.39 -40.31
CA THR B 77 35.22 28.98 -39.08
C THR B 77 35.91 27.81 -38.36
N HIS B 78 35.71 27.70 -37.04
CA HIS B 78 36.20 26.66 -36.12
C HIS B 78 35.04 26.19 -35.22
N TYR B 79 34.89 24.83 -35.00
CA TYR B 79 33.87 24.28 -34.10
C TYR B 79 34.43 23.33 -33.07
N ALA B 80 33.70 23.17 -31.93
CA ALA B 80 33.97 22.13 -30.93
C ALA B 80 33.47 20.83 -31.60
N ASP B 81 34.11 19.69 -31.31
CA ASP B 81 33.76 18.36 -31.86
C ASP B 81 32.30 18.00 -31.64
N SER B 82 31.77 18.35 -30.43
CA SER B 82 30.39 18.05 -30.04
C SER B 82 29.31 18.68 -30.91
N VAL B 83 29.62 19.78 -31.65
CA VAL B 83 28.67 20.56 -32.48
C VAL B 83 28.98 20.55 -33.98
N ARG B 84 30.25 20.26 -34.35
CA ARG B 84 30.66 20.25 -35.75
C ARG B 84 29.77 19.37 -36.63
N GLY B 85 29.30 19.94 -37.75
CA GLY B 85 28.37 19.29 -38.68
C GLY B 85 26.90 19.59 -38.40
N ARG B 86 26.57 19.99 -37.16
CA ARG B 86 25.20 20.32 -36.70
C ARG B 86 25.03 21.84 -36.60
N PHE B 87 26.03 22.53 -36.02
CA PHE B 87 26.04 23.99 -35.85
C PHE B 87 26.89 24.68 -36.91
N THR B 88 26.42 25.84 -37.35
CA THR B 88 27.09 26.69 -38.32
C THR B 88 27.04 28.10 -37.80
N VAL B 89 28.23 28.72 -37.76
CA VAL B 89 28.43 30.11 -37.40
C VAL B 89 28.58 30.84 -38.76
N SER B 90 27.82 31.93 -38.93
CA SER B 90 27.88 32.76 -40.12
C SER B 90 27.67 34.22 -39.70
N ARG B 91 27.77 35.12 -40.66
CA ARG B 91 27.57 36.53 -40.37
C ARG B 91 27.02 37.25 -41.58
N ASP B 92 26.50 38.46 -41.34
CA ASP B 92 26.03 39.33 -42.42
C ASP B 92 26.66 40.68 -42.11
N THR B 93 27.75 40.97 -42.85
CA THR B 93 28.55 42.21 -42.70
C THR B 93 27.68 43.46 -42.92
N SER B 94 26.76 43.40 -43.91
CA SER B 94 25.80 44.46 -44.25
C SER B 94 24.87 44.85 -43.09
N LYS B 95 24.47 43.89 -42.20
CA LYS B 95 23.62 44.21 -41.03
C LYS B 95 24.35 44.13 -39.69
N ASN B 96 25.64 43.75 -39.71
CA ASN B 96 26.49 43.55 -38.53
C ASN B 96 25.93 42.44 -37.63
N MET B 97 25.44 41.39 -38.28
CA MET B 97 24.80 40.27 -37.59
C MET B 97 25.69 39.07 -37.54
N VAL B 98 25.84 38.51 -36.34
CA VAL B 98 26.50 37.23 -36.19
C VAL B 98 25.41 36.17 -35.85
N TYR B 99 25.41 35.04 -36.56
CA TYR B 99 24.42 33.98 -36.34
C TYR B 99 25.03 32.67 -35.89
N LEU B 100 24.18 31.86 -35.21
CA LEU B 100 24.45 30.48 -34.85
C LEU B 100 23.23 29.63 -35.23
N GLN B 101 23.37 28.88 -36.34
CA GLN B 101 22.37 27.95 -36.86
C GLN B 101 22.64 26.58 -36.21
N MET B 102 21.83 26.23 -35.24
CA MET B 102 21.96 24.99 -34.46
C MET B 102 20.97 23.95 -35.00
N ASN B 103 21.45 22.99 -35.80
CA ASN B 103 20.62 21.90 -36.36
C ASN B 103 20.83 20.58 -35.60
N SER B 104 19.97 19.55 -35.86
CA SER B 104 20.05 18.22 -35.17
C SER B 104 20.31 18.43 -33.67
N LEU B 105 19.47 19.27 -33.05
CA LEU B 105 19.59 19.61 -31.63
C LEU B 105 19.53 18.39 -30.73
N ARG B 106 20.41 18.38 -29.71
CA ARG B 106 20.54 17.28 -28.76
C ARG B 106 20.19 17.84 -27.40
N VAL B 107 19.75 16.98 -26.50
CA VAL B 107 19.37 17.39 -25.13
C VAL B 107 20.47 18.22 -24.44
N GLU B 108 21.74 17.77 -24.58
CA GLU B 108 22.90 18.39 -23.97
C GLU B 108 23.29 19.74 -24.61
N ASP B 109 22.50 20.19 -25.61
CA ASP B 109 22.71 21.49 -26.21
C ASP B 109 21.91 22.51 -25.39
N THR B 110 21.06 22.04 -24.45
CA THR B 110 20.29 22.93 -23.55
C THR B 110 21.31 23.80 -22.81
N ALA B 111 21.27 25.12 -23.06
CA ALA B 111 22.23 26.03 -22.42
C ALA B 111 21.86 27.47 -22.69
N LEU B 112 22.62 28.36 -22.03
CA LEU B 112 22.67 29.81 -22.27
C LEU B 112 23.85 29.99 -23.22
N TYR B 113 23.58 30.61 -24.37
CA TYR B 113 24.51 30.91 -25.45
C TYR B 113 24.85 32.41 -25.50
N TYR B 114 26.14 32.72 -25.43
CA TYR B 114 26.66 34.07 -25.50
C TYR B 114 27.48 34.28 -26.74
N CYS B 115 27.07 35.29 -27.52
CA CYS B 115 27.83 35.75 -28.66
C CYS B 115 28.89 36.59 -27.98
N VAL B 116 30.12 36.47 -28.45
CA VAL B 116 31.20 37.16 -27.81
C VAL B 116 32.20 37.71 -28.84
N LYS B 117 32.77 38.88 -28.51
CA LYS B 117 33.73 39.58 -29.35
C LYS B 117 35.12 38.97 -29.21
N ASN B 118 35.75 38.68 -30.38
CA ASN B 118 37.10 38.13 -30.62
C ASN B 118 37.11 36.59 -30.58
N SER B 119 38.24 35.97 -30.99
CA SER B 119 38.38 34.51 -30.99
C SER B 119 38.84 33.95 -29.65
N GLY B 120 39.42 34.78 -28.77
CA GLY B 120 39.92 34.35 -27.46
C GLY B 120 39.78 35.34 -26.32
N ILE B 121 40.05 36.62 -26.59
CA ILE B 121 39.94 37.67 -25.56
C ILE B 121 38.52 38.22 -25.60
N TYR B 122 37.64 37.60 -24.81
CA TYR B 122 36.19 37.91 -24.76
C TYR B 122 35.90 39.05 -23.79
N SER B 123 36.08 40.27 -24.27
CA SER B 123 35.86 41.46 -23.43
C SER B 123 34.41 41.86 -23.43
N PHE B 124 33.77 41.67 -24.58
CA PHE B 124 32.38 42.04 -24.81
C PHE B 124 31.48 40.84 -25.08
N TRP B 125 30.51 40.66 -24.19
CA TRP B 125 29.56 39.56 -24.24
C TRP B 125 28.14 40.08 -24.53
N GLY B 126 27.44 39.34 -25.38
CA GLY B 126 26.03 39.59 -25.61
C GLY B 126 25.32 38.97 -24.43
N GLN B 127 24.03 39.26 -24.28
CA GLN B 127 23.25 38.66 -23.20
C GLN B 127 23.05 37.17 -23.55
N GLY B 128 22.93 36.35 -22.51
CA GLY B 128 22.72 34.92 -22.66
C GLY B 128 21.41 34.61 -23.36
N THR B 129 21.49 33.78 -24.39
CA THR B 129 20.33 33.34 -25.16
C THR B 129 20.06 31.88 -24.72
N LEU B 130 18.86 31.66 -24.16
CA LEU B 130 18.45 30.38 -23.67
C LEU B 130 17.85 29.52 -24.75
N VAL B 131 18.48 28.33 -24.89
CA VAL B 131 18.08 27.28 -25.82
C VAL B 131 17.77 26.08 -24.97
N THR B 132 16.53 25.56 -25.07
CA THR B 132 16.11 24.39 -24.30
C THR B 132 15.77 23.28 -25.25
N VAL B 133 16.42 22.15 -25.08
CA VAL B 133 16.22 21.00 -25.96
C VAL B 133 15.65 19.88 -25.13
N SER B 134 14.41 19.49 -25.45
CA SER B 134 13.62 18.51 -24.68
C SER B 134 12.46 17.91 -25.49
N SER B 135 12.06 16.67 -25.18
CA SER B 135 10.90 16.08 -25.85
C SER B 135 9.64 16.40 -25.01
N ALA B 136 9.81 17.02 -23.84
CA ALA B 136 8.65 17.33 -22.98
C ALA B 136 7.76 18.37 -23.57
N SER B 137 6.48 18.21 -23.32
CA SER B 137 5.43 19.15 -23.67
C SER B 137 5.29 20.12 -22.52
N THR B 138 4.97 21.37 -22.86
CA THR B 138 4.66 22.42 -21.90
C THR B 138 3.58 21.89 -20.99
N LYS B 139 3.79 22.05 -19.68
CA LYS B 139 2.90 21.53 -18.64
C LYS B 139 3.04 22.38 -17.38
N GLY B 140 1.89 22.80 -16.84
CA GLY B 140 1.82 23.57 -15.60
C GLY B 140 2.07 22.70 -14.38
N PRO B 141 2.58 23.24 -13.28
CA PRO B 141 2.84 22.37 -12.12
C PRO B 141 1.62 21.96 -11.31
N SER B 142 1.83 20.91 -10.53
CA SER B 142 0.93 20.39 -9.52
C SER B 142 1.55 20.90 -8.18
N VAL B 143 0.78 21.65 -7.38
CA VAL B 143 1.28 22.25 -6.13
C VAL B 143 0.77 21.48 -4.93
N PHE B 144 1.64 20.66 -4.32
CA PHE B 144 1.31 19.86 -3.14
C PHE B 144 1.84 20.55 -1.87
N PRO B 145 1.16 20.41 -0.69
CA PRO B 145 1.68 21.08 0.52
C PRO B 145 2.74 20.29 1.27
N LEU B 146 3.65 21.00 1.94
CA LEU B 146 4.68 20.44 2.82
C LEU B 146 4.17 20.85 4.22
N ALA B 147 3.40 19.95 4.84
CA ALA B 147 2.67 20.20 6.11
C ALA B 147 3.50 20.23 7.40
N PRO B 148 3.26 21.25 8.29
CA PRO B 148 3.95 21.27 9.59
C PRO B 148 3.41 20.24 10.58
N ALA B 158 8.48 26.61 13.47
CA ALA B 158 8.34 25.39 12.68
C ALA B 158 8.40 25.62 11.14
N ALA B 159 8.66 24.54 10.39
CA ALA B 159 8.77 24.57 8.93
C ALA B 159 7.56 23.98 8.16
N LEU B 160 7.18 24.67 7.08
CA LEU B 160 6.12 24.29 6.12
C LEU B 160 6.50 24.81 4.72
N GLY B 161 5.83 24.33 3.69
CA GLY B 161 6.09 24.77 2.33
C GLY B 161 5.18 24.24 1.26
N CYS B 162 5.65 24.35 0.00
CA CYS B 162 4.95 23.83 -1.19
C CYS B 162 5.90 23.06 -2.11
N LEU B 163 5.41 21.94 -2.64
CA LEU B 163 6.11 21.07 -3.59
C LEU B 163 5.53 21.41 -4.94
N VAL B 164 6.29 22.18 -5.75
CA VAL B 164 5.98 22.63 -7.10
C VAL B 164 6.53 21.55 -8.06
N LYS B 165 5.68 20.58 -8.38
CA LYS B 165 6.10 19.40 -9.10
C LYS B 165 5.54 19.23 -10.51
N ASP B 166 6.37 18.62 -11.37
CA ASP B 166 6.08 18.23 -12.76
C ASP B 166 5.67 19.40 -13.67
N TYR B 167 6.57 20.36 -13.84
CA TYR B 167 6.28 21.45 -14.75
C TYR B 167 7.33 21.48 -15.84
N PHE B 168 7.01 22.15 -16.94
CA PHE B 168 7.86 22.29 -18.10
C PHE B 168 7.38 23.42 -19.01
N PRO B 169 8.30 24.23 -19.56
CA PRO B 169 9.74 24.34 -19.22
C PRO B 169 9.87 25.22 -17.97
N GLU B 170 11.09 25.62 -17.64
CA GLU B 170 11.35 26.59 -16.59
C GLU B 170 10.94 27.96 -17.18
N PRO B 171 10.53 28.94 -16.35
CA PRO B 171 10.48 28.92 -14.88
C PRO B 171 9.06 28.99 -14.31
N VAL B 172 9.00 28.75 -12.99
CA VAL B 172 7.85 28.99 -12.13
C VAL B 172 8.25 30.13 -11.17
N THR B 173 7.24 30.73 -10.56
CA THR B 173 7.45 31.76 -9.55
C THR B 173 6.69 31.39 -8.31
N VAL B 174 7.38 31.37 -7.17
CA VAL B 174 6.75 31.07 -5.89
C VAL B 174 6.84 32.28 -4.97
N SER B 175 5.68 32.76 -4.48
CA SER B 175 5.54 33.85 -3.51
C SER B 175 4.65 33.35 -2.38
N TRP B 176 4.76 33.95 -1.19
CA TRP B 176 3.89 33.57 -0.06
C TRP B 176 2.99 34.71 0.37
N ASN B 177 1.70 34.38 0.54
CA ASN B 177 0.60 35.29 0.91
C ASN B 177 0.64 36.54 0.04
N SER B 178 0.59 36.33 -1.29
CA SER B 178 0.60 37.36 -2.33
C SER B 178 1.79 38.36 -2.26
N GLY B 179 2.88 37.92 -1.61
CA GLY B 179 4.10 38.71 -1.48
C GLY B 179 4.30 39.43 -0.16
N ALA B 180 3.45 39.15 0.85
CA ALA B 180 3.55 39.77 2.17
C ALA B 180 4.66 39.11 2.99
N LEU B 181 4.73 37.75 2.91
CA LEU B 181 5.72 36.92 3.59
C LEU B 181 6.97 36.77 2.68
N THR B 182 8.03 37.53 3.00
CA THR B 182 9.28 37.58 2.25
C THR B 182 10.48 37.03 3.04
N SER B 183 10.52 37.21 4.38
CA SER B 183 11.62 36.71 5.23
C SER B 183 11.43 35.23 5.66
N GLY B 184 12.54 34.50 5.86
CA GLY B 184 12.54 33.10 6.25
C GLY B 184 12.11 32.12 5.16
N VAL B 185 12.08 32.61 3.91
CA VAL B 185 11.67 31.82 2.75
C VAL B 185 12.88 31.30 1.97
N HIS B 186 12.92 29.95 1.80
CA HIS B 186 13.91 29.26 0.99
C HIS B 186 13.24 28.57 -0.18
N THR B 187 13.23 29.25 -1.35
CA THR B 187 12.69 28.71 -2.59
C THR B 187 13.86 28.06 -3.36
N PHE B 188 13.87 26.72 -3.36
CA PHE B 188 14.95 25.94 -3.97
C PHE B 188 15.09 26.09 -5.47
N PRO B 189 16.32 26.02 -6.01
CA PRO B 189 16.45 26.00 -7.49
C PRO B 189 15.78 24.73 -8.03
N ALA B 190 15.12 24.83 -9.20
CA ALA B 190 14.49 23.68 -9.83
C ALA B 190 15.54 22.63 -10.21
N VAL B 191 15.17 21.35 -10.11
CA VAL B 191 15.97 20.23 -10.58
C VAL B 191 15.22 19.62 -11.75
N LEU B 192 15.95 19.19 -12.79
CA LEU B 192 15.35 18.46 -13.89
C LEU B 192 15.26 16.98 -13.45
N GLN B 193 14.05 16.45 -13.36
CA GLN B 193 13.82 15.05 -12.95
C GLN B 193 14.09 14.09 -14.08
N SER B 194 14.10 12.80 -13.72
CA SER B 194 14.34 11.69 -14.63
C SER B 194 13.23 11.64 -15.67
N SER B 195 12.02 12.08 -15.29
CA SER B 195 10.84 12.17 -16.15
C SER B 195 10.98 13.23 -17.25
N GLY B 196 11.99 14.08 -17.12
CA GLY B 196 12.21 15.20 -18.01
C GLY B 196 11.41 16.44 -17.59
N LEU B 197 10.66 16.32 -16.45
CA LEU B 197 9.88 17.45 -15.88
C LEU B 197 10.66 18.06 -14.72
N TYR B 198 10.42 19.37 -14.44
CA TYR B 198 11.12 20.07 -13.37
C TYR B 198 10.37 19.96 -12.08
N SER B 199 11.09 20.17 -10.98
CA SER B 199 10.48 20.13 -9.65
C SER B 199 11.31 20.94 -8.67
N LEU B 200 10.63 21.61 -7.76
CA LEU B 200 11.23 22.34 -6.65
C LEU B 200 10.25 22.45 -5.50
N SER B 201 10.81 22.76 -4.33
CA SER B 201 10.06 23.04 -3.13
C SER B 201 10.39 24.44 -2.65
N SER B 202 9.38 25.14 -2.16
CA SER B 202 9.56 26.45 -1.53
C SER B 202 9.23 26.20 -0.07
N VAL B 203 10.14 26.55 0.85
CA VAL B 203 9.92 26.32 2.29
C VAL B 203 9.97 27.65 3.08
N VAL B 204 9.30 27.65 4.23
CA VAL B 204 9.23 28.79 5.12
C VAL B 204 9.29 28.35 6.58
N THR B 205 10.15 29.03 7.37
CA THR B 205 10.26 28.83 8.81
C THR B 205 9.42 29.95 9.43
N VAL B 206 8.37 29.56 10.17
CA VAL B 206 7.42 30.49 10.80
C VAL B 206 7.25 30.24 12.32
N PRO B 207 6.90 31.29 13.12
CA PRO B 207 6.68 31.08 14.55
C PRO B 207 5.35 30.37 14.84
N SER B 208 5.21 29.81 16.06
CA SER B 208 4.01 29.11 16.58
C SER B 208 3.56 27.95 15.70
N GLN B 214 -3.05 32.94 11.66
CA GLN B 214 -2.59 33.38 10.33
C GLN B 214 -2.55 32.23 9.33
N THR B 215 -3.08 32.48 8.13
CA THR B 215 -3.12 31.47 7.07
C THR B 215 -1.88 31.56 6.19
N TYR B 216 -1.37 30.40 5.73
CA TYR B 216 -0.19 30.37 4.86
C TYR B 216 -0.52 29.86 3.44
N ILE B 217 -0.51 30.78 2.44
CA ILE B 217 -0.78 30.46 1.03
C ILE B 217 0.48 30.64 0.15
N CYS B 218 0.80 29.63 -0.70
CA CYS B 218 1.91 29.72 -1.66
C CYS B 218 1.28 29.97 -3.02
N ASN B 219 1.75 31.01 -3.71
CA ASN B 219 1.25 31.46 -5.01
C ASN B 219 2.26 31.15 -6.09
N VAL B 220 2.00 30.09 -6.89
CA VAL B 220 2.93 29.68 -7.93
C VAL B 220 2.36 29.94 -9.33
N ASN B 221 3.12 30.73 -10.08
CA ASN B 221 2.84 31.09 -11.47
C ASN B 221 3.75 30.30 -12.41
N HIS B 222 3.20 29.96 -13.57
CA HIS B 222 3.89 29.32 -14.67
C HIS B 222 3.45 30.01 -15.95
N LYS B 223 4.22 31.00 -16.41
CA LYS B 223 3.91 31.74 -17.64
C LYS B 223 3.90 30.86 -18.90
N PRO B 224 4.83 29.88 -19.10
CA PRO B 224 4.78 29.08 -20.34
C PRO B 224 3.45 28.35 -20.56
N SER B 225 2.82 27.85 -19.48
CA SER B 225 1.54 27.18 -19.57
C SER B 225 0.32 28.07 -19.22
N ASN B 226 0.56 29.35 -18.84
CA ASN B 226 -0.47 30.34 -18.45
C ASN B 226 -1.27 29.83 -17.25
N THR B 227 -0.57 29.24 -16.26
CA THR B 227 -1.22 28.68 -15.09
C THR B 227 -0.76 29.39 -13.83
N LYS B 228 -1.73 29.67 -12.94
CA LYS B 228 -1.54 30.29 -11.64
C LYS B 228 -2.21 29.37 -10.65
N VAL B 229 -1.48 28.95 -9.60
CA VAL B 229 -2.02 28.06 -8.59
C VAL B 229 -1.75 28.66 -7.21
N ASP B 230 -2.78 28.66 -6.36
CA ASP B 230 -2.71 29.11 -4.98
C ASP B 230 -2.99 27.90 -4.10
N LYS B 231 -2.08 27.61 -3.17
CA LYS B 231 -2.26 26.48 -2.27
C LYS B 231 -1.99 26.89 -0.83
N LYS B 232 -2.99 26.67 0.04
CA LYS B 232 -2.80 26.98 1.46
C LYS B 232 -2.28 25.73 2.16
N VAL B 233 -1.36 25.94 3.12
CA VAL B 233 -0.72 24.87 3.87
C VAL B 233 -1.33 24.79 5.28
N GLU B 234 -1.95 23.63 5.58
CA GLU B 234 -2.62 23.36 6.85
C GLU B 234 -1.90 22.26 7.65
N PRO B 235 -1.87 22.34 9.00
CA PRO B 235 -1.22 21.28 9.79
C PRO B 235 -2.12 20.05 9.95
N ASP C 20 -40.14 -25.19 35.32
CA ASP C 20 -40.68 -24.33 34.28
C ASP C 20 -40.39 -24.80 32.85
N ILE C 21 -41.42 -24.80 31.97
CA ILE C 21 -41.22 -25.11 30.57
C ILE C 21 -40.84 -23.77 29.94
N GLN C 22 -39.73 -23.71 29.21
CA GLN C 22 -39.27 -22.50 28.56
C GLN C 22 -39.76 -22.49 27.14
N MET C 23 -40.33 -21.35 26.70
CA MET C 23 -40.80 -21.17 25.34
C MET C 23 -39.86 -20.23 24.66
N THR C 24 -39.17 -20.68 23.61
CA THR C 24 -38.17 -19.84 22.93
C THR C 24 -38.59 -19.46 21.52
N GLN C 25 -38.61 -18.15 21.25
CA GLN C 25 -38.95 -17.58 19.96
C GLN C 25 -37.70 -16.95 19.37
N SER C 26 -37.28 -17.41 18.20
CA SER C 26 -36.05 -16.89 17.59
C SER C 26 -36.15 -16.85 16.08
N PRO C 27 -35.78 -15.72 15.41
CA PRO C 27 -35.21 -14.46 15.98
C PRO C 27 -36.20 -13.62 16.78
N ALA C 28 -35.68 -12.69 17.60
CA ALA C 28 -36.50 -11.75 18.37
C ALA C 28 -37.13 -10.70 17.42
N THR C 29 -36.50 -10.48 16.24
CA THR C 29 -36.88 -9.52 15.20
C THR C 29 -36.75 -10.11 13.77
N LEU C 30 -37.74 -9.79 12.89
CA LEU C 30 -37.75 -10.16 11.46
C LEU C 30 -38.07 -8.94 10.59
N SER C 31 -37.10 -8.48 9.81
CA SER C 31 -37.31 -7.34 8.92
C SER C 31 -37.78 -7.87 7.56
N VAL C 32 -39.05 -7.60 7.21
CA VAL C 32 -39.67 -8.05 5.96
C VAL C 32 -40.43 -6.95 5.26
N SER C 33 -40.65 -7.15 3.98
CA SER C 33 -41.37 -6.22 3.13
C SER C 33 -42.83 -6.65 3.05
N PRO C 34 -43.81 -5.71 2.98
CA PRO C 34 -45.21 -6.14 2.87
C PRO C 34 -45.45 -6.94 1.60
N GLY C 35 -46.33 -7.93 1.68
CA GLY C 35 -46.60 -8.80 0.54
C GLY C 35 -45.84 -10.10 0.64
N GLU C 36 -44.74 -10.09 1.44
CA GLU C 36 -43.90 -11.26 1.71
C GLU C 36 -44.61 -12.17 2.68
N THR C 37 -44.32 -13.48 2.62
CA THR C 37 -44.81 -14.50 3.54
C THR C 37 -43.74 -14.74 4.62
N VAL C 38 -44.14 -14.71 5.91
CA VAL C 38 -43.23 -14.97 7.03
C VAL C 38 -43.64 -16.17 7.84
N THR C 39 -42.63 -16.86 8.42
CA THR C 39 -42.80 -17.96 9.33
C THR C 39 -42.04 -17.60 10.60
N LEU C 40 -42.72 -17.62 11.76
CA LEU C 40 -42.13 -17.36 13.09
C LEU C 40 -42.08 -18.69 13.82
N SER C 41 -41.04 -18.91 14.62
CA SER C 41 -40.85 -20.15 15.38
C SER C 41 -41.00 -19.96 16.87
N CYS C 42 -41.51 -21.00 17.52
CA CYS C 42 -41.68 -21.09 18.95
C CYS C 42 -41.33 -22.51 19.34
N ARG C 43 -40.35 -22.62 20.23
CA ARG C 43 -39.80 -23.91 20.64
C ARG C 43 -39.90 -24.11 22.11
N ALA C 44 -40.52 -25.23 22.51
CA ALA C 44 -40.68 -25.64 23.91
C ALA C 44 -39.43 -26.42 24.45
N SER C 45 -39.10 -26.22 25.74
CA SER C 45 -37.99 -26.92 26.41
C SER C 45 -38.32 -28.42 26.59
N GLN C 46 -39.61 -28.75 26.74
CA GLN C 46 -40.12 -30.13 26.83
C GLN C 46 -41.39 -30.22 25.98
N SER C 47 -41.96 -31.44 25.80
CA SER C 47 -43.18 -31.61 25.02
C SER C 47 -44.37 -30.89 25.65
N VAL C 48 -45.03 -30.03 24.86
CA VAL C 48 -46.23 -29.27 25.25
C VAL C 48 -47.46 -29.72 24.40
N ARG C 49 -47.27 -30.80 23.60
CA ARG C 49 -48.24 -31.52 22.75
C ARG C 49 -48.83 -30.57 21.70
N THR C 50 -50.14 -30.32 21.74
CA THR C 50 -50.81 -29.35 20.85
C THR C 50 -51.23 -28.09 21.67
N ASN C 51 -51.00 -28.12 23.00
CA ASN C 51 -51.40 -27.05 23.91
C ASN C 51 -50.55 -25.78 23.81
N VAL C 52 -50.65 -25.13 22.65
CA VAL C 52 -49.96 -23.90 22.25
C VAL C 52 -50.93 -22.94 21.60
N ALA C 53 -50.82 -21.66 21.99
CA ALA C 53 -51.61 -20.59 21.42
C ALA C 53 -50.70 -19.46 20.96
N TRP C 54 -51.13 -18.74 19.93
CA TRP C 54 -50.38 -17.61 19.39
C TRP C 54 -51.19 -16.36 19.56
N TYR C 55 -50.50 -15.31 19.95
CA TYR C 55 -51.09 -14.01 20.22
C TYR C 55 -50.39 -12.88 19.49
N ARG C 56 -51.18 -11.89 19.07
CA ARG C 56 -50.76 -10.67 18.39
C ARG C 56 -50.90 -9.50 19.36
N HIS C 57 -49.91 -8.60 19.35
CA HIS C 57 -49.89 -7.39 20.13
C HIS C 57 -49.25 -6.23 19.36
N LYS C 58 -50.03 -5.16 19.18
CA LYS C 58 -49.56 -3.93 18.53
C LYS C 58 -49.64 -2.90 19.62
N ALA C 59 -48.58 -2.10 19.80
CA ALA C 59 -48.52 -1.10 20.87
C ALA C 59 -49.81 -0.27 20.96
N GLY C 60 -50.34 -0.19 22.17
CA GLY C 60 -51.56 0.55 22.47
C GLY C 60 -52.83 -0.24 22.30
N GLN C 61 -52.73 -1.48 21.78
CA GLN C 61 -53.88 -2.37 21.59
C GLN C 61 -53.80 -3.47 22.63
N ALA C 62 -54.95 -4.03 23.01
CA ALA C 62 -54.99 -5.15 23.93
C ALA C 62 -54.58 -6.41 23.11
N PRO C 63 -53.89 -7.42 23.71
CA PRO C 63 -53.46 -8.58 22.92
C PRO C 63 -54.63 -9.36 22.34
N MET C 64 -54.36 -10.16 21.29
CA MET C 64 -55.43 -10.94 20.67
C MET C 64 -54.94 -12.29 20.13
N ILE C 65 -55.72 -13.34 20.39
CA ILE C 65 -55.46 -14.70 19.95
C ILE C 65 -55.50 -14.81 18.41
N LEU C 66 -54.65 -15.66 17.86
CA LEU C 66 -54.60 -15.89 16.42
C LEU C 66 -54.80 -17.37 16.17
N VAL C 67 -54.17 -18.21 17.01
CA VAL C 67 -54.20 -19.67 16.92
C VAL C 67 -54.25 -20.25 18.34
N SER C 68 -54.96 -21.39 18.50
CA SER C 68 -55.07 -22.20 19.71
C SER C 68 -54.94 -23.66 19.24
N GLY C 69 -54.49 -24.56 20.11
CA GLY C 69 -54.33 -25.96 19.79
C GLY C 69 -53.31 -26.23 18.70
N ALA C 70 -52.27 -25.35 18.62
CA ALA C 70 -51.14 -25.28 17.66
C ALA C 70 -51.52 -24.97 16.22
N SER C 71 -52.71 -25.44 15.75
CA SER C 71 -53.10 -25.28 14.34
C SER C 71 -54.52 -24.68 14.07
N THR C 72 -55.38 -24.58 15.11
CA THR C 72 -56.73 -24.01 14.95
C THR C 72 -56.73 -22.49 14.97
N ARG C 73 -56.97 -21.86 13.79
CA ARG C 73 -57.10 -20.41 13.63
C ARG C 73 -58.28 -19.90 14.46
N ALA C 74 -58.11 -18.76 15.13
CA ALA C 74 -59.19 -18.18 15.91
C ALA C 74 -60.05 -17.29 14.99
N SER C 75 -61.28 -16.98 15.46
CA SER C 75 -62.30 -16.17 14.79
C SER C 75 -61.83 -14.77 14.33
N GLY C 76 -61.12 -14.06 15.20
CA GLY C 76 -60.61 -12.72 14.92
C GLY C 76 -59.38 -12.65 14.04
N ALA C 77 -58.88 -13.82 13.57
CA ALA C 77 -57.69 -13.87 12.73
C ALA C 77 -58.03 -14.10 11.27
N PRO C 78 -57.54 -13.21 10.36
CA PRO C 78 -57.75 -13.41 8.91
C PRO C 78 -57.15 -14.72 8.43
N ALA C 79 -57.59 -15.18 7.25
CA ALA C 79 -57.20 -16.44 6.60
C ALA C 79 -55.70 -16.61 6.41
N ARG C 80 -54.97 -15.49 6.22
CA ARG C 80 -53.52 -15.45 5.97
C ARG C 80 -52.65 -16.05 7.12
N PHE C 81 -53.26 -16.30 8.29
CA PHE C 81 -52.61 -16.84 9.48
C PHE C 81 -52.85 -18.32 9.62
N SER C 82 -51.76 -19.10 9.73
CA SER C 82 -51.82 -20.54 9.97
C SER C 82 -50.76 -20.91 10.98
N GLY C 83 -51.03 -21.94 11.74
CA GLY C 83 -50.13 -22.49 12.74
C GLY C 83 -49.92 -23.97 12.53
N SER C 84 -48.72 -24.45 12.88
CA SER C 84 -48.34 -25.86 12.76
C SER C 84 -47.45 -26.22 13.96
N GLY C 85 -47.39 -27.51 14.24
CA GLY C 85 -46.51 -28.02 15.27
C GLY C 85 -47.12 -28.96 16.26
N TYR C 86 -46.27 -29.82 16.79
CA TYR C 86 -46.57 -30.76 17.85
C TYR C 86 -45.28 -30.96 18.68
N GLY C 87 -45.45 -31.18 19.97
CA GLY C 87 -44.37 -31.50 20.89
C GLY C 87 -43.52 -30.32 21.32
N THR C 88 -42.42 -30.10 20.60
CA THR C 88 -41.47 -29.04 20.89
C THR C 88 -41.38 -27.95 19.80
N GLU C 89 -41.63 -28.25 18.51
CA GLU C 89 -41.49 -27.18 17.50
C GLU C 89 -42.85 -26.67 16.97
N PHE C 90 -43.05 -25.34 17.05
CA PHE C 90 -44.28 -24.68 16.62
C PHE C 90 -43.97 -23.52 15.71
N THR C 91 -44.78 -23.33 14.65
CA THR C 91 -44.61 -22.19 13.73
C THR C 91 -45.91 -21.44 13.50
N LEU C 92 -45.78 -20.16 13.11
CA LEU C 92 -46.91 -19.32 12.75
C LEU C 92 -46.50 -18.71 11.44
N THR C 93 -47.32 -18.94 10.43
CA THR C 93 -47.09 -18.44 9.08
C THR C 93 -48.12 -17.39 8.75
N ILE C 94 -47.65 -16.30 8.19
CA ILE C 94 -48.51 -15.21 7.75
C ILE C 94 -48.19 -15.00 6.28
N THR C 95 -49.10 -15.46 5.39
CA THR C 95 -48.94 -15.26 3.94
C THR C 95 -49.23 -13.82 3.54
N SER C 96 -48.48 -13.31 2.57
CA SER C 96 -48.65 -11.97 2.00
C SER C 96 -49.05 -10.96 3.07
N LEU C 97 -48.08 -10.71 3.93
CA LEU C 97 -48.14 -9.82 5.08
C LEU C 97 -48.61 -8.41 4.70
N GLN C 98 -49.61 -7.94 5.44
CA GLN C 98 -50.19 -6.60 5.26
C GLN C 98 -49.50 -5.64 6.22
N SER C 99 -49.69 -4.32 6.08
CA SER C 99 -49.02 -3.33 6.94
C SER C 99 -49.34 -3.49 8.45
N GLU C 100 -50.57 -3.92 8.77
CA GLU C 100 -51.08 -4.14 10.14
C GLU C 100 -50.44 -5.33 10.87
N ASP C 101 -49.79 -6.22 10.11
CA ASP C 101 -49.13 -7.41 10.59
C ASP C 101 -47.74 -7.16 11.14
N PHE C 102 -47.25 -5.95 10.93
CA PHE C 102 -45.95 -5.60 11.50
C PHE C 102 -46.26 -5.20 12.95
N ALA C 103 -46.23 -6.25 13.81
CA ALA C 103 -46.59 -6.28 15.22
C ALA C 103 -45.67 -7.30 15.91
N VAL C 104 -45.88 -7.56 17.24
CA VAL C 104 -45.14 -8.55 18.02
C VAL C 104 -46.03 -9.78 18.19
N TYR C 105 -45.42 -10.96 18.14
CA TYR C 105 -46.10 -12.22 18.22
C TYR C 105 -45.48 -13.09 19.30
N TYR C 106 -46.32 -13.51 20.24
CA TYR C 106 -45.97 -14.35 21.38
C TYR C 106 -46.70 -15.66 21.26
N CYS C 107 -46.00 -16.74 21.62
CA CYS C 107 -46.54 -18.08 21.72
C CYS C 107 -46.74 -18.36 23.20
N LEU C 108 -47.53 -19.37 23.49
CA LEU C 108 -47.81 -19.72 24.89
C LEU C 108 -48.11 -21.19 25.02
N GLN C 109 -47.47 -21.86 26.01
CA GLN C 109 -47.79 -23.24 26.33
C GLN C 109 -48.81 -23.25 27.44
N TYR C 110 -49.85 -24.07 27.29
CA TYR C 110 -50.87 -24.28 28.33
C TYR C 110 -50.99 -25.77 28.63
N ASN C 111 -49.87 -26.48 28.48
CA ASN C 111 -49.83 -27.92 28.74
C ASN C 111 -49.61 -28.25 30.21
N THR C 112 -48.92 -27.36 30.92
CA THR C 112 -48.54 -27.54 32.32
C THR C 112 -48.69 -26.21 33.07
N TRP C 113 -48.36 -26.24 34.38
CA TRP C 113 -48.34 -25.12 35.29
C TRP C 113 -46.91 -24.96 35.82
N PRO C 114 -46.34 -23.75 35.82
CA PRO C 114 -46.91 -22.47 35.34
C PRO C 114 -47.08 -22.41 33.84
N ARG C 115 -48.04 -21.59 33.39
CA ARG C 115 -48.27 -21.27 31.98
C ARG C 115 -47.11 -20.34 31.61
N THR C 116 -46.45 -20.56 30.41
CA THR C 116 -45.30 -19.73 30.02
C THR C 116 -45.42 -19.21 28.57
N PHE C 117 -45.07 -17.91 28.39
CA PHE C 117 -45.09 -17.22 27.10
C PHE C 117 -43.68 -17.17 26.60
N GLY C 118 -43.55 -17.18 25.27
CA GLY C 118 -42.30 -16.92 24.59
C GLY C 118 -42.04 -15.43 24.78
N GLN C 119 -40.84 -14.97 24.47
CA GLN C 119 -40.51 -13.57 24.71
C GLN C 119 -40.91 -12.66 23.52
N GLY C 120 -41.56 -13.25 22.50
CA GLY C 120 -42.06 -12.57 21.32
C GLY C 120 -41.12 -12.42 20.14
N THR C 121 -41.69 -12.24 18.94
CA THR C 121 -40.99 -11.93 17.70
C THR C 121 -41.60 -10.67 17.03
N LYS C 122 -40.80 -9.59 16.99
CA LYS C 122 -41.18 -8.33 16.34
C LYS C 122 -41.06 -8.45 14.82
N VAL C 123 -42.20 -8.29 14.12
CA VAL C 123 -42.20 -8.32 12.67
C VAL C 123 -42.11 -6.85 12.29
N GLU C 124 -40.95 -6.47 11.75
CA GLU C 124 -40.62 -5.10 11.39
C GLU C 124 -40.65 -4.93 9.87
N VAL C 125 -40.75 -3.67 9.39
CA VAL C 125 -40.81 -3.39 7.94
C VAL C 125 -39.42 -3.16 7.31
N LYS C 126 -39.10 -3.90 6.25
CA LYS C 126 -37.86 -3.68 5.52
C LYS C 126 -38.11 -2.61 4.45
N ARG C 127 -37.51 -1.42 4.62
CA ARG C 127 -37.60 -0.33 3.65
C ARG C 127 -36.17 0.01 3.18
N THR C 128 -36.03 0.91 2.19
CA THR C 128 -34.71 1.34 1.69
C THR C 128 -34.01 2.27 2.73
N VAL C 129 -32.66 2.27 2.79
CA VAL C 129 -31.94 3.15 3.72
C VAL C 129 -32.35 4.63 3.54
N ALA C 130 -32.80 5.26 4.63
CA ALA C 130 -33.16 6.68 4.71
C ALA C 130 -32.27 7.34 5.77
N ALA C 131 -31.78 8.54 5.47
CA ALA C 131 -30.88 9.32 6.33
C ALA C 131 -31.61 10.20 7.33
N PRO C 132 -31.04 10.39 8.56
CA PRO C 132 -31.72 11.25 9.55
C PRO C 132 -31.56 12.73 9.23
N SER C 133 -32.45 13.55 9.78
CA SER C 133 -32.43 15.00 9.65
C SER C 133 -32.19 15.50 11.07
N VAL C 134 -30.93 15.83 11.37
CA VAL C 134 -30.51 16.25 12.72
C VAL C 134 -30.95 17.69 13.04
N PHE C 135 -31.39 17.92 14.30
CA PHE C 135 -31.84 19.19 14.86
C PHE C 135 -31.42 19.30 16.33
N ILE C 136 -30.93 20.49 16.77
CA ILE C 136 -30.57 20.76 18.16
C ILE C 136 -31.52 21.81 18.73
N PHE C 137 -32.00 21.59 19.96
CA PHE C 137 -32.94 22.48 20.64
C PHE C 137 -32.38 22.96 21.98
N PRO C 138 -32.10 24.26 22.11
CA PRO C 138 -31.56 24.77 23.37
C PRO C 138 -32.62 24.79 24.47
N PRO C 139 -32.21 24.80 25.77
CA PRO C 139 -33.21 24.88 26.84
C PRO C 139 -34.08 26.14 26.71
N SER C 140 -35.39 26.01 26.96
CA SER C 140 -36.34 27.12 26.92
C SER C 140 -36.04 28.11 28.08
N ASP C 141 -36.67 29.29 28.08
CA ASP C 141 -36.43 30.27 29.13
C ASP C 141 -37.20 29.94 30.42
N GLU C 142 -38.45 29.41 30.29
CA GLU C 142 -39.32 29.01 31.40
C GLU C 142 -38.67 27.90 32.25
N GLN C 143 -38.00 26.94 31.58
CA GLN C 143 -37.30 25.84 32.25
C GLN C 143 -36.08 26.36 33.00
N LEU C 144 -35.36 27.35 32.41
CA LEU C 144 -34.17 27.98 33.02
C LEU C 144 -34.53 28.72 34.29
N LYS C 145 -35.71 29.34 34.30
CA LYS C 145 -36.32 30.03 35.43
C LYS C 145 -36.52 29.02 36.62
N SER C 146 -36.58 27.70 36.31
CA SER C 146 -36.81 26.60 37.26
C SER C 146 -35.52 25.97 37.84
N GLY C 147 -34.37 26.35 37.30
CA GLY C 147 -33.08 25.87 37.79
C GLY C 147 -32.51 24.60 37.18
N THR C 148 -33.15 24.09 36.12
CA THR C 148 -32.68 22.90 35.42
C THR C 148 -32.70 23.17 33.91
N ALA C 149 -31.76 22.54 33.18
CA ALA C 149 -31.64 22.73 31.74
C ALA C 149 -31.49 21.44 30.96
N SER C 150 -32.31 21.29 29.90
CA SER C 150 -32.24 20.12 29.04
C SER C 150 -32.18 20.52 27.58
N VAL C 151 -31.25 19.88 26.86
CA VAL C 151 -31.01 20.13 25.45
C VAL C 151 -31.41 18.88 24.66
N VAL C 152 -32.40 19.06 23.77
CA VAL C 152 -33.01 18.02 22.94
C VAL C 152 -32.39 17.96 21.56
N CYS C 153 -31.97 16.76 21.14
CA CYS C 153 -31.44 16.55 19.79
C CYS C 153 -32.34 15.57 19.06
N LEU C 154 -32.97 16.03 17.96
CA LEU C 154 -33.84 15.23 17.09
C LEU C 154 -33.00 14.52 16.03
N LEU C 155 -33.45 13.36 15.60
CA LEU C 155 -32.84 12.58 14.53
C LEU C 155 -34.05 12.06 13.74
N ASN C 156 -34.74 12.96 13.03
CA ASN C 156 -35.99 12.68 12.33
C ASN C 156 -35.88 11.77 11.11
N ASN C 157 -36.92 10.91 10.95
CA ASN C 157 -37.21 9.96 9.86
C ASN C 157 -35.97 9.33 9.19
N PHE C 158 -35.49 8.21 9.77
CA PHE C 158 -34.35 7.44 9.27
C PHE C 158 -34.59 5.92 9.29
N TYR C 159 -33.75 5.15 8.59
CA TYR C 159 -33.80 3.69 8.55
C TYR C 159 -32.38 3.14 8.28
N PRO C 160 -31.85 2.13 9.00
CA PRO C 160 -32.45 1.35 10.11
C PRO C 160 -32.36 2.05 11.46
N ARG C 161 -32.72 1.34 12.55
CA ARG C 161 -32.75 1.87 13.93
C ARG C 161 -31.37 2.27 14.46
N GLU C 162 -30.32 1.55 14.02
CA GLU C 162 -28.94 1.69 14.47
C GLU C 162 -28.33 3.08 14.19
N ALA C 163 -28.43 3.97 15.20
CA ALA C 163 -27.91 5.33 15.16
C ALA C 163 -27.17 5.69 16.47
N LYS C 164 -25.92 6.20 16.33
CA LYS C 164 -25.02 6.58 17.42
C LYS C 164 -25.14 8.09 17.69
N VAL C 165 -25.33 8.48 18.97
CA VAL C 165 -25.52 9.89 19.36
C VAL C 165 -24.62 10.24 20.56
N GLN C 166 -23.75 11.25 20.38
CA GLN C 166 -22.87 11.72 21.44
C GLN C 166 -22.86 13.25 21.54
N TRP C 167 -22.89 13.74 22.78
CA TRP C 167 -22.89 15.16 23.14
C TRP C 167 -21.47 15.67 23.48
N LYS C 168 -21.22 16.98 23.25
CA LYS C 168 -19.94 17.65 23.48
C LYS C 168 -20.09 19.10 23.98
N VAL C 169 -19.11 19.58 24.79
CA VAL C 169 -19.02 20.96 25.29
C VAL C 169 -17.60 21.55 25.12
N LEU C 173 -16.37 16.00 25.61
CA LEU C 173 -17.05 14.73 25.34
C LEU C 173 -17.86 14.31 26.56
N GLN C 174 -19.17 14.14 26.35
CA GLN C 174 -20.13 13.80 27.40
C GLN C 174 -20.36 12.29 27.52
N SER C 175 -20.83 11.86 28.71
CA SER C 175 -21.08 10.45 29.04
C SER C 175 -21.92 10.32 30.31
N GLY C 176 -22.92 9.43 30.26
CA GLY C 176 -23.81 9.12 31.38
C GLY C 176 -24.80 10.19 31.81
N ASN C 177 -24.86 11.34 31.11
CA ASN C 177 -25.80 12.41 31.47
C ASN C 177 -26.92 12.58 30.41
N SER C 178 -26.95 11.69 29.39
CA SER C 178 -27.94 11.72 28.32
C SER C 178 -28.85 10.49 28.24
N GLN C 179 -30.10 10.70 27.80
CA GLN C 179 -31.14 9.66 27.61
C GLN C 179 -31.64 9.70 26.18
N GLU C 180 -31.74 8.54 25.54
CA GLU C 180 -32.18 8.39 24.13
C GLU C 180 -33.45 7.54 23.95
N SER C 181 -34.48 8.09 23.26
CA SER C 181 -35.74 7.40 22.98
C SER C 181 -36.10 7.35 21.49
N VAL C 182 -36.51 6.15 21.01
CA VAL C 182 -36.87 5.94 19.61
C VAL C 182 -38.33 5.55 19.47
N THR C 183 -39.04 6.18 18.50
CA THR C 183 -40.44 5.86 18.16
C THR C 183 -40.48 4.49 17.43
N GLU C 184 -41.69 3.92 17.31
CA GLU C 184 -41.94 2.72 16.53
C GLU C 184 -41.95 3.16 15.06
N GLN C 185 -41.67 2.23 14.10
CA GLN C 185 -41.70 2.51 12.66
C GLN C 185 -43.01 3.26 12.32
N ASP C 186 -42.88 4.49 11.78
CA ASP C 186 -44.00 5.41 11.45
C ASP C 186 -45.17 4.69 10.74
N SER C 187 -46.42 4.87 11.24
CA SER C 187 -47.61 4.21 10.66
C SER C 187 -47.76 4.48 9.17
N LYS C 188 -47.35 5.68 8.74
CA LYS C 188 -47.38 6.09 7.34
C LYS C 188 -46.21 5.49 6.53
N ASP C 189 -44.97 6.01 6.68
CA ASP C 189 -43.80 5.58 5.87
C ASP C 189 -42.77 4.59 6.52
N SER C 190 -43.13 3.93 7.67
CA SER C 190 -42.35 2.91 8.38
C SER C 190 -40.84 3.28 8.63
N THR C 191 -40.63 4.51 9.13
CA THR C 191 -39.34 5.12 9.43
C THR C 191 -39.18 5.28 10.96
N TYR C 192 -37.94 5.54 11.46
CA TYR C 192 -37.71 5.77 12.91
C TYR C 192 -37.24 7.19 13.17
N SER C 193 -37.55 7.73 14.36
CA SER C 193 -37.09 9.04 14.84
C SER C 193 -36.57 8.91 16.28
N LEU C 194 -35.37 9.44 16.55
CA LEU C 194 -34.71 9.37 17.85
C LEU C 194 -34.56 10.74 18.50
N SER C 195 -34.82 10.80 19.81
CA SER C 195 -34.61 12.00 20.61
C SER C 195 -33.49 11.68 21.62
N SER C 196 -32.61 12.67 21.87
CA SER C 196 -31.50 12.56 22.81
C SER C 196 -31.58 13.75 23.69
N THR C 197 -31.60 13.51 24.98
CA THR C 197 -31.72 14.59 25.94
C THR C 197 -30.50 14.58 26.86
N LEU C 198 -29.77 15.71 26.90
CA LEU C 198 -28.61 15.94 27.76
C LEU C 198 -29.12 16.87 28.84
N THR C 199 -29.07 16.43 30.12
CA THR C 199 -29.55 17.17 31.29
C THR C 199 -28.36 17.80 32.02
N LEU C 200 -28.50 19.08 32.41
CA LEU C 200 -27.47 19.85 33.11
C LEU C 200 -28.12 20.81 34.08
N SER C 201 -27.34 21.31 35.07
CA SER C 201 -27.79 22.32 36.03
C SER C 201 -27.85 23.66 35.30
N LYS C 202 -28.74 24.57 35.75
CA LYS C 202 -28.84 25.94 35.21
C LYS C 202 -27.44 26.61 35.33
N ALA C 203 -26.81 26.45 36.52
CA ALA C 203 -25.48 26.96 36.85
C ALA C 203 -24.35 26.37 35.97
N ASP C 204 -24.42 25.06 35.66
CA ASP C 204 -23.41 24.43 34.81
C ASP C 204 -23.66 24.73 33.34
N TYR C 205 -24.92 25.09 32.98
CA TYR C 205 -25.31 25.42 31.60
C TYR C 205 -24.60 26.70 31.07
N GLU C 206 -23.61 27.22 31.81
CA GLU C 206 -22.84 28.39 31.37
C GLU C 206 -21.40 27.96 30.99
N LYS C 207 -21.31 27.31 29.80
CA LYS C 207 -20.11 26.75 29.18
C LYS C 207 -20.03 27.14 27.71
N VAL C 210 -20.19 25.68 21.78
CA VAL C 210 -20.51 25.44 23.18
C VAL C 210 -21.24 24.08 23.40
N TYR C 211 -22.33 23.82 22.63
CA TYR C 211 -23.15 22.60 22.73
C TYR C 211 -23.35 21.89 21.39
N ALA C 212 -22.80 20.68 21.26
CA ALA C 212 -22.86 19.90 20.02
C ALA C 212 -23.51 18.52 20.18
N CYS C 213 -24.10 18.02 19.07
CA CYS C 213 -24.78 16.75 18.92
C CYS C 213 -24.18 16.06 17.67
N GLU C 214 -23.30 15.05 17.84
CA GLU C 214 -22.70 14.33 16.71
C GLU C 214 -23.45 13.00 16.51
N VAL C 215 -23.93 12.75 15.27
CA VAL C 215 -24.70 11.54 14.94
C VAL C 215 -24.03 10.71 13.83
N THR C 216 -24.18 9.37 13.91
CA THR C 216 -23.60 8.43 12.95
C THR C 216 -24.70 7.51 12.39
N HIS C 217 -24.77 7.34 11.04
CA HIS C 217 -25.79 6.52 10.37
C HIS C 217 -25.32 5.89 9.03
N GLN C 218 -26.12 4.92 8.51
CA GLN C 218 -25.89 4.20 7.25
C GLN C 218 -25.90 5.11 6.02
N GLY C 219 -26.90 6.00 5.94
CA GLY C 219 -27.06 6.97 4.86
C GLY C 219 -26.37 8.30 5.14
N LEU C 220 -25.22 8.22 5.83
CA LEU C 220 -24.41 9.36 6.23
C LEU C 220 -22.97 9.02 5.93
N SER C 221 -22.39 9.69 4.90
CA SER C 221 -20.99 9.48 4.47
C SER C 221 -20.04 9.80 5.62
N SER C 222 -20.20 11.00 6.24
CA SER C 222 -19.41 11.46 7.38
C SER C 222 -20.35 11.94 8.50
N PRO C 223 -20.03 11.63 9.79
CA PRO C 223 -20.90 12.05 10.90
C PRO C 223 -21.29 13.52 10.93
N VAL C 224 -22.61 13.78 10.85
CA VAL C 224 -23.22 15.10 10.91
C VAL C 224 -23.14 15.56 12.37
N THR C 225 -22.87 16.85 12.58
CA THR C 225 -22.84 17.45 13.90
C THR C 225 -23.62 18.77 13.85
N LYS C 226 -24.60 18.93 14.75
CA LYS C 226 -25.43 20.14 14.84
C LYS C 226 -25.19 20.81 16.17
N SER C 227 -24.73 22.07 16.14
CA SER C 227 -24.37 22.82 17.35
C SER C 227 -25.02 24.22 17.49
N PHE C 228 -24.90 24.80 18.70
CA PHE C 228 -25.37 26.13 19.09
C PHE C 228 -24.51 26.68 20.24
N ASN C 229 -24.43 28.02 20.39
CA ASN C 229 -23.70 28.66 21.49
C ASN C 229 -24.62 29.62 22.25
N ARG C 230 -24.42 29.72 23.59
CA ARG C 230 -25.13 30.52 24.62
C ARG C 230 -25.80 29.59 25.64
N GLN D 20 -70.63 -11.48 22.24
CA GLN D 20 -71.33 -12.09 23.37
C GLN D 20 -70.51 -12.03 24.69
N VAL D 21 -69.26 -12.54 24.71
CA VAL D 21 -68.43 -12.44 25.92
C VAL D 21 -67.98 -10.99 26.13
N GLN D 22 -68.15 -10.51 27.34
CA GLN D 22 -67.76 -9.17 27.75
C GLN D 22 -67.12 -9.24 29.16
N LEU D 23 -65.91 -8.65 29.29
CA LEU D 23 -65.11 -8.53 30.52
C LEU D 23 -64.91 -7.06 30.77
N GLN D 24 -65.29 -6.56 31.98
CA GLN D 24 -65.20 -5.17 32.38
C GLN D 24 -64.17 -4.96 33.48
N HIS D 25 -63.01 -4.34 33.14
CA HIS D 25 -61.93 -4.13 34.10
C HIS D 25 -62.26 -3.06 35.14
N SER D 26 -61.64 -3.19 36.33
CA SER D 26 -61.79 -2.25 37.45
C SER D 26 -60.55 -2.25 38.34
N GLY D 27 -60.33 -1.11 39.01
CA GLY D 27 -59.23 -0.91 39.94
C GLY D 27 -57.98 -0.30 39.33
N GLY D 28 -56.87 -0.60 39.96
CA GLY D 28 -55.58 -0.09 39.52
C GLY D 28 -55.23 1.23 40.17
N GLY D 29 -54.08 1.71 39.81
CA GLY D 29 -53.57 2.95 40.33
C GLY D 29 -52.16 2.81 40.80
N LEU D 30 -51.91 3.49 41.91
CA LEU D 30 -50.59 3.65 42.47
C LEU D 30 -50.43 3.12 43.85
N GLU D 31 -49.28 2.48 44.06
CA GLU D 31 -48.85 1.95 45.34
C GLU D 31 -47.37 2.18 45.55
N GLN D 32 -46.93 2.22 46.80
CA GLN D 32 -45.50 2.40 47.12
C GLN D 32 -44.92 1.00 47.26
N PRO D 33 -43.59 0.79 47.15
CA PRO D 33 -43.05 -0.56 47.40
C PRO D 33 -43.41 -1.08 48.80
N GLY D 34 -43.89 -2.33 48.84
CA GLY D 34 -44.33 -3.01 50.05
C GLY D 34 -45.81 -2.90 50.31
N GLY D 35 -46.49 -2.06 49.52
CA GLY D 35 -47.92 -1.83 49.66
C GLY D 35 -48.82 -2.85 48.99
N SER D 36 -50.12 -2.59 49.01
CA SER D 36 -51.09 -3.50 48.42
C SER D 36 -52.30 -2.83 47.76
N LEU D 37 -52.89 -3.53 46.77
CA LEU D 37 -54.11 -3.16 46.05
C LEU D 37 -54.76 -4.38 45.34
N ARG D 38 -56.05 -4.25 45.06
CA ARG D 38 -56.83 -5.26 44.36
C ARG D 38 -57.40 -4.68 43.03
N ILE D 39 -57.43 -5.52 41.99
CA ILE D 39 -57.98 -5.24 40.67
C ILE D 39 -59.00 -6.32 40.38
N SER D 40 -59.93 -6.03 39.49
CA SER D 40 -60.99 -6.96 39.22
C SER D 40 -61.48 -6.94 37.79
N CYS D 41 -62.40 -7.85 37.47
CA CYS D 41 -63.10 -7.94 36.20
C CYS D 41 -64.47 -8.51 36.41
N ALA D 42 -65.47 -7.78 35.90
CA ALA D 42 -66.86 -8.17 35.90
C ALA D 42 -67.10 -8.84 34.56
N ALA D 43 -67.47 -10.13 34.60
CA ALA D 43 -67.70 -10.92 33.39
C ALA D 43 -69.18 -11.06 33.06
N SER D 44 -69.51 -11.26 31.77
CA SER D 44 -70.86 -11.51 31.26
C SER D 44 -70.84 -12.20 29.88
N GLY D 45 -71.94 -12.86 29.51
CA GLY D 45 -72.09 -13.52 28.23
C GLY D 45 -71.48 -14.90 28.09
N PHE D 46 -71.18 -15.56 29.23
CA PHE D 46 -70.67 -16.94 29.31
C PHE D 46 -70.98 -17.59 30.66
N THR D 47 -70.80 -18.92 30.76
CA THR D 47 -71.06 -19.65 32.02
C THR D 47 -69.82 -19.46 32.91
N PHE D 48 -69.76 -18.30 33.60
CA PHE D 48 -68.65 -17.86 34.46
C PHE D 48 -68.35 -18.79 35.63
N ASN D 49 -69.41 -19.28 36.31
CA ASN D 49 -69.33 -20.10 37.53
C ASN D 49 -68.44 -21.35 37.39
N THR D 50 -68.26 -21.86 36.16
CA THR D 50 -67.46 -23.06 35.85
C THR D 50 -66.33 -22.81 34.81
N ASN D 51 -66.02 -21.54 34.48
CA ASN D 51 -64.97 -21.14 33.52
C ASN D 51 -63.71 -20.72 34.24
N ASP D 52 -62.54 -21.14 33.74
CA ASP D 52 -61.25 -20.79 34.34
C ASP D 52 -60.99 -19.34 33.99
N MET D 53 -60.36 -18.58 34.91
CA MET D 53 -60.11 -17.17 34.69
C MET D 53 -58.66 -16.95 35.00
N SER D 54 -57.93 -16.23 34.11
CA SER D 54 -56.51 -15.98 34.38
C SER D 54 -56.17 -14.50 34.39
N TRP D 55 -54.93 -14.18 34.77
CA TRP D 55 -54.38 -12.84 34.81
C TRP D 55 -53.07 -12.80 34.03
N VAL D 56 -53.00 -11.91 33.00
CA VAL D 56 -51.80 -11.70 32.18
C VAL D 56 -51.33 -10.24 32.41
N ARG D 57 -50.02 -10.04 32.47
CA ARG D 57 -49.45 -8.72 32.63
C ARG D 57 -48.36 -8.43 31.59
N GLN D 58 -48.14 -7.15 31.34
CA GLN D 58 -47.10 -6.69 30.44
C GLN D 58 -46.48 -5.42 30.98
N ALA D 59 -45.27 -5.54 31.53
CA ALA D 59 -44.48 -4.44 32.08
C ALA D 59 -44.03 -3.57 30.90
N PRO D 60 -43.92 -2.22 31.02
CA PRO D 60 -43.50 -1.40 29.86
C PRO D 60 -42.13 -1.84 29.37
N GLY D 61 -42.02 -2.11 28.06
CA GLY D 61 -40.79 -2.59 27.45
C GLY D 61 -40.40 -3.99 27.93
N LYS D 62 -41.39 -4.88 27.95
CA LYS D 62 -41.24 -6.28 28.33
C LYS D 62 -42.31 -7.04 27.59
N GLY D 63 -42.23 -8.35 27.62
CA GLY D 63 -43.20 -9.22 26.95
C GLY D 63 -44.41 -9.52 27.81
N LEU D 64 -45.31 -10.36 27.28
CA LEU D 64 -46.51 -10.82 27.95
C LEU D 64 -46.06 -11.81 28.99
N GLN D 65 -46.60 -11.67 30.20
CA GLN D 65 -46.26 -12.51 31.33
C GLN D 65 -47.57 -13.02 31.98
N TRP D 66 -47.73 -14.33 32.14
CA TRP D 66 -48.86 -14.96 32.84
C TRP D 66 -48.60 -14.74 34.33
N VAL D 67 -49.68 -14.49 35.10
CA VAL D 67 -49.64 -14.21 36.54
C VAL D 67 -50.27 -15.33 37.38
N SER D 68 -51.56 -15.64 37.11
CA SER D 68 -52.34 -16.64 37.84
C SER D 68 -53.59 -17.09 37.09
N THR D 69 -54.14 -18.24 37.49
CA THR D 69 -55.38 -18.84 37.01
C THR D 69 -56.14 -19.35 38.24
N ILE D 70 -57.45 -19.15 38.23
CA ILE D 70 -58.38 -19.73 39.18
C ILE D 70 -59.20 -20.74 38.35
N ILE D 71 -59.34 -21.97 38.85
CA ILE D 71 -60.04 -23.07 38.14
C ILE D 71 -61.55 -23.06 38.44
N GLY D 72 -62.36 -23.07 37.39
CA GLY D 72 -63.82 -23.04 37.46
C GLY D 72 -64.48 -24.18 38.22
N ILE D 73 -64.04 -25.43 37.95
CA ILE D 73 -64.58 -26.64 38.59
C ILE D 73 -64.42 -26.66 40.12
N ASP D 74 -63.21 -26.43 40.68
CA ASP D 74 -62.98 -26.54 42.14
C ASP D 74 -62.45 -25.29 42.90
N ASP D 75 -62.17 -24.17 42.20
CA ASP D 75 -61.64 -22.92 42.79
C ASP D 75 -60.15 -23.02 43.21
N THR D 76 -59.39 -23.94 42.56
CA THR D 76 -57.96 -24.11 42.81
C THR D 76 -57.21 -23.03 42.01
N THR D 77 -56.08 -22.61 42.57
CA THR D 77 -55.30 -21.53 42.01
C THR D 77 -53.88 -21.93 41.63
N HIS D 78 -53.36 -21.29 40.58
CA HIS D 78 -51.98 -21.47 40.14
C HIS D 78 -51.39 -20.08 39.98
N TYR D 79 -50.10 -19.92 40.31
CA TYR D 79 -49.38 -18.64 40.19
C TYR D 79 -48.03 -18.82 39.53
N ALA D 80 -47.50 -17.69 39.06
CA ALA D 80 -46.19 -17.60 38.47
C ALA D 80 -45.17 -17.56 39.63
N ASP D 81 -43.95 -18.03 39.40
CA ASP D 81 -42.88 -18.05 40.41
C ASP D 81 -42.63 -16.68 41.07
N SER D 82 -42.65 -15.59 40.28
CA SER D 82 -42.40 -14.21 40.73
C SER D 82 -43.52 -13.57 41.56
N VAL D 83 -44.72 -14.17 41.59
CA VAL D 83 -45.85 -13.61 42.32
C VAL D 83 -46.40 -14.53 43.41
N ARG D 84 -46.00 -15.80 43.42
CA ARG D 84 -46.48 -16.79 44.42
C ARG D 84 -46.10 -16.34 45.83
N GLY D 85 -47.09 -16.34 46.73
CA GLY D 85 -46.90 -15.94 48.12
C GLY D 85 -47.26 -14.50 48.37
N ARG D 86 -47.19 -13.64 47.32
CA ARG D 86 -47.52 -12.21 47.39
C ARG D 86 -48.89 -11.90 46.79
N PHE D 87 -49.22 -12.56 45.67
CA PHE D 87 -50.50 -12.36 44.95
C PHE D 87 -51.52 -13.46 45.21
N THR D 88 -52.81 -13.09 45.13
CA THR D 88 -53.92 -14.00 45.34
C THR D 88 -55.00 -13.80 44.29
N VAL D 89 -55.32 -14.89 43.56
CA VAL D 89 -56.41 -14.91 42.59
C VAL D 89 -57.63 -15.48 43.36
N SER D 90 -58.80 -14.85 43.18
CA SER D 90 -60.05 -15.22 43.83
C SER D 90 -61.21 -14.79 42.95
N ARG D 91 -62.41 -15.26 43.29
CA ARG D 91 -63.62 -14.93 42.54
C ARG D 91 -64.87 -14.89 43.42
N ASP D 92 -65.94 -14.26 42.93
CA ASP D 92 -67.26 -14.18 43.56
C ASP D 92 -68.19 -14.58 42.45
N THR D 93 -68.62 -15.85 42.42
CA THR D 93 -69.49 -16.37 41.36
C THR D 93 -70.91 -15.77 41.42
N SER D 94 -71.29 -15.25 42.59
CA SER D 94 -72.59 -14.63 42.75
C SER D 94 -72.62 -13.32 41.98
N LYS D 95 -71.53 -12.52 42.09
CA LYS D 95 -71.37 -11.23 41.43
C LYS D 95 -70.67 -11.33 40.07
N ASN D 96 -70.30 -12.58 39.65
CA ASN D 96 -69.57 -12.87 38.41
C ASN D 96 -68.32 -12.00 38.31
N MET D 97 -67.51 -12.03 39.37
CA MET D 97 -66.34 -11.19 39.47
C MET D 97 -65.05 -11.89 39.87
N VAL D 98 -63.98 -11.65 39.11
CA VAL D 98 -62.65 -12.21 39.34
C VAL D 98 -61.77 -11.11 39.86
N TYR D 99 -60.92 -11.43 40.82
CA TYR D 99 -60.07 -10.44 41.46
C TYR D 99 -58.62 -10.84 41.42
N LEU D 100 -57.74 -9.86 41.62
CA LEU D 100 -56.33 -10.08 41.79
C LEU D 100 -55.81 -9.18 42.93
N GLN D 101 -55.62 -9.78 44.10
CA GLN D 101 -55.08 -9.14 45.29
C GLN D 101 -53.56 -9.17 45.18
N MET D 102 -52.92 -8.01 45.26
CA MET D 102 -51.48 -7.87 45.10
C MET D 102 -50.87 -7.26 46.35
N ASN D 103 -50.14 -8.06 47.15
CA ASN D 103 -49.46 -7.59 48.38
C ASN D 103 -47.95 -7.63 48.16
N SER D 104 -47.18 -7.05 49.09
CA SER D 104 -45.70 -7.00 49.06
C SER D 104 -45.17 -6.58 47.69
N LEU D 105 -45.87 -5.58 47.09
CA LEU D 105 -45.63 -4.99 45.77
C LEU D 105 -44.24 -4.43 45.61
N ARG D 106 -43.63 -4.76 44.49
CA ARG D 106 -42.30 -4.28 44.15
C ARG D 106 -42.31 -3.59 42.77
N VAL D 107 -41.25 -2.82 42.44
CA VAL D 107 -41.19 -2.10 41.16
C VAL D 107 -41.28 -3.04 39.96
N GLU D 108 -40.86 -4.34 40.14
CA GLU D 108 -40.97 -5.43 39.17
C GLU D 108 -42.44 -5.72 38.81
N ASP D 109 -43.39 -5.19 39.61
CA ASP D 109 -44.83 -5.41 39.40
C ASP D 109 -45.53 -4.31 38.59
N THR D 110 -44.82 -3.20 38.26
CA THR D 110 -45.38 -2.12 37.43
C THR D 110 -45.73 -2.71 36.07
N ALA D 111 -47.01 -2.65 35.68
CA ALA D 111 -47.49 -3.27 34.44
C ALA D 111 -48.97 -2.99 34.19
N LEU D 112 -49.39 -3.23 32.93
CA LEU D 112 -50.78 -3.27 32.50
C LEU D 112 -51.22 -4.71 32.81
N TYR D 113 -52.33 -4.88 33.56
CA TYR D 113 -52.90 -6.16 33.98
C TYR D 113 -54.19 -6.45 33.23
N TYR D 114 -54.25 -7.64 32.64
CA TYR D 114 -55.37 -8.10 31.86
C TYR D 114 -55.98 -9.32 32.48
N CYS D 115 -57.31 -9.28 32.65
CA CYS D 115 -58.09 -10.42 33.07
C CYS D 115 -58.44 -11.08 31.74
N VAL D 116 -58.37 -12.39 31.70
CA VAL D 116 -58.64 -13.18 30.50
C VAL D 116 -59.54 -14.34 30.86
N LYS D 117 -60.52 -14.62 30.00
CA LYS D 117 -61.38 -15.80 30.14
C LYS D 117 -60.54 -17.02 29.61
N ASN D 118 -60.56 -18.17 30.37
CA ASN D 118 -59.88 -19.49 30.12
C ASN D 118 -58.50 -19.60 30.84
N SER D 119 -57.78 -20.74 30.70
CA SER D 119 -56.55 -21.06 31.46
C SER D 119 -55.12 -20.78 30.84
N GLY D 120 -54.83 -20.86 29.52
CA GLY D 120 -55.71 -21.28 28.45
C GLY D 120 -55.63 -20.55 27.13
N ILE D 121 -56.78 -20.59 26.43
CA ILE D 121 -57.05 -19.99 25.12
C ILE D 121 -57.68 -18.63 25.42
N TYR D 122 -56.87 -17.57 25.46
CA TYR D 122 -57.35 -16.21 25.80
C TYR D 122 -57.95 -15.52 24.60
N SER D 123 -59.19 -15.89 24.31
CA SER D 123 -59.98 -15.33 23.21
C SER D 123 -60.47 -14.00 23.61
N PHE D 124 -60.91 -13.88 24.87
CA PHE D 124 -61.41 -12.64 25.43
C PHE D 124 -60.49 -12.06 26.48
N TRP D 125 -60.17 -10.79 26.29
CA TRP D 125 -59.32 -9.98 27.15
C TRP D 125 -60.14 -8.79 27.65
N GLY D 126 -59.96 -8.43 28.90
CA GLY D 126 -60.54 -7.21 29.46
C GLY D 126 -59.50 -6.13 29.21
N GLN D 127 -59.91 -4.84 29.13
CA GLN D 127 -58.93 -3.76 28.90
C GLN D 127 -57.94 -3.79 30.05
N GLY D 128 -56.69 -3.51 29.75
CA GLY D 128 -55.62 -3.50 30.74
C GLY D 128 -55.84 -2.52 31.87
N THR D 129 -55.29 -2.85 33.02
CA THR D 129 -55.39 -2.04 34.23
C THR D 129 -53.97 -1.71 34.63
N LEU D 130 -53.67 -0.41 34.70
CA LEU D 130 -52.32 -0.02 35.06
C LEU D 130 -52.11 -0.03 36.55
N VAL D 131 -51.08 -0.75 36.94
CA VAL D 131 -50.65 -0.85 38.33
C VAL D 131 -49.23 -0.29 38.33
N THR D 132 -49.03 0.86 38.96
CA THR D 132 -47.70 1.48 39.02
C THR D 132 -47.17 1.42 40.45
N VAL D 133 -45.99 0.82 40.65
CA VAL D 133 -45.40 0.71 41.98
C VAL D 133 -44.22 1.65 42.09
N SER D 134 -44.30 2.63 43.02
CA SER D 134 -43.23 3.61 43.21
C SER D 134 -43.46 4.48 44.44
N SER D 135 -42.37 5.09 44.92
CA SER D 135 -42.39 6.04 46.04
C SER D 135 -42.91 7.43 45.58
N ALA D 136 -42.77 7.76 44.27
CA ALA D 136 -43.22 9.02 43.66
C ALA D 136 -44.67 9.31 43.89
N SER D 137 -45.00 10.58 43.96
CA SER D 137 -46.37 11.04 44.13
C SER D 137 -46.89 11.54 42.79
N THR D 138 -48.23 11.57 42.63
CA THR D 138 -48.84 12.03 41.38
C THR D 138 -48.48 13.50 41.12
N LYS D 139 -47.87 13.74 39.92
CA LYS D 139 -47.40 15.04 39.44
C LYS D 139 -47.73 15.23 37.97
N GLY D 140 -48.32 16.38 37.66
CA GLY D 140 -48.62 16.82 36.30
C GLY D 140 -47.34 17.26 35.61
N PRO D 141 -47.19 17.12 34.27
CA PRO D 141 -45.91 17.51 33.66
C PRO D 141 -45.75 19.01 33.45
N SER D 142 -44.51 19.39 33.23
CA SER D 142 -44.09 20.75 32.92
C SER D 142 -43.81 20.69 31.43
N VAL D 143 -44.56 21.52 30.67
CA VAL D 143 -44.43 21.53 29.22
C VAL D 143 -43.69 22.79 28.75
N PHE D 144 -42.50 22.56 28.16
CA PHE D 144 -41.59 23.59 27.69
C PHE D 144 -41.37 23.46 26.16
N PRO D 145 -41.40 24.58 25.39
CA PRO D 145 -41.27 24.49 23.94
C PRO D 145 -39.87 24.18 23.43
N LEU D 146 -39.83 23.51 22.30
CA LEU D 146 -38.63 23.15 21.59
C LEU D 146 -38.70 24.00 20.31
N ALA D 147 -38.57 25.35 20.51
CA ALA D 147 -38.68 26.41 19.50
C ALA D 147 -37.86 26.18 18.25
N PRO D 148 -38.47 26.35 17.05
CA PRO D 148 -37.69 26.15 15.81
C PRO D 148 -36.74 27.33 15.54
N SER D 149 -35.91 27.20 14.51
CA SER D 149 -34.97 28.26 14.08
C SER D 149 -35.56 29.10 12.94
N GLY D 155 -34.47 21.49 0.05
CA GLY D 155 -35.45 21.29 1.12
C GLY D 155 -35.43 22.31 2.23
N GLY D 156 -36.61 22.80 2.59
CA GLY D 156 -36.80 23.78 3.64
C GLY D 156 -37.85 23.34 4.64
N THR D 157 -37.52 22.31 5.43
CA THR D 157 -38.41 21.76 6.45
C THR D 157 -37.82 22.02 7.82
N ALA D 158 -38.61 22.64 8.71
CA ALA D 158 -38.22 22.94 10.09
C ALA D 158 -38.91 22.01 11.10
N ALA D 159 -38.15 21.54 12.09
CA ALA D 159 -38.71 20.72 13.16
C ALA D 159 -38.82 21.54 14.42
N LEU D 160 -40.00 21.56 15.02
CA LEU D 160 -40.29 22.21 16.29
C LEU D 160 -40.77 21.09 17.25
N GLY D 161 -41.26 21.42 18.44
CA GLY D 161 -41.69 20.40 19.37
C GLY D 161 -42.05 20.81 20.77
N CYS D 162 -42.41 19.81 21.60
CA CYS D 162 -42.80 20.00 22.98
C CYS D 162 -42.20 18.99 23.94
N LEU D 163 -41.59 19.51 25.02
CA LEU D 163 -40.95 18.77 26.12
C LEU D 163 -41.94 18.64 27.26
N VAL D 164 -42.31 17.39 27.54
CA VAL D 164 -43.26 16.99 28.58
C VAL D 164 -42.39 16.36 29.66
N LYS D 165 -42.04 17.16 30.67
CA LYS D 165 -41.10 16.73 31.69
C LYS D 165 -41.67 16.66 33.11
N ASP D 166 -41.10 15.72 33.91
CA ASP D 166 -41.36 15.49 35.33
C ASP D 166 -42.81 15.19 35.67
N TYR D 167 -43.31 14.06 35.18
CA TYR D 167 -44.67 13.67 35.54
C TYR D 167 -44.68 12.25 36.06
N PHE D 168 -45.71 11.93 36.83
CA PHE D 168 -45.89 10.61 37.37
C PHE D 168 -47.36 10.36 37.68
N PRO D 169 -47.90 9.17 37.32
CA PRO D 169 -47.26 8.09 36.55
C PRO D 169 -47.55 8.27 35.05
N GLU D 170 -47.43 7.17 34.31
CA GLU D 170 -47.78 7.10 32.92
C GLU D 170 -49.32 6.87 32.87
N PRO D 171 -50.01 7.18 31.76
CA PRO D 171 -49.51 7.76 30.51
C PRO D 171 -49.78 9.25 30.39
N VAL D 172 -49.12 9.87 29.41
CA VAL D 172 -49.33 11.27 29.04
C VAL D 172 -49.75 11.24 27.57
N THR D 173 -50.75 12.05 27.18
CA THR D 173 -51.16 12.10 25.76
C THR D 173 -50.84 13.45 25.15
N VAL D 174 -50.32 13.43 23.91
CA VAL D 174 -49.92 14.64 23.19
C VAL D 174 -50.57 14.70 21.81
N SER D 175 -51.21 15.84 21.52
CA SER D 175 -51.80 16.14 20.22
C SER D 175 -51.30 17.51 19.76
N TRP D 176 -51.31 17.77 18.45
CA TRP D 176 -50.89 19.05 17.91
C TRP D 176 -52.05 19.74 17.21
N ASN D 177 -52.31 21.02 17.61
CA ASN D 177 -53.37 21.90 17.12
C ASN D 177 -54.73 21.19 17.24
N SER D 178 -54.93 20.57 18.42
CA SER D 178 -56.10 19.80 18.86
C SER D 178 -56.44 18.63 17.88
N GLY D 179 -55.40 18.06 17.25
CA GLY D 179 -55.54 16.96 16.31
C GLY D 179 -55.49 17.34 14.84
N ALA D 180 -55.56 18.66 14.51
CA ALA D 180 -55.51 19.15 13.13
C ALA D 180 -54.18 18.82 12.47
N LEU D 181 -53.08 18.85 13.24
CA LEU D 181 -51.74 18.51 12.78
C LEU D 181 -51.45 17.05 13.16
N THR D 182 -51.60 16.14 12.18
CA THR D 182 -51.43 14.69 12.33
C THR D 182 -50.71 14.17 11.08
N SER D 183 -49.44 14.59 10.93
CA SER D 183 -48.53 14.27 9.84
C SER D 183 -47.14 14.82 10.21
N GLY D 184 -46.15 13.95 10.20
CA GLY D 184 -44.78 14.26 10.60
C GLY D 184 -44.63 14.38 12.10
N VAL D 185 -45.75 14.26 12.86
CA VAL D 185 -45.77 14.31 14.32
C VAL D 185 -45.17 13.00 14.84
N HIS D 186 -44.27 13.11 15.82
CA HIS D 186 -43.61 12.00 16.47
C HIS D 186 -43.57 12.25 17.97
N THR D 187 -44.38 11.48 18.72
CA THR D 187 -44.46 11.54 20.18
C THR D 187 -43.62 10.37 20.65
N PHE D 188 -42.48 10.67 21.31
CA PHE D 188 -41.57 9.61 21.72
C PHE D 188 -42.02 8.82 22.91
N PRO D 189 -41.58 7.54 23.03
CA PRO D 189 -41.87 6.77 24.25
C PRO D 189 -41.27 7.46 25.50
N ALA D 190 -42.03 7.46 26.61
CA ALA D 190 -41.56 8.05 27.85
C ALA D 190 -40.37 7.27 28.43
N VAL D 191 -39.50 7.99 29.15
CA VAL D 191 -38.32 7.39 29.78
C VAL D 191 -38.27 7.84 31.22
N LEU D 192 -37.91 6.94 32.12
CA LEU D 192 -37.80 7.26 33.53
C LEU D 192 -36.44 7.91 33.80
N GLN D 193 -36.48 9.05 34.51
CA GLN D 193 -35.31 9.82 34.93
C GLN D 193 -34.86 9.37 36.34
N SER D 194 -33.62 9.75 36.74
CA SER D 194 -33.01 9.42 38.04
C SER D 194 -33.89 9.80 39.25
N SER D 195 -34.75 10.79 39.06
CA SER D 195 -35.72 11.28 40.06
C SER D 195 -36.95 10.35 40.25
N GLY D 196 -37.12 9.38 39.34
CA GLY D 196 -38.29 8.51 39.34
C GLY D 196 -39.52 9.14 38.68
N LEU D 197 -39.33 10.28 37.96
CA LEU D 197 -40.39 10.99 37.22
C LEU D 197 -40.14 10.74 35.75
N TYR D 198 -41.20 10.65 34.95
CA TYR D 198 -41.05 10.40 33.50
C TYR D 198 -40.89 11.70 32.71
N SER D 199 -40.40 11.55 31.49
CA SER D 199 -40.21 12.67 30.59
C SER D 199 -40.23 12.18 29.17
N LEU D 200 -40.81 13.02 28.29
CA LEU D 200 -40.81 12.78 26.85
C LEU D 200 -40.88 14.06 26.06
N SER D 201 -40.58 13.95 24.77
CA SER D 201 -40.76 15.02 23.82
C SER D 201 -41.62 14.55 22.65
N SER D 202 -42.44 15.46 22.14
CA SER D 202 -43.30 15.27 20.97
C SER D 202 -42.85 16.32 19.93
N VAL D 203 -42.44 15.86 18.75
CA VAL D 203 -41.92 16.73 17.70
C VAL D 203 -42.80 16.69 16.44
N VAL D 204 -42.61 17.70 15.54
CA VAL D 204 -43.33 17.82 14.26
C VAL D 204 -42.51 18.62 13.20
N THR D 205 -42.34 18.04 11.98
CA THR D 205 -41.68 18.68 10.83
C THR D 205 -42.74 19.46 10.04
N VAL D 206 -42.48 20.76 9.83
CA VAL D 206 -43.33 21.69 9.09
C VAL D 206 -42.52 22.46 8.00
N PRO D 207 -43.16 23.06 6.93
CA PRO D 207 -42.34 23.84 5.97
C PRO D 207 -41.80 25.07 6.69
N SER D 208 -40.46 25.29 6.64
CA SER D 208 -39.81 26.41 7.33
C SER D 208 -40.40 27.79 6.98
N SER D 209 -41.00 27.91 5.76
CA SER D 209 -41.69 29.13 5.27
C SER D 209 -43.00 29.40 6.06
N SER D 210 -43.58 28.34 6.68
CA SER D 210 -44.81 28.38 7.49
C SER D 210 -44.64 29.06 8.85
N LEU D 211 -43.40 29.05 9.41
CA LEU D 211 -43.06 29.62 10.71
C LEU D 211 -43.41 31.11 10.83
N GLY D 212 -44.18 31.45 11.87
CA GLY D 212 -44.64 32.81 12.15
C GLY D 212 -46.00 33.11 11.54
N THR D 213 -46.36 32.37 10.47
CA THR D 213 -47.64 32.48 9.75
C THR D 213 -48.57 31.47 10.44
N GLN D 214 -48.33 30.16 10.20
CA GLN D 214 -49.11 29.08 10.83
C GLN D 214 -48.71 28.92 12.29
N THR D 215 -49.70 28.76 13.18
CA THR D 215 -49.45 28.56 14.61
C THR D 215 -49.34 27.06 14.97
N TYR D 216 -48.31 26.69 15.75
CA TYR D 216 -48.11 25.31 16.19
C TYR D 216 -48.15 25.18 17.71
N ILE D 217 -49.21 24.54 18.24
CA ILE D 217 -49.46 24.29 19.67
C ILE D 217 -49.53 22.79 19.98
N CYS D 218 -48.91 22.38 21.12
CA CYS D 218 -48.96 21.03 21.65
C CYS D 218 -50.00 21.04 22.77
N ASN D 219 -50.84 19.98 22.81
CA ASN D 219 -51.89 19.82 23.81
C ASN D 219 -51.50 18.60 24.62
N VAL D 220 -51.24 18.79 25.91
CA VAL D 220 -50.75 17.74 26.80
C VAL D 220 -51.75 17.43 27.90
N ASN D 221 -52.27 16.18 27.86
CA ASN D 221 -53.23 15.65 28.82
C ASN D 221 -52.56 14.57 29.67
N HIS D 222 -52.69 14.68 31.00
CA HIS D 222 -52.16 13.69 31.95
C HIS D 222 -53.26 13.36 32.94
N LYS D 223 -54.05 12.31 32.61
CA LYS D 223 -55.22 11.82 33.35
C LYS D 223 -54.97 11.58 34.88
N PRO D 224 -53.86 10.90 35.33
CA PRO D 224 -53.68 10.71 36.78
C PRO D 224 -53.64 12.00 37.60
N SER D 225 -53.16 13.10 37.01
CA SER D 225 -53.11 14.39 37.70
C SER D 225 -54.28 15.32 37.34
N ASN D 226 -55.12 14.93 36.35
CA ASN D 226 -56.24 15.73 35.86
C ASN D 226 -55.75 17.12 35.38
N THR D 227 -54.71 17.10 34.56
CA THR D 227 -54.12 18.33 34.02
C THR D 227 -54.14 18.32 32.51
N LYS D 228 -54.32 19.52 31.92
CA LYS D 228 -54.27 19.75 30.48
C LYS D 228 -53.53 21.04 30.21
N VAL D 229 -52.30 20.91 29.71
CA VAL D 229 -51.45 22.05 29.39
C VAL D 229 -51.49 22.25 27.87
N ASP D 230 -51.69 23.51 27.41
CA ASP D 230 -51.65 23.88 25.99
C ASP D 230 -50.50 24.88 25.83
N LYS D 231 -49.48 24.54 25.01
CA LYS D 231 -48.28 25.37 24.85
C LYS D 231 -47.93 25.75 23.37
N LYS D 232 -47.94 27.08 23.08
CA LYS D 232 -47.57 27.59 21.75
C LYS D 232 -46.06 27.53 21.53
N VAL D 233 -45.61 27.00 20.37
CA VAL D 233 -44.20 26.89 19.99
C VAL D 233 -43.83 27.98 18.92
N GLU D 234 -43.37 29.15 19.42
CA GLU D 234 -42.98 30.31 18.62
C GLU D 234 -41.46 30.28 18.45
N PRO D 235 -40.91 30.49 17.22
CA PRO D 235 -39.43 30.52 17.09
C PRO D 235 -38.83 31.67 17.94
N LYS D 236 -37.69 31.40 18.61
CA LYS D 236 -37.02 32.35 19.51
C LYS D 236 -36.52 33.62 18.84
N ASP E 20 -16.66 -0.73 28.60
CA ASP E 20 -15.75 -1.65 27.90
C ASP E 20 -15.01 -0.96 26.75
N ILE E 21 -13.89 -1.55 26.30
CA ILE E 21 -13.15 -1.02 25.15
C ILE E 21 -13.58 -1.76 23.89
N GLN E 22 -14.08 -1.02 22.91
CA GLN E 22 -14.57 -1.58 21.66
C GLN E 22 -13.44 -1.62 20.63
N MET E 23 -13.17 -2.82 20.09
CA MET E 23 -12.14 -3.06 19.09
C MET E 23 -12.86 -3.29 17.76
N THR E 24 -12.75 -2.30 16.85
CA THR E 24 -13.39 -2.26 15.55
C THR E 24 -12.38 -2.55 14.45
N GLN E 25 -12.66 -3.58 13.64
CA GLN E 25 -11.83 -3.99 12.49
C GLN E 25 -12.57 -3.69 11.18
N SER E 26 -11.95 -2.90 10.29
CA SER E 26 -12.54 -2.52 9.01
C SER E 26 -11.54 -2.64 7.86
N PRO E 27 -11.89 -3.32 6.74
CA PRO E 27 -13.15 -4.01 6.45
C PRO E 27 -13.19 -5.44 7.01
N ALA E 28 -14.40 -6.00 7.20
CA ALA E 28 -14.62 -7.34 7.75
C ALA E 28 -14.04 -8.49 6.89
N THR E 29 -13.76 -8.21 5.60
CA THR E 29 -13.18 -9.17 4.63
C THR E 29 -12.17 -8.47 3.69
N LEU E 30 -11.14 -9.22 3.24
CA LEU E 30 -10.12 -8.75 2.31
C LEU E 30 -9.79 -9.78 1.21
N SER E 31 -10.06 -9.39 -0.03
CA SER E 31 -9.85 -10.15 -1.26
C SER E 31 -8.44 -9.85 -1.79
N VAL E 32 -7.48 -10.79 -1.59
CA VAL E 32 -6.08 -10.60 -1.98
C VAL E 32 -5.46 -11.78 -2.74
N SER E 33 -4.74 -11.48 -3.84
CA SER E 33 -4.00 -12.45 -4.66
C SER E 33 -2.75 -12.87 -3.87
N PRO E 34 -2.23 -14.13 -3.99
CA PRO E 34 -1.02 -14.49 -3.23
C PRO E 34 0.20 -13.68 -3.67
N GLY E 35 1.08 -13.37 -2.72
CA GLY E 35 2.28 -12.57 -2.98
C GLY E 35 2.07 -11.07 -2.79
N GLU E 36 0.80 -10.64 -2.65
CA GLU E 36 0.40 -9.24 -2.42
C GLU E 36 0.86 -8.76 -1.04
N THR E 37 0.84 -7.44 -0.85
CA THR E 37 1.15 -6.80 0.44
C THR E 37 -0.18 -6.18 0.92
N VAL E 38 -0.62 -6.53 2.14
CA VAL E 38 -1.91 -6.06 2.66
C VAL E 38 -1.80 -5.56 4.12
N THR E 39 -2.55 -4.50 4.42
CA THR E 39 -2.65 -3.88 5.74
C THR E 39 -4.08 -4.09 6.29
N LEU E 40 -4.17 -4.52 7.56
CA LEU E 40 -5.41 -4.77 8.30
C LEU E 40 -5.50 -3.78 9.47
N SER E 41 -6.65 -3.11 9.64
CA SER E 41 -6.80 -2.14 10.73
C SER E 41 -7.63 -2.63 11.92
N CYS E 42 -7.30 -2.09 13.10
CA CYS E 42 -7.93 -2.35 14.39
C CYS E 42 -7.98 -1.01 15.11
N ARG E 43 -9.20 -0.49 15.33
CA ARG E 43 -9.42 0.79 15.97
C ARG E 43 -10.08 0.57 17.33
N ALA E 44 -9.49 1.17 18.36
CA ALA E 44 -9.92 1.06 19.75
C ALA E 44 -10.88 2.21 20.08
N SER E 45 -11.90 1.95 20.92
CA SER E 45 -12.86 2.99 21.30
C SER E 45 -12.14 4.10 22.08
N GLN E 46 -11.22 3.69 22.95
CA GLN E 46 -10.35 4.54 23.77
C GLN E 46 -8.92 4.05 23.64
N SER E 47 -7.97 4.80 24.20
CA SER E 47 -6.54 4.48 24.14
C SER E 47 -6.22 3.18 24.87
N VAL E 48 -5.44 2.31 24.23
CA VAL E 48 -4.98 1.04 24.80
C VAL E 48 -3.46 1.00 24.77
N ARG E 49 -2.86 2.15 24.41
CA ARG E 49 -1.42 2.41 24.30
C ARG E 49 -0.78 1.54 23.25
N THR E 50 -0.01 0.51 23.68
CA THR E 50 0.62 -0.45 22.79
C THR E 50 0.29 -1.88 23.27
N ASN E 51 -0.67 -2.03 24.21
CA ASN E 51 -1.03 -3.37 24.65
C ASN E 51 -2.05 -4.04 23.69
N VAL E 52 -1.65 -4.17 22.41
CA VAL E 52 -2.44 -4.81 21.38
C VAL E 52 -1.68 -6.03 20.83
N ALA E 53 -2.39 -7.15 20.73
CA ALA E 53 -1.85 -8.36 20.17
C ALA E 53 -2.71 -8.76 18.98
N TRP E 54 -2.08 -9.39 17.97
CA TRP E 54 -2.77 -9.90 16.78
C TRP E 54 -2.71 -11.41 16.84
N TYR E 55 -3.79 -12.05 16.35
CA TYR E 55 -3.97 -13.48 16.36
C TYR E 55 -4.54 -13.95 15.04
N ARG E 56 -4.14 -15.17 14.65
CA ARG E 56 -4.59 -15.83 13.44
C ARG E 56 -5.33 -17.12 13.83
N HIS E 57 -6.46 -17.36 13.16
CA HIS E 57 -7.23 -18.56 13.38
C HIS E 57 -7.63 -19.25 12.07
N LYS E 58 -7.40 -20.59 12.01
CA LYS E 58 -7.77 -21.47 10.89
C LYS E 58 -8.66 -22.62 11.38
N ALA E 62 -6.45 -24.83 15.96
CA ALA E 62 -6.31 -23.93 17.11
C ALA E 62 -5.63 -22.59 16.74
N PRO E 63 -6.06 -21.45 17.36
CA PRO E 63 -5.45 -20.15 17.00
C PRO E 63 -4.03 -19.94 17.53
N MET E 64 -3.29 -19.00 16.92
CA MET E 64 -1.91 -18.66 17.25
C MET E 64 -1.59 -17.16 17.23
N ILE E 65 -0.67 -16.73 18.11
CA ILE E 65 -0.24 -15.33 18.18
C ILE E 65 0.81 -15.00 17.09
N LEU E 66 0.67 -13.80 16.47
CA LEU E 66 1.55 -13.26 15.44
C LEU E 66 2.33 -12.04 15.93
N VAL E 67 1.66 -11.15 16.69
CA VAL E 67 2.18 -9.89 17.23
C VAL E 67 1.64 -9.69 18.65
N SER E 68 2.46 -9.10 19.51
CA SER E 68 2.15 -8.68 20.87
C SER E 68 2.71 -7.25 20.97
N GLY E 69 2.33 -6.50 22.01
CA GLY E 69 2.81 -5.14 22.27
C GLY E 69 2.75 -4.18 21.10
N ALA E 70 1.68 -4.31 20.28
CA ALA E 70 1.36 -3.56 19.04
C ALA E 70 2.34 -3.80 17.87
N SER E 71 3.65 -3.92 18.17
CA SER E 71 4.71 -4.04 17.14
C SER E 71 5.78 -5.10 17.40
N THR E 72 5.62 -5.95 18.44
CA THR E 72 6.58 -7.01 18.79
C THR E 72 6.09 -8.32 18.19
N ARG E 73 6.54 -8.63 16.95
CA ARG E 73 6.20 -9.88 16.23
C ARG E 73 6.53 -11.08 17.15
N ALA E 74 5.57 -12.02 17.31
CA ALA E 74 5.66 -13.19 18.19
C ALA E 74 6.88 -14.07 17.96
N SER E 75 7.39 -14.66 19.07
CA SER E 75 8.56 -15.54 19.12
C SER E 75 8.64 -16.55 17.94
N GLY E 76 7.53 -17.22 17.62
CA GLY E 76 7.47 -18.19 16.52
C GLY E 76 6.51 -17.82 15.42
N ALA E 77 6.54 -16.55 14.98
CA ALA E 77 5.70 -16.02 13.89
C ALA E 77 6.57 -15.63 12.67
N PRO E 78 6.06 -15.82 11.42
CA PRO E 78 6.86 -15.48 10.22
C PRO E 78 7.13 -13.99 10.05
N ALA E 79 8.36 -13.64 9.58
CA ALA E 79 8.92 -12.29 9.38
C ALA E 79 8.10 -11.34 8.51
N ARG E 80 7.26 -11.89 7.61
CA ARG E 80 6.41 -11.13 6.69
C ARG E 80 5.29 -10.33 7.42
N PHE E 81 4.99 -10.70 8.67
CA PHE E 81 3.97 -10.11 9.53
C PHE E 81 4.54 -8.96 10.38
N SER E 82 4.18 -7.71 10.03
CA SER E 82 4.63 -6.55 10.79
C SER E 82 3.47 -5.79 11.44
N GLY E 83 3.56 -5.62 12.75
CA GLY E 83 2.61 -4.83 13.51
C GLY E 83 3.06 -3.38 13.65
N SER E 84 2.09 -2.46 13.66
CA SER E 84 2.36 -1.02 13.80
C SER E 84 1.21 -0.29 14.52
N GLY E 85 1.55 0.83 15.16
CA GLY E 85 0.57 1.66 15.83
C GLY E 85 0.71 1.83 17.32
N TYR E 86 0.08 2.92 17.80
CA TYR E 86 0.01 3.36 19.20
C TYR E 86 -1.33 4.07 19.39
N GLY E 87 -1.84 3.93 20.61
CA GLY E 87 -3.05 4.59 21.09
C GLY E 87 -4.36 3.94 20.76
N THR E 88 -5.00 4.46 19.69
CA THR E 88 -6.34 4.08 19.25
C THR E 88 -6.39 3.50 17.82
N GLU E 89 -5.25 3.52 17.08
CA GLU E 89 -5.17 2.99 15.73
C GLU E 89 -3.98 2.06 15.58
N PHE E 90 -4.26 0.83 15.11
CA PHE E 90 -3.30 -0.28 14.96
C PHE E 90 -3.42 -0.96 13.60
N THR E 91 -2.28 -1.37 13.05
CA THR E 91 -2.25 -2.01 11.74
C THR E 91 -1.38 -3.25 11.77
N LEU E 92 -1.78 -4.25 10.98
CA LEU E 92 -1.01 -5.47 10.76
C LEU E 92 -0.77 -5.51 9.26
N THR E 93 0.50 -5.41 8.86
CA THR E 93 0.93 -5.48 7.47
C THR E 93 1.46 -6.88 7.18
N ILE E 94 0.98 -7.49 6.08
CA ILE E 94 1.36 -8.81 5.60
C ILE E 94 1.93 -8.68 4.17
N THR E 95 3.27 -8.75 4.07
CA THR E 95 4.05 -8.64 2.84
C THR E 95 4.21 -10.04 2.26
N SER E 96 3.81 -10.22 0.98
CA SER E 96 3.87 -11.51 0.26
C SER E 96 3.05 -12.61 0.95
N LEU E 97 1.79 -12.77 0.50
CA LEU E 97 0.84 -13.73 1.07
C LEU E 97 1.04 -15.17 0.61
N GLN E 98 1.45 -16.05 1.53
CA GLN E 98 1.62 -17.48 1.23
C GLN E 98 0.34 -18.28 1.53
N SER E 99 0.43 -19.63 1.43
CA SER E 99 -0.66 -20.59 1.64
C SER E 99 -1.46 -20.38 2.94
N GLU E 100 -0.87 -20.75 4.10
CA GLU E 100 -1.47 -20.69 5.45
C GLU E 100 -1.96 -19.29 5.91
N ASP E 101 -1.64 -18.24 5.14
CA ASP E 101 -2.02 -16.86 5.42
C ASP E 101 -3.51 -16.57 5.25
N PHE E 102 -4.18 -17.27 4.32
CA PHE E 102 -5.60 -17.07 4.08
C PHE E 102 -6.38 -17.64 5.25
N ALA E 103 -6.76 -16.74 6.17
CA ALA E 103 -7.41 -17.04 7.44
C ALA E 103 -8.10 -15.82 8.04
N VAL E 104 -8.54 -15.94 9.32
CA VAL E 104 -9.22 -14.88 10.06
C VAL E 104 -8.27 -14.21 11.08
N TYR E 105 -8.21 -12.88 11.04
CA TYR E 105 -7.32 -12.11 11.90
C TYR E 105 -8.06 -11.28 12.94
N TYR E 106 -7.78 -11.58 14.23
CA TYR E 106 -8.36 -10.93 15.40
C TYR E 106 -7.33 -10.13 16.19
N CYS E 107 -7.67 -8.88 16.49
CA CYS E 107 -6.85 -8.02 17.34
C CYS E 107 -7.42 -8.05 18.76
N LEU E 108 -6.55 -8.00 19.77
CA LEU E 108 -6.96 -8.03 21.18
C LEU E 108 -6.32 -6.91 21.98
N GLN E 109 -7.10 -6.32 22.90
CA GLN E 109 -6.56 -5.36 23.86
C GLN E 109 -6.42 -6.08 25.21
N TYR E 110 -5.27 -5.84 25.87
CA TYR E 110 -4.96 -6.36 27.19
C TYR E 110 -4.38 -5.25 28.09
N ASN E 111 -4.76 -3.99 27.78
CA ASN E 111 -4.41 -2.78 28.51
C ASN E 111 -5.21 -2.68 29.80
N THR E 112 -6.45 -3.21 29.80
CA THR E 112 -7.38 -3.25 30.95
C THR E 112 -8.36 -4.47 30.90
N TRP E 113 -9.31 -4.49 31.85
CA TRP E 113 -10.33 -5.52 32.02
C TRP E 113 -11.72 -4.94 31.72
N PRO E 114 -12.60 -5.68 31.01
CA PRO E 114 -12.39 -7.01 30.42
C PRO E 114 -11.45 -6.94 29.21
N ARG E 115 -10.86 -8.09 28.82
CA ARG E 115 -10.05 -8.16 27.62
C ARG E 115 -11.08 -8.14 26.51
N THR E 116 -10.80 -7.40 25.42
CA THR E 116 -11.72 -7.35 24.28
C THR E 116 -11.00 -7.54 22.94
N PHE E 117 -11.60 -8.43 22.12
CA PHE E 117 -11.17 -8.81 20.79
C PHE E 117 -11.97 -8.01 19.77
N GLY E 118 -11.42 -7.86 18.58
CA GLY E 118 -12.14 -7.26 17.46
C GLY E 118 -12.96 -8.37 16.81
N GLN E 119 -13.96 -8.01 15.98
CA GLN E 119 -14.84 -9.04 15.34
C GLN E 119 -14.12 -9.88 14.27
N GLY E 120 -13.00 -9.37 13.77
CA GLY E 120 -12.17 -10.05 12.79
C GLY E 120 -12.22 -9.50 11.39
N THR E 121 -11.19 -9.81 10.62
CA THR E 121 -11.06 -9.54 9.19
C THR E 121 -10.57 -10.84 8.59
N LYS E 122 -11.32 -11.35 7.62
CA LYS E 122 -10.96 -12.59 6.95
C LYS E 122 -10.19 -12.23 5.67
N VAL E 123 -9.00 -12.84 5.46
CA VAL E 123 -8.24 -12.63 4.22
C VAL E 123 -8.47 -13.84 3.31
N GLU E 124 -9.02 -13.57 2.13
CA GLU E 124 -9.36 -14.64 1.20
C GLU E 124 -8.75 -14.46 -0.20
N VAL E 125 -8.51 -15.59 -0.88
CA VAL E 125 -7.93 -15.70 -2.23
C VAL E 125 -8.70 -14.91 -3.31
N LYS E 126 -8.07 -13.85 -3.88
CA LYS E 126 -8.66 -13.06 -4.98
C LYS E 126 -8.63 -13.95 -6.20
N ARG E 127 -9.64 -13.81 -7.07
CA ARG E 127 -9.86 -14.64 -8.25
C ARG E 127 -10.85 -13.92 -9.21
N THR E 128 -10.96 -14.42 -10.46
CA THR E 128 -11.85 -13.91 -11.51
C THR E 128 -13.30 -14.15 -11.13
N VAL E 129 -14.19 -13.23 -11.51
CA VAL E 129 -15.62 -13.35 -11.24
C VAL E 129 -16.12 -14.63 -11.89
N ALA E 130 -16.76 -15.48 -11.09
CA ALA E 130 -17.29 -16.75 -11.51
C ALA E 130 -18.75 -16.83 -11.05
N ALA E 131 -19.69 -16.73 -12.00
CA ALA E 131 -21.12 -16.83 -11.74
C ALA E 131 -21.49 -18.27 -11.26
N PRO E 132 -22.46 -18.45 -10.33
CA PRO E 132 -22.77 -19.82 -9.87
C PRO E 132 -23.55 -20.67 -10.86
N SER E 133 -23.57 -21.97 -10.58
CA SER E 133 -24.34 -22.97 -11.31
C SER E 133 -25.44 -23.33 -10.34
N VAL E 134 -26.64 -22.84 -10.63
CA VAL E 134 -27.82 -22.96 -9.77
C VAL E 134 -28.70 -24.16 -10.11
N PHE E 135 -28.84 -25.07 -9.14
CA PHE E 135 -29.65 -26.29 -9.20
C PHE E 135 -30.72 -26.22 -8.09
N ILE E 136 -31.89 -26.84 -8.33
CA ILE E 136 -32.98 -26.89 -7.36
C ILE E 136 -33.45 -28.34 -7.18
N PHE E 137 -33.62 -28.77 -5.92
CA PHE E 137 -34.02 -30.12 -5.53
C PHE E 137 -35.35 -30.11 -4.76
N PRO E 138 -36.44 -30.70 -5.34
CA PRO E 138 -37.72 -30.76 -4.61
C PRO E 138 -37.66 -31.72 -3.43
N PRO E 139 -38.56 -31.63 -2.42
CA PRO E 139 -38.52 -32.60 -1.32
C PRO E 139 -38.84 -34.02 -1.80
N SER E 140 -38.17 -35.02 -1.21
CA SER E 140 -38.39 -36.43 -1.52
C SER E 140 -39.76 -36.92 -1.00
N ASP E 141 -40.32 -37.98 -1.62
CA ASP E 141 -41.58 -38.63 -1.23
C ASP E 141 -41.48 -39.26 0.17
N GLU E 142 -40.25 -39.72 0.53
CA GLU E 142 -39.92 -40.30 1.83
C GLU E 142 -39.95 -39.24 2.95
N GLN E 143 -39.53 -37.99 2.63
CA GLN E 143 -39.56 -36.88 3.59
C GLN E 143 -40.99 -36.40 3.79
N LEU E 144 -41.79 -36.33 2.71
CA LEU E 144 -43.20 -35.92 2.76
C LEU E 144 -44.00 -36.87 3.64
N LYS E 145 -43.68 -38.18 3.56
CA LYS E 145 -44.29 -39.27 4.33
C LYS E 145 -44.18 -39.02 5.84
N SER E 146 -43.08 -38.34 6.26
CA SER E 146 -42.80 -37.99 7.66
C SER E 146 -43.49 -36.70 8.14
N GLY E 147 -44.24 -36.02 7.26
CA GLY E 147 -45.02 -34.83 7.59
C GLY E 147 -44.34 -33.49 7.46
N THR E 148 -43.18 -33.46 6.80
CA THR E 148 -42.40 -32.25 6.57
C THR E 148 -41.87 -32.23 5.12
N ALA E 149 -41.44 -31.06 4.62
CA ALA E 149 -40.87 -30.92 3.29
C ALA E 149 -39.75 -29.88 3.28
N SER E 150 -38.63 -30.19 2.59
CA SER E 150 -37.47 -29.31 2.47
C SER E 150 -37.09 -29.10 1.01
N VAL E 151 -36.92 -27.83 0.59
CA VAL E 151 -36.53 -27.56 -0.79
C VAL E 151 -35.13 -27.00 -0.77
N VAL E 152 -34.23 -27.61 -1.55
CA VAL E 152 -32.82 -27.28 -1.57
C VAL E 152 -32.38 -26.54 -2.85
N CYS E 153 -31.85 -25.35 -2.67
CA CYS E 153 -31.29 -24.55 -3.75
C CYS E 153 -29.79 -24.52 -3.54
N LEU E 154 -29.05 -25.04 -4.53
CA LEU E 154 -27.60 -25.14 -4.55
C LEU E 154 -26.98 -24.19 -5.57
N LEU E 155 -26.16 -23.24 -5.08
CA LEU E 155 -25.36 -22.29 -5.86
C LEU E 155 -23.96 -22.94 -5.81
N ASN E 156 -23.47 -23.47 -6.94
CA ASN E 156 -22.21 -24.22 -6.93
C ASN E 156 -21.07 -23.55 -7.67
N ASN E 157 -19.87 -23.60 -7.06
CA ASN E 157 -18.59 -23.09 -7.57
C ASN E 157 -18.69 -21.67 -8.13
N PHE E 158 -18.89 -20.69 -7.23
CA PHE E 158 -18.98 -19.27 -7.58
C PHE E 158 -17.94 -18.37 -6.86
N TYR E 159 -17.73 -17.17 -7.38
CA TYR E 159 -16.85 -16.16 -6.82
C TYR E 159 -17.28 -14.77 -7.32
N PRO E 160 -17.40 -13.69 -6.49
CA PRO E 160 -17.14 -13.59 -5.04
C PRO E 160 -18.19 -14.28 -4.16
N ARG E 161 -17.97 -14.28 -2.81
CA ARG E 161 -18.87 -14.87 -1.81
C ARG E 161 -20.25 -14.22 -1.75
N GLU E 162 -20.34 -12.88 -1.96
CA GLU E 162 -21.61 -12.15 -1.94
C GLU E 162 -22.62 -12.79 -2.90
N ALA E 163 -23.67 -13.42 -2.34
CA ALA E 163 -24.74 -14.10 -3.10
C ALA E 163 -26.08 -14.01 -2.37
N LYS E 164 -27.14 -13.59 -3.08
CA LYS E 164 -28.50 -13.46 -2.54
C LYS E 164 -29.41 -14.56 -3.07
N VAL E 165 -29.96 -15.36 -2.16
CA VAL E 165 -30.90 -16.45 -2.46
C VAL E 165 -32.28 -16.00 -1.98
N GLN E 166 -33.24 -15.98 -2.92
CA GLN E 166 -34.61 -15.61 -2.60
C GLN E 166 -35.49 -16.78 -2.93
N TRP E 167 -36.40 -17.11 -2.01
CA TRP E 167 -37.32 -18.23 -2.12
C TRP E 167 -38.70 -17.71 -2.43
N LYS E 168 -39.31 -18.21 -3.51
CA LYS E 168 -40.66 -17.81 -3.89
C LYS E 168 -41.54 -19.02 -4.00
N VAL E 169 -42.69 -18.96 -3.34
CA VAL E 169 -43.69 -20.03 -3.33
C VAL E 169 -44.97 -19.44 -3.93
N ASP E 170 -45.34 -19.91 -5.16
CA ASP E 170 -46.47 -19.42 -5.96
C ASP E 170 -46.31 -17.87 -6.13
N ASN E 171 -45.06 -17.44 -6.42
CA ASN E 171 -44.63 -16.03 -6.60
C ASN E 171 -44.48 -15.22 -5.29
N ALA E 172 -44.84 -15.83 -4.14
CA ALA E 172 -44.72 -15.13 -2.86
C ALA E 172 -43.32 -15.29 -2.26
N LEU E 173 -42.66 -14.17 -1.99
CA LEU E 173 -41.33 -14.10 -1.41
C LEU E 173 -41.36 -14.62 0.03
N GLN E 174 -40.50 -15.60 0.34
CA GLN E 174 -40.43 -16.28 1.63
C GLN E 174 -39.39 -15.73 2.58
N SER E 175 -39.81 -15.53 3.83
CA SER E 175 -38.97 -15.09 4.93
C SER E 175 -39.18 -15.97 6.18
N GLY E 176 -38.13 -16.04 7.01
CA GLY E 176 -38.09 -16.74 8.28
C GLY E 176 -38.06 -18.26 8.25
N ASN E 177 -38.24 -18.89 7.07
CA ASN E 177 -38.24 -20.35 6.97
C ASN E 177 -37.13 -20.91 6.03
N SER E 178 -36.02 -20.17 5.92
CA SER E 178 -34.86 -20.63 5.14
C SER E 178 -33.54 -20.41 5.91
N GLN E 179 -32.54 -21.26 5.63
CA GLN E 179 -31.22 -21.13 6.26
C GLN E 179 -30.14 -21.37 5.23
N GLU E 180 -29.00 -20.69 5.38
CA GLU E 180 -27.90 -20.84 4.44
C GLU E 180 -26.59 -21.38 5.05
N SER E 181 -25.83 -22.08 4.20
CA SER E 181 -24.54 -22.72 4.45
C SER E 181 -23.63 -22.41 3.29
N VAL E 182 -22.41 -21.95 3.58
CA VAL E 182 -21.40 -21.62 2.58
C VAL E 182 -20.16 -22.45 2.95
N THR E 183 -19.49 -23.02 1.97
CA THR E 183 -18.27 -23.79 2.21
C THR E 183 -17.07 -22.81 2.28
N GLU E 184 -15.92 -23.28 2.79
CA GLU E 184 -14.69 -22.50 2.79
C GLU E 184 -14.18 -22.53 1.32
N GLN E 185 -13.39 -21.55 0.88
CA GLN E 185 -12.88 -21.50 -0.52
C GLN E 185 -12.30 -22.84 -0.96
N ASP E 186 -12.54 -23.24 -2.21
CA ASP E 186 -12.01 -24.53 -2.69
C ASP E 186 -10.50 -24.49 -2.81
N SER E 187 -9.84 -25.56 -2.32
CA SER E 187 -8.39 -25.74 -2.36
C SER E 187 -7.83 -25.51 -3.78
N LYS E 188 -8.56 -26.00 -4.82
CA LYS E 188 -8.18 -25.87 -6.23
C LYS E 188 -8.66 -24.56 -6.90
N ASP E 189 -9.95 -24.46 -7.26
CA ASP E 189 -10.50 -23.32 -8.02
C ASP E 189 -10.75 -22.03 -7.21
N SER E 190 -10.65 -22.07 -5.86
CA SER E 190 -10.83 -20.94 -4.92
C SER E 190 -12.24 -20.26 -5.03
N THR E 191 -13.25 -21.10 -5.30
CA THR E 191 -14.65 -20.69 -5.35
C THR E 191 -15.38 -21.17 -4.10
N TYR E 192 -16.61 -20.68 -3.93
CA TYR E 192 -17.51 -21.06 -2.84
C TYR E 192 -18.66 -21.82 -3.43
N SER E 193 -19.34 -22.57 -2.56
CA SER E 193 -20.56 -23.27 -2.87
C SER E 193 -21.55 -22.92 -1.74
N LEU E 194 -22.84 -22.81 -2.06
CA LEU E 194 -23.83 -22.42 -1.09
C LEU E 194 -25.12 -23.22 -1.24
N SER E 195 -25.64 -23.68 -0.11
CA SER E 195 -26.92 -24.39 -0.05
C SER E 195 -27.89 -23.55 0.79
N SER E 196 -29.11 -23.35 0.26
CA SER E 196 -30.21 -22.73 0.99
C SER E 196 -31.29 -23.79 1.10
N THR E 197 -31.87 -23.92 2.29
CA THR E 197 -32.90 -24.93 2.52
C THR E 197 -34.18 -24.24 3.03
N LEU E 198 -35.28 -24.42 2.30
CA LEU E 198 -36.61 -23.89 2.63
C LEU E 198 -37.40 -24.96 3.43
N THR E 199 -37.78 -24.59 4.66
CA THR E 199 -38.53 -25.45 5.60
C THR E 199 -40.03 -25.12 5.55
N LEU E 200 -40.84 -26.15 5.28
CA LEU E 200 -42.30 -26.04 5.22
C LEU E 200 -43.00 -27.26 5.77
N SER E 201 -44.14 -27.06 6.44
CA SER E 201 -44.97 -28.19 6.91
C SER E 201 -45.58 -28.87 5.67
N LYS E 202 -45.80 -30.18 5.70
CA LYS E 202 -46.36 -30.95 4.59
C LYS E 202 -47.64 -30.29 4.04
N ALA E 203 -48.56 -29.86 4.93
CA ALA E 203 -49.81 -29.19 4.56
C ALA E 203 -49.55 -27.94 3.69
N ASP E 204 -48.66 -27.05 4.16
CA ASP E 204 -48.28 -25.82 3.48
C ASP E 204 -47.65 -26.08 2.12
N TYR E 205 -46.87 -27.17 1.99
CA TYR E 205 -46.26 -27.57 0.74
C TYR E 205 -47.34 -28.06 -0.25
N GLU E 206 -48.42 -28.67 0.28
CA GLU E 206 -49.52 -29.22 -0.51
C GLU E 206 -50.48 -28.18 -1.11
N LYS E 207 -50.60 -26.98 -0.51
CA LYS E 207 -51.53 -25.97 -1.01
C LYS E 207 -50.88 -24.92 -1.96
N HIS E 208 -49.66 -25.21 -2.46
CA HIS E 208 -48.94 -24.33 -3.38
C HIS E 208 -48.28 -25.17 -4.48
N LYS E 209 -48.10 -24.59 -5.69
CA LYS E 209 -47.55 -25.32 -6.85
C LYS E 209 -46.15 -24.87 -7.26
N VAL E 210 -45.95 -23.56 -7.45
CA VAL E 210 -44.72 -22.98 -7.97
C VAL E 210 -43.63 -22.79 -6.90
N TYR E 211 -42.52 -23.53 -7.02
CA TYR E 211 -41.39 -23.40 -6.12
C TYR E 211 -40.19 -22.87 -6.87
N ALA E 212 -39.76 -21.67 -6.50
CA ALA E 212 -38.67 -21.00 -7.19
C ALA E 212 -37.59 -20.50 -6.27
N CYS E 213 -36.37 -20.51 -6.78
CA CYS E 213 -35.18 -20.00 -6.14
C CYS E 213 -34.56 -18.95 -7.08
N GLU E 214 -34.53 -17.67 -6.66
CA GLU E 214 -33.98 -16.53 -7.39
C GLU E 214 -32.60 -16.17 -6.82
N VAL E 215 -31.59 -16.12 -7.71
CA VAL E 215 -30.19 -15.86 -7.38
C VAL E 215 -29.71 -14.52 -7.96
N THR E 216 -29.01 -13.74 -7.13
CA THR E 216 -28.41 -12.46 -7.49
C THR E 216 -26.92 -12.55 -7.16
N HIS E 217 -26.06 -12.39 -8.18
CA HIS E 217 -24.59 -12.49 -8.08
C HIS E 217 -23.85 -11.58 -9.11
N GLN E 218 -22.52 -11.85 -9.33
CA GLN E 218 -21.54 -11.20 -10.24
C GLN E 218 -21.02 -9.88 -9.70
N SER E 222 -28.51 -9.97 -14.84
CA SER E 222 -29.93 -10.18 -14.57
C SER E 222 -30.19 -11.47 -13.73
N PRO E 223 -30.94 -11.38 -12.60
CA PRO E 223 -31.17 -12.57 -11.74
C PRO E 223 -31.65 -13.88 -12.39
N VAL E 224 -30.90 -14.96 -12.10
CA VAL E 224 -31.17 -16.34 -12.51
C VAL E 224 -32.20 -16.97 -11.56
N THR E 225 -33.26 -17.62 -12.12
CA THR E 225 -34.34 -18.23 -11.33
C THR E 225 -34.58 -19.70 -11.72
N LYS E 226 -34.27 -20.63 -10.80
CA LYS E 226 -34.52 -22.06 -11.01
C LYS E 226 -35.75 -22.46 -10.20
N SER E 227 -36.76 -22.94 -10.94
CA SER E 227 -38.07 -23.28 -10.40
C SER E 227 -38.52 -24.67 -10.82
N PHE E 228 -39.69 -25.09 -10.29
CA PHE E 228 -40.35 -26.36 -10.55
C PHE E 228 -41.78 -26.31 -10.02
N ASN E 229 -42.66 -27.12 -10.62
CA ASN E 229 -44.05 -27.29 -10.22
C ASN E 229 -44.10 -28.68 -9.60
N ARG E 230 -44.73 -28.82 -8.42
CA ARG E 230 -44.85 -30.06 -7.63
C ARG E 230 -44.91 -31.35 -8.48
N GLN F 20 7.56 -28.56 24.74
CA GLN F 20 7.71 -28.69 26.20
C GLN F 20 6.53 -28.08 26.94
N VAL F 21 6.06 -26.88 26.51
CA VAL F 21 4.90 -26.21 27.12
C VAL F 21 3.64 -26.91 26.66
N GLN F 22 2.99 -27.63 27.59
CA GLN F 22 1.80 -28.40 27.28
C GLN F 22 0.57 -28.00 28.08
N LEU F 23 -0.56 -27.83 27.35
CA LEU F 23 -1.87 -27.55 27.90
C LEU F 23 -2.78 -28.64 27.39
N GLN F 24 -3.04 -29.60 28.27
CA GLN F 24 -3.86 -30.75 27.94
CA GLN F 24 -3.84 -30.77 27.97
C GLN F 24 -5.26 -30.60 28.51
N HIS F 25 -6.26 -30.47 27.61
CA HIS F 25 -7.67 -30.25 27.96
C HIS F 25 -8.42 -31.49 28.53
N SER F 26 -9.55 -31.21 29.21
CA SER F 26 -10.45 -32.20 29.79
C SER F 26 -11.53 -32.48 28.76
N GLY F 27 -12.46 -33.38 29.11
CA GLY F 27 -13.62 -33.71 28.30
C GLY F 27 -14.63 -32.57 28.29
N GLY F 28 -15.32 -32.42 27.16
CA GLY F 28 -16.37 -31.42 27.00
C GLY F 28 -17.67 -31.83 27.66
N GLY F 29 -18.79 -31.56 27.00
CA GLY F 29 -20.06 -31.93 27.60
C GLY F 29 -21.29 -31.34 26.96
N LEU F 30 -22.40 -32.08 27.11
CA LEU F 30 -23.72 -31.72 26.62
C LEU F 30 -24.58 -31.43 27.86
N GLU F 31 -25.19 -30.23 27.91
CA GLU F 31 -25.97 -29.80 29.08
C GLU F 31 -27.29 -29.12 28.67
N GLN F 32 -28.20 -29.01 29.62
CA GLN F 32 -29.49 -28.35 29.44
C GLN F 32 -29.39 -26.90 29.92
N PRO F 33 -30.14 -25.93 29.37
CA PRO F 33 -30.09 -24.57 29.96
C PRO F 33 -30.32 -24.57 31.48
N GLY F 34 -29.48 -23.80 32.17
CA GLY F 34 -29.49 -23.72 33.63
C GLY F 34 -28.62 -24.79 34.25
N GLY F 35 -27.97 -25.60 33.41
CA GLY F 35 -27.09 -26.69 33.81
C GLY F 35 -25.69 -26.22 34.20
N SER F 36 -24.87 -27.18 34.65
CA SER F 36 -23.52 -26.94 35.13
C SER F 36 -22.52 -27.83 34.41
N LEU F 37 -21.28 -27.34 34.24
CA LEU F 37 -20.21 -28.10 33.60
C LEU F 37 -18.83 -27.62 34.04
N ARG F 38 -17.99 -28.54 34.52
CA ARG F 38 -16.61 -28.24 34.87
C ARG F 38 -15.68 -28.77 33.80
N ILE F 39 -14.92 -27.86 33.21
CA ILE F 39 -13.92 -28.18 32.20
C ILE F 39 -12.53 -27.79 32.74
N SER F 40 -11.46 -28.36 32.17
CA SER F 40 -10.12 -28.13 32.69
C SER F 40 -9.00 -28.31 31.69
N CYS F 41 -7.77 -28.11 32.21
CA CYS F 41 -6.49 -28.25 31.55
C CYS F 41 -5.43 -28.61 32.56
N ALA F 42 -4.68 -29.66 32.24
CA ALA F 42 -3.52 -30.12 32.98
C ALA F 42 -2.34 -29.41 32.33
N ALA F 43 -1.58 -28.64 33.12
CA ALA F 43 -0.47 -27.88 32.59
C ALA F 43 0.90 -28.45 32.99
N SER F 44 1.85 -28.35 32.02
CA SER F 44 3.26 -28.80 32.14
C SER F 44 4.20 -27.98 31.22
N GLY F 45 5.49 -27.95 31.56
CA GLY F 45 6.52 -27.26 30.79
C GLY F 45 6.68 -25.78 31.04
N PHE F 46 6.22 -25.28 32.21
CA PHE F 46 6.31 -23.89 32.65
C PHE F 46 6.07 -23.78 34.16
N THR F 47 6.30 -22.58 34.72
CA THR F 47 6.14 -22.34 36.15
C THR F 47 4.68 -21.93 36.40
N PHE F 48 3.81 -22.96 36.48
CA PHE F 48 2.36 -22.87 36.65
C PHE F 48 1.95 -22.04 37.84
N ASN F 49 2.57 -22.29 38.99
CA ASN F 49 2.25 -21.65 40.26
C ASN F 49 2.18 -20.12 40.24
N THR F 50 2.99 -19.47 39.39
CA THR F 50 3.13 -18.01 39.33
C THR F 50 2.72 -17.47 37.97
N ASN F 51 2.02 -18.30 37.20
CA ASN F 51 1.57 -17.95 35.87
C ASN F 51 0.11 -17.63 35.81
N ASP F 52 -0.22 -16.61 35.01
CA ASP F 52 -1.62 -16.25 34.77
C ASP F 52 -2.12 -17.21 33.73
N MET F 53 -3.38 -17.65 33.89
CA MET F 53 -4.02 -18.60 32.99
C MET F 53 -5.38 -18.06 32.60
N SER F 54 -5.68 -18.08 31.32
CA SER F 54 -6.95 -17.56 30.81
C SER F 54 -7.84 -18.59 30.08
N TRP F 55 -9.07 -18.17 29.77
CA TRP F 55 -10.09 -18.95 29.07
C TRP F 55 -10.67 -18.10 28.01
N VAL F 56 -10.74 -18.66 26.81
CA VAL F 56 -11.26 -17.98 25.64
C VAL F 56 -12.24 -18.94 24.96
N ARG F 57 -13.26 -18.38 24.31
CA ARG F 57 -14.22 -19.20 23.61
C ARG F 57 -14.47 -18.71 22.21
N GLN F 58 -15.06 -19.59 21.40
CA GLN F 58 -15.47 -19.32 20.03
C GLN F 58 -16.74 -20.12 19.75
N ALA F 59 -17.85 -19.39 19.65
CA ALA F 59 -19.19 -19.89 19.41
C ALA F 59 -19.32 -20.09 17.93
N PRO F 60 -20.13 -21.07 17.44
CA PRO F 60 -20.25 -21.26 15.99
C PRO F 60 -20.65 -19.98 15.27
N GLY F 61 -19.99 -19.72 14.14
CA GLY F 61 -20.23 -18.52 13.34
C GLY F 61 -19.76 -17.21 13.94
N LYS F 62 -19.21 -17.22 15.18
CA LYS F 62 -18.72 -16.01 15.85
C LYS F 62 -17.18 -15.99 16.00
N GLY F 63 -16.67 -14.86 16.50
CA GLY F 63 -15.24 -14.64 16.70
C GLY F 63 -14.72 -15.13 18.02
N LEU F 64 -13.47 -14.74 18.36
CA LEU F 64 -12.87 -15.05 19.64
C LEU F 64 -13.47 -14.12 20.74
N GLN F 65 -13.75 -14.70 21.89
CA GLN F 65 -14.30 -13.97 23.03
C GLN F 65 -13.54 -14.39 24.28
N TRP F 66 -13.05 -13.38 25.02
CA TRP F 66 -12.36 -13.64 26.27
C TRP F 66 -13.44 -13.94 27.32
N VAL F 67 -13.20 -14.95 28.14
CA VAL F 67 -14.11 -15.40 29.15
C VAL F 67 -13.59 -15.08 30.53
N SER F 68 -12.34 -15.47 30.81
CA SER F 68 -11.82 -15.39 32.15
C SER F 68 -10.27 -15.42 32.19
N THR F 69 -9.71 -15.11 33.39
CA THR F 69 -8.29 -15.09 33.76
C THR F 69 -8.13 -15.26 35.27
N ILE F 70 -7.25 -16.20 35.69
CA ILE F 70 -6.84 -16.37 37.09
C ILE F 70 -5.39 -15.88 37.15
N ILE F 71 -5.08 -15.12 38.19
CA ILE F 71 -3.77 -14.55 38.41
C ILE F 71 -2.89 -15.47 39.26
N GLY F 72 -1.68 -15.75 38.77
CA GLY F 72 -0.71 -16.62 39.43
C GLY F 72 -0.10 -16.13 40.73
N ILE F 73 0.21 -14.83 40.84
CA ILE F 73 0.87 -14.28 42.02
C ILE F 73 -0.05 -14.28 43.28
N ASP F 74 -1.39 -14.09 43.10
CA ASP F 74 -2.31 -13.96 44.24
C ASP F 74 -3.69 -14.70 44.13
N ASP F 75 -3.93 -15.47 43.06
CA ASP F 75 -5.19 -16.24 42.89
C ASP F 75 -6.41 -15.37 42.54
N THR F 76 -6.19 -14.11 42.13
CA THR F 76 -7.33 -13.24 41.80
C THR F 76 -7.88 -13.56 40.43
N THR F 77 -9.20 -13.33 40.23
CA THR F 77 -9.97 -13.67 39.02
C THR F 77 -10.61 -12.45 38.32
N HIS F 78 -10.84 -12.59 37.02
CA HIS F 78 -11.46 -11.58 36.18
C HIS F 78 -12.41 -12.30 35.23
N TYR F 79 -13.60 -11.72 34.99
CA TYR F 79 -14.60 -12.35 34.12
C TYR F 79 -15.18 -11.38 33.15
N ALA F 80 -15.70 -11.91 32.03
CA ALA F 80 -16.39 -11.12 31.02
C ALA F 80 -17.76 -10.85 31.62
N ASP F 81 -18.43 -9.73 31.22
CA ASP F 81 -19.76 -9.36 31.71
C ASP F 81 -20.77 -10.48 31.49
N SER F 82 -20.65 -11.18 30.35
CA SER F 82 -21.49 -12.30 29.89
C SER F 82 -21.58 -13.44 30.89
N VAL F 83 -20.45 -13.78 31.52
CA VAL F 83 -20.28 -14.95 32.37
C VAL F 83 -20.12 -14.65 33.87
N ARG F 84 -19.84 -13.38 34.22
CA ARG F 84 -19.65 -12.95 35.61
C ARG F 84 -20.86 -13.29 36.46
N GLY F 85 -20.58 -13.98 37.56
CA GLY F 85 -21.56 -14.49 38.51
C GLY F 85 -22.02 -15.91 38.23
N ARG F 86 -21.75 -16.42 37.02
CA ARG F 86 -22.14 -17.77 36.59
C ARG F 86 -20.93 -18.69 36.45
N PHE F 87 -19.80 -18.15 35.93
CA PHE F 87 -18.56 -18.91 35.70
C PHE F 87 -17.52 -18.63 36.77
N THR F 88 -16.74 -19.66 37.13
CA THR F 88 -15.66 -19.56 38.09
C THR F 88 -14.39 -20.20 37.56
N VAL F 89 -13.32 -19.40 37.51
CA VAL F 89 -11.99 -19.86 37.14
C VAL F 89 -11.30 -20.15 38.47
N SER F 90 -10.64 -21.30 38.56
CA SER F 90 -9.93 -21.76 39.75
C SER F 90 -8.78 -22.65 39.32
N ARG F 91 -7.89 -22.98 40.24
CA ARG F 91 -6.74 -23.82 39.91
C ARG F 91 -6.30 -24.70 41.09
N ASP F 92 -5.51 -25.74 40.79
CA ASP F 92 -4.91 -26.60 41.80
C ASP F 92 -3.43 -26.59 41.47
N THR F 93 -2.62 -25.81 42.23
CA THR F 93 -1.18 -25.71 41.96
C THR F 93 -0.45 -27.05 42.17
N SER F 94 -0.99 -27.91 43.08
CA SER F 94 -0.48 -29.25 43.37
C SER F 94 -0.65 -30.16 42.17
N LYS F 95 -1.88 -30.23 41.60
CA LYS F 95 -2.16 -31.04 40.42
C LYS F 95 -1.80 -30.34 39.11
N ASN F 96 -1.38 -29.04 39.17
CA ASN F 96 -1.05 -28.17 38.01
C ASN F 96 -2.26 -28.09 37.04
N MET F 97 -3.46 -27.90 37.61
CA MET F 97 -4.71 -27.88 36.85
C MET F 97 -5.42 -26.54 36.91
N VAL F 98 -5.81 -26.02 35.73
CA VAL F 98 -6.64 -24.83 35.60
C VAL F 98 -8.08 -25.28 35.26
N TYR F 99 -9.05 -24.96 36.14
CA TYR F 99 -10.47 -25.33 35.97
C TYR F 99 -11.37 -24.15 35.60
N LEU F 100 -12.53 -24.45 34.95
CA LEU F 100 -13.59 -23.49 34.61
C LEU F 100 -14.92 -24.14 34.88
N GLN F 101 -15.52 -23.81 36.05
CA GLN F 101 -16.83 -24.26 36.49
C GLN F 101 -17.83 -23.34 35.86
N MET F 102 -18.65 -23.88 34.98
CA MET F 102 -19.68 -23.12 34.24
C MET F 102 -21.02 -23.47 34.81
N ASN F 103 -21.64 -22.53 35.52
CA ASN F 103 -22.96 -22.72 36.12
C ASN F 103 -23.99 -21.86 35.38
N SER F 104 -25.29 -22.12 35.63
CA SER F 104 -26.43 -21.44 35.00
C SER F 104 -26.19 -21.25 33.50
N LEU F 105 -25.90 -22.38 32.82
CA LEU F 105 -25.55 -22.40 31.40
C LEU F 105 -26.68 -21.89 30.56
N ARG F 106 -26.32 -21.06 29.61
CA ARG F 106 -27.24 -20.40 28.72
C ARG F 106 -26.91 -20.97 27.36
N VAL F 107 -27.88 -20.92 26.43
CA VAL F 107 -27.79 -21.40 25.06
C VAL F 107 -26.60 -20.77 24.34
N GLU F 108 -26.42 -19.42 24.50
CA GLU F 108 -25.33 -18.63 23.91
C GLU F 108 -23.92 -19.01 24.48
N ASP F 109 -23.84 -19.82 25.56
CA ASP F 109 -22.55 -20.27 26.06
C ASP F 109 -22.02 -21.46 25.19
N THR F 110 -22.85 -22.00 24.24
CA THR F 110 -22.48 -23.10 23.32
C THR F 110 -21.30 -22.60 22.47
N ALA F 111 -20.12 -23.16 22.74
CA ALA F 111 -18.89 -22.71 22.08
C ALA F 111 -17.74 -23.71 22.25
N LEU F 112 -16.63 -23.47 21.53
CA LEU F 112 -15.40 -24.22 21.75
C LEU F 112 -14.65 -23.41 22.79
N TYR F 113 -14.28 -24.04 23.89
CA TYR F 113 -13.53 -23.42 24.98
C TYR F 113 -12.06 -23.79 25.02
N TYR F 114 -11.20 -22.76 24.94
CA TYR F 114 -9.75 -22.91 24.97
C TYR F 114 -9.07 -22.37 26.25
N CYS F 115 -8.38 -23.25 26.99
CA CYS F 115 -7.53 -22.82 28.11
C CYS F 115 -6.28 -22.27 27.44
N VAL F 116 -5.75 -21.19 28.00
CA VAL F 116 -4.66 -20.49 27.37
C VAL F 116 -3.72 -19.93 28.44
N LYS F 117 -2.41 -19.92 28.16
CA LYS F 117 -1.38 -19.44 29.09
C LYS F 117 -1.23 -17.92 28.98
N ASN F 118 -1.08 -17.24 30.14
CA ASN F 118 -0.93 -15.80 30.38
C ASN F 118 -2.27 -15.07 30.42
N SER F 119 -2.23 -13.76 30.77
CA SER F 119 -3.42 -12.92 30.88
C SER F 119 -3.81 -12.19 29.61
N GLY F 120 -2.84 -11.86 28.75
CA GLY F 120 -3.07 -11.14 27.50
C GLY F 120 -2.31 -11.65 26.29
N ILE F 121 -1.07 -12.11 26.49
CA ILE F 121 -0.25 -12.61 25.38
C ILE F 121 -0.44 -14.12 25.36
N TYR F 122 -1.25 -14.59 24.39
CA TYR F 122 -1.61 -16.00 24.29
C TYR F 122 -0.80 -16.69 23.20
N SER F 123 0.30 -17.33 23.61
CA SER F 123 1.17 -18.04 22.68
C SER F 123 0.81 -19.50 22.63
N PHE F 124 0.63 -20.11 23.83
CA PHE F 124 0.24 -21.51 24.03
C PHE F 124 -1.25 -21.65 24.30
N TRP F 125 -1.92 -22.32 23.37
CA TRP F 125 -3.34 -22.61 23.42
C TRP F 125 -3.55 -24.08 23.65
N GLY F 126 -4.48 -24.38 24.54
CA GLY F 126 -4.92 -25.75 24.78
C GLY F 126 -5.92 -26.07 23.69
N GLN F 127 -6.19 -27.36 23.44
CA GLN F 127 -7.16 -27.69 22.40
C GLN F 127 -8.61 -27.39 22.81
N GLY F 128 -9.45 -27.11 21.82
CA GLY F 128 -10.87 -26.81 22.02
C GLY F 128 -11.64 -27.89 22.77
N THR F 129 -12.36 -27.46 23.82
CA THR F 129 -13.24 -28.31 24.64
C THR F 129 -14.66 -27.87 24.27
N LEU F 130 -15.38 -28.73 23.56
CA LEU F 130 -16.73 -28.43 23.09
C LEU F 130 -17.75 -28.50 24.20
N VAL F 131 -18.53 -27.42 24.32
CA VAL F 131 -19.59 -27.29 25.30
C VAL F 131 -20.88 -26.94 24.56
N THR F 132 -21.86 -27.86 24.60
CA THR F 132 -23.15 -27.65 23.93
C THR F 132 -24.25 -27.52 24.96
N VAL F 133 -25.00 -26.41 24.93
CA VAL F 133 -26.08 -26.13 25.89
C VAL F 133 -27.36 -26.05 25.10
N SER F 134 -28.22 -27.05 25.29
CA SER F 134 -29.50 -27.15 24.58
C SER F 134 -30.49 -27.97 25.38
N SER F 135 -31.78 -27.73 25.16
CA SER F 135 -32.87 -28.48 25.76
C SER F 135 -33.16 -29.71 24.90
N ALA F 136 -32.57 -29.78 23.69
CA ALA F 136 -32.77 -30.91 22.77
C ALA F 136 -32.24 -32.23 23.29
N SER F 137 -32.93 -33.31 22.89
CA SER F 137 -32.59 -34.68 23.24
C SER F 137 -31.75 -35.20 22.08
N THR F 138 -30.84 -36.14 22.37
CA THR F 138 -30.01 -36.80 21.35
C THR F 138 -30.98 -37.48 20.33
N LYS F 139 -30.76 -37.24 19.04
CA LYS F 139 -31.56 -37.74 17.93
C LYS F 139 -30.69 -37.96 16.69
N GLY F 140 -30.83 -39.14 16.09
CA GLY F 140 -30.11 -39.47 14.87
C GLY F 140 -30.69 -38.79 13.64
N PRO F 141 -29.91 -38.55 12.57
CA PRO F 141 -30.49 -37.90 11.39
C PRO F 141 -31.42 -38.78 10.57
N SER F 142 -32.17 -38.12 9.69
CA SER F 142 -33.06 -38.67 8.67
C SER F 142 -32.32 -38.29 7.42
N VAL F 143 -32.02 -39.27 6.57
CA VAL F 143 -31.25 -38.97 5.38
C VAL F 143 -32.16 -39.13 4.18
N PHE F 144 -32.43 -38.00 3.50
CA PHE F 144 -33.28 -37.92 2.33
C PHE F 144 -32.44 -37.69 1.09
N PRO F 145 -32.78 -38.29 -0.08
CA PRO F 145 -31.97 -38.06 -1.28
C PRO F 145 -32.21 -36.69 -1.94
N LEU F 146 -31.23 -36.25 -2.71
CA LEU F 146 -31.31 -35.04 -3.51
C LEU F 146 -31.03 -35.51 -4.95
N ALA F 147 -32.10 -35.89 -5.69
CA ALA F 147 -31.97 -36.40 -7.06
C ALA F 147 -31.78 -35.29 -8.07
N THR F 157 -22.06 -33.28 -16.43
CA THR F 157 -22.11 -32.12 -15.55
C THR F 157 -23.43 -32.05 -14.72
N ALA F 158 -23.69 -33.11 -13.95
CA ALA F 158 -24.90 -33.24 -13.11
C ALA F 158 -24.60 -33.19 -11.60
N ALA F 159 -25.60 -32.76 -10.79
CA ALA F 159 -25.45 -32.67 -9.34
C ALA F 159 -26.49 -33.44 -8.56
N LEU F 160 -26.03 -34.24 -7.59
CA LEU F 160 -26.87 -35.02 -6.67
C LEU F 160 -26.30 -34.91 -5.26
N GLY F 161 -27.11 -35.23 -4.25
CA GLY F 161 -26.64 -35.17 -2.88
C GLY F 161 -27.49 -35.89 -1.86
N CYS F 162 -27.20 -35.60 -0.60
CA CYS F 162 -27.95 -36.14 0.54
C CYS F 162 -28.26 -35.02 1.54
N LEU F 163 -29.48 -35.05 2.09
CA LEU F 163 -29.96 -34.10 3.08
C LEU F 163 -30.05 -34.82 4.44
N VAL F 164 -29.15 -34.43 5.36
CA VAL F 164 -28.96 -34.99 6.70
C VAL F 164 -29.71 -34.08 7.69
N LYS F 165 -31.00 -34.39 7.88
CA LYS F 165 -31.95 -33.57 8.61
C LYS F 165 -32.31 -34.06 10.02
N ASP F 166 -32.39 -33.11 10.96
CA ASP F 166 -32.83 -33.26 12.35
C ASP F 166 -31.99 -34.20 13.22
N TYR F 167 -30.73 -33.86 13.41
CA TYR F 167 -29.87 -34.63 14.31
C TYR F 167 -29.41 -33.77 15.47
N PHE F 168 -29.06 -34.41 16.57
CA PHE F 168 -28.56 -33.72 17.75
C PHE F 168 -27.84 -34.69 18.65
N PRO F 169 -26.70 -34.29 19.23
CA PRO F 169 -25.93 -33.08 18.93
C PRO F 169 -25.08 -33.27 17.66
N GLU F 170 -24.18 -32.31 17.40
CA GLU F 170 -23.18 -32.44 16.35
C GLU F 170 -22.11 -33.44 16.91
N PRO F 171 -21.30 -34.09 16.06
CA PRO F 171 -21.22 -33.98 14.60
C PRO F 171 -21.78 -35.21 13.88
N VAL F 172 -21.90 -35.12 12.54
CA VAL F 172 -22.25 -36.25 11.69
C VAL F 172 -21.05 -36.54 10.75
N THR F 173 -20.95 -37.80 10.33
CA THR F 173 -19.96 -38.27 9.36
C THR F 173 -20.69 -38.40 8.03
N VAL F 174 -20.12 -37.84 6.95
CA VAL F 174 -20.64 -37.93 5.58
C VAL F 174 -19.51 -38.30 4.62
N SER F 175 -19.69 -39.44 3.95
CA SER F 175 -18.75 -39.91 2.94
C SER F 175 -19.55 -40.44 1.77
N TRP F 176 -19.06 -40.22 0.56
CA TRP F 176 -19.73 -40.75 -0.61
C TRP F 176 -19.00 -42.02 -1.04
N ASN F 177 -19.77 -43.10 -1.27
CA ASN F 177 -19.33 -44.44 -1.71
C ASN F 177 -18.13 -44.95 -0.87
N SER F 178 -18.39 -45.17 0.44
CA SER F 178 -17.46 -45.65 1.47
C SER F 178 -16.08 -44.98 1.46
N GLY F 179 -16.00 -43.76 0.93
CA GLY F 179 -14.75 -43.00 0.84
C GLY F 179 -14.15 -42.85 -0.56
N ALA F 180 -14.51 -43.77 -1.51
CA ALA F 180 -14.05 -43.79 -2.92
C ALA F 180 -14.39 -42.51 -3.68
N LEU F 181 -15.59 -41.95 -3.45
CA LEU F 181 -15.96 -40.71 -4.11
C LEU F 181 -15.54 -39.53 -3.24
N THR F 182 -14.50 -38.84 -3.71
CA THR F 182 -13.87 -37.70 -3.03
C THR F 182 -13.85 -36.44 -3.91
N SER F 183 -13.82 -36.61 -5.25
CA SER F 183 -13.79 -35.50 -6.19
C SER F 183 -15.15 -34.77 -6.28
N GLY F 184 -15.06 -33.44 -6.31
CA GLY F 184 -16.22 -32.54 -6.45
C GLY F 184 -17.21 -32.49 -5.32
N VAL F 185 -17.04 -33.36 -4.29
CA VAL F 185 -17.87 -33.51 -3.09
C VAL F 185 -17.83 -32.21 -2.30
N HIS F 186 -19.02 -31.73 -1.90
CA HIS F 186 -19.19 -30.53 -1.11
C HIS F 186 -20.13 -30.82 0.05
N THR F 187 -19.56 -31.17 1.24
CA THR F 187 -20.32 -31.40 2.48
C THR F 187 -20.44 -30.01 3.15
N PHE F 188 -21.67 -29.47 3.19
CA PHE F 188 -21.90 -28.14 3.76
C PHE F 188 -21.85 -28.11 5.29
N PRO F 189 -21.40 -26.97 5.90
CA PRO F 189 -21.38 -26.91 7.37
C PRO F 189 -22.78 -27.11 7.96
N ALA F 190 -22.88 -27.80 9.11
CA ALA F 190 -24.14 -28.04 9.80
C ALA F 190 -24.78 -26.71 10.13
N VAL F 191 -26.12 -26.67 10.18
CA VAL F 191 -26.85 -25.46 10.49
C VAL F 191 -27.80 -25.77 11.65
N LEU F 192 -27.77 -24.92 12.69
CA LEU F 192 -28.62 -25.11 13.84
C LEU F 192 -29.99 -24.54 13.52
N GLN F 193 -30.98 -25.43 13.35
CA GLN F 193 -32.34 -25.03 12.98
C GLN F 193 -33.11 -24.43 14.16
N SER F 194 -34.18 -23.66 13.86
CA SER F 194 -35.12 -23.07 14.85
C SER F 194 -35.64 -24.11 15.84
N SER F 195 -35.77 -25.38 15.41
CA SER F 195 -36.21 -26.55 16.20
C SER F 195 -35.19 -26.94 17.29
N GLY F 196 -33.97 -26.43 17.17
CA GLY F 196 -32.87 -26.75 18.07
C GLY F 196 -32.21 -28.06 17.68
N LEU F 197 -32.42 -28.44 16.41
CA LEU F 197 -31.89 -29.65 15.77
C LEU F 197 -31.06 -29.23 14.58
N TYR F 198 -30.06 -30.04 14.24
CA TYR F 198 -29.13 -29.69 13.18
C TYR F 198 -29.49 -30.28 11.83
N SER F 199 -29.01 -29.65 10.77
CA SER F 199 -29.25 -30.13 9.42
C SER F 199 -28.09 -29.73 8.52
N LEU F 200 -27.75 -30.59 7.53
CA LEU F 200 -26.74 -30.32 6.50
C LEU F 200 -27.02 -31.11 5.25
N SER F 201 -26.38 -30.68 4.19
CA SER F 201 -26.46 -31.29 2.88
C SER F 201 -25.06 -31.57 2.36
N SER F 202 -24.96 -32.60 1.54
CA SER F 202 -23.69 -32.96 0.93
C SER F 202 -23.95 -33.27 -0.51
N VAL F 203 -23.44 -32.42 -1.39
CA VAL F 203 -23.65 -32.54 -2.83
C VAL F 203 -22.39 -33.05 -3.54
N VAL F 204 -22.55 -33.54 -4.78
CA VAL F 204 -21.45 -34.05 -5.58
C VAL F 204 -21.71 -33.85 -7.09
N THR F 205 -20.74 -33.22 -7.78
CA THR F 205 -20.75 -32.98 -9.22
C THR F 205 -20.24 -34.25 -9.92
N VAL F 206 -21.16 -34.91 -10.67
CA VAL F 206 -20.93 -36.18 -11.38
C VAL F 206 -21.34 -36.14 -12.86
N PRO F 207 -20.72 -36.97 -13.74
CA PRO F 207 -21.13 -36.97 -15.16
C PRO F 207 -22.42 -37.76 -15.39
N THR F 215 -23.40 -46.19 -9.41
CA THR F 215 -24.29 -46.06 -8.25
C THR F 215 -23.66 -45.16 -7.17
N TYR F 216 -24.44 -44.16 -6.65
CA TYR F 216 -24.01 -43.17 -5.65
C TYR F 216 -24.69 -43.31 -4.30
N ILE F 217 -23.88 -43.44 -3.21
CA ILE F 217 -24.33 -43.65 -1.83
C ILE F 217 -23.68 -42.68 -0.84
N CYS F 218 -24.51 -42.03 0.00
CA CYS F 218 -24.05 -41.19 1.10
C CYS F 218 -23.98 -42.07 2.36
N ASN F 219 -22.83 -42.08 3.01
CA ASN F 219 -22.63 -42.87 4.22
C ASN F 219 -22.64 -41.89 5.38
N VAL F 220 -23.72 -41.92 6.15
CA VAL F 220 -23.93 -40.97 7.24
C VAL F 220 -23.86 -41.67 8.59
N ASN F 221 -22.93 -41.21 9.46
CA ASN F 221 -22.76 -41.76 10.80
C ASN F 221 -23.00 -40.68 11.87
N HIS F 222 -23.69 -41.05 12.96
CA HIS F 222 -23.98 -40.18 14.09
C HIS F 222 -23.72 -40.98 15.38
N LYS F 223 -22.50 -40.82 15.91
CA LYS F 223 -22.01 -41.50 17.12
C LYS F 223 -22.86 -41.16 18.34
N PRO F 224 -23.30 -39.88 18.56
CA PRO F 224 -24.14 -39.59 19.73
C PRO F 224 -25.39 -40.48 19.89
N SER F 225 -26.07 -40.80 18.77
CA SER F 225 -27.27 -41.63 18.77
C SER F 225 -26.95 -43.10 18.48
N ASN F 226 -25.71 -43.39 17.99
CA ASN F 226 -25.21 -44.69 17.57
C ASN F 226 -26.02 -45.15 16.35
N THR F 227 -26.11 -44.25 15.38
CA THR F 227 -26.82 -44.53 14.14
C THR F 227 -25.88 -44.31 12.96
N LYS F 228 -26.09 -45.11 11.92
CA LYS F 228 -25.41 -45.04 10.65
C LYS F 228 -26.43 -45.36 9.57
N VAL F 229 -26.44 -44.54 8.53
CA VAL F 229 -27.38 -44.64 7.42
C VAL F 229 -26.60 -44.58 6.12
N ASP F 230 -27.04 -45.39 5.13
CA ASP F 230 -26.49 -45.46 3.78
C ASP F 230 -27.67 -45.25 2.84
N LYS F 231 -27.66 -44.14 2.10
CA LYS F 231 -28.76 -43.86 1.20
C LYS F 231 -28.33 -43.81 -0.26
N LYS F 232 -28.97 -44.66 -1.10
CA LYS F 232 -28.73 -44.71 -2.54
C LYS F 232 -29.47 -43.55 -3.16
N VAL F 233 -28.74 -42.71 -3.92
CA VAL F 233 -29.29 -41.53 -4.60
C VAL F 233 -29.45 -41.84 -6.08
N GLU F 234 -30.71 -41.82 -6.56
CA GLU F 234 -31.11 -42.13 -7.94
C GLU F 234 -32.39 -41.33 -8.36
N PRO F 235 -32.72 -41.22 -9.68
CA PRO F 235 -33.94 -40.48 -10.06
C PRO F 235 -35.19 -41.35 -10.04
N ASP G 20 11.68 8.34 -34.67
CA ASP G 20 11.47 7.22 -33.74
C ASP G 20 11.16 7.70 -32.34
N ILE G 21 10.59 6.80 -31.51
CA ILE G 21 10.42 7.07 -30.09
C ILE G 21 11.79 6.86 -29.48
N GLN G 22 12.35 7.87 -28.86
CA GLN G 22 13.62 7.67 -28.14
C GLN G 22 13.35 7.29 -26.69
N MET G 23 14.03 6.24 -26.20
CA MET G 23 13.95 5.72 -24.84
C MET G 23 15.24 6.08 -24.15
N THR G 24 15.17 6.92 -23.13
CA THR G 24 16.35 7.40 -22.43
C THR G 24 16.49 6.73 -21.07
N GLN G 25 17.55 5.97 -20.89
CA GLN G 25 17.90 5.35 -19.61
C GLN G 25 19.04 6.18 -19.01
N SER G 26 18.76 6.82 -17.88
CA SER G 26 19.76 7.66 -17.24
C SER G 26 19.60 7.57 -15.74
N PRO G 27 20.71 7.35 -14.98
CA PRO G 27 22.10 7.29 -15.45
C PRO G 27 22.43 6.01 -16.17
N ALA G 28 23.47 6.07 -16.98
CA ALA G 28 23.99 4.93 -17.71
C ALA G 28 24.65 3.93 -16.76
N THR G 29 25.14 4.40 -15.59
CA THR G 29 25.84 3.61 -14.57
C THR G 29 25.38 3.95 -13.14
N LEU G 30 25.26 2.92 -12.30
CA LEU G 30 24.93 3.05 -10.88
C LEU G 30 25.82 2.08 -10.07
N SER G 31 26.66 2.63 -9.19
CA SER G 31 27.57 1.89 -8.34
C SER G 31 26.93 1.72 -6.95
N VAL G 32 26.43 0.50 -6.65
CA VAL G 32 25.67 0.18 -5.43
C VAL G 32 26.18 -1.05 -4.68
N SER G 33 25.91 -1.08 -3.38
CA SER G 33 26.35 -2.16 -2.53
C SER G 33 25.27 -3.25 -2.38
N PRO G 34 25.66 -4.55 -2.25
CA PRO G 34 24.63 -5.60 -2.07
C PRO G 34 23.76 -5.31 -0.84
N GLY G 35 22.46 -5.48 -0.98
CA GLY G 35 21.51 -5.19 0.08
C GLY G 35 20.75 -3.89 -0.11
N GLU G 36 21.30 -2.97 -0.92
CA GLU G 36 20.60 -1.71 -1.18
C GLU G 36 19.39 -1.95 -2.07
N THR G 37 18.45 -0.97 -2.08
CA THR G 37 17.35 -0.92 -3.03
C THR G 37 17.77 0.10 -4.11
N VAL G 38 17.65 -0.30 -5.38
CA VAL G 38 18.03 0.54 -6.51
C VAL G 38 16.84 0.75 -7.45
N THR G 39 16.65 2.02 -7.89
CA THR G 39 15.60 2.41 -8.83
C THR G 39 16.23 2.88 -10.12
N LEU G 40 15.83 2.25 -11.22
CA LEU G 40 16.30 2.53 -12.57
C LEU G 40 15.22 3.30 -13.35
N SER G 41 15.63 4.34 -14.08
CA SER G 41 14.70 5.17 -14.87
C SER G 41 14.79 4.98 -16.37
N CYS G 42 13.64 4.92 -17.03
CA CYS G 42 13.54 4.80 -18.47
C CYS G 42 12.50 5.84 -18.91
N ARG G 43 12.93 6.84 -19.70
CA ARG G 43 12.05 7.92 -20.15
C ARG G 43 11.71 7.80 -21.62
N ALA G 44 10.44 7.91 -22.00
CA ALA G 44 10.02 7.88 -23.43
C ALA G 44 9.86 9.30 -24.01
N SER G 45 10.32 9.53 -25.27
CA SER G 45 10.22 10.84 -25.94
C SER G 45 8.76 11.30 -26.17
N GLN G 46 7.84 10.32 -26.32
CA GLN G 46 6.39 10.53 -26.40
C GLN G 46 5.74 9.38 -25.65
N SER G 47 4.45 9.52 -25.27
CA SER G 47 3.68 8.47 -24.58
C SER G 47 3.78 7.09 -25.28
N VAL G 48 4.03 6.04 -24.48
CA VAL G 48 4.09 4.63 -24.93
C VAL G 48 3.11 3.79 -24.09
N ARG G 49 2.16 4.50 -23.42
CA ARG G 49 1.13 3.94 -22.57
C ARG G 49 1.81 3.03 -21.56
N THR G 50 1.41 1.76 -21.49
CA THR G 50 1.99 0.77 -20.58
C THR G 50 2.84 -0.23 -21.41
N ASN G 51 3.04 0.03 -22.70
CA ASN G 51 3.76 -0.86 -23.60
C ASN G 51 5.27 -0.71 -23.47
N VAL G 52 5.79 -1.10 -22.31
CA VAL G 52 7.18 -1.03 -21.89
C VAL G 52 7.56 -2.37 -21.25
N ALA G 53 8.68 -2.95 -21.70
CA ALA G 53 9.24 -4.18 -21.14
C ALA G 53 10.69 -3.92 -20.67
N TRP G 54 11.14 -4.63 -19.62
CA TRP G 54 12.49 -4.50 -19.05
C TRP G 54 13.22 -5.83 -19.22
N TYR G 55 14.49 -5.73 -19.60
CA TYR G 55 15.38 -6.82 -19.90
C TYR G 55 16.66 -6.74 -19.11
N ARG G 56 17.10 -7.92 -18.67
CA ARG G 56 18.36 -8.11 -17.97
C ARG G 56 19.33 -8.82 -18.93
N HIS G 57 20.57 -8.34 -18.97
CA HIS G 57 21.60 -8.99 -19.76
C HIS G 57 22.92 -9.01 -19.01
N LYS G 58 23.44 -10.22 -18.84
CA LYS G 58 24.76 -10.46 -18.26
C LYS G 58 25.57 -11.06 -19.40
N ALA G 59 26.80 -10.60 -19.59
CA ALA G 59 27.67 -11.04 -20.69
C ALA G 59 27.81 -12.57 -20.80
N GLY G 60 27.69 -13.07 -22.03
CA GLY G 60 27.76 -14.50 -22.31
C GLY G 60 26.43 -15.22 -22.21
N GLN G 61 25.41 -14.55 -21.64
CA GLN G 61 24.06 -15.11 -21.48
C GLN G 61 23.10 -14.48 -22.47
N ALA G 62 22.01 -15.19 -22.80
CA ALA G 62 20.98 -14.57 -23.63
C ALA G 62 20.24 -13.53 -22.76
N PRO G 63 19.73 -12.42 -23.31
CA PRO G 63 18.99 -11.47 -22.46
C PRO G 63 17.69 -12.11 -21.98
N MET G 64 17.20 -11.68 -20.83
CA MET G 64 15.95 -12.22 -20.32
C MET G 64 15.03 -11.11 -19.88
N ILE G 65 13.71 -11.32 -20.02
CA ILE G 65 12.65 -10.39 -19.62
C ILE G 65 12.42 -10.40 -18.10
N LEU G 66 12.25 -9.21 -17.52
CA LEU G 66 11.96 -9.08 -16.09
C LEU G 66 10.52 -8.60 -15.86
N VAL G 67 10.07 -7.63 -16.71
CA VAL G 67 8.78 -6.90 -16.66
C VAL G 67 8.25 -6.70 -18.08
N SER G 68 6.92 -6.61 -18.20
CA SER G 68 6.17 -6.34 -19.42
C SER G 68 4.93 -5.59 -19.02
N GLY G 69 4.37 -4.80 -19.93
CA GLY G 69 3.22 -3.93 -19.65
C GLY G 69 3.47 -2.95 -18.51
N ALA G 70 4.70 -2.41 -18.43
CA ALA G 70 5.21 -1.43 -17.45
C ALA G 70 5.28 -1.93 -15.99
N SER G 71 4.36 -2.81 -15.51
CA SER G 71 4.37 -3.26 -14.11
C SER G 71 4.15 -4.75 -13.89
N THR G 72 3.90 -5.55 -14.95
CA THR G 72 3.71 -7.00 -14.83
C THR G 72 5.06 -7.74 -14.79
N ARG G 73 5.40 -8.35 -13.66
CA ARG G 73 6.63 -9.11 -13.48
C ARG G 73 6.50 -10.43 -14.21
N ALA G 74 7.55 -10.80 -14.95
CA ALA G 74 7.60 -12.05 -15.70
C ALA G 74 7.96 -13.23 -14.75
N SER G 75 7.58 -14.46 -15.13
CA SER G 75 7.81 -15.69 -14.36
C SER G 75 9.30 -15.94 -14.03
N GLY G 76 10.17 -15.50 -14.91
CA GLY G 76 11.61 -15.65 -14.75
C GLY G 76 12.27 -14.65 -13.82
N ALA G 77 11.52 -13.63 -13.33
CA ALA G 77 12.10 -12.64 -12.44
C ALA G 77 11.73 -12.88 -10.99
N PRO G 78 12.72 -12.78 -10.06
CA PRO G 78 12.41 -12.95 -8.63
C PRO G 78 11.54 -11.80 -8.16
N ALA G 79 10.84 -11.98 -7.02
CA ALA G 79 9.90 -11.02 -6.43
C ALA G 79 10.50 -9.68 -6.02
N ARG G 80 11.84 -9.58 -5.97
CA ARG G 80 12.55 -8.35 -5.57
C ARG G 80 12.53 -7.27 -6.68
N PHE G 81 12.05 -7.62 -7.91
CA PHE G 81 11.95 -6.74 -9.06
C PHE G 81 10.50 -6.30 -9.23
N SER G 82 10.30 -5.01 -9.48
CA SER G 82 8.99 -4.41 -9.73
C SER G 82 9.18 -3.26 -10.71
N GLY G 83 8.25 -3.15 -11.64
CA GLY G 83 8.21 -2.09 -12.63
C GLY G 83 7.06 -1.17 -12.33
N SER G 84 7.18 0.11 -12.73
CA SER G 84 6.14 1.11 -12.54
C SER G 84 6.24 2.13 -13.64
N GLY G 85 5.12 2.74 -13.97
CA GLY G 85 5.03 3.83 -14.93
C GLY G 85 3.93 3.72 -15.96
N TYR G 86 3.61 4.87 -16.56
CA TYR G 86 2.63 4.97 -17.64
C TYR G 86 3.03 6.20 -18.45
N GLY G 87 2.87 6.12 -19.77
CA GLY G 87 3.10 7.23 -20.68
C GLY G 87 4.53 7.49 -21.07
N THR G 88 5.21 8.35 -20.32
CA THR G 88 6.58 8.72 -20.62
C THR G 88 7.57 8.37 -19.53
N GLU G 89 7.18 8.22 -18.28
CA GLU G 89 8.19 7.91 -17.27
C GLU G 89 8.00 6.52 -16.63
N PHE G 90 9.05 5.68 -16.74
CA PHE G 90 9.05 4.31 -16.26
C PHE G 90 10.25 4.03 -15.36
N THR G 91 10.07 3.20 -14.34
CA THR G 91 11.14 2.84 -13.40
C THR G 91 11.12 1.35 -13.11
N LEU G 92 12.28 0.80 -12.84
CA LEU G 92 12.42 -0.59 -12.40
C LEU G 92 13.12 -0.51 -11.06
N THR G 93 12.47 -1.05 -10.03
CA THR G 93 13.02 -1.11 -8.68
C THR G 93 13.44 -2.54 -8.36
N ILE G 94 14.65 -2.68 -7.79
CA ILE G 94 15.20 -3.94 -7.30
C ILE G 94 15.47 -3.75 -5.80
N THR G 95 14.66 -4.40 -4.95
CA THR G 95 14.83 -4.33 -3.49
C THR G 95 15.87 -5.36 -3.10
N SER G 96 16.65 -5.07 -2.02
CA SER G 96 17.69 -5.96 -1.48
C SER G 96 18.56 -6.59 -2.57
N LEU G 97 19.24 -5.76 -3.32
CA LEU G 97 20.11 -6.21 -4.41
C LEU G 97 21.04 -7.35 -4.03
N GLN G 98 21.02 -8.40 -4.84
CA GLN G 98 21.84 -9.61 -4.69
C GLN G 98 23.03 -9.44 -5.61
N SER G 99 24.09 -10.25 -5.44
CA SER G 99 25.30 -10.21 -6.26
C SER G 99 25.03 -10.42 -7.75
N GLU G 100 24.07 -11.31 -8.08
CA GLU G 100 23.70 -11.68 -9.46
C GLU G 100 23.00 -10.55 -10.22
N ASP G 101 22.48 -9.56 -9.46
CA ASP G 101 21.77 -8.38 -9.97
C ASP G 101 22.64 -7.31 -10.56
N PHE G 102 23.95 -7.51 -10.48
CA PHE G 102 24.89 -6.57 -11.07
C PHE G 102 25.04 -7.01 -12.53
N ALA G 103 24.26 -6.33 -13.41
CA ALA G 103 24.07 -6.67 -14.82
C ALA G 103 23.65 -5.42 -15.61
N VAL G 104 23.38 -5.57 -16.90
CA VAL G 104 22.86 -4.46 -17.72
C VAL G 104 21.35 -4.59 -17.87
N TYR G 105 20.60 -3.54 -17.53
CA TYR G 105 19.13 -3.51 -17.65
C TYR G 105 18.71 -2.56 -18.77
N TYR G 106 17.91 -3.09 -19.74
CA TYR G 106 17.36 -2.41 -20.90
C TYR G 106 15.86 -2.28 -20.83
N CYS G 107 15.32 -1.12 -21.25
CA CYS G 107 13.88 -0.95 -21.36
C CYS G 107 13.62 -0.94 -22.85
N LEU G 108 12.37 -1.17 -23.23
CA LEU G 108 11.96 -1.24 -24.62
C LEU G 108 10.54 -0.76 -24.70
N GLN G 109 10.21 0.06 -25.72
CA GLN G 109 8.82 0.44 -25.97
C GLN G 109 8.32 -0.41 -27.11
N TYR G 110 7.08 -0.83 -27.03
CA TYR G 110 6.44 -1.60 -28.12
C TYR G 110 5.04 -1.02 -28.38
N ASN G 111 4.94 0.32 -28.24
CA ASN G 111 3.69 1.04 -28.49
C ASN G 111 3.52 1.38 -29.95
N THR G 112 4.63 1.56 -30.66
CA THR G 112 4.65 1.95 -32.07
C THR G 112 5.81 1.24 -32.80
N TRP G 113 5.99 1.56 -34.10
CA TRP G 113 7.02 1.04 -34.99
C TRP G 113 7.89 2.21 -35.50
N PRO G 114 9.23 2.07 -35.52
CA PRO G 114 10.06 0.93 -35.07
C PRO G 114 10.01 0.68 -33.56
N ARG G 115 10.30 -0.56 -33.10
CA ARG G 115 10.44 -0.84 -31.65
C ARG G 115 11.76 -0.21 -31.25
N THR G 116 11.86 0.34 -30.05
CA THR G 116 13.12 0.94 -29.64
C THR G 116 13.49 0.61 -28.20
N PHE G 117 14.80 0.35 -27.99
CA PHE G 117 15.40 0.11 -26.69
C PHE G 117 16.11 1.35 -26.20
N GLY G 118 16.26 1.38 -24.88
CA GLY G 118 17.10 2.35 -24.19
C GLY G 118 18.52 1.83 -24.32
N GLN G 119 19.48 2.67 -23.99
CA GLN G 119 20.90 2.40 -24.11
C GLN G 119 21.42 1.55 -22.97
N GLY G 120 20.57 1.35 -21.96
CA GLY G 120 20.85 0.50 -20.81
C GLY G 120 21.45 1.20 -19.61
N THR G 121 21.30 0.58 -18.45
CA THR G 121 21.88 1.01 -17.17
C THR G 121 22.62 -0.21 -16.57
N LYS G 122 23.93 -0.08 -16.42
CA LYS G 122 24.77 -1.09 -15.82
C LYS G 122 24.79 -0.87 -14.31
N VAL G 123 24.37 -1.88 -13.55
CA VAL G 123 24.39 -1.84 -12.09
C VAL G 123 25.72 -2.48 -11.67
N GLU G 124 26.63 -1.69 -11.11
CA GLU G 124 27.95 -2.16 -10.71
C GLU G 124 28.07 -2.31 -9.20
N VAL G 125 28.91 -3.25 -8.74
CA VAL G 125 29.12 -3.51 -7.31
C VAL G 125 30.05 -2.48 -6.69
N LYS G 126 29.54 -1.75 -5.70
CA LYS G 126 30.35 -0.81 -4.91
C LYS G 126 31.06 -1.70 -3.88
N ARG G 127 32.37 -1.57 -3.76
CA ARG G 127 33.18 -2.35 -2.80
C ARG G 127 34.34 -1.52 -2.27
N THR G 128 35.05 -2.00 -1.25
CA THR G 128 36.18 -1.23 -0.70
C THR G 128 37.33 -1.16 -1.69
N VAL G 129 38.21 -0.15 -1.53
CA VAL G 129 39.39 0.06 -2.36
C VAL G 129 40.33 -1.15 -2.23
N ALA G 130 40.88 -1.58 -3.39
CA ALA G 130 41.85 -2.69 -3.48
C ALA G 130 42.99 -2.31 -4.45
N ALA G 131 44.24 -2.33 -3.96
CA ALA G 131 45.44 -2.03 -4.77
C ALA G 131 45.71 -3.15 -5.78
N PRO G 132 46.08 -2.79 -7.03
CA PRO G 132 46.41 -3.84 -7.99
C PRO G 132 47.76 -4.48 -7.69
N SER G 133 47.92 -5.73 -8.12
CA SER G 133 49.16 -6.48 -8.11
C SER G 133 49.64 -6.31 -9.56
N VAL G 134 50.85 -5.80 -9.72
CA VAL G 134 51.39 -5.51 -11.04
C VAL G 134 52.42 -6.54 -11.42
N PHE G 135 52.35 -6.97 -12.69
CA PHE G 135 53.23 -7.99 -13.26
C PHE G 135 53.68 -7.58 -14.66
N ILE G 136 54.97 -7.78 -14.97
CA ILE G 136 55.51 -7.44 -16.28
C ILE G 136 55.98 -8.71 -17.01
N PHE G 137 55.53 -8.85 -18.25
CA PHE G 137 55.87 -10.00 -19.07
C PHE G 137 56.63 -9.55 -20.31
N PRO G 138 57.83 -10.13 -20.53
CA PRO G 138 58.56 -9.82 -21.77
C PRO G 138 57.96 -10.59 -22.96
N PRO G 139 58.23 -10.23 -24.23
CA PRO G 139 57.75 -11.08 -25.34
C PRO G 139 58.49 -12.42 -25.32
N SER G 140 57.88 -13.48 -25.84
CA SER G 140 58.53 -14.78 -25.94
C SER G 140 59.52 -14.76 -27.12
N ASP G 141 60.59 -15.58 -27.06
CA ASP G 141 61.57 -15.72 -28.15
C ASP G 141 60.88 -16.29 -29.40
N GLU G 142 59.81 -17.09 -29.17
CA GLU G 142 58.95 -17.71 -30.18
C GLU G 142 58.22 -16.63 -30.99
N GLN G 143 57.83 -15.53 -30.33
CA GLN G 143 57.14 -14.41 -30.99
C GLN G 143 58.12 -13.57 -31.77
N LEU G 144 59.26 -13.23 -31.13
CA LEU G 144 60.31 -12.37 -31.70
C LEU G 144 60.74 -12.84 -33.08
N LYS G 145 60.78 -14.19 -33.29
CA LYS G 145 61.11 -14.86 -34.54
C LYS G 145 60.24 -14.37 -35.70
N SER G 146 58.96 -14.04 -35.41
CA SER G 146 57.96 -13.56 -36.39
C SER G 146 58.08 -12.04 -36.72
N GLY G 147 58.99 -11.34 -36.05
CA GLY G 147 59.27 -9.93 -36.27
C GLY G 147 58.55 -8.95 -35.37
N THR G 148 57.83 -9.46 -34.34
CA THR G 148 57.06 -8.64 -33.40
C THR G 148 57.38 -8.94 -31.92
N ALA G 149 57.29 -7.90 -31.08
CA ALA G 149 57.47 -7.97 -29.64
C ALA G 149 56.26 -7.33 -28.96
N SER G 150 55.50 -8.14 -28.23
CA SER G 150 54.37 -7.65 -27.46
C SER G 150 54.81 -7.68 -26.00
N VAL G 151 54.71 -6.57 -25.31
CA VAL G 151 55.12 -6.47 -23.92
C VAL G 151 53.85 -6.23 -23.13
N VAL G 152 53.58 -7.14 -22.19
CA VAL G 152 52.33 -7.13 -21.44
C VAL G 152 52.51 -6.71 -19.98
N CYS G 153 51.63 -5.81 -19.54
CA CYS G 153 51.60 -5.40 -18.16
C CYS G 153 50.23 -5.70 -17.55
N LEU G 154 50.25 -6.50 -16.48
CA LEU G 154 49.03 -6.95 -15.81
C LEU G 154 48.81 -6.22 -14.52
N LEU G 155 47.61 -5.64 -14.40
CA LEU G 155 47.13 -4.98 -13.17
C LEU G 155 45.99 -5.90 -12.66
N ASN G 156 46.29 -6.71 -11.63
CA ASN G 156 45.38 -7.69 -11.06
C ASN G 156 44.70 -7.32 -9.75
N ASN G 157 43.37 -7.45 -9.77
CA ASN G 157 42.43 -7.34 -8.66
C ASN G 157 42.49 -6.01 -7.96
N PHE G 158 41.94 -5.01 -8.63
CA PHE G 158 41.89 -3.65 -8.13
C PHE G 158 40.49 -3.08 -8.14
N TYR G 159 40.28 -2.07 -7.28
CA TYR G 159 39.04 -1.31 -7.16
C TYR G 159 39.36 0.08 -6.57
N PRO G 160 38.87 1.21 -7.11
CA PRO G 160 37.93 1.40 -8.26
C PRO G 160 38.55 1.10 -9.62
N ARG G 161 37.70 1.11 -10.67
CA ARG G 161 38.06 0.83 -12.07
C ARG G 161 39.24 1.65 -12.62
N GLU G 162 39.30 2.92 -12.25
CA GLU G 162 40.26 3.95 -12.66
C GLU G 162 41.72 3.67 -12.24
N ALA G 163 42.58 3.50 -13.26
CA ALA G 163 44.03 3.28 -13.11
C ALA G 163 44.81 3.87 -14.32
N LYS G 164 46.07 4.28 -14.07
CA LYS G 164 46.98 4.83 -15.08
C LYS G 164 48.20 3.91 -15.25
N VAL G 165 48.48 3.58 -16.51
CA VAL G 165 49.59 2.73 -16.92
C VAL G 165 50.48 3.57 -17.81
N GLN G 166 51.74 3.72 -17.40
CA GLN G 166 52.80 4.43 -18.11
C GLN G 166 53.88 3.42 -18.48
N TRP G 167 54.22 3.39 -19.77
CA TRP G 167 55.29 2.54 -20.28
C TRP G 167 56.54 3.42 -20.40
N LYS G 168 57.67 2.85 -20.05
CA LYS G 168 58.96 3.52 -20.16
C LYS G 168 59.90 2.51 -20.75
N VAL G 169 60.51 2.86 -21.87
CA VAL G 169 61.49 2.01 -22.53
C VAL G 169 62.78 2.84 -22.47
N ASP G 170 63.85 2.31 -21.79
CA ASP G 170 65.13 2.99 -21.55
C ASP G 170 64.92 4.37 -20.87
N ASN G 171 63.89 4.44 -19.99
CA ASN G 171 63.39 5.60 -19.23
C ASN G 171 62.73 6.66 -20.14
N ALA G 172 62.23 6.24 -21.33
CA ALA G 172 61.52 7.14 -22.25
C ALA G 172 60.01 6.87 -22.24
N LEU G 173 59.21 7.93 -22.04
CA LEU G 173 57.73 7.93 -21.98
C LEU G 173 57.10 7.55 -23.31
N GLN G 174 56.57 6.30 -23.40
CA GLN G 174 55.91 5.76 -24.59
C GLN G 174 54.55 6.39 -24.79
N SER G 175 54.07 6.46 -26.05
CA SER G 175 52.77 7.03 -26.42
C SER G 175 52.23 6.47 -27.73
N GLY G 176 50.93 6.13 -27.71
CA GLY G 176 50.20 5.62 -28.87
C GLY G 176 50.58 4.25 -29.38
N ASN G 177 51.46 3.53 -28.66
CA ASN G 177 51.89 2.19 -29.07
C ASN G 177 51.42 1.09 -28.06
N SER G 178 50.31 1.40 -27.37
CA SER G 178 49.66 0.57 -26.36
C SER G 178 48.13 0.46 -26.53
N GLN G 179 47.60 -0.70 -26.12
CA GLN G 179 46.17 -1.02 -26.09
C GLN G 179 45.86 -1.64 -24.70
N GLU G 180 44.84 -1.09 -24.03
CA GLU G 180 44.38 -1.48 -22.70
C GLU G 180 43.09 -2.25 -22.80
N SER G 181 42.99 -3.36 -22.04
CA SER G 181 41.81 -4.20 -21.94
C SER G 181 41.49 -4.43 -20.46
N VAL G 182 40.20 -4.28 -20.07
CA VAL G 182 39.67 -4.40 -18.71
C VAL G 182 38.61 -5.50 -18.68
N THR G 183 38.75 -6.47 -17.74
CA THR G 183 37.77 -7.54 -17.54
C THR G 183 36.58 -6.95 -16.79
N GLU G 184 35.44 -7.64 -16.82
CA GLU G 184 34.25 -7.24 -16.07
C GLU G 184 34.54 -7.43 -14.56
N GLN G 185 33.74 -6.81 -13.69
CA GLN G 185 33.89 -7.03 -12.25
C GLN G 185 33.84 -8.55 -11.94
N ASP G 186 34.87 -9.02 -11.21
CA ASP G 186 35.05 -10.41 -10.85
C ASP G 186 33.84 -10.96 -10.08
N SER G 187 33.31 -12.12 -10.53
CA SER G 187 32.11 -12.75 -9.92
C SER G 187 32.28 -13.10 -8.44
N LYS G 188 33.53 -13.37 -8.01
CA LYS G 188 33.90 -13.66 -6.65
C LYS G 188 34.10 -12.38 -5.80
N ASP G 189 35.17 -11.60 -6.05
CA ASP G 189 35.48 -10.43 -5.19
C ASP G 189 35.10 -9.01 -5.73
N SER G 190 34.44 -8.92 -6.91
CA SER G 190 33.97 -7.65 -7.51
C SER G 190 35.10 -6.65 -7.89
N THR G 191 36.30 -7.16 -8.19
CA THR G 191 37.40 -6.30 -8.58
C THR G 191 37.55 -6.35 -10.08
N TYR G 192 38.43 -5.49 -10.62
CA TYR G 192 38.80 -5.43 -12.03
C TYR G 192 40.22 -5.88 -12.21
N SER G 193 40.54 -6.33 -13.42
CA SER G 193 41.89 -6.64 -13.87
C SER G 193 42.04 -5.90 -15.20
N LEU G 194 43.28 -5.58 -15.56
CA LEU G 194 43.58 -4.79 -16.74
C LEU G 194 44.89 -5.25 -17.32
N SER G 195 44.95 -5.33 -18.66
CA SER G 195 46.17 -5.63 -19.40
C SER G 195 46.49 -4.43 -20.28
N SER G 196 47.77 -4.08 -20.38
CA SER G 196 48.28 -3.04 -21.27
C SER G 196 49.32 -3.71 -22.10
N THR G 197 49.06 -3.74 -23.42
CA THR G 197 49.95 -4.40 -24.35
C THR G 197 50.70 -3.38 -25.22
N LEU G 198 52.01 -3.27 -24.97
CA LEU G 198 52.93 -2.42 -25.73
C LEU G 198 53.48 -3.25 -26.90
N THR G 199 53.13 -2.89 -28.14
CA THR G 199 53.57 -3.62 -29.34
C THR G 199 54.72 -2.91 -30.10
N LEU G 200 55.79 -3.68 -30.39
CA LEU G 200 56.98 -3.23 -31.11
C LEU G 200 57.40 -4.24 -32.22
N SER G 201 58.36 -3.80 -33.07
CA SER G 201 58.98 -4.61 -34.12
C SER G 201 60.20 -5.25 -33.47
N LYS G 202 60.62 -6.44 -33.94
CA LYS G 202 61.79 -7.15 -33.40
C LYS G 202 63.00 -6.21 -33.29
N ALA G 203 63.33 -5.51 -34.40
CA ALA G 203 64.43 -4.54 -34.48
C ALA G 203 64.26 -3.40 -33.46
N ASP G 204 63.04 -2.78 -33.39
CA ASP G 204 62.75 -1.70 -32.44
C ASP G 204 62.91 -2.14 -30.99
N TYR G 205 62.61 -3.43 -30.73
CA TYR G 205 62.74 -4.06 -29.42
C TYR G 205 64.22 -4.28 -29.04
N GLU G 206 65.00 -4.90 -29.95
CA GLU G 206 66.42 -5.22 -29.74
C GLU G 206 67.31 -3.96 -29.53
N LYS G 207 66.79 -2.77 -29.94
CA LYS G 207 67.41 -1.45 -29.81
C LYS G 207 67.56 -0.97 -28.35
N HIS G 208 66.69 -1.47 -27.42
CA HIS G 208 66.66 -1.06 -26.02
C HIS G 208 66.82 -2.19 -25.00
N LYS G 209 67.00 -1.83 -23.70
CA LYS G 209 67.20 -2.80 -22.61
C LYS G 209 66.15 -2.71 -21.46
N VAL G 210 66.06 -1.57 -20.76
CA VAL G 210 65.15 -1.43 -19.62
C VAL G 210 63.71 -1.23 -20.09
N TYR G 211 62.86 -2.23 -19.77
CA TYR G 211 61.44 -2.25 -20.10
C TYR G 211 60.64 -2.17 -18.82
N ALA G 212 59.97 -1.02 -18.61
CA ALA G 212 59.24 -0.76 -17.39
C ALA G 212 57.78 -0.35 -17.57
N CYS G 213 56.94 -0.85 -16.64
CA CYS G 213 55.51 -0.54 -16.56
C CYS G 213 55.30 0.13 -15.22
N GLU G 214 54.67 1.30 -15.23
CA GLU G 214 54.45 2.10 -14.03
C GLU G 214 52.95 2.34 -13.89
N VAL G 215 52.45 2.04 -12.69
CA VAL G 215 51.04 2.07 -12.32
C VAL G 215 50.68 3.03 -11.17
N THR G 216 49.69 3.91 -11.46
CA THR G 216 49.13 4.84 -10.47
C THR G 216 47.65 4.47 -10.25
N HIS G 217 47.35 4.03 -9.02
CA HIS G 217 46.05 3.63 -8.54
C HIS G 217 45.85 4.19 -7.13
N GLN G 218 44.59 4.51 -6.80
CA GLN G 218 44.12 5.02 -5.51
C GLN G 218 44.67 4.25 -4.28
N GLY G 219 44.64 2.91 -4.33
CA GLY G 219 45.08 2.03 -3.25
C GLY G 219 46.57 1.86 -3.08
N LEU G 220 47.34 2.58 -3.92
CA LEU G 220 48.80 2.61 -3.92
C LEU G 220 49.22 4.02 -3.46
N SER G 221 49.82 4.12 -2.25
CA SER G 221 50.29 5.36 -1.65
C SER G 221 51.25 6.10 -2.59
N SER G 222 52.03 5.31 -3.37
CA SER G 222 53.02 5.75 -4.35
C SER G 222 53.05 4.77 -5.55
N PRO G 223 53.29 5.25 -6.82
CA PRO G 223 53.28 4.34 -7.99
C PRO G 223 54.18 3.11 -7.92
N VAL G 224 53.75 2.05 -8.62
CA VAL G 224 54.46 0.79 -8.69
C VAL G 224 55.07 0.62 -10.07
N THR G 225 56.36 0.30 -10.12
CA THR G 225 57.08 0.06 -11.36
C THR G 225 57.55 -1.39 -11.36
N LYS G 226 57.23 -2.12 -12.43
CA LYS G 226 57.69 -3.51 -12.62
C LYS G 226 58.61 -3.48 -13.83
N SER G 227 59.79 -4.09 -13.74
CA SER G 227 60.74 -4.00 -14.85
C SER G 227 61.49 -5.27 -15.19
N PHE G 228 62.03 -5.26 -16.41
CA PHE G 228 62.94 -6.26 -16.94
C PHE G 228 63.93 -5.58 -17.87
N ASN G 229 65.02 -6.31 -18.15
CA ASN G 229 66.08 -5.92 -19.05
C ASN G 229 66.24 -7.00 -20.13
N ARG G 230 66.24 -6.58 -21.43
CA ARG G 230 66.46 -7.33 -22.68
C ARG G 230 65.49 -6.90 -23.80
N GLN H 20 7.61 -25.54 -22.64
CA GLN H 20 7.20 -25.81 -24.01
C GLN H 20 7.94 -24.99 -25.08
N VAL H 21 7.76 -23.62 -25.10
CA VAL H 21 8.34 -22.76 -26.16
C VAL H 21 9.82 -23.00 -26.33
N GLN H 22 10.22 -23.31 -27.59
CA GLN H 22 11.62 -23.58 -27.94
CA GLN H 22 11.63 -23.58 -27.93
C GLN H 22 11.94 -23.01 -29.32
N LEU H 23 13.13 -22.41 -29.47
CA LEU H 23 13.64 -21.78 -30.70
C LEU H 23 15.06 -22.32 -31.01
N GLN H 24 15.28 -22.87 -32.22
CA GLN H 24 16.55 -23.42 -32.68
C GLN H 24 17.16 -22.50 -33.75
N HIS H 25 18.26 -21.85 -33.43
CA HIS H 25 18.92 -20.95 -34.35
C HIS H 25 19.73 -21.69 -35.38
N SER H 26 19.87 -21.07 -36.56
CA SER H 26 20.65 -21.58 -37.68
C SER H 26 21.29 -20.45 -38.51
N GLY H 27 22.31 -20.83 -39.26
CA GLY H 27 23.10 -19.91 -40.05
C GLY H 27 24.18 -19.31 -39.17
N GLY H 28 24.56 -18.10 -39.52
CA GLY H 28 25.64 -17.38 -38.86
C GLY H 28 26.88 -17.46 -39.71
N GLY H 29 27.76 -16.51 -39.52
CA GLY H 29 29.01 -16.56 -40.26
C GLY H 29 29.69 -15.24 -40.52
N LEU H 30 30.55 -15.33 -41.47
CA LEU H 30 31.44 -14.28 -41.87
C LEU H 30 31.18 -13.97 -43.33
N GLU H 31 31.10 -12.66 -43.66
CA GLU H 31 30.83 -12.12 -45.00
C GLU H 31 31.62 -10.87 -45.20
N GLN H 32 31.93 -10.57 -46.46
CA GLN H 32 32.63 -9.36 -46.83
C GLN H 32 31.60 -8.21 -46.94
N PRO H 33 32.02 -6.92 -46.78
CA PRO H 33 31.08 -5.81 -47.01
C PRO H 33 30.47 -5.90 -48.41
N GLY H 34 29.15 -5.74 -48.46
CA GLY H 34 28.39 -5.83 -49.70
C GLY H 34 27.85 -7.22 -49.91
N GLY H 35 28.32 -8.14 -49.09
CA GLY H 35 27.90 -9.53 -49.11
C GLY H 35 26.48 -9.71 -48.61
N SER H 36 26.00 -10.92 -48.73
CA SER H 36 24.67 -11.33 -48.33
C SER H 36 24.80 -12.62 -47.55
N LEU H 37 23.89 -12.86 -46.62
CA LEU H 37 23.81 -14.06 -45.78
C LEU H 37 22.40 -14.09 -45.22
N ARG H 38 21.82 -15.28 -45.10
CA ARG H 38 20.53 -15.50 -44.47
C ARG H 38 20.68 -16.33 -43.19
N ILE H 39 20.04 -15.91 -42.09
CA ILE H 39 19.99 -16.64 -40.83
C ILE H 39 18.54 -17.01 -40.49
N SER H 40 18.37 -17.96 -39.59
CA SER H 40 17.08 -18.48 -39.21
C SER H 40 16.98 -19.02 -37.79
N CYS H 41 15.73 -19.33 -37.41
CA CYS H 41 15.26 -19.95 -36.19
C CYS H 41 14.09 -20.84 -36.55
N ALA H 42 14.10 -22.06 -36.02
CA ALA H 42 13.07 -23.07 -36.12
C ALA H 42 12.29 -23.06 -34.80
N ALA H 43 11.01 -22.76 -34.87
CA ALA H 43 10.18 -22.66 -33.67
C ALA H 43 9.44 -23.92 -33.37
N SER H 44 9.16 -24.12 -32.10
CA SER H 44 8.36 -25.23 -31.60
C SER H 44 7.69 -24.84 -30.28
N GLY H 45 6.57 -25.50 -29.97
CA GLY H 45 5.86 -25.31 -28.69
C GLY H 45 4.82 -24.22 -28.54
N PHE H 46 4.37 -23.62 -29.65
CA PHE H 46 3.35 -22.56 -29.68
C PHE H 46 2.75 -22.44 -31.08
N THR H 47 1.64 -21.70 -31.17
CA THR H 47 0.90 -21.39 -32.39
C THR H 47 1.76 -20.43 -33.27
N PHE H 48 2.69 -21.01 -34.02
CA PHE H 48 3.64 -20.30 -34.87
C PHE H 48 3.00 -19.50 -36.01
N ASN H 49 1.97 -20.08 -36.67
CA ASN H 49 1.31 -19.46 -37.83
C ASN H 49 0.63 -18.09 -37.52
N THR H 50 0.16 -17.86 -36.30
CA THR H 50 -0.44 -16.54 -36.01
C THR H 50 0.35 -15.69 -34.96
N ASN H 51 1.56 -16.15 -34.57
CA ASN H 51 2.37 -15.43 -33.59
C ASN H 51 3.34 -14.48 -34.29
N ASP H 52 3.51 -13.27 -33.74
CA ASP H 52 4.51 -12.39 -34.32
C ASP H 52 5.91 -12.94 -33.97
N MET H 53 6.91 -12.64 -34.82
CA MET H 53 8.30 -13.05 -34.59
C MET H 53 9.19 -11.84 -34.83
N SER H 54 10.23 -11.69 -34.01
CA SER H 54 11.15 -10.56 -34.12
C SER H 54 12.60 -10.95 -34.13
N TRP H 55 13.44 -9.99 -34.53
CA TRP H 55 14.89 -10.07 -34.54
C TRP H 55 15.45 -8.92 -33.72
N VAL H 56 16.34 -9.28 -32.78
CA VAL H 56 17.04 -8.36 -31.88
C VAL H 56 18.54 -8.65 -32.09
N ARG H 57 19.37 -7.62 -32.07
CA ARG H 57 20.78 -7.83 -32.24
C ARG H 57 21.58 -7.06 -31.18
N GLN H 58 22.80 -7.53 -30.91
CA GLN H 58 23.72 -6.90 -29.98
C GLN H 58 25.12 -6.91 -30.56
N ALA H 59 25.63 -5.73 -30.92
CA ALA H 59 26.99 -5.62 -31.44
C ALA H 59 27.91 -5.67 -30.23
N PRO H 60 29.18 -6.16 -30.35
CA PRO H 60 30.07 -6.17 -29.17
C PRO H 60 30.27 -4.77 -28.57
N GLY H 61 30.11 -4.67 -27.24
CA GLY H 61 30.23 -3.39 -26.53
C GLY H 61 29.19 -2.37 -26.95
N LYS H 62 27.96 -2.85 -27.23
CA LYS H 62 26.82 -2.04 -27.64
C LYS H 62 25.58 -2.62 -27.01
N GLY H 63 24.48 -1.85 -26.97
CA GLY H 63 23.24 -2.27 -26.33
C GLY H 63 22.37 -3.17 -27.16
N LEU H 64 21.14 -3.47 -26.67
CA LEU H 64 20.20 -4.27 -27.45
C LEU H 64 19.58 -3.37 -28.54
N GLN H 65 19.44 -3.89 -29.74
CA GLN H 65 18.91 -3.15 -30.87
C GLN H 65 17.88 -3.99 -31.62
N TRP H 66 16.70 -3.42 -31.82
CA TRP H 66 15.61 -4.11 -32.51
C TRP H 66 15.89 -4.04 -34.01
N VAL H 67 15.62 -5.13 -34.72
CA VAL H 67 15.96 -5.22 -36.14
C VAL H 67 14.70 -5.25 -37.04
N SER H 68 13.78 -6.17 -36.77
CA SER H 68 12.56 -6.39 -37.53
C SER H 68 11.57 -7.30 -36.80
N THR H 69 10.30 -7.23 -37.20
CA THR H 69 9.18 -8.04 -36.75
C THR H 69 8.32 -8.43 -37.96
N ILE H 70 7.94 -9.71 -38.02
CA ILE H 70 6.99 -10.25 -38.98
C ILE H 70 5.68 -10.45 -38.20
N ILE H 71 4.57 -9.86 -38.68
CA ILE H 71 3.27 -9.95 -38.02
C ILE H 71 2.62 -11.29 -38.37
N GLY H 72 2.28 -12.06 -37.35
CA GLY H 72 1.68 -13.37 -37.51
C GLY H 72 0.36 -13.44 -38.28
N ILE H 73 -0.59 -12.53 -38.00
CA ILE H 73 -1.91 -12.51 -38.62
C ILE H 73 -1.90 -12.16 -40.14
N ASP H 74 -0.89 -11.46 -40.69
CA ASP H 74 -0.95 -11.07 -42.12
C ASP H 74 0.40 -11.00 -42.88
N ASP H 75 1.53 -11.41 -42.23
CA ASP H 75 2.85 -11.43 -42.85
C ASP H 75 3.39 -10.04 -43.23
N THR H 76 2.86 -8.96 -42.64
CA THR H 76 3.39 -7.60 -42.87
C THR H 76 4.67 -7.48 -42.06
N THR H 77 5.57 -6.62 -42.55
CA THR H 77 6.87 -6.47 -41.92
C THR H 77 7.18 -5.04 -41.49
N HIS H 78 8.14 -4.94 -40.56
CA HIS H 78 8.60 -3.69 -39.95
C HIS H 78 10.08 -3.83 -39.70
N TYR H 79 10.85 -2.78 -40.00
CA TYR H 79 12.31 -2.74 -39.88
C TYR H 79 12.82 -1.53 -39.13
N ALA H 80 14.04 -1.66 -38.56
CA ALA H 80 14.75 -0.56 -37.94
C ALA H 80 15.15 0.34 -39.10
N ASP H 81 15.41 1.63 -38.84
CA ASP H 81 15.81 2.57 -39.89
C ASP H 81 17.14 2.16 -40.48
N SER H 82 18.06 1.66 -39.62
CA SER H 82 19.40 1.17 -40.00
C SER H 82 19.42 -0.03 -40.94
N VAL H 83 18.31 -0.79 -41.05
CA VAL H 83 18.31 -2.01 -41.91
C VAL H 83 17.27 -2.01 -43.05
N ARG H 84 16.27 -1.09 -43.00
CA ARG H 84 15.19 -0.99 -44.01
C ARG H 84 15.81 -0.80 -45.40
N GLY H 85 15.36 -1.59 -46.36
CA GLY H 85 15.90 -1.55 -47.71
C GLY H 85 16.95 -2.61 -47.99
N ARG H 86 17.79 -2.94 -46.96
CA ARG H 86 18.89 -3.93 -46.98
C ARG H 86 18.50 -5.32 -46.47
N PHE H 87 17.67 -5.41 -45.45
CA PHE H 87 17.28 -6.69 -44.84
C PHE H 87 15.82 -6.99 -45.02
N THR H 88 15.49 -8.30 -45.05
CA THR H 88 14.13 -8.84 -45.13
C THR H 88 13.87 -9.92 -44.08
N VAL H 89 12.79 -9.74 -43.29
CA VAL H 89 12.31 -10.73 -42.34
C VAL H 89 11.23 -11.48 -43.11
N SER H 90 11.20 -12.82 -42.97
CA SER H 90 10.29 -13.70 -43.69
C SER H 90 10.06 -14.96 -42.89
N ARG H 91 9.06 -15.73 -43.24
CA ARG H 91 8.75 -16.97 -42.52
C ARG H 91 8.19 -18.02 -43.46
N ASP H 92 8.12 -19.25 -42.98
CA ASP H 92 7.54 -20.39 -43.66
C ASP H 92 6.88 -21.21 -42.58
N THR H 93 5.56 -21.02 -42.49
CA THR H 93 4.61 -21.59 -41.54
C THR H 93 4.54 -23.11 -41.60
N SER H 94 4.74 -23.68 -42.80
CA SER H 94 4.70 -25.14 -43.01
C SER H 94 5.81 -25.87 -42.26
N LYS H 95 6.99 -25.23 -42.14
CA LYS H 95 8.18 -25.77 -41.48
C LYS H 95 8.47 -25.09 -40.12
N ASN H 96 7.69 -24.03 -39.74
CA ASN H 96 7.85 -23.27 -38.49
C ASN H 96 9.22 -22.56 -38.41
N MET H 97 9.60 -21.96 -39.54
CA MET H 97 10.87 -21.29 -39.80
C MET H 97 10.69 -19.79 -40.01
N VAL H 98 11.48 -19.00 -39.25
CA VAL H 98 11.56 -17.55 -39.44
C VAL H 98 12.99 -17.25 -39.95
N TYR H 99 13.10 -16.34 -40.92
CA TYR H 99 14.37 -16.01 -41.55
C TYR H 99 14.70 -14.55 -41.49
N LEU H 100 16.01 -14.24 -41.64
CA LEU H 100 16.49 -12.87 -41.77
C LEU H 100 17.51 -12.83 -42.93
N GLN H 101 17.09 -12.27 -44.10
CA GLN H 101 17.94 -12.13 -45.28
C GLN H 101 18.72 -10.82 -45.16
N MET H 102 20.03 -10.90 -45.02
CA MET H 102 20.85 -9.73 -44.80
C MET H 102 21.64 -9.43 -46.06
N ASN H 103 21.33 -8.31 -46.76
CA ASN H 103 22.04 -7.91 -47.97
C ASN H 103 22.75 -6.58 -47.75
N SER H 104 23.68 -6.23 -48.65
CA SER H 104 24.46 -4.98 -48.60
C SER H 104 25.01 -4.78 -47.16
N LEU H 105 25.60 -5.87 -46.67
CA LEU H 105 26.16 -5.97 -45.34
C LEU H 105 27.28 -4.98 -45.13
N ARG H 106 27.26 -4.32 -44.00
CA ARG H 106 28.20 -3.30 -43.58
C ARG H 106 28.90 -3.80 -42.31
N VAL H 107 30.09 -3.26 -41.97
CA VAL H 107 30.76 -3.61 -40.70
C VAL H 107 29.83 -3.29 -39.51
N GLU H 108 28.88 -2.30 -39.68
CA GLU H 108 27.86 -1.88 -38.69
C GLU H 108 26.91 -3.00 -38.31
N ASP H 109 26.73 -3.98 -39.22
CA ASP H 109 25.85 -5.13 -39.05
C ASP H 109 26.46 -6.24 -38.20
N THR H 110 27.76 -6.19 -37.92
CA THR H 110 28.40 -7.21 -37.07
C THR H 110 27.71 -7.18 -35.73
N ALA H 111 27.12 -8.30 -35.33
CA ALA H 111 26.43 -8.44 -34.06
C ALA H 111 26.13 -9.91 -33.78
N LEU H 112 25.58 -10.20 -32.57
CA LEU H 112 24.97 -11.46 -32.19
C LEU H 112 23.48 -11.18 -32.47
N TYR H 113 22.87 -12.04 -33.28
CA TYR H 113 21.48 -11.95 -33.74
C TYR H 113 20.60 -12.94 -33.04
N TYR H 114 19.54 -12.43 -32.38
CA TYR H 114 18.59 -13.26 -31.66
C TYR H 114 17.24 -13.17 -32.26
N CYS H 115 16.62 -14.36 -32.49
CA CYS H 115 15.23 -14.49 -32.89
C CYS H 115 14.48 -14.46 -31.60
N VAL H 116 13.33 -13.87 -31.60
CA VAL H 116 12.53 -13.80 -30.38
C VAL H 116 11.07 -14.05 -30.72
N LYS H 117 10.35 -14.60 -29.75
CA LYS H 117 8.92 -14.82 -29.89
C LYS H 117 8.19 -13.58 -29.43
N ASN H 118 7.27 -13.07 -30.30
CA ASN H 118 6.37 -11.89 -30.15
C ASN H 118 6.97 -10.60 -30.80
N SER H 119 6.24 -9.47 -30.76
CA SER H 119 6.60 -8.19 -31.40
C SER H 119 7.48 -7.10 -30.63
N GLY H 120 7.47 -6.91 -29.34
CA GLY H 120 6.78 -7.62 -28.31
C GLY H 120 7.44 -7.68 -26.94
N ILE H 121 6.95 -8.67 -26.21
CA ILE H 121 7.27 -9.11 -24.89
C ILE H 121 8.08 -10.36 -25.23
N TYR H 122 9.41 -10.21 -25.23
CA TYR H 122 10.28 -11.30 -25.62
C TYR H 122 10.65 -12.15 -24.43
N SER H 123 9.76 -13.10 -24.11
CA SER H 123 9.95 -14.06 -23.02
C SER H 123 10.89 -15.14 -23.47
N PHE H 124 10.78 -15.51 -24.77
CA PHE H 124 11.59 -16.57 -25.37
C PHE H 124 12.56 -16.09 -26.45
N TRP H 125 13.85 -16.38 -26.22
CA TRP H 125 14.99 -16.06 -27.09
C TRP H 125 15.62 -17.32 -27.61
N GLY H 126 16.07 -17.27 -28.85
CA GLY H 126 16.87 -18.33 -29.45
C GLY H 126 18.31 -18.00 -29.09
N GLN H 127 19.22 -18.97 -29.20
CA GLN H 127 20.65 -18.72 -28.98
C GLN H 127 21.11 -17.69 -30.01
N GLY H 128 22.10 -16.88 -29.64
CA GLY H 128 22.62 -15.84 -30.52
C GLY H 128 23.37 -16.43 -31.68
N THR H 129 23.19 -15.84 -32.87
CA THR H 129 23.85 -16.19 -34.12
C THR H 129 24.81 -15.02 -34.43
N LEU H 130 26.12 -15.30 -34.41
CA LEU H 130 27.12 -14.28 -34.70
C LEU H 130 27.24 -14.12 -36.22
N VAL H 131 27.16 -12.87 -36.66
CA VAL H 131 27.30 -12.44 -38.04
C VAL H 131 28.37 -11.39 -38.01
N THR H 132 29.44 -11.65 -38.77
CA THR H 132 30.60 -10.77 -38.86
C THR H 132 30.78 -10.26 -40.31
N VAL H 133 30.98 -8.96 -40.45
CA VAL H 133 31.16 -8.32 -41.75
C VAL H 133 32.54 -7.68 -41.78
N SER H 134 33.43 -8.20 -42.63
CA SER H 134 34.82 -7.76 -42.70
C SER H 134 35.43 -8.28 -43.98
N SER H 135 36.53 -7.68 -44.42
CA SER H 135 37.27 -8.14 -45.61
C SER H 135 38.27 -9.21 -45.17
N ALA H 136 38.63 -9.20 -43.88
CA ALA H 136 39.55 -10.16 -43.28
C ALA H 136 39.07 -11.60 -43.47
N SER H 137 40.00 -12.50 -43.73
CA SER H 137 39.69 -13.91 -43.89
C SER H 137 39.90 -14.64 -42.58
N THR H 138 39.21 -15.77 -42.38
CA THR H 138 39.39 -16.58 -41.17
C THR H 138 40.88 -16.84 -40.93
N LYS H 139 41.34 -16.48 -39.72
CA LYS H 139 42.72 -16.67 -39.30
C LYS H 139 42.74 -17.21 -37.86
N GLY H 140 43.46 -18.31 -37.65
CA GLY H 140 43.64 -18.90 -36.34
C GLY H 140 44.67 -18.11 -35.56
N PRO H 141 44.61 -18.05 -34.21
CA PRO H 141 45.59 -17.23 -33.49
C PRO H 141 46.96 -17.86 -33.38
N SER H 142 47.90 -17.01 -32.94
CA SER H 142 49.26 -17.38 -32.60
C SER H 142 49.23 -17.25 -31.08
N VAL H 143 49.56 -18.34 -30.38
CA VAL H 143 49.53 -18.40 -28.91
C VAL H 143 50.94 -18.32 -28.31
N PHE H 144 51.20 -17.24 -27.54
CA PHE H 144 52.51 -16.97 -26.93
C PHE H 144 52.42 -17.02 -25.42
N PRO H 145 53.41 -17.64 -24.74
CA PRO H 145 53.36 -17.65 -23.27
C PRO H 145 53.78 -16.32 -22.68
N LEU H 146 53.18 -16.01 -21.53
CA LEU H 146 53.49 -14.88 -20.66
C LEU H 146 54.11 -15.63 -19.48
N ALA H 147 55.43 -15.84 -19.55
CA ALA H 147 56.22 -16.60 -18.57
C ALA H 147 56.27 -15.98 -17.16
N PRO H 148 56.12 -16.84 -16.10
CA PRO H 148 56.16 -16.32 -14.71
C PRO H 148 57.54 -15.78 -14.26
N SER H 149 58.48 -16.69 -13.84
CA SER H 149 59.85 -16.42 -13.33
C SER H 149 59.95 -15.25 -12.35
N GLY H 155 57.29 -19.16 -2.72
CA GLY H 155 57.22 -17.90 -2.02
C GLY H 155 55.81 -17.35 -1.85
N GLY H 156 55.48 -16.35 -2.69
CA GLY H 156 54.18 -15.70 -2.72
C GLY H 156 53.30 -16.12 -3.88
N THR H 157 52.79 -15.11 -4.66
CA THR H 157 51.90 -15.32 -5.82
C THR H 157 52.56 -14.96 -7.18
N ALA H 158 52.63 -15.96 -8.07
CA ALA H 158 53.15 -15.82 -9.44
C ALA H 158 52.01 -15.64 -10.49
N ALA H 159 52.20 -14.73 -11.45
CA ALA H 159 51.24 -14.54 -12.53
C ALA H 159 51.82 -15.08 -13.82
N LEU H 160 51.00 -15.82 -14.56
CA LEU H 160 51.39 -16.34 -15.84
C LEU H 160 50.21 -16.20 -16.79
N GLY H 161 50.47 -16.37 -18.07
CA GLY H 161 49.39 -16.25 -19.03
C GLY H 161 49.72 -16.71 -20.43
N CYS H 162 48.73 -16.53 -21.30
CA CYS H 162 48.84 -16.79 -22.72
C CYS H 162 48.37 -15.56 -23.48
N LEU H 163 49.20 -15.09 -24.41
CA LEU H 163 48.87 -13.98 -25.31
C LEU H 163 48.36 -14.66 -26.59
N VAL H 164 47.07 -14.42 -26.87
CA VAL H 164 46.35 -15.01 -28.01
C VAL H 164 46.20 -13.90 -29.08
N LYS H 165 47.16 -13.88 -30.03
CA LYS H 165 47.31 -12.85 -31.05
C LYS H 165 46.78 -13.19 -32.45
N ASP H 166 46.34 -12.14 -33.18
CA ASP H 166 45.95 -12.08 -34.59
C ASP H 166 45.02 -13.22 -35.06
N TYR H 167 43.78 -13.16 -34.64
CA TYR H 167 42.77 -14.13 -35.05
C TYR H 167 41.55 -13.37 -35.58
N PHE H 168 40.82 -14.04 -36.43
CA PHE H 168 39.64 -13.51 -37.04
C PHE H 168 38.74 -14.65 -37.46
N PRO H 169 37.41 -14.60 -37.21
CA PRO H 169 36.66 -13.58 -36.46
C PRO H 169 36.60 -13.95 -34.99
N GLU H 170 35.70 -13.32 -34.23
CA GLU H 170 35.48 -13.69 -32.85
C GLU H 170 34.57 -14.93 -32.89
N PRO H 171 34.50 -15.78 -31.84
CA PRO H 171 35.16 -15.70 -30.55
C PRO H 171 36.32 -16.67 -30.43
N VAL H 172 37.11 -16.48 -29.39
CA VAL H 172 38.15 -17.39 -29.00
C VAL H 172 37.77 -17.87 -27.59
N THR H 173 38.04 -19.15 -27.25
CA THR H 173 37.80 -19.62 -25.89
C THR H 173 39.13 -19.95 -25.27
N VAL H 174 39.28 -19.62 -23.98
CA VAL H 174 40.51 -19.93 -23.24
C VAL H 174 40.21 -20.65 -21.94
N SER H 175 40.85 -21.81 -21.72
CA SER H 175 40.75 -22.54 -20.47
C SER H 175 42.16 -22.84 -20.00
N TRP H 176 42.30 -23.28 -18.73
CA TRP H 176 43.59 -23.63 -18.13
C TRP H 176 43.55 -25.03 -17.59
N ASN H 177 44.57 -25.82 -17.90
CA ASN H 177 44.72 -27.22 -17.48
C ASN H 177 43.46 -28.04 -17.76
N SER H 178 42.88 -27.84 -18.96
CA SER H 178 41.69 -28.49 -19.48
C SER H 178 40.45 -28.26 -18.59
N GLY H 179 40.38 -27.06 -18.00
CA GLY H 179 39.25 -26.63 -17.18
C GLY H 179 39.37 -26.90 -15.68
N ALA H 180 40.44 -27.59 -15.27
CA ALA H 180 40.74 -27.94 -13.87
C ALA H 180 41.23 -26.73 -13.07
N LEU H 181 41.73 -25.68 -13.75
CA LEU H 181 42.19 -24.44 -13.14
C LEU H 181 41.23 -23.30 -13.54
N THR H 182 40.50 -22.75 -12.58
CA THR H 182 39.50 -21.70 -12.85
C THR H 182 39.68 -20.52 -11.91
N SER H 183 40.13 -20.79 -10.69
CA SER H 183 40.37 -19.76 -9.68
C SER H 183 41.54 -18.86 -10.11
N GLY H 184 41.29 -17.55 -10.07
CA GLY H 184 42.26 -16.52 -10.42
C GLY H 184 42.44 -16.28 -11.92
N VAL H 185 41.56 -16.88 -12.76
CA VAL H 185 41.65 -16.76 -14.23
C VAL H 185 41.04 -15.44 -14.72
N HIS H 186 41.82 -14.66 -15.47
CA HIS H 186 41.32 -13.41 -16.05
C HIS H 186 41.60 -13.40 -17.55
N THR H 187 40.57 -13.73 -18.32
CA THR H 187 40.60 -13.74 -19.77
C THR H 187 40.04 -12.39 -20.23
N PHE H 188 40.91 -11.58 -20.81
CA PHE H 188 40.50 -10.23 -21.20
C PHE H 188 39.61 -10.21 -22.41
N PRO H 189 38.60 -9.29 -22.47
CA PRO H 189 37.83 -9.16 -23.72
C PRO H 189 38.75 -8.83 -24.90
N ALA H 190 38.41 -9.36 -26.08
CA ALA H 190 39.15 -9.14 -27.31
C ALA H 190 39.18 -7.66 -27.70
N VAL H 191 40.35 -7.21 -28.21
CA VAL H 191 40.55 -5.86 -28.68
C VAL H 191 40.95 -5.94 -30.15
N LEU H 192 40.24 -5.19 -31.00
CA LEU H 192 40.52 -5.20 -32.44
C LEU H 192 41.73 -4.31 -32.76
N GLN H 193 42.74 -4.91 -33.42
CA GLN H 193 43.96 -4.19 -33.78
C GLN H 193 43.81 -3.42 -35.10
N SER H 194 44.76 -2.51 -35.39
CA SER H 194 44.76 -1.72 -36.64
C SER H 194 44.82 -2.60 -37.91
N SER H 195 45.26 -3.87 -37.74
CA SER H 195 45.37 -4.88 -38.79
C SER H 195 44.00 -5.51 -39.14
N GLY H 196 43.00 -5.31 -38.28
CA GLY H 196 41.67 -5.89 -38.46
C GLY H 196 41.55 -7.27 -37.87
N LEU H 197 42.54 -7.65 -37.04
CA LEU H 197 42.59 -8.95 -36.36
C LEU H 197 42.46 -8.70 -34.88
N TYR H 198 41.78 -9.62 -34.18
CA TYR H 198 41.61 -9.48 -32.74
C TYR H 198 42.79 -10.06 -32.01
N SER H 199 42.89 -9.71 -30.73
CA SER H 199 43.90 -10.17 -29.80
C SER H 199 43.38 -10.02 -28.36
N LEU H 200 43.82 -10.93 -27.47
CA LEU H 200 43.50 -10.89 -26.04
C LEU H 200 44.58 -11.62 -25.23
N SER H 201 44.51 -11.51 -23.93
CA SER H 201 45.40 -12.22 -23.03
C SER H 201 44.55 -12.93 -22.01
N SER H 202 45.05 -14.08 -21.57
CA SER H 202 44.44 -14.88 -20.52
C SER H 202 45.49 -15.01 -19.50
N VAL H 203 45.16 -14.60 -18.30
CA VAL H 203 46.13 -14.67 -17.22
C VAL H 203 45.59 -15.48 -16.06
N VAL H 204 46.51 -16.02 -15.23
CA VAL H 204 46.17 -16.73 -14.00
C VAL H 204 47.27 -16.51 -12.94
N THR H 205 46.86 -16.27 -11.68
CA THR H 205 47.74 -16.13 -10.53
C THR H 205 47.72 -17.46 -9.78
N VAL H 206 48.93 -17.98 -9.47
CA VAL H 206 49.14 -19.27 -8.81
C VAL H 206 50.22 -19.11 -7.71
N PRO H 207 50.34 -20.03 -6.73
CA PRO H 207 51.43 -19.88 -5.76
C PRO H 207 52.79 -20.10 -6.42
N SER H 208 53.80 -19.31 -5.99
CA SER H 208 55.18 -19.43 -6.50
C SER H 208 55.75 -20.82 -6.23
N SER H 209 55.34 -21.43 -5.10
CA SER H 209 55.76 -22.76 -4.62
C SER H 209 55.39 -23.94 -5.56
N SER H 210 54.33 -23.77 -6.38
CA SER H 210 53.82 -24.81 -7.27
C SER H 210 54.53 -24.87 -8.63
N LEU H 211 55.40 -23.88 -8.94
CA LEU H 211 56.05 -23.69 -10.25
C LEU H 211 57.03 -24.83 -10.68
N GLY H 212 57.18 -25.86 -9.85
CA GLY H 212 58.04 -27.00 -10.17
C GLY H 212 57.28 -28.31 -10.23
N THR H 213 56.14 -28.37 -9.52
CA THR H 213 55.26 -29.54 -9.40
C THR H 213 54.08 -29.45 -10.38
N GLN H 214 53.46 -28.26 -10.46
CA GLN H 214 52.29 -28.03 -11.28
C GLN H 214 52.63 -27.50 -12.67
N THR H 215 52.10 -28.18 -13.69
CA THR H 215 52.29 -27.78 -15.08
C THR H 215 51.14 -26.81 -15.38
N TYR H 216 51.43 -25.70 -16.06
CA TYR H 216 50.41 -24.70 -16.45
C TYR H 216 50.20 -24.62 -17.95
N ILE H 217 49.01 -24.94 -18.43
CA ILE H 217 48.75 -25.01 -19.86
C ILE H 217 47.47 -24.31 -20.23
N CYS H 218 47.55 -23.37 -21.21
CA CYS H 218 46.35 -22.74 -21.70
C CYS H 218 45.87 -23.52 -22.93
N ASN H 219 44.58 -23.72 -22.98
CA ASN H 219 43.88 -24.42 -24.06
C ASN H 219 43.09 -23.33 -24.75
N VAL H 220 43.52 -23.01 -25.99
CA VAL H 220 42.98 -21.93 -26.82
C VAL H 220 42.27 -22.55 -28.05
N ASN H 221 40.97 -22.38 -28.09
CA ASN H 221 40.10 -22.88 -29.15
C ASN H 221 39.55 -21.75 -29.98
N HIS H 222 39.53 -21.96 -31.30
CA HIS H 222 39.00 -21.00 -32.24
C HIS H 222 38.15 -21.77 -33.25
N LYS H 223 36.88 -21.97 -32.92
CA LYS H 223 35.96 -22.72 -33.79
C LYS H 223 35.94 -22.25 -35.25
N PRO H 224 35.98 -20.93 -35.60
CA PRO H 224 35.95 -20.57 -37.04
C PRO H 224 37.10 -21.15 -37.88
N SER H 225 38.30 -21.28 -37.29
CA SER H 225 39.49 -21.82 -37.95
C SER H 225 39.74 -23.29 -37.65
N ASN H 226 38.91 -23.90 -36.76
CA ASN H 226 39.02 -25.30 -36.29
C ASN H 226 40.41 -25.54 -35.69
N THR H 227 40.90 -24.59 -34.91
CA THR H 227 42.20 -24.66 -34.28
C THR H 227 42.06 -24.81 -32.79
N LYS H 228 42.94 -25.65 -32.19
CA LYS H 228 43.09 -25.92 -30.77
C LYS H 228 44.58 -25.81 -30.47
N VAL H 229 44.99 -24.83 -29.66
CA VAL H 229 46.40 -24.69 -29.28
C VAL H 229 46.51 -24.86 -27.77
N ASP H 230 47.34 -25.81 -27.36
CA ASP H 230 47.64 -26.15 -25.98
C ASP H 230 49.05 -25.71 -25.78
N LYS H 231 49.22 -24.62 -25.05
CA LYS H 231 50.53 -24.02 -24.82
C LYS H 231 50.92 -24.17 -23.37
N LYS H 232 52.07 -24.82 -23.11
CA LYS H 232 52.67 -25.01 -21.80
C LYS H 232 53.36 -23.71 -21.40
N VAL H 233 52.93 -23.10 -20.29
CA VAL H 233 53.50 -21.85 -19.79
C VAL H 233 54.44 -22.15 -18.61
N GLU H 234 55.75 -21.88 -18.79
CA GLU H 234 56.73 -22.16 -17.75
C GLU H 234 57.78 -21.05 -17.61
N PRO H 235 58.46 -20.89 -16.44
CA PRO H 235 59.47 -19.82 -16.30
C PRO H 235 60.63 -20.00 -17.28
N LYS H 236 61.17 -18.86 -17.79
CA LYS H 236 62.28 -18.86 -18.74
C LYS H 236 63.59 -18.48 -18.06
N ASP I 20 63.51 47.05 -64.81
CA ASP I 20 62.81 46.27 -63.78
C ASP I 20 63.27 46.59 -62.33
N ILE I 21 62.31 46.80 -61.40
CA ILE I 21 62.62 47.05 -59.97
C ILE I 21 62.51 45.71 -59.23
N GLN I 22 63.47 45.43 -58.38
CA GLN I 22 63.49 44.19 -57.63
C GLN I 22 62.93 44.53 -56.28
N MET I 23 61.94 43.73 -55.84
CA MET I 23 61.29 43.85 -54.54
C MET I 23 61.75 42.63 -53.79
N THR I 24 62.47 42.83 -52.67
CA THR I 24 63.04 41.71 -51.94
C THR I 24 62.35 41.48 -50.64
N GLN I 25 61.85 40.23 -50.46
CA GLN I 25 61.25 39.80 -49.22
C GLN I 25 61.98 38.60 -48.74
N SER I 26 62.54 38.71 -47.56
CA SER I 26 63.16 37.62 -46.86
C SER I 26 62.60 37.64 -45.41
N PRO I 27 62.60 36.50 -44.66
CA PRO I 27 62.95 35.16 -45.13
C PRO I 27 61.73 34.61 -45.89
N ALA I 28 61.88 33.50 -46.62
CA ALA I 28 60.77 32.86 -47.34
C ALA I 28 59.67 32.44 -46.34
N THR I 29 60.10 31.95 -45.17
CA THR I 29 59.31 31.42 -44.08
C THR I 29 59.76 32.03 -42.76
N LEU I 30 58.79 32.33 -41.86
CA LEU I 30 59.07 32.83 -40.51
C LEU I 30 58.17 32.08 -39.52
N SER I 31 58.76 31.43 -38.51
CA SER I 31 58.01 30.68 -37.51
C SER I 31 57.93 31.46 -36.24
N VAL I 32 56.70 31.85 -35.85
CA VAL I 32 56.44 32.68 -34.66
C VAL I 32 55.20 32.24 -33.91
N SER I 33 55.14 32.59 -32.63
CA SER I 33 54.07 32.18 -31.74
C SER I 33 52.85 33.07 -31.75
N PRO I 34 51.63 32.49 -31.67
CA PRO I 34 50.41 33.31 -31.53
C PRO I 34 50.54 34.26 -30.33
N GLY I 35 50.05 35.48 -30.49
CA GLY I 35 50.12 36.50 -29.45
C GLY I 35 51.33 37.40 -29.55
N GLU I 36 52.32 37.03 -30.41
CA GLU I 36 53.53 37.83 -30.60
C GLU I 36 53.31 38.93 -31.65
N THR I 37 54.06 40.05 -31.53
CA THR I 37 54.03 41.14 -32.52
C THR I 37 55.22 40.95 -33.50
N VAL I 38 54.96 41.03 -34.80
CA VAL I 38 56.01 40.82 -35.78
C VAL I 38 56.04 41.93 -36.81
N THR I 39 57.26 42.20 -37.34
CA THR I 39 57.49 43.17 -38.40
C THR I 39 58.14 42.42 -39.54
N LEU I 40 57.45 42.44 -40.67
CA LEU I 40 57.88 41.83 -41.91
C LEU I 40 58.48 42.95 -42.74
N SER I 41 59.58 42.69 -43.45
CA SER I 41 60.31 43.69 -44.24
C SER I 41 60.32 43.35 -45.69
N CYS I 42 60.30 44.42 -46.49
CA CYS I 42 60.32 44.43 -47.94
C CYS I 42 61.24 45.58 -48.39
N ARG I 43 62.19 45.27 -49.28
CA ARG I 43 63.15 46.25 -49.78
C ARG I 43 63.02 46.48 -51.30
N ALA I 44 63.11 47.71 -51.74
CA ALA I 44 63.08 48.07 -53.17
C ALA I 44 64.54 48.30 -53.70
N SER I 45 64.86 47.74 -54.91
CA SER I 45 66.18 47.92 -55.55
C SER I 45 66.53 49.39 -55.79
N GLN I 46 65.52 50.22 -56.09
CA GLN I 46 65.61 51.68 -56.26
C GLN I 46 64.36 52.32 -55.64
N SER I 47 64.39 53.62 -55.37
CA SER I 47 63.25 54.30 -54.74
C SER I 47 61.91 54.07 -55.46
N VAL I 48 60.88 53.73 -54.69
CA VAL I 48 59.50 53.50 -55.15
C VAL I 48 58.56 54.42 -54.38
N ARG I 49 59.17 55.38 -53.66
CA ARG I 49 58.51 56.41 -52.85
C ARG I 49 57.53 55.80 -51.84
N THR I 50 56.20 55.99 -52.01
CA THR I 50 55.19 55.39 -51.14
C THR I 50 54.29 54.40 -51.92
N ASN I 51 54.58 54.18 -53.21
CA ASN I 51 53.76 53.33 -54.08
C ASN I 51 54.01 51.84 -53.84
N VAL I 52 53.69 51.40 -52.61
CA VAL I 52 53.84 50.04 -52.11
C VAL I 52 52.53 49.55 -51.51
N ALA I 53 52.12 48.32 -51.92
CA ALA I 53 50.93 47.72 -51.31
C ALA I 53 51.30 46.37 -50.70
N TRP I 54 50.64 46.02 -49.57
CA TRP I 54 50.80 44.73 -48.89
C TRP I 54 49.54 43.87 -49.12
N TYR I 55 49.76 42.56 -49.35
CA TYR I 55 48.71 41.59 -49.66
C TYR I 55 48.86 40.34 -48.85
N ARG I 56 47.74 39.78 -48.46
CA ARG I 56 47.66 38.55 -47.70
C ARG I 56 47.11 37.45 -48.59
N HIS I 57 47.75 36.30 -48.59
CA HIS I 57 47.26 35.17 -49.34
C HIS I 57 47.38 33.91 -48.50
N LYS I 58 46.23 33.24 -48.33
CA LYS I 58 46.11 31.95 -47.66
C LYS I 58 45.57 30.99 -48.71
N ALA I 59 46.19 29.81 -48.79
CA ALA I 59 45.88 28.79 -49.78
C ALA I 59 44.39 28.45 -49.87
N GLY I 60 43.87 28.44 -51.11
CA GLY I 60 42.47 28.22 -51.42
C GLY I 60 41.65 29.50 -51.47
N GLN I 61 42.23 30.62 -50.99
CA GLN I 61 41.57 31.93 -50.97
C GLN I 61 42.16 32.84 -52.03
N ALA I 62 41.42 33.88 -52.40
CA ALA I 62 41.94 34.86 -53.33
C ALA I 62 42.80 35.83 -52.53
N PRO I 63 43.87 36.39 -53.14
CA PRO I 63 44.71 37.37 -52.41
C PRO I 63 43.89 38.57 -51.96
N MET I 64 44.37 39.29 -50.93
CA MET I 64 43.62 40.45 -50.42
C MET I 64 44.53 41.54 -49.92
N ILE I 65 44.18 42.81 -50.21
CA ILE I 65 44.96 43.97 -49.81
C ILE I 65 44.88 44.24 -48.31
N LEU I 66 46.01 44.70 -47.74
CA LEU I 66 46.10 45.01 -46.33
C LEU I 66 46.46 46.45 -46.13
N VAL I 67 47.39 46.96 -46.96
CA VAL I 67 47.98 48.30 -46.93
C VAL I 67 48.20 48.80 -48.35
N SER I 68 48.01 50.12 -48.58
CA SER I 68 48.34 50.80 -49.84
C SER I 68 49.04 52.10 -49.47
N GLY I 69 49.76 52.70 -50.41
CA GLY I 69 50.50 53.94 -50.17
C GLY I 69 51.51 53.81 -49.04
N ALA I 70 52.03 52.58 -48.83
CA ALA I 70 52.98 52.17 -47.80
C ALA I 70 52.46 52.24 -46.37
N SER I 71 51.53 53.16 -46.04
CA SER I 71 51.09 53.32 -44.65
C SER I 71 49.57 53.38 -44.43
N THR I 72 48.78 53.37 -45.51
CA THR I 72 47.31 53.42 -45.45
C THR I 72 46.70 52.00 -45.30
N ARG I 73 46.00 51.75 -44.21
CA ARG I 73 45.39 50.45 -43.98
C ARG I 73 44.15 50.26 -44.84
N ALA I 74 44.03 49.06 -45.46
CA ALA I 74 42.88 48.74 -46.29
C ALA I 74 41.69 48.50 -45.34
N SER I 75 40.45 48.74 -45.84
CA SER I 75 39.20 48.61 -45.06
C SER I 75 39.00 47.16 -44.53
N GLY I 76 39.41 46.17 -45.34
CA GLY I 76 39.31 44.75 -45.04
C GLY I 76 40.41 44.26 -44.12
N ALA I 77 41.27 45.15 -43.63
CA ALA I 77 42.36 44.74 -42.74
C ALA I 77 42.04 45.10 -41.30
N PRO I 78 42.09 44.13 -40.38
CA PRO I 78 41.85 44.45 -38.96
C PRO I 78 42.88 45.48 -38.49
N ALA I 79 42.57 46.25 -37.44
CA ALA I 79 43.44 47.31 -36.89
C ALA I 79 44.86 46.87 -36.45
N ARG I 80 45.05 45.56 -36.20
CA ARG I 80 46.33 45.01 -35.73
C ARG I 80 47.42 45.04 -36.82
N PHE I 81 47.02 45.35 -38.06
CA PHE I 81 47.90 45.50 -39.20
C PHE I 81 48.19 46.96 -39.40
N SER I 82 49.47 47.28 -39.66
CA SER I 82 49.96 48.62 -40.01
C SER I 82 51.18 48.51 -40.92
N GLY I 83 51.33 49.47 -41.80
CA GLY I 83 52.46 49.57 -42.71
C GLY I 83 53.19 50.90 -42.57
N SER I 84 54.48 50.88 -42.87
CA SER I 84 55.30 52.10 -42.89
C SER I 84 56.44 51.91 -43.90
N GLY I 85 57.11 53.01 -44.24
CA GLY I 85 58.22 52.97 -45.16
C GLY I 85 58.16 54.07 -46.19
N TYR I 86 59.29 54.26 -46.87
CA TYR I 86 59.54 55.23 -47.95
C TYR I 86 60.78 54.81 -48.75
N GLY I 87 60.62 54.89 -50.06
CA GLY I 87 61.65 54.69 -51.07
C GLY I 87 62.14 53.30 -51.30
N THR I 88 63.01 52.85 -50.43
CA THR I 88 63.68 51.57 -50.56
C THR I 88 63.29 50.61 -49.43
N GLU I 89 62.73 51.12 -48.35
CA GLU I 89 62.49 50.32 -47.17
C GLU I 89 61.06 50.37 -46.70
N PHE I 90 60.41 49.17 -46.58
CA PHE I 90 58.99 49.03 -46.18
C PHE I 90 58.77 47.92 -45.18
N THR I 91 57.99 48.22 -44.14
CA THR I 91 57.69 47.25 -43.12
C THR I 91 56.17 47.02 -42.99
N LEU I 92 55.77 45.82 -42.53
CA LEU I 92 54.38 45.46 -42.21
C LEU I 92 54.41 44.93 -40.80
N THR I 93 53.71 45.60 -39.90
CA THR I 93 53.60 45.15 -38.51
C THR I 93 52.23 44.51 -38.29
N ILE I 94 52.24 43.33 -37.64
CA ILE I 94 51.05 42.60 -37.22
C ILE I 94 51.18 42.44 -35.71
N THR I 95 50.31 43.15 -34.97
CA THR I 95 50.23 43.18 -33.51
C THR I 95 49.44 41.96 -32.99
N SER I 96 50.04 41.23 -32.03
CA SER I 96 49.50 40.02 -31.36
C SER I 96 48.89 39.05 -32.40
N LEU I 97 49.76 38.36 -33.16
CA LEU I 97 49.34 37.38 -34.15
C LEU I 97 48.20 36.50 -33.67
N GLN I 98 47.20 36.37 -34.55
CA GLN I 98 46.02 35.54 -34.41
C GLN I 98 46.20 34.37 -35.35
N SER I 99 45.54 33.23 -35.07
CA SER I 99 45.60 31.99 -35.90
C SER I 99 45.51 32.28 -37.41
N GLU I 100 44.52 33.08 -37.84
CA GLU I 100 44.28 33.45 -39.27
C GLU I 100 45.43 34.29 -39.95
N ASP I 101 46.28 34.94 -39.12
CA ASP I 101 47.42 35.72 -39.61
C ASP I 101 48.59 34.84 -40.09
N PHE I 102 48.48 33.52 -39.91
CA PHE I 102 49.56 32.64 -40.34
C PHE I 102 49.27 32.32 -41.78
N ALA I 103 49.88 33.14 -42.65
CA ALA I 103 49.61 33.25 -44.07
C ALA I 103 50.84 33.82 -44.79
N VAL I 104 50.75 33.98 -46.13
CA VAL I 104 51.82 34.52 -46.94
C VAL I 104 51.56 36.01 -47.17
N TYR I 105 52.55 36.83 -46.86
CA TYR I 105 52.49 38.29 -47.04
C TYR I 105 53.39 38.75 -48.19
N TYR I 106 52.78 39.46 -49.16
CA TYR I 106 53.48 40.00 -50.33
C TYR I 106 53.44 41.51 -50.39
N CYS I 107 54.56 42.13 -50.71
CA CYS I 107 54.60 43.56 -50.99
C CYS I 107 54.61 43.66 -52.54
N LEU I 108 54.26 44.83 -53.06
CA LEU I 108 54.20 45.07 -54.48
C LEU I 108 54.58 46.50 -54.65
N GLN I 109 55.29 46.81 -55.74
CA GLN I 109 55.56 48.21 -56.06
C GLN I 109 54.73 48.58 -57.28
N TYR I 110 54.11 49.76 -57.25
CA TYR I 110 53.35 50.29 -58.39
C TYR I 110 53.84 51.71 -58.76
N ASN I 111 55.12 52.01 -58.46
CA ASN I 111 55.78 53.28 -58.73
C ASN I 111 56.11 53.45 -60.17
N THR I 112 56.41 52.33 -60.85
CA THR I 112 56.80 52.31 -62.25
C THR I 112 56.30 51.02 -62.93
N TRP I 113 56.72 50.81 -64.18
CA TRP I 113 56.35 49.66 -65.01
C TRP I 113 57.61 48.94 -65.44
N PRO I 114 57.59 47.60 -65.42
CA PRO I 114 56.47 46.74 -64.96
C PRO I 114 56.24 46.82 -63.46
N ARG I 115 55.05 46.38 -63.02
CA ARG I 115 54.73 46.28 -61.60
C ARG I 115 55.47 45.02 -61.14
N THR I 116 55.89 44.98 -59.88
CA THR I 116 56.67 43.85 -59.34
C THR I 116 56.32 43.58 -57.86
N PHE I 117 55.99 42.31 -57.60
CA PHE I 117 55.69 41.77 -56.27
C PHE I 117 56.97 41.24 -55.65
N GLY I 118 57.00 41.25 -54.34
CA GLY I 118 58.08 40.59 -53.62
C GLY I 118 57.85 39.09 -53.68
N GLN I 119 58.84 38.29 -53.24
CA GLN I 119 58.73 36.82 -53.23
C GLN I 119 57.73 36.33 -52.20
N GLY I 120 57.46 37.14 -51.19
CA GLY I 120 56.52 36.80 -50.13
C GLY I 120 57.17 36.15 -48.93
N THR I 121 56.59 36.40 -47.75
CA THR I 121 57.01 35.79 -46.51
C THR I 121 55.84 34.99 -45.95
N LYS I 122 56.06 33.69 -45.70
CA LYS I 122 55.02 32.83 -45.11
C LYS I 122 55.23 32.86 -43.65
N VAL I 123 54.24 33.36 -42.93
CA VAL I 123 54.34 33.37 -41.47
C VAL I 123 53.70 32.10 -40.98
N GLU I 124 54.46 31.26 -40.22
CA GLU I 124 54.03 29.96 -39.72
C GLU I 124 53.94 29.90 -38.21
N VAL I 125 53.16 28.97 -37.68
CA VAL I 125 52.95 28.86 -36.23
C VAL I 125 54.10 28.14 -35.58
N LYS I 126 54.76 28.78 -34.59
CA LYS I 126 55.77 28.14 -33.79
C LYS I 126 55.02 27.42 -32.67
N ARG I 127 55.20 26.11 -32.59
CA ARG I 127 54.58 25.28 -31.58
C ARG I 127 55.66 24.32 -31.04
N THR I 128 55.30 23.49 -30.07
CA THR I 128 56.19 22.53 -29.42
C THR I 128 56.58 21.40 -30.39
N VAL I 129 57.76 20.77 -30.20
CA VAL I 129 58.17 19.68 -31.09
C VAL I 129 57.17 18.50 -30.91
N ALA I 130 56.83 17.83 -32.04
CA ALA I 130 55.97 16.67 -32.07
C ALA I 130 56.59 15.73 -33.06
N ALA I 131 56.87 14.54 -32.60
CA ALA I 131 57.47 13.47 -33.36
C ALA I 131 56.43 12.90 -34.32
N PRO I 132 56.81 12.49 -35.54
CA PRO I 132 55.79 11.96 -36.46
C PRO I 132 55.44 10.50 -36.19
N SER I 133 54.16 10.13 -36.35
CA SER I 133 53.74 8.74 -36.29
C SER I 133 53.79 8.30 -37.74
N VAL I 134 54.57 7.23 -37.98
CA VAL I 134 54.92 6.70 -39.30
C VAL I 134 54.14 5.43 -39.64
N PHE I 135 53.59 5.39 -40.87
CA PHE I 135 52.81 4.28 -41.41
C PHE I 135 53.34 3.97 -42.78
N ILE I 136 53.26 2.69 -43.19
CA ILE I 136 53.64 2.25 -44.52
C ILE I 136 52.43 1.57 -45.15
N PHE I 137 52.23 1.80 -46.46
CA PHE I 137 51.11 1.29 -47.22
C PHE I 137 51.57 0.58 -48.50
N PRO I 138 51.53 -0.77 -48.55
CA PRO I 138 51.93 -1.47 -49.78
C PRO I 138 51.02 -1.11 -50.93
N PRO I 139 51.42 -1.34 -52.20
CA PRO I 139 50.46 -1.10 -53.29
C PRO I 139 49.25 -2.01 -53.12
N SER I 140 48.09 -1.57 -53.57
CA SER I 140 46.84 -2.35 -53.53
C SER I 140 46.91 -3.46 -54.62
N ASP I 141 46.09 -4.51 -54.49
CA ASP I 141 46.02 -5.60 -55.48
C ASP I 141 45.38 -5.10 -56.77
N GLU I 142 44.44 -4.15 -56.61
CA GLU I 142 43.72 -3.44 -57.67
C GLU I 142 44.70 -2.71 -58.61
N GLN I 143 45.70 -2.03 -58.03
CA GLN I 143 46.71 -1.26 -58.75
C GLN I 143 47.73 -2.13 -59.45
N LEU I 144 48.17 -3.22 -58.80
CA LEU I 144 49.18 -4.10 -59.38
C LEU I 144 48.74 -4.75 -60.73
N LYS I 145 47.42 -4.80 -61.01
CA LYS I 145 46.86 -5.31 -62.27
C LYS I 145 47.16 -4.29 -63.41
N SER I 146 47.34 -3.01 -63.06
CA SER I 146 47.62 -1.94 -64.03
C SER I 146 49.12 -1.86 -64.40
N GLY I 147 49.95 -2.66 -63.74
CA GLY I 147 51.38 -2.70 -64.00
C GLY I 147 52.16 -1.67 -63.20
N THR I 148 51.50 -1.00 -62.24
CA THR I 148 52.14 0.01 -61.39
C THR I 148 51.99 -0.33 -59.93
N ALA I 149 53.04 -0.04 -59.18
CA ALA I 149 53.08 -0.26 -57.74
C ALA I 149 53.43 1.07 -57.12
N SER I 150 52.58 1.56 -56.19
CA SER I 150 52.86 2.81 -55.49
C SER I 150 52.94 2.41 -54.06
N VAL I 151 54.07 2.72 -53.42
CA VAL I 151 54.29 2.44 -52.01
C VAL I 151 54.26 3.79 -51.30
N VAL I 152 53.33 3.93 -50.35
CA VAL I 152 53.14 5.17 -49.62
C VAL I 152 53.62 5.07 -48.18
N CYS I 153 54.45 6.05 -47.79
CA CYS I 153 54.92 6.20 -46.43
C CYS I 153 54.24 7.48 -45.88
N LEU I 154 53.55 7.37 -44.74
CA LEU I 154 52.90 8.54 -44.14
C LEU I 154 53.63 8.96 -42.90
N LEU I 155 53.97 10.23 -42.83
CA LEU I 155 54.59 10.90 -41.67
C LEU I 155 53.47 11.81 -41.15
N ASN I 156 52.90 11.47 -39.99
CA ASN I 156 51.71 12.16 -39.50
C ASN I 156 51.89 12.98 -38.22
N ASN I 157 51.30 14.21 -38.24
CA ASN I 157 51.20 15.18 -37.16
C ASN I 157 52.53 15.48 -36.45
N PHE I 158 53.47 16.07 -37.18
CA PHE I 158 54.76 16.43 -36.62
C PHE I 158 55.04 17.94 -36.67
N TYR I 159 55.99 18.39 -35.87
CA TYR I 159 56.46 19.75 -35.87
C TYR I 159 57.91 19.69 -35.41
N PRO I 160 58.89 20.39 -36.08
CA PRO I 160 58.76 21.31 -37.25
C PRO I 160 58.65 20.55 -38.58
N ARG I 161 58.51 21.28 -39.69
CA ARG I 161 58.30 20.73 -41.04
C ARG I 161 59.42 19.83 -41.56
N GLU I 162 60.67 20.07 -41.17
CA GLU I 162 61.84 19.35 -41.65
C GLU I 162 61.80 17.92 -41.22
N ALA I 163 61.89 17.03 -42.20
CA ALA I 163 61.88 15.60 -41.97
C ALA I 163 62.58 14.93 -43.13
N LYS I 164 63.27 13.82 -42.86
CA LYS I 164 63.94 13.09 -43.95
C LYS I 164 63.42 11.66 -44.07
N VAL I 165 62.98 11.29 -45.28
CA VAL I 165 62.46 9.94 -45.60
C VAL I 165 63.43 9.29 -46.56
N GLN I 166 63.84 8.05 -46.26
CA GLN I 166 64.65 7.28 -47.19
C GLN I 166 63.96 5.93 -47.48
N TRP I 167 63.99 5.52 -48.74
CA TRP I 167 63.38 4.28 -49.18
C TRP I 167 64.45 3.24 -49.43
N LYS I 168 64.34 2.08 -48.76
CA LYS I 168 65.25 0.95 -48.91
C LYS I 168 64.47 -0.25 -49.46
N VAL I 169 64.79 -0.65 -50.70
CA VAL I 169 64.17 -1.81 -51.36
C VAL I 169 65.23 -2.92 -51.23
N ASP I 170 65.04 -3.83 -50.24
CA ASP I 170 65.97 -4.94 -49.89
C ASP I 170 67.32 -4.34 -49.47
N ASN I 171 67.27 -3.37 -48.52
CA ASN I 171 68.38 -2.56 -47.96
C ASN I 171 69.04 -1.63 -48.98
N ALA I 172 68.67 -1.75 -50.27
CA ALA I 172 69.20 -0.89 -51.32
C ALA I 172 68.46 0.46 -51.30
N LEU I 173 69.20 1.52 -50.91
CA LEU I 173 68.71 2.90 -50.83
C LEU I 173 68.26 3.37 -52.22
N GLN I 174 67.01 3.88 -52.32
CA GLN I 174 66.38 4.33 -53.57
C GLN I 174 66.65 5.80 -53.90
N SER I 175 66.61 6.14 -55.21
CA SER I 175 66.78 7.50 -55.70
C SER I 175 65.99 7.73 -57.01
N GLY I 176 65.45 8.94 -57.17
CA GLY I 176 64.71 9.36 -58.36
C GLY I 176 63.26 8.94 -58.51
N ASN I 177 62.90 7.76 -57.99
CA ASN I 177 61.55 7.18 -58.09
C ASN I 177 60.63 7.47 -56.86
N SER I 178 60.88 8.58 -56.15
CA SER I 178 60.06 9.01 -55.00
C SER I 178 59.67 10.48 -55.16
N GLN I 179 58.45 10.82 -54.72
CA GLN I 179 57.89 12.16 -54.71
C GLN I 179 57.25 12.40 -53.35
N GLU I 180 57.54 13.56 -52.76
CA GLU I 180 57.01 14.00 -51.46
C GLU I 180 55.95 15.12 -51.61
N SER I 181 55.03 15.18 -50.64
CA SER I 181 53.98 16.20 -50.55
C SER I 181 53.71 16.40 -49.06
N VAL I 182 53.60 17.66 -48.65
CA VAL I 182 53.41 18.10 -47.26
C VAL I 182 52.13 18.95 -47.19
N THR I 183 51.31 18.73 -46.15
CA THR I 183 50.10 19.56 -45.99
C THR I 183 50.49 20.88 -45.33
N GLU I 184 49.59 21.84 -45.39
CA GLU I 184 49.68 23.12 -44.68
C GLU I 184 49.53 22.77 -43.20
N GLN I 185 50.04 23.62 -42.29
CA GLN I 185 49.89 23.38 -40.86
C GLN I 185 48.43 23.12 -40.59
N ASP I 186 48.14 22.04 -39.82
CA ASP I 186 46.80 21.68 -39.45
C ASP I 186 46.09 22.85 -38.76
N SER I 187 44.93 23.25 -39.30
CA SER I 187 44.11 24.38 -38.82
C SER I 187 43.75 24.27 -37.34
N LYS I 188 43.70 23.06 -36.83
CA LYS I 188 43.39 22.82 -35.43
C LYS I 188 44.67 22.92 -34.60
N ASP I 189 45.53 21.88 -34.65
CA ASP I 189 46.76 21.69 -33.85
C ASP I 189 48.12 22.23 -34.42
N SER I 190 48.16 22.81 -35.63
CA SER I 190 49.39 23.39 -36.22
C SER I 190 50.54 22.42 -36.49
N THR I 191 50.25 21.12 -36.71
CA THR I 191 51.29 20.15 -37.08
C THR I 191 51.36 19.98 -38.64
N TYR I 192 52.33 19.21 -39.11
CA TYR I 192 52.48 18.87 -40.51
C TYR I 192 52.28 17.40 -40.68
N SER I 193 51.95 17.02 -41.88
CA SER I 193 51.83 15.64 -42.30
C SER I 193 52.48 15.60 -43.67
N LEU I 194 53.15 14.51 -43.95
CA LEU I 194 53.90 14.32 -45.19
C LEU I 194 53.61 12.94 -45.77
N SER I 195 53.53 12.86 -47.09
CA SER I 195 53.37 11.59 -47.77
C SER I 195 54.60 11.40 -48.67
N SER I 196 55.22 10.23 -48.61
CA SER I 196 56.35 9.90 -49.48
C SER I 196 55.91 8.75 -50.35
N THR I 197 55.94 8.95 -51.65
CA THR I 197 55.44 7.98 -52.63
C THR I 197 56.56 7.32 -53.50
N LEU I 198 56.81 6.01 -53.30
CA LEU I 198 57.78 5.23 -54.09
C LEU I 198 57.08 4.61 -55.30
N THR I 199 57.36 5.08 -56.52
CA THR I 199 56.75 4.50 -57.70
C THR I 199 57.68 3.51 -58.39
N LEU I 200 57.19 2.25 -58.52
CA LEU I 200 57.88 1.13 -59.18
C LEU I 200 56.96 0.52 -60.23
N SER I 201 57.54 -0.23 -61.17
CA SER I 201 56.84 -1.03 -62.19
C SER I 201 56.36 -2.26 -61.44
N LYS I 202 55.32 -2.93 -61.95
CA LYS I 202 54.83 -4.18 -61.33
C LYS I 202 56.00 -5.19 -61.23
N ALA I 203 56.71 -5.45 -62.36
CA ALA I 203 57.86 -6.36 -62.45
C ALA I 203 58.95 -6.05 -61.45
N ASP I 204 59.38 -4.76 -61.36
CA ASP I 204 60.38 -4.29 -60.38
C ASP I 204 59.94 -4.54 -58.93
N TYR I 205 58.64 -4.27 -58.63
CA TYR I 205 58.06 -4.52 -57.31
C TYR I 205 58.01 -6.02 -56.99
N GLU I 206 57.76 -6.86 -58.02
CA GLU I 206 57.62 -8.32 -57.88
C GLU I 206 58.94 -9.08 -57.59
N LYS I 207 60.11 -8.49 -57.88
CA LYS I 207 61.40 -9.14 -57.63
C LYS I 207 61.75 -9.11 -56.13
N HIS I 208 61.74 -7.90 -55.56
CA HIS I 208 62.13 -7.63 -54.18
C HIS I 208 61.07 -7.95 -53.16
N LYS I 209 61.53 -8.25 -51.94
CA LYS I 209 60.71 -8.66 -50.81
C LYS I 209 60.46 -7.54 -49.78
N VAL I 210 61.54 -6.95 -49.21
CA VAL I 210 61.46 -5.94 -48.14
C VAL I 210 61.30 -4.51 -48.66
N TYR I 211 60.30 -3.80 -48.09
CA TYR I 211 60.01 -2.40 -48.43
C TYR I 211 59.95 -1.60 -47.14
N ALA I 212 60.93 -0.70 -46.98
CA ALA I 212 61.07 0.11 -45.78
C ALA I 212 61.24 1.59 -46.06
N CYS I 213 60.64 2.43 -45.21
CA CYS I 213 60.85 3.88 -45.27
C CYS I 213 61.40 4.30 -43.93
N GLU I 214 62.53 4.98 -43.95
CA GLU I 214 63.17 5.43 -42.73
C GLU I 214 63.04 6.92 -42.59
N VAL I 215 62.55 7.32 -41.42
CA VAL I 215 62.24 8.71 -41.10
C VAL I 215 63.13 9.28 -40.01
N THR I 216 63.85 10.34 -40.35
CA THR I 216 64.68 11.07 -39.41
C THR I 216 63.97 12.44 -39.11
N HIS I 217 63.64 12.68 -37.84
CA HIS I 217 62.99 13.89 -37.36
C HIS I 217 63.46 14.23 -35.96
N GLN I 218 63.69 15.52 -35.72
CA GLN I 218 64.10 16.20 -34.47
C GLN I 218 63.47 15.63 -33.20
N GLY I 219 62.18 15.27 -33.28
CA GLY I 219 61.37 14.73 -32.19
C GLY I 219 61.59 13.27 -31.87
N LEU I 220 62.51 12.63 -32.58
CA LEU I 220 62.87 11.22 -32.39
C LEU I 220 64.33 11.11 -32.01
N SER I 221 64.61 10.34 -30.92
CA SER I 221 65.96 10.04 -30.41
C SER I 221 66.74 9.33 -31.52
N SER I 222 66.10 8.32 -32.13
CA SER I 222 66.67 7.56 -33.24
C SER I 222 65.64 7.44 -34.39
N PRO I 223 66.09 7.39 -35.67
CA PRO I 223 65.13 7.25 -36.78
C PRO I 223 64.16 6.09 -36.64
N VAL I 224 62.91 6.33 -37.07
CA VAL I 224 61.83 5.35 -37.06
C VAL I 224 61.75 4.73 -38.46
N THR I 225 61.67 3.38 -38.53
CA THR I 225 61.61 2.64 -39.79
C THR I 225 60.33 1.81 -39.84
N LYS I 226 59.68 1.81 -41.02
CA LYS I 226 58.45 1.01 -41.20
C LYS I 226 58.63 0.05 -42.35
N SER I 227 58.39 -1.24 -42.10
CA SER I 227 58.63 -2.27 -43.10
C SER I 227 57.52 -3.25 -43.32
N PHE I 228 57.48 -3.79 -44.55
CA PHE I 228 56.58 -4.86 -44.93
C PHE I 228 57.27 -5.74 -45.95
N ASN I 229 56.80 -6.99 -46.07
CA ASN I 229 57.35 -7.93 -47.03
C ASN I 229 56.28 -8.28 -48.07
N ARG I 230 56.61 -8.06 -49.38
CA ARG I 230 55.71 -8.26 -50.53
C ARG I 230 54.93 -9.59 -50.54
N VAL J 21 30.55 46.63 -55.58
CA VAL J 21 31.78 46.41 -56.37
C VAL J 21 32.01 44.90 -56.61
N GLN J 22 31.78 44.44 -57.85
CA GLN J 22 31.81 43.03 -58.23
C GLN J 22 32.62 42.75 -59.50
N LEU J 23 33.39 41.65 -59.49
CA LEU J 23 34.18 41.21 -60.64
C LEU J 23 33.83 39.77 -60.82
N GLN J 24 33.03 39.50 -61.84
CA GLN J 24 32.49 38.22 -62.26
C GLN J 24 33.46 37.62 -63.26
N HIS J 25 34.11 36.49 -62.93
CA HIS J 25 35.12 35.87 -63.79
C HIS J 25 34.55 34.83 -64.80
N SER J 26 35.18 34.78 -66.00
CA SER J 26 34.90 33.87 -67.12
C SER J 26 36.18 33.38 -67.83
N GLY J 27 36.02 32.23 -68.50
CA GLY J 27 37.09 31.42 -69.08
C GLY J 27 37.36 30.41 -67.97
N GLY J 28 38.41 29.60 -68.06
CA GLY J 28 39.33 29.51 -69.18
C GLY J 28 39.34 28.06 -69.57
N GLY J 29 40.34 27.34 -69.07
CA GLY J 29 40.42 25.92 -69.30
C GLY J 29 41.75 25.36 -69.72
N LEU J 30 41.66 24.34 -70.57
CA LEU J 30 42.72 23.50 -71.07
C LEU J 30 43.20 23.85 -72.44
N GLU J 31 44.53 23.88 -72.59
CA GLU J 31 45.21 24.13 -73.83
C GLU J 31 46.47 23.29 -73.98
N GLN J 32 46.94 23.14 -75.22
CA GLN J 32 48.16 22.42 -75.57
C GLN J 32 49.27 23.47 -75.72
N PRO J 33 50.56 23.16 -75.50
CA PRO J 33 51.60 24.18 -75.70
C PRO J 33 51.56 24.76 -77.12
N GLY J 34 51.58 26.07 -77.22
CA GLY J 34 51.49 26.81 -78.47
C GLY J 34 50.07 27.17 -78.86
N GLY J 35 49.12 26.83 -77.98
CA GLY J 35 47.72 27.08 -78.16
C GLY J 35 47.38 28.47 -77.71
N SER J 36 46.08 28.79 -77.80
CA SER J 36 45.54 30.10 -77.53
C SER J 36 44.25 30.02 -76.72
N LEU J 37 44.01 30.99 -75.85
CA LEU J 37 42.80 31.06 -75.02
C LEU J 37 42.53 32.50 -74.59
N ARG J 38 41.27 32.83 -74.28
CA ARG J 38 40.85 34.12 -73.78
C ARG J 38 40.00 33.94 -72.54
N ILE J 39 40.34 34.71 -71.50
CA ILE J 39 39.66 34.74 -70.21
C ILE J 39 39.15 36.15 -70.05
N SER J 40 38.26 36.38 -69.09
CA SER J 40 37.67 37.69 -68.92
C SER J 40 37.17 37.90 -67.51
N CYS J 41 36.60 39.10 -67.29
CA CYS J 41 35.93 39.52 -66.09
C CYS J 41 34.92 40.58 -66.47
N ALA J 42 33.75 40.50 -65.86
CA ALA J 42 32.68 41.46 -66.05
C ALA J 42 32.61 42.28 -64.80
N ALA J 43 32.79 43.58 -64.96
CA ALA J 43 32.81 44.54 -63.87
C ALA J 43 31.41 45.06 -63.55
N SER J 44 31.21 45.52 -62.31
CA SER J 44 29.97 46.06 -61.77
C SER J 44 30.30 46.83 -60.51
N GLY J 45 29.53 47.87 -60.25
CA GLY J 45 29.65 48.67 -59.03
C GLY J 45 30.61 49.83 -59.08
N PHE J 46 31.29 50.04 -60.23
CA PHE J 46 32.21 51.18 -60.36
C PHE J 46 32.24 51.75 -61.78
N THR J 47 32.88 52.92 -61.99
CA THR J 47 33.02 53.54 -63.30
C THR J 47 34.16 52.83 -64.06
N PHE J 48 33.80 51.73 -64.75
CA PHE J 48 34.71 50.84 -65.48
C PHE J 48 35.49 51.52 -66.61
N ASN J 49 34.76 52.26 -67.47
CA ASN J 49 35.18 52.95 -68.69
C ASN J 49 36.44 53.85 -68.55
N THR J 50 36.70 54.40 -67.35
CA THR J 50 37.86 55.26 -67.08
C THR J 50 38.90 54.63 -66.11
N ASN J 51 38.54 53.51 -65.44
CA ASN J 51 39.34 52.80 -64.44
C ASN J 51 40.38 51.85 -65.03
N ASP J 52 41.56 51.77 -64.38
CA ASP J 52 42.61 50.83 -64.80
C ASP J 52 42.21 49.42 -64.39
N MET J 53 42.58 48.42 -65.20
CA MET J 53 42.32 47.00 -64.87
C MET J 53 43.63 46.25 -65.02
N SER J 54 43.87 45.28 -64.14
CA SER J 54 45.09 44.50 -64.22
C SER J 54 44.78 43.02 -64.14
N TRP J 55 45.75 42.22 -64.56
CA TRP J 55 45.76 40.78 -64.46
C TRP J 55 46.97 40.36 -63.60
N VAL J 56 46.72 39.48 -62.63
CA VAL J 56 47.69 38.92 -61.70
C VAL J 56 47.54 37.41 -61.79
N ARG J 57 48.65 36.68 -61.73
CA ARG J 57 48.60 35.25 -61.75
C ARG J 57 49.43 34.61 -60.66
N GLN J 58 49.08 33.36 -60.32
CA GLN J 58 49.82 32.53 -59.39
C GLN J 58 49.91 31.11 -59.93
N ALA J 59 51.13 30.69 -60.28
CA ALA J 59 51.42 29.35 -60.73
C ALA J 59 51.66 28.50 -59.45
N PRO J 60 51.42 27.16 -59.52
CA PRO J 60 51.66 26.33 -58.33
C PRO J 60 53.11 26.40 -57.82
N GLY J 61 53.24 26.55 -56.51
CA GLY J 61 54.54 26.64 -55.85
C GLY J 61 55.30 27.93 -56.12
N LYS J 62 54.59 28.96 -56.61
CA LYS J 62 55.18 30.26 -56.89
C LYS J 62 54.37 31.32 -56.19
N GLY J 63 54.91 32.54 -56.16
CA GLY J 63 54.25 33.69 -55.57
C GLY J 63 53.40 34.44 -56.59
N LEU J 64 52.85 35.58 -56.17
CA LEU J 64 52.03 36.37 -57.04
C LEU J 64 52.87 37.02 -58.14
N GLN J 65 52.31 37.08 -59.34
CA GLN J 65 53.01 37.67 -60.45
C GLN J 65 52.07 38.54 -61.25
N TRP J 66 52.48 39.81 -61.45
CA TRP J 66 51.75 40.80 -62.22
C TRP J 66 51.93 40.43 -63.68
N VAL J 67 50.82 40.38 -64.44
CA VAL J 67 50.82 39.95 -65.85
C VAL J 67 50.68 41.12 -66.77
N SER J 68 49.63 41.90 -66.57
CA SER J 68 49.26 42.99 -67.45
C SER J 68 48.39 44.04 -66.77
N THR J 69 48.28 45.24 -67.40
CA THR J 69 47.43 46.36 -67.02
C THR J 69 46.94 47.11 -68.28
N ILE J 70 45.66 47.47 -68.30
CA ILE J 70 45.10 48.31 -69.37
C ILE J 70 44.71 49.62 -68.68
N ILE J 71 45.26 50.76 -69.16
CA ILE J 71 45.00 52.08 -68.58
C ILE J 71 43.61 52.49 -69.05
N GLY J 72 42.79 52.96 -68.10
CA GLY J 72 41.40 53.31 -68.34
C GLY J 72 41.11 54.55 -69.17
N ILE J 73 42.02 55.55 -69.13
CA ILE J 73 41.82 56.82 -69.84
C ILE J 73 42.12 56.75 -71.36
N ASP J 74 43.20 56.06 -71.76
CA ASP J 74 43.65 56.02 -73.17
C ASP J 74 43.74 54.63 -73.82
N ASP J 75 43.35 53.55 -73.09
CA ASP J 75 43.45 52.15 -73.55
C ASP J 75 44.89 51.70 -73.79
N THR J 76 45.90 52.38 -73.18
CA THR J 76 47.29 51.92 -73.33
C THR J 76 47.51 50.67 -72.46
N THR J 77 48.44 49.80 -72.88
CA THR J 77 48.73 48.54 -72.19
C THR J 77 50.20 48.43 -71.66
N HIS J 78 50.41 47.54 -70.68
CA HIS J 78 51.68 47.19 -70.04
C HIS J 78 51.65 45.71 -69.75
N TYR J 79 52.77 45.01 -70.01
CA TYR J 79 52.93 43.58 -69.85
C TYR J 79 54.18 43.24 -69.07
N ALA J 80 54.18 42.06 -68.43
CA ALA J 80 55.34 41.54 -67.73
C ALA J 80 56.24 41.02 -68.85
N ASP J 81 57.57 41.01 -68.63
CA ASP J 81 58.53 40.56 -69.65
C ASP J 81 58.27 39.15 -70.18
N SER J 82 57.77 38.25 -69.33
CA SER J 82 57.52 36.85 -69.64
C SER J 82 56.31 36.62 -70.54
N VAL J 83 55.38 37.59 -70.56
CA VAL J 83 54.13 37.51 -71.33
C VAL J 83 54.12 38.46 -72.58
N ARG J 84 55.03 39.50 -72.62
CA ARG J 84 55.09 40.50 -73.70
C ARG J 84 55.22 39.89 -75.09
N GLY J 85 54.27 40.25 -75.94
CA GLY J 85 54.18 39.75 -77.31
C GLY J 85 53.34 38.51 -77.45
N ARG J 86 52.92 37.90 -76.30
CA ARG J 86 52.11 36.67 -76.30
C ARG J 86 50.70 36.87 -75.76
N PHE J 87 50.58 37.66 -74.70
CA PHE J 87 49.30 38.00 -74.05
C PHE J 87 48.84 39.36 -74.50
N THR J 88 47.52 39.58 -74.55
CA THR J 88 46.92 40.86 -74.91
C THR J 88 45.77 41.19 -73.95
N VAL J 89 45.95 42.25 -73.19
CA VAL J 89 44.90 42.77 -72.32
C VAL J 89 44.05 43.75 -73.18
N SER J 90 42.72 43.62 -73.11
CA SER J 90 41.77 44.45 -73.84
C SER J 90 40.50 44.61 -73.03
N ARG J 91 39.65 45.54 -73.42
CA ARG J 91 38.39 45.80 -72.75
C ARG J 91 37.34 46.31 -73.69
N ASP J 92 36.10 45.93 -73.38
CA ASP J 92 34.91 46.33 -74.11
C ASP J 92 34.10 47.10 -73.08
N THR J 93 34.27 48.42 -73.11
CA THR J 93 33.69 49.43 -72.24
C THR J 93 32.16 49.45 -72.27
N SER J 94 31.55 49.19 -73.45
CA SER J 94 30.10 49.16 -73.57
C SER J 94 29.53 48.05 -72.69
N LYS J 95 30.13 46.83 -72.80
CA LYS J 95 29.78 45.59 -72.07
C LYS J 95 30.38 45.50 -70.65
N ASN J 96 31.10 46.55 -70.18
CA ASN J 96 31.76 46.61 -68.85
C ASN J 96 32.62 45.36 -68.58
N MET J 97 33.42 44.96 -69.57
CA MET J 97 34.21 43.73 -69.54
C MET J 97 35.67 43.84 -69.94
N VAL J 98 36.58 43.19 -69.13
CA VAL J 98 38.03 43.11 -69.39
C VAL J 98 38.41 41.71 -69.86
N TYR J 99 39.38 41.59 -70.80
CA TYR J 99 39.82 40.33 -71.41
C TYR J 99 41.33 40.12 -71.36
N LEU J 100 41.75 38.83 -71.50
CA LEU J 100 43.16 38.44 -71.63
C LEU J 100 43.32 37.41 -72.75
N GLN J 101 43.77 37.87 -73.94
CA GLN J 101 44.05 36.96 -75.03
C GLN J 101 45.45 36.40 -74.77
N MET J 102 45.55 35.08 -74.54
CA MET J 102 46.77 34.37 -74.18
C MET J 102 47.27 33.50 -75.34
N ASN J 103 48.09 34.04 -76.21
CA ASN J 103 48.55 33.27 -77.36
C ASN J 103 49.89 32.60 -77.14
N SER J 104 50.27 31.69 -78.06
CA SER J 104 51.53 30.93 -77.99
C SER J 104 51.74 30.45 -76.53
N LEU J 105 50.75 29.69 -76.01
CA LEU J 105 50.74 29.27 -74.59
C LEU J 105 51.88 28.34 -74.25
N ARG J 106 52.55 28.65 -73.13
CA ARG J 106 53.68 27.88 -72.66
C ARG J 106 53.28 27.10 -71.40
N VAL J 107 53.92 25.94 -71.16
CA VAL J 107 53.66 25.07 -70.01
C VAL J 107 53.73 25.87 -68.69
N GLU J 108 54.69 26.79 -68.56
CA GLU J 108 54.86 27.65 -67.36
C GLU J 108 53.74 28.73 -67.23
N ASP J 109 52.80 28.81 -68.21
CA ASP J 109 51.64 29.71 -68.15
C ASP J 109 50.51 29.09 -67.32
N THR J 110 50.67 27.80 -66.93
CA THR J 110 49.68 27.10 -66.08
C THR J 110 49.58 27.88 -64.78
N ALA J 111 48.38 28.39 -64.45
CA ALA J 111 48.26 29.18 -63.22
C ALA J 111 46.83 29.51 -62.93
N LEU J 112 46.61 30.13 -61.75
CA LEU J 112 45.33 30.75 -61.44
C LEU J 112 45.51 32.20 -61.84
N TYR J 113 44.59 32.71 -62.66
CA TYR J 113 44.60 34.10 -63.11
C TYR J 113 43.51 34.89 -62.43
N TYR J 114 43.82 36.12 -62.03
CA TYR J 114 42.88 36.99 -61.32
C TYR J 114 42.86 38.34 -62.02
N CYS J 115 41.68 38.83 -62.36
CA CYS J 115 41.47 40.16 -62.90
C CYS J 115 41.31 40.98 -61.64
N VAL J 116 41.92 42.14 -61.63
CA VAL J 116 41.92 42.99 -60.46
C VAL J 116 41.53 44.42 -60.85
N LYS J 117 40.83 45.12 -59.96
CA LYS J 117 40.42 46.51 -60.15
C LYS J 117 41.64 47.38 -59.78
N ASN J 118 42.04 48.32 -60.70
CA ASN J 118 43.13 49.30 -60.57
C ASN J 118 44.42 48.79 -61.18
N SER J 119 45.46 49.62 -61.12
CA SER J 119 46.79 49.38 -61.70
C SER J 119 47.81 48.90 -60.67
N GLY J 120 47.58 49.21 -59.40
CA GLY J 120 48.46 48.82 -58.32
C GLY J 120 47.77 48.50 -57.01
N ILE J 121 46.71 49.25 -56.67
CA ILE J 121 45.96 49.09 -55.41
C ILE J 121 44.81 48.13 -55.72
N TYR J 122 45.06 46.82 -55.52
CA TYR J 122 44.12 45.78 -55.86
C TYR J 122 43.22 45.45 -54.67
N SER J 123 42.18 46.29 -54.46
CA SER J 123 41.17 46.12 -53.40
C SER J 123 40.19 45.04 -53.76
N PHE J 124 39.84 44.97 -55.05
CA PHE J 124 38.87 43.99 -55.53
C PHE J 124 39.48 43.06 -56.53
N TRP J 125 39.35 41.79 -56.24
CA TRP J 125 39.83 40.67 -57.03
C TRP J 125 38.66 39.85 -57.57
N GLY J 126 38.80 39.36 -58.80
CA GLY J 126 37.87 38.40 -59.35
C GLY J 126 38.25 37.02 -58.79
N GLN J 127 37.38 36.02 -58.93
CA GLN J 127 37.69 34.68 -58.46
C GLN J 127 38.70 34.10 -59.47
N GLY J 128 39.68 33.35 -58.97
CA GLY J 128 40.72 32.77 -59.82
C GLY J 128 40.18 31.91 -60.96
N THR J 129 40.78 32.05 -62.14
CA THR J 129 40.44 31.29 -63.34
C THR J 129 41.64 30.41 -63.61
N LEU J 130 41.41 29.11 -63.68
CA LEU J 130 42.46 28.13 -63.93
C LEU J 130 42.63 27.93 -65.40
N VAL J 131 43.88 28.03 -65.84
CA VAL J 131 44.33 27.84 -67.20
C VAL J 131 45.46 26.83 -67.07
N THR J 132 45.32 25.69 -67.71
CA THR J 132 46.32 24.63 -67.76
C THR J 132 46.81 24.47 -69.20
N VAL J 133 48.14 24.53 -69.40
CA VAL J 133 48.85 24.35 -70.65
C VAL J 133 49.59 23.02 -70.58
N SER J 134 49.12 22.05 -71.37
CA SER J 134 49.66 20.69 -71.38
C SER J 134 49.22 19.92 -72.63
N SER J 135 49.97 18.89 -72.97
CA SER J 135 49.67 18.02 -74.10
C SER J 135 48.78 16.82 -73.66
N ALA J 136 48.70 16.54 -72.34
CA ALA J 136 47.88 15.47 -71.72
C ALA J 136 46.38 15.69 -71.99
N SER J 137 45.65 14.60 -72.09
CA SER J 137 44.22 14.59 -72.36
C SER J 137 43.43 14.44 -70.99
N THR J 138 42.19 14.97 -70.90
CA THR J 138 41.37 14.85 -69.69
C THR J 138 41.22 13.39 -69.27
N LYS J 139 41.46 13.11 -67.98
CA LYS J 139 41.37 11.75 -67.44
C LYS J 139 40.94 11.80 -66.00
N GLY J 140 39.92 11.00 -65.66
CA GLY J 140 39.45 10.83 -64.29
C GLY J 140 40.43 9.99 -63.49
N PRO J 141 40.56 10.17 -62.16
CA PRO J 141 41.56 9.36 -61.42
C PRO J 141 41.20 7.90 -61.20
N SER J 142 42.25 7.12 -60.88
CA SER J 142 42.20 5.73 -60.48
C SER J 142 42.36 5.86 -58.98
N VAL J 143 41.41 5.34 -58.23
CA VAL J 143 41.32 5.46 -56.79
C VAL J 143 41.65 4.11 -56.13
N PHE J 144 42.78 4.09 -55.41
CA PHE J 144 43.28 2.90 -54.75
C PHE J 144 43.31 3.07 -53.21
N PRO J 145 42.98 1.99 -52.46
CA PRO J 145 42.99 2.09 -51.00
C PRO J 145 44.35 1.99 -50.36
N LEU J 146 44.50 2.77 -49.31
CA LEU J 146 45.68 2.78 -48.46
C LEU J 146 45.17 2.11 -47.17
N ALA J 147 45.33 0.80 -47.12
CA ALA J 147 44.88 -0.06 -46.07
C ALA J 147 45.90 -0.22 -44.96
N PRO J 148 45.42 -0.25 -43.69
CA PRO J 148 46.37 -0.41 -42.56
C PRO J 148 46.95 -1.82 -42.45
N LYS J 151 48.32 -5.71 -41.88
CA LYS J 151 48.81 -7.00 -41.38
C LYS J 151 49.68 -6.82 -40.13
N SER J 152 50.65 -5.88 -40.17
CA SER J 152 51.51 -5.50 -39.04
C SER J 152 50.86 -4.30 -38.36
N THR J 153 50.69 -4.40 -37.03
CA THR J 153 49.97 -3.41 -36.22
C THR J 153 50.89 -2.63 -35.22
N SER J 154 50.34 -1.55 -34.67
CA SER J 154 50.97 -0.73 -33.64
C SER J 154 50.02 -0.73 -32.44
N GLY J 155 48.73 -0.57 -32.74
CA GLY J 155 47.64 -0.54 -31.78
C GLY J 155 47.33 0.86 -31.27
N GLY J 156 46.04 1.15 -31.16
CA GLY J 156 45.50 2.42 -30.68
C GLY J 156 44.72 3.09 -31.80
N THR J 157 45.44 3.84 -32.66
CA THR J 157 44.80 4.49 -33.78
C THR J 157 45.25 3.78 -35.05
N ALA J 158 44.35 3.71 -36.02
CA ALA J 158 44.60 3.11 -37.31
C ALA J 158 44.67 4.24 -38.37
N ALA J 159 45.58 4.11 -39.36
CA ALA J 159 45.66 5.02 -40.48
C ALA J 159 45.11 4.41 -41.74
N LEU J 160 44.35 5.19 -42.49
CA LEU J 160 43.80 4.70 -43.75
C LEU J 160 43.64 5.85 -44.76
N GLY J 161 43.53 5.50 -46.01
CA GLY J 161 43.41 6.50 -47.03
C GLY J 161 43.08 5.97 -48.39
N CYS J 162 43.15 6.90 -49.35
CA CYS J 162 42.91 6.72 -50.76
C CYS J 162 43.99 7.41 -51.54
N LEU J 163 44.52 6.72 -52.55
CA LEU J 163 45.51 7.20 -53.50
C LEU J 163 44.71 7.53 -54.74
N VAL J 164 44.77 8.79 -55.13
CA VAL J 164 44.07 9.42 -56.24
C VAL J 164 45.14 9.63 -57.28
N LYS J 165 45.29 8.63 -58.16
CA LYS J 165 46.34 8.60 -59.14
C LYS J 165 45.92 8.82 -60.60
N ASP J 166 46.79 9.56 -61.33
CA ASP J 166 46.78 9.78 -62.78
C ASP J 166 45.54 10.49 -63.30
N TYR J 167 45.31 11.66 -62.78
CA TYR J 167 44.18 12.45 -63.24
C TYR J 167 44.74 13.71 -63.92
N PHE J 168 43.91 14.33 -64.74
CA PHE J 168 44.28 15.50 -65.51
C PHE J 168 43.02 16.16 -66.04
N PRO J 169 42.91 17.49 -65.90
CA PRO J 169 43.82 18.40 -65.16
C PRO J 169 43.42 18.47 -63.69
N GLU J 170 43.91 19.48 -62.98
CA GLU J 170 43.46 19.78 -61.63
C GLU J 170 42.14 20.55 -61.80
N PRO J 171 41.24 20.59 -60.79
CA PRO J 171 41.35 19.97 -59.45
C PRO J 171 40.56 18.67 -59.29
N VAL J 172 40.83 18.00 -58.16
CA VAL J 172 40.15 16.80 -57.66
C VAL J 172 39.72 17.14 -56.21
N THR J 173 38.51 16.78 -55.77
CA THR J 173 38.13 17.01 -54.36
C THR J 173 37.99 15.60 -53.73
N VAL J 174 38.30 15.51 -52.44
CA VAL J 174 38.21 14.27 -51.70
C VAL J 174 37.50 14.55 -50.38
N SER J 175 36.47 13.75 -50.09
CA SER J 175 35.75 13.79 -48.83
C SER J 175 35.71 12.37 -48.32
N TRP J 176 35.44 12.22 -47.02
CA TRP J 176 35.32 10.95 -46.35
C TRP J 176 33.94 10.88 -45.76
N ASN J 177 33.26 9.76 -46.05
CA ASN J 177 31.92 9.48 -45.55
C ASN J 177 30.91 10.60 -45.96
N SER J 178 31.09 11.17 -47.17
CA SER J 178 30.24 12.21 -47.76
C SER J 178 30.26 13.52 -46.95
N GLY J 179 31.43 13.82 -46.37
CA GLY J 179 31.67 15.00 -45.58
C GLY J 179 31.40 14.83 -44.11
N ALA J 180 30.90 13.67 -43.68
CA ALA J 180 30.65 13.45 -42.26
C ALA J 180 31.94 13.25 -41.48
N LEU J 181 33.04 12.74 -42.14
CA LEU J 181 34.34 12.53 -41.51
C LEU J 181 35.29 13.62 -42.00
N THR J 182 35.61 14.56 -41.10
CA THR J 182 36.49 15.70 -41.40
C THR J 182 37.71 15.70 -40.47
N SER J 183 37.52 15.17 -39.25
CA SER J 183 38.56 15.14 -38.22
C SER J 183 39.68 14.17 -38.53
N GLY J 184 40.91 14.68 -38.45
CA GLY J 184 42.12 13.90 -38.71
C GLY J 184 42.40 13.59 -40.17
N VAL J 185 41.67 14.24 -41.08
CA VAL J 185 41.84 14.09 -42.53
C VAL J 185 43.00 14.97 -42.97
N HIS J 186 43.88 14.41 -43.76
CA HIS J 186 44.99 15.10 -44.40
C HIS J 186 44.99 14.74 -45.88
N THR J 187 44.45 15.62 -46.69
CA THR J 187 44.39 15.51 -48.15
C THR J 187 45.60 16.27 -48.66
N PHE J 188 46.56 15.52 -49.22
CA PHE J 188 47.83 16.09 -49.67
C PHE J 188 47.71 16.94 -50.92
N PRO J 189 48.46 18.04 -51.03
CA PRO J 189 48.43 18.80 -52.30
C PRO J 189 48.89 17.90 -53.45
N ALA J 190 48.30 18.12 -54.61
CA ALA J 190 48.64 17.38 -55.82
C ALA J 190 50.08 17.61 -56.20
N VAL J 191 50.60 16.64 -56.88
CA VAL J 191 51.95 16.57 -57.40
C VAL J 191 51.74 16.22 -58.90
N LEU J 192 52.53 16.89 -59.77
CA LEU J 192 52.52 16.66 -61.20
C LEU J 192 53.61 15.65 -61.46
N GLN J 193 53.25 14.50 -61.97
CA GLN J 193 54.20 13.43 -62.25
C GLN J 193 54.89 13.67 -63.60
N SER J 194 56.00 12.93 -63.83
CA SER J 194 56.79 13.01 -65.08
C SER J 194 55.94 12.64 -66.31
N SER J 195 54.84 11.89 -66.08
CA SER J 195 53.89 11.48 -67.12
C SER J 195 52.99 12.60 -67.59
N GLY J 196 53.04 13.74 -66.90
CA GLY J 196 52.19 14.88 -67.15
C GLY J 196 50.85 14.77 -66.43
N LEU J 197 50.67 13.69 -65.62
CA LEU J 197 49.41 13.46 -64.90
C LEU J 197 49.59 13.73 -63.43
N TYR J 198 48.53 14.27 -62.80
CA TYR J 198 48.57 14.58 -61.37
C TYR J 198 48.24 13.40 -60.50
N SER J 199 48.75 13.44 -59.25
CA SER J 199 48.42 12.42 -58.26
C SER J 199 48.47 12.94 -56.80
N LEU J 200 47.54 12.45 -55.97
CA LEU J 200 47.56 12.73 -54.52
C LEU J 200 47.07 11.57 -53.70
N SER J 201 47.26 11.70 -52.39
CA SER J 201 46.74 10.81 -51.39
C SER J 201 46.00 11.65 -50.35
N SER J 202 44.94 11.06 -49.83
CA SER J 202 44.15 11.56 -48.73
C SER J 202 44.18 10.44 -47.70
N VAL J 203 44.55 10.80 -46.48
CA VAL J 203 44.66 9.94 -45.31
C VAL J 203 43.83 10.53 -44.17
N VAL J 204 43.47 9.64 -43.23
CA VAL J 204 42.76 9.96 -41.98
C VAL J 204 43.21 8.91 -40.94
N THR J 205 43.24 9.31 -39.67
CA THR J 205 43.52 8.42 -38.55
C THR J 205 42.24 8.33 -37.77
N VAL J 206 41.87 7.09 -37.43
CA VAL J 206 40.62 6.78 -36.71
C VAL J 206 40.92 5.80 -35.54
N PRO J 207 40.05 5.68 -34.50
CA PRO J 207 40.31 4.67 -33.44
C PRO J 207 40.30 3.30 -34.09
N SER J 208 41.21 2.40 -33.69
CA SER J 208 41.31 1.04 -34.30
C SER J 208 40.04 0.17 -34.15
N SER J 209 39.30 0.37 -33.03
CA SER J 209 38.09 -0.35 -32.69
C SER J 209 37.02 -0.11 -33.72
N SER J 210 36.93 1.16 -34.23
CA SER J 210 35.97 1.62 -35.23
C SER J 210 36.10 0.91 -36.57
N LEU J 211 37.25 0.29 -36.86
CA LEU J 211 37.49 -0.47 -38.10
C LEU J 211 36.46 -1.60 -38.28
N GLY J 212 35.90 -2.09 -37.16
CA GLY J 212 34.89 -3.15 -37.17
C GLY J 212 33.48 -2.67 -36.97
N THR J 213 33.32 -1.38 -36.60
CA THR J 213 32.02 -0.78 -36.34
C THR J 213 31.61 0.29 -37.32
N GLN J 214 32.57 0.92 -38.02
CA GLN J 214 32.38 2.07 -38.91
C GLN J 214 32.96 1.84 -40.30
N THR J 215 32.13 2.04 -41.33
CA THR J 215 32.52 1.93 -42.74
C THR J 215 33.22 3.23 -43.16
N TYR J 216 34.37 3.10 -43.80
CA TYR J 216 35.14 4.23 -44.27
C TYR J 216 35.17 4.25 -45.75
N ILE J 217 34.67 5.34 -46.34
CA ILE J 217 34.59 5.56 -47.80
C ILE J 217 35.13 6.94 -48.18
N CYS J 218 36.08 6.98 -49.13
CA CYS J 218 36.59 8.24 -49.67
C CYS J 218 35.79 8.52 -50.93
N ASN J 219 35.31 9.76 -51.07
CA ASN J 219 34.51 10.23 -52.21
C ASN J 219 35.38 11.15 -53.03
N VAL J 220 35.77 10.68 -54.23
CA VAL J 220 36.66 11.35 -55.14
C VAL J 220 35.90 11.90 -56.33
N ASN J 221 35.87 13.22 -56.42
CA ASN J 221 35.19 13.95 -57.49
CA ASN J 221 35.18 13.95 -57.48
C ASN J 221 36.19 14.66 -58.39
N HIS J 222 36.04 14.49 -59.71
CA HIS J 222 36.87 15.11 -60.76
C HIS J 222 35.96 15.76 -61.82
N LYS J 223 35.62 17.01 -61.60
CA LYS J 223 34.70 17.77 -62.46
C LYS J 223 35.17 17.82 -63.90
N PRO J 224 36.45 18.10 -64.21
CA PRO J 224 36.88 18.07 -65.61
C PRO J 224 36.51 16.82 -66.41
N SER J 225 36.51 15.64 -65.77
CA SER J 225 36.17 14.39 -66.46
C SER J 225 34.74 13.93 -66.19
N ASN J 226 34.00 14.70 -65.34
CA ASN J 226 32.65 14.38 -64.86
C ASN J 226 32.63 13.01 -64.11
N THR J 227 33.71 12.70 -63.38
CA THR J 227 33.80 11.43 -62.65
C THR J 227 33.64 11.59 -61.16
N LYS J 228 33.02 10.58 -60.56
CA LYS J 228 32.81 10.48 -59.13
C LYS J 228 33.07 9.03 -58.77
N VAL J 229 34.05 8.80 -57.88
CA VAL J 229 34.42 7.44 -57.44
C VAL J 229 34.33 7.40 -55.91
N ASP J 230 33.58 6.44 -55.39
CA ASP J 230 33.39 6.19 -53.96
C ASP J 230 34.08 4.87 -53.68
N LYS J 231 35.12 4.94 -52.88
CA LYS J 231 35.89 3.77 -52.57
C LYS J 231 35.87 3.46 -51.10
N LYS J 232 35.40 2.24 -50.75
CA LYS J 232 35.39 1.69 -49.40
C LYS J 232 36.80 1.28 -49.05
N VAL J 233 37.33 1.78 -47.94
CA VAL J 233 38.68 1.40 -47.49
C VAL J 233 38.59 0.41 -46.28
N GLU J 234 39.24 -0.74 -46.42
CA GLU J 234 39.25 -1.77 -45.39
C GLU J 234 40.62 -2.41 -45.18
N PRO J 235 40.96 -2.88 -43.94
CA PRO J 235 42.31 -3.46 -43.71
C PRO J 235 42.71 -4.62 -44.62
N LYS J 236 44.05 -4.79 -44.80
CA LYS J 236 44.80 -5.80 -45.59
C LYS J 236 44.36 -5.87 -47.05
N ASP K 20 20.49 0.09 64.55
CA ASP K 20 19.43 0.98 64.09
C ASP K 20 19.74 1.58 62.70
N ILE K 21 18.98 1.16 61.66
CA ILE K 21 19.14 1.60 60.27
C ILE K 21 17.81 2.17 59.71
N GLN K 22 17.89 3.22 58.87
CA GLN K 22 16.72 3.85 58.27
C GLN K 22 16.63 3.48 56.79
N MET K 23 15.75 2.50 56.48
CA MET K 23 15.49 2.03 55.11
C MET K 23 14.61 3.06 54.48
N THR K 24 15.04 3.61 53.35
CA THR K 24 14.29 4.63 52.62
C THR K 24 13.87 4.13 51.24
N GLN K 25 12.61 4.43 50.88
CA GLN K 25 12.02 4.09 49.59
C GLN K 25 11.38 5.32 49.06
N SER K 26 11.71 5.66 47.82
CA SER K 26 11.16 6.81 47.11
C SER K 26 10.98 6.43 45.63
N PRO K 27 9.94 6.92 44.95
CA PRO K 27 8.84 7.76 45.47
C PRO K 27 7.84 6.90 46.26
N ALA K 28 6.94 7.54 47.00
CA ALA K 28 5.91 6.86 47.77
C ALA K 28 4.94 6.18 46.79
N THR K 29 4.74 6.82 45.64
CA THR K 29 3.83 6.52 44.56
C THR K 29 4.54 6.68 43.21
N LEU K 30 4.46 5.65 42.36
CA LEU K 30 5.02 5.63 41.00
C LEU K 30 3.90 5.19 40.03
N SER K 31 3.40 6.15 39.22
CA SER K 31 2.36 5.90 38.24
C SER K 31 3.01 5.53 36.90
N VAL K 32 2.80 4.28 36.50
CA VAL K 32 3.32 3.70 35.24
C VAL K 32 2.22 2.99 34.45
N SER K 33 2.49 2.77 33.18
CA SER K 33 1.56 2.10 32.28
C SER K 33 1.74 0.57 32.32
N PRO K 34 0.67 -0.24 32.13
CA PRO K 34 0.90 -1.72 32.11
C PRO K 34 1.73 -2.09 30.87
N GLY K 35 2.72 -2.96 31.06
CA GLY K 35 3.63 -3.40 30.00
C GLY K 35 5.02 -2.77 30.05
N GLU K 36 5.18 -1.71 30.86
CA GLU K 36 6.44 -0.96 31.03
C GLU K 36 7.35 -1.69 32.01
N THR K 37 8.65 -1.57 31.80
CA THR K 37 9.62 -2.17 32.70
C THR K 37 10.05 -1.13 33.73
N VAL K 38 10.05 -1.49 35.02
CA VAL K 38 10.38 -0.52 36.06
C VAL K 38 11.37 -1.06 37.07
N THR K 39 12.17 -0.14 37.64
CA THR K 39 13.09 -0.43 38.72
C THR K 39 12.70 0.44 39.91
N LEU K 40 12.51 -0.21 41.06
CA LEU K 40 12.16 0.41 42.32
C LEU K 40 13.40 0.47 43.18
N SER K 41 13.62 1.59 43.85
CA SER K 41 14.83 1.79 44.67
C SER K 41 14.59 1.87 46.18
N CYS K 42 15.58 1.35 46.94
CA CYS K 42 15.61 1.26 48.39
C CYS K 42 17.07 1.48 48.87
N ARG K 43 17.28 2.51 49.72
CA ARG K 43 18.64 2.76 50.23
C ARG K 43 18.74 2.71 51.75
N ALA K 44 19.72 1.91 52.24
CA ALA K 44 20.06 1.74 53.66
C ALA K 44 20.98 2.89 54.10
N SER K 45 20.64 3.57 55.22
CA SER K 45 21.37 4.69 55.83
C SER K 45 22.89 4.42 55.95
N GLN K 46 23.26 3.16 56.26
CA GLN K 46 24.61 2.60 56.42
C GLN K 46 24.51 1.12 55.99
N SER K 47 25.60 0.53 55.45
CA SER K 47 25.69 -0.84 54.94
C SER K 47 24.93 -1.91 55.74
N VAL K 48 24.11 -2.70 55.01
CA VAL K 48 23.32 -3.84 55.51
C VAL K 48 23.68 -5.12 54.71
N ARG K 49 24.82 -5.05 53.98
CA ARG K 49 25.39 -6.09 53.11
C ARG K 49 24.41 -6.49 52.00
N THR K 50 23.95 -7.76 52.03
CA THR K 50 22.99 -8.36 51.10
C THR K 50 21.69 -8.74 51.83
N ASN K 51 21.67 -8.68 53.18
CA ASN K 51 20.51 -9.00 54.03
C ASN K 51 19.37 -7.97 53.83
N VAL K 52 18.71 -8.10 52.67
CA VAL K 52 17.64 -7.27 52.17
C VAL K 52 16.61 -8.21 51.49
N ALA K 53 15.32 -7.97 51.77
CA ALA K 53 14.23 -8.74 51.20
C ALA K 53 13.19 -7.80 50.71
N TRP K 54 12.52 -8.13 49.60
CA TRP K 54 11.46 -7.32 49.00
C TRP K 54 10.16 -8.06 49.17
N TYR K 55 9.07 -7.33 49.43
CA TYR K 55 7.74 -7.89 49.65
C TYR K 55 6.71 -7.16 48.86
N ARG K 56 5.69 -7.88 48.41
CA ARG K 56 4.57 -7.31 47.68
C ARG K 56 3.34 -7.30 48.61
N HIS K 57 2.58 -6.21 48.56
CA HIS K 57 1.35 -6.14 49.33
C HIS K 57 0.28 -5.40 48.58
N LYS K 58 -0.80 -6.11 48.28
CA LYS K 58 -1.98 -5.57 47.63
C LYS K 58 -3.07 -5.60 48.71
N ALA K 59 -3.87 -4.54 48.81
CA ALA K 59 -4.90 -4.36 49.84
C ALA K 59 -5.80 -5.57 49.99
N GLY K 60 -6.04 -5.96 51.24
CA GLY K 60 -6.90 -7.10 51.54
C GLY K 60 -6.24 -8.47 51.51
N GLN K 61 -5.07 -8.57 50.87
CA GLN K 61 -4.31 -9.82 50.83
C GLN K 61 -3.15 -9.71 51.80
N ALA K 62 -2.54 -10.84 52.17
CA ALA K 62 -1.39 -10.84 53.06
C ALA K 62 -0.11 -10.44 52.29
N PRO K 63 0.92 -9.85 52.95
CA PRO K 63 2.18 -9.58 52.24
C PRO K 63 2.83 -10.87 51.73
N MET K 64 3.60 -10.76 50.63
CA MET K 64 4.24 -11.88 49.97
C MET K 64 5.74 -11.61 49.73
N ILE K 65 6.61 -12.60 49.91
CA ILE K 65 8.04 -12.43 49.61
C ILE K 65 8.27 -12.56 48.09
N LEU K 66 9.11 -11.67 47.56
CA LEU K 66 9.49 -11.64 46.16
C LEU K 66 10.97 -11.98 45.99
N VAL K 67 11.85 -11.33 46.78
CA VAL K 67 13.31 -11.44 46.70
C VAL K 67 13.90 -11.45 48.12
N SER K 68 14.91 -12.29 48.35
CA SER K 68 15.67 -12.40 49.60
C SER K 68 17.17 -12.35 49.25
N GLY K 69 17.99 -11.95 50.22
CA GLY K 69 19.45 -11.85 50.04
C GLY K 69 19.81 -10.82 48.99
N ALA K 70 18.92 -9.83 48.81
CA ALA K 70 18.94 -8.73 47.84
C ALA K 70 18.82 -9.16 46.36
N SER K 71 19.18 -10.44 46.01
CA SER K 71 19.19 -10.91 44.62
C SER K 71 18.44 -12.25 44.36
N THR K 72 18.36 -13.15 45.36
CA THR K 72 17.70 -14.46 45.26
C THR K 72 16.16 -14.31 45.20
N ARG K 73 15.56 -14.66 44.04
CA ARG K 73 14.12 -14.62 43.81
C ARG K 73 13.44 -15.72 44.66
N ALA K 74 12.21 -15.45 45.12
CA ALA K 74 11.42 -16.38 45.92
C ALA K 74 10.56 -17.27 45.03
N SER K 75 10.40 -18.55 45.44
CA SER K 75 9.60 -19.59 44.77
C SER K 75 8.27 -19.07 44.20
N GLY K 76 7.52 -18.35 45.05
CA GLY K 76 6.22 -17.77 44.74
C GLY K 76 6.24 -16.47 43.96
N ALA K 77 7.39 -16.12 43.37
CA ALA K 77 7.48 -14.90 42.57
C ALA K 77 7.75 -15.19 41.11
N PRO K 78 6.99 -14.56 40.18
CA PRO K 78 7.25 -14.76 38.74
C PRO K 78 8.64 -14.30 38.28
N ALA K 79 9.12 -14.89 37.17
CA ALA K 79 10.41 -14.62 36.52
C ALA K 79 10.63 -13.15 36.23
N ARG K 80 9.53 -12.40 36.01
CA ARG K 80 9.55 -10.97 35.74
C ARG K 80 10.05 -10.14 36.96
N PHE K 81 10.36 -10.80 38.08
CA PHE K 81 10.91 -10.20 39.29
C PHE K 81 12.42 -10.48 39.40
N SER K 82 13.20 -9.43 39.68
CA SER K 82 14.66 -9.53 39.85
C SER K 82 15.15 -8.46 40.83
N GLY K 83 16.09 -8.82 41.67
CA GLY K 83 16.68 -7.91 42.62
C GLY K 83 18.19 -7.89 42.54
N SER K 84 18.78 -6.72 42.85
CA SER K 84 20.23 -6.53 42.89
C SER K 84 20.61 -5.42 43.87
N GLY K 85 21.75 -5.59 44.53
CA GLY K 85 22.22 -4.58 45.45
C GLY K 85 23.16 -5.02 46.53
N TYR K 86 23.91 -4.06 47.06
CA TYR K 86 24.85 -4.27 48.14
C TYR K 86 25.02 -3.01 49.00
N GLY K 87 25.23 -3.26 50.29
CA GLY K 87 25.47 -2.28 51.34
C GLY K 87 24.42 -1.20 51.52
N THR K 88 24.42 -0.23 50.62
CA THR K 88 23.58 0.95 50.64
C THR K 88 22.51 1.02 49.52
N GLU K 89 22.79 0.56 48.28
CA GLU K 89 21.83 0.70 47.18
C GLU K 89 21.22 -0.62 46.69
N PHE K 90 19.90 -0.77 46.85
CA PHE K 90 19.15 -1.99 46.50
C PHE K 90 18.03 -1.70 45.50
N THR K 91 17.86 -2.60 44.50
CA THR K 91 16.83 -2.41 43.49
C THR K 91 15.95 -3.64 43.24
N LEU K 92 14.72 -3.38 42.79
CA LEU K 92 13.75 -4.39 42.40
C LEU K 92 13.29 -4.06 41.00
N THR K 93 13.46 -4.97 40.07
CA THR K 93 13.07 -4.75 38.68
C THR K 93 11.99 -5.72 38.23
N ILE K 94 10.89 -5.14 37.72
CA ILE K 94 9.71 -5.81 37.20
C ILE K 94 9.64 -5.58 35.71
N THR K 95 9.90 -6.64 34.92
CA THR K 95 9.89 -6.51 33.45
C THR K 95 8.47 -6.67 32.95
N SER K 96 7.98 -5.73 32.10
CA SER K 96 6.63 -5.69 31.53
C SER K 96 5.54 -5.92 32.57
N LEU K 97 5.25 -4.87 33.36
CA LEU K 97 4.23 -4.85 34.40
C LEU K 97 2.88 -5.36 33.91
N GLN K 98 2.25 -6.22 34.72
CA GLN K 98 0.92 -6.80 34.52
C GLN K 98 0.01 -6.15 35.59
N SER K 99 -1.34 -6.28 35.45
CA SER K 99 -2.38 -5.71 36.34
C SER K 99 -2.13 -5.94 37.83
N GLU K 100 -1.82 -7.17 38.19
CA GLU K 100 -1.57 -7.66 39.53
C GLU K 100 -0.30 -7.06 40.19
N ASP K 101 0.57 -6.44 39.36
CA ASP K 101 1.83 -5.84 39.79
C ASP K 101 1.64 -4.48 40.39
N PHE K 102 0.46 -3.92 40.18
CA PHE K 102 0.14 -2.62 40.73
C PHE K 102 -0.30 -2.87 42.15
N ALA K 103 0.68 -2.72 43.04
CA ALA K 103 0.64 -2.99 44.48
C ALA K 103 1.77 -2.19 45.15
N VAL K 104 1.94 -2.36 46.47
CA VAL K 104 2.98 -1.71 47.27
C VAL K 104 4.16 -2.66 47.42
N TYR K 105 5.35 -2.12 47.31
CA TYR K 105 6.55 -2.93 47.48
C TYR K 105 7.33 -2.37 48.62
N TYR K 106 7.81 -3.26 49.47
CA TYR K 106 8.57 -2.95 50.68
C TYR K 106 9.90 -3.64 50.66
N CYS K 107 10.96 -2.91 51.00
CA CYS K 107 12.26 -3.53 51.20
C CYS K 107 12.41 -3.68 52.73
N LEU K 108 13.13 -4.72 53.16
CA LEU K 108 13.33 -5.02 54.58
C LEU K 108 14.78 -5.38 54.87
N GLN K 109 15.42 -4.68 55.83
CA GLN K 109 16.78 -5.08 56.17
C GLN K 109 16.78 -6.12 57.26
N TYR K 110 17.66 -7.11 57.16
CA TYR K 110 17.76 -8.13 58.18
C TYR K 110 19.25 -8.40 58.55
N ASN K 111 19.99 -7.30 58.78
CA ASN K 111 21.41 -7.37 59.14
C ASN K 111 21.68 -7.00 60.60
N THR K 112 20.88 -6.07 61.18
CA THR K 112 21.00 -5.62 62.58
C THR K 112 19.62 -5.47 63.25
N TRP K 113 19.62 -4.99 64.51
CA TRP K 113 18.43 -4.80 65.32
C TRP K 113 18.27 -3.36 65.81
N PRO K 114 17.03 -2.79 65.76
CA PRO K 114 15.77 -3.38 65.29
C PRO K 114 15.70 -3.62 63.77
N ARG K 115 14.91 -4.62 63.33
CA ARG K 115 14.68 -4.85 61.88
C ARG K 115 13.92 -3.65 61.31
N THR K 116 14.09 -3.37 60.01
CA THR K 116 13.48 -2.18 59.41
C THR K 116 12.85 -2.50 58.08
N PHE K 117 11.71 -1.84 57.83
CA PHE K 117 10.96 -1.92 56.59
C PHE K 117 11.06 -0.55 55.97
N GLY K 118 11.03 -0.49 54.64
CA GLY K 118 10.99 0.79 53.94
C GLY K 118 9.57 1.31 54.04
N GLN K 119 9.31 2.56 53.63
CA GLN K 119 7.97 3.15 53.72
C GLN K 119 7.01 2.55 52.66
N GLY K 120 7.61 1.82 51.71
CA GLY K 120 6.92 1.18 50.60
C GLY K 120 6.79 2.10 49.41
N THR K 121 6.81 1.51 48.20
CA THR K 121 6.60 2.24 46.94
C THR K 121 5.32 1.63 46.28
N LYS K 122 4.28 2.44 46.11
CA LYS K 122 3.04 1.97 45.50
C LYS K 122 3.08 2.19 44.01
N VAL K 123 3.10 1.08 43.26
CA VAL K 123 3.09 1.12 41.80
C VAL K 123 1.62 1.22 41.37
N GLU K 124 1.25 2.35 40.73
CA GLU K 124 -0.13 2.63 40.30
C GLU K 124 -0.26 2.69 38.78
N VAL K 125 -1.49 2.54 38.28
CA VAL K 125 -1.76 2.52 36.85
C VAL K 125 -1.89 3.92 36.25
N LYS K 126 -1.05 4.23 35.25
CA LYS K 126 -1.17 5.50 34.53
C LYS K 126 -2.13 5.23 33.40
N ARG K 127 -3.15 6.08 33.29
CA ARG K 127 -4.14 6.01 32.24
C ARG K 127 -4.43 7.44 31.80
N THR K 128 -5.34 7.61 30.82
CA THR K 128 -5.73 8.95 30.35
C THR K 128 -6.47 9.69 31.47
N VAL K 129 -6.45 11.02 31.40
CA VAL K 129 -7.17 11.86 32.35
C VAL K 129 -8.68 11.60 32.21
N ALA K 130 -9.38 11.51 33.35
CA ALA K 130 -10.83 11.29 33.37
C ALA K 130 -11.42 12.23 34.38
N ALA K 131 -12.37 13.03 33.95
CA ALA K 131 -13.10 13.99 34.77
C ALA K 131 -14.11 13.22 35.67
N PRO K 132 -14.30 13.61 36.95
CA PRO K 132 -15.31 12.91 37.77
C PRO K 132 -16.75 13.38 37.52
N SER K 133 -17.73 12.47 37.68
CA SER K 133 -19.18 12.73 37.61
C SER K 133 -19.53 12.96 39.09
N VAL K 134 -20.16 14.10 39.41
CA VAL K 134 -20.38 14.49 40.80
C VAL K 134 -21.84 14.37 41.18
N PHE K 135 -22.08 13.78 42.37
CA PHE K 135 -23.39 13.54 42.92
C PHE K 135 -23.45 14.04 44.34
N ILE K 136 -24.53 14.70 44.69
CA ILE K 136 -24.75 15.18 46.06
C ILE K 136 -25.97 14.43 46.62
N PHE K 137 -25.91 14.05 47.90
CA PHE K 137 -27.01 13.33 48.56
C PHE K 137 -27.36 14.04 49.86
N PRO K 138 -28.61 14.55 50.01
CA PRO K 138 -28.97 15.20 51.28
C PRO K 138 -29.10 14.17 52.40
N PRO K 139 -29.15 14.56 53.70
CA PRO K 139 -29.38 13.52 54.71
C PRO K 139 -30.77 12.93 54.51
N SER K 140 -30.95 11.65 54.88
CA SER K 140 -32.24 10.96 54.77
C SER K 140 -33.19 11.43 55.89
N ASP K 141 -34.51 11.23 55.72
CA ASP K 141 -35.51 11.59 56.73
C ASP K 141 -35.30 10.77 58.00
N GLU K 142 -34.93 9.49 57.84
CA GLU K 142 -34.64 8.56 58.94
C GLU K 142 -33.45 9.03 59.80
N GLN K 143 -32.37 9.53 59.16
CA GLN K 143 -31.18 10.01 59.88
C GLN K 143 -31.52 11.22 60.73
N LEU K 144 -32.28 12.16 60.16
CA LEU K 144 -32.71 13.38 60.83
C LEU K 144 -33.56 13.09 62.06
N LYS K 145 -34.26 11.95 62.07
CA LYS K 145 -35.08 11.53 63.21
C LYS K 145 -34.22 11.32 64.46
N SER K 146 -32.93 10.91 64.25
CA SER K 146 -31.91 10.62 65.29
C SER K 146 -31.09 11.83 65.79
N GLY K 147 -31.36 13.03 65.29
CA GLY K 147 -30.69 14.25 65.70
C GLY K 147 -29.31 14.50 65.11
N THR K 148 -29.00 13.75 64.03
CA THR K 148 -27.74 13.86 63.29
C THR K 148 -28.05 14.08 61.83
N ALA K 149 -27.10 14.65 61.07
CA ALA K 149 -27.26 14.90 59.64
C ALA K 149 -25.94 14.70 58.90
N SER K 150 -25.96 13.92 57.81
CA SER K 150 -24.76 13.69 56.98
C SER K 150 -25.07 14.04 55.54
N VAL K 151 -24.30 14.95 54.97
CA VAL K 151 -24.44 15.34 53.58
C VAL K 151 -23.27 14.64 52.83
N VAL K 152 -23.61 13.80 51.86
CA VAL K 152 -22.59 13.03 51.13
C VAL K 152 -22.42 13.54 49.72
N CYS K 153 -21.19 13.73 49.33
CA CYS K 153 -20.83 14.11 47.99
C CYS K 153 -19.95 13.01 47.41
N LEU K 154 -20.29 12.56 46.18
CA LEU K 154 -19.57 11.48 45.48
C LEU K 154 -18.94 12.00 44.19
N LEU K 155 -17.64 11.75 44.01
CA LEU K 155 -16.80 12.06 42.84
C LEU K 155 -16.52 10.68 42.20
N ASN K 156 -17.24 10.33 41.14
CA ASN K 156 -17.15 9.01 40.54
C ASN K 156 -16.30 8.89 39.28
N ASN K 157 -15.51 7.80 39.21
CA ASN K 157 -14.69 7.35 38.09
C ASN K 157 -13.80 8.45 37.48
N PHE K 158 -12.73 8.81 38.20
CA PHE K 158 -11.81 9.85 37.76
C PHE K 158 -10.32 9.42 37.81
N TYR K 159 -9.49 10.14 37.05
CA TYR K 159 -8.03 9.98 36.99
C TYR K 159 -7.37 11.32 36.63
N PRO K 160 -6.30 11.75 37.37
CA PRO K 160 -5.66 11.05 38.51
C PRO K 160 -6.39 11.21 39.85
N ARG K 161 -5.84 10.57 40.87
CA ARG K 161 -6.31 10.51 42.25
C ARG K 161 -6.49 11.88 42.92
N GLU K 162 -5.64 12.87 42.56
CA GLU K 162 -5.69 14.21 43.14
C GLU K 162 -6.93 14.94 42.67
N ALA K 163 -7.78 15.30 43.62
CA ALA K 163 -9.02 16.03 43.41
C ALA K 163 -9.30 16.76 44.69
N LYS K 164 -9.92 17.94 44.60
CA LYS K 164 -10.21 18.78 45.77
C LYS K 164 -11.71 18.93 46.00
N VAL K 165 -12.16 18.72 47.26
CA VAL K 165 -13.58 18.89 47.62
C VAL K 165 -13.75 20.01 48.64
N GLN K 166 -14.63 20.96 48.33
CA GLN K 166 -14.92 22.08 49.22
C GLN K 166 -16.40 22.12 49.53
N TRP K 167 -16.72 22.15 50.81
CA TRP K 167 -18.10 22.25 51.28
C TRP K 167 -18.48 23.71 51.58
N LYS K 168 -19.72 24.06 51.23
CA LYS K 168 -20.26 25.39 51.50
C LYS K 168 -21.72 25.34 51.93
N VAL K 169 -21.99 25.94 53.08
CA VAL K 169 -23.36 26.06 53.57
C VAL K 169 -23.70 27.55 53.65
N ASP K 170 -24.71 27.96 52.85
CA ASP K 170 -25.15 29.36 52.69
C ASP K 170 -23.94 30.24 52.22
N ASN K 171 -23.18 29.67 51.25
CA ASN K 171 -21.98 30.19 50.57
C ASN K 171 -20.81 30.45 51.56
N ALA K 172 -20.80 29.69 52.68
CA ALA K 172 -19.75 29.77 53.69
C ALA K 172 -18.90 28.47 53.73
N LEU K 173 -17.57 28.63 53.46
CA LEU K 173 -16.59 27.53 53.46
C LEU K 173 -16.49 26.82 54.83
N GLN K 174 -16.68 25.49 54.79
CA GLN K 174 -16.64 24.61 55.97
C GLN K 174 -15.23 24.17 56.30
N SER K 175 -14.98 23.86 57.57
CA SER K 175 -13.65 23.42 58.03
C SER K 175 -13.73 22.52 59.27
N GLY K 176 -12.97 21.43 59.24
CA GLY K 176 -12.86 20.41 60.29
C GLY K 176 -14.15 19.68 60.63
N ASN K 177 -15.06 19.56 59.64
CA ASN K 177 -16.36 18.91 59.84
C ASN K 177 -16.73 17.93 58.69
N SER K 178 -15.76 17.68 57.82
CA SER K 178 -15.90 16.82 56.66
C SER K 178 -14.79 15.78 56.63
N GLN K 179 -15.16 14.57 56.20
CA GLN K 179 -14.21 13.47 56.08
C GLN K 179 -14.27 12.93 54.67
N GLU K 180 -13.11 12.52 54.16
CA GLU K 180 -12.93 11.99 52.82
C GLU K 180 -12.43 10.55 52.84
N SER K 181 -12.86 9.77 51.85
CA SER K 181 -12.43 8.40 51.61
C SER K 181 -12.38 8.19 50.11
N VAL K 182 -11.26 7.67 49.63
CA VAL K 182 -10.97 7.34 48.23
C VAL K 182 -10.89 5.82 48.11
N THR K 183 -11.37 5.27 47.00
CA THR K 183 -11.25 3.83 46.75
C THR K 183 -9.87 3.55 46.13
N GLU K 184 -9.56 2.26 45.98
CA GLU K 184 -8.37 1.84 45.29
C GLU K 184 -8.69 2.01 43.79
N GLN K 185 -7.66 1.93 42.95
CA GLN K 185 -7.83 2.03 41.51
C GLN K 185 -8.73 0.88 41.04
N ASP K 186 -9.78 1.22 40.27
CA ASP K 186 -10.74 0.25 39.78
C ASP K 186 -10.12 -0.72 38.82
N SER K 187 -10.53 -1.98 38.90
CA SER K 187 -10.05 -3.07 38.02
C SER K 187 -10.48 -2.85 36.56
N LYS K 188 -11.70 -2.37 36.33
CA LYS K 188 -12.20 -2.19 34.97
C LYS K 188 -11.63 -0.98 34.23
N ASP K 189 -11.64 0.18 34.86
CA ASP K 189 -11.20 1.36 34.13
C ASP K 189 -9.96 2.01 34.73
N SER K 190 -9.45 1.50 35.86
CA SER K 190 -8.27 2.01 36.59
C SER K 190 -8.47 3.42 37.09
N THR K 191 -9.74 3.76 37.39
CA THR K 191 -10.17 5.05 37.91
C THR K 191 -10.34 5.00 39.44
N TYR K 192 -10.53 6.17 40.03
CA TYR K 192 -10.77 6.35 41.46
C TYR K 192 -12.16 6.93 41.68
N SER K 193 -12.75 6.64 42.84
CA SER K 193 -13.98 7.26 43.30
C SER K 193 -13.73 7.82 44.70
N LEU K 194 -14.41 8.91 45.03
CA LEU K 194 -14.19 9.61 46.28
C LEU K 194 -15.49 10.06 46.92
N SER K 195 -15.58 9.90 48.23
CA SER K 195 -16.73 10.36 48.98
C SER K 195 -16.22 11.42 49.98
N SER K 196 -16.96 12.52 50.07
CA SER K 196 -16.73 13.54 51.07
C SER K 196 -18.02 13.64 51.83
N THR K 197 -17.93 13.40 53.13
CA THR K 197 -19.09 13.42 54.01
C THR K 197 -19.01 14.59 54.97
N LEU K 198 -20.03 15.47 54.94
CA LEU K 198 -20.12 16.64 55.83
C LEU K 198 -21.01 16.26 57.05
N THR K 199 -20.50 16.41 58.28
CA THR K 199 -21.25 16.06 59.50
C THR K 199 -21.69 17.33 60.29
N LEU K 200 -23.01 17.51 60.37
CA LEU K 200 -23.68 18.59 61.09
C LEU K 200 -24.69 17.96 62.04
N SER K 201 -25.03 18.67 63.13
CA SER K 201 -26.09 18.24 64.04
C SER K 201 -27.37 18.72 63.37
N LYS K 202 -28.53 18.10 63.72
CA LYS K 202 -29.87 18.43 63.22
C LYS K 202 -30.07 19.94 63.24
N ALA K 203 -29.95 20.55 64.45
CA ALA K 203 -30.08 22.00 64.67
C ALA K 203 -29.28 22.82 63.65
N ASP K 204 -27.92 22.69 63.61
CA ASP K 204 -27.08 23.42 62.64
C ASP K 204 -27.50 23.19 61.17
N TYR K 205 -27.96 21.96 60.81
CA TYR K 205 -28.46 21.63 59.48
C TYR K 205 -29.79 22.36 59.21
N GLU K 206 -30.69 22.40 60.22
CA GLU K 206 -32.01 23.04 60.08
C GLU K 206 -31.94 24.59 60.07
N LYS K 207 -30.80 25.17 60.49
CA LYS K 207 -30.58 26.62 60.52
C LYS K 207 -30.17 27.17 59.16
N HIS K 208 -29.81 26.28 58.21
CA HIS K 208 -29.34 26.68 56.89
C HIS K 208 -30.17 26.14 55.72
N LYS K 209 -30.00 26.76 54.51
CA LYS K 209 -30.73 26.42 53.29
C LYS K 209 -29.92 25.73 52.19
N VAL K 210 -28.88 26.40 51.67
CA VAL K 210 -28.08 25.94 50.53
C VAL K 210 -26.92 25.06 50.96
N TYR K 211 -26.82 23.88 50.36
CA TYR K 211 -25.77 22.92 50.63
C TYR K 211 -25.08 22.60 49.32
N ALA K 212 -23.80 22.98 49.23
CA ALA K 212 -22.99 22.83 48.01
C ALA K 212 -21.72 22.03 48.19
N CYS K 213 -21.36 21.33 47.12
CA CYS K 213 -20.15 20.53 47.02
C CYS K 213 -19.37 21.03 45.81
N GLU K 214 -18.21 21.69 46.06
CA GLU K 214 -17.35 22.19 44.98
C GLU K 214 -16.19 21.24 44.73
N VAL K 215 -16.04 20.84 43.46
CA VAL K 215 -15.08 19.86 42.99
C VAL K 215 -14.08 20.44 41.97
N THR K 216 -12.78 20.32 42.30
CA THR K 216 -11.67 20.73 41.46
C THR K 216 -10.85 19.49 41.07
N HIS K 217 -10.68 19.27 39.73
CA HIS K 217 -9.93 18.16 39.13
C HIS K 217 -9.38 18.57 37.75
N GLN K 218 -8.16 18.09 37.37
CA GLN K 218 -7.54 18.42 36.07
C GLN K 218 -8.36 17.91 34.82
N GLY K 219 -9.44 17.17 35.05
CA GLY K 219 -10.34 16.70 34.01
C GLY K 219 -11.44 17.70 33.70
N LEU K 220 -11.63 18.67 34.61
CA LEU K 220 -12.66 19.71 34.54
C LEU K 220 -12.05 21.07 34.18
N SER K 221 -12.69 21.76 33.21
CA SER K 221 -12.29 23.09 32.71
C SER K 221 -12.28 24.10 33.86
N SER K 222 -13.37 24.10 34.64
CA SER K 222 -13.57 24.95 35.81
C SER K 222 -14.22 24.12 36.93
N PRO K 223 -13.99 24.47 38.24
CA PRO K 223 -14.60 23.69 39.33
C PRO K 223 -16.11 23.46 39.26
N VAL K 224 -16.53 22.19 39.37
CA VAL K 224 -17.95 21.78 39.31
C VAL K 224 -18.60 21.89 40.70
N THR K 225 -19.83 22.43 40.75
CA THR K 225 -20.55 22.58 42.02
C THR K 225 -21.92 21.92 41.93
N LYS K 226 -22.17 20.96 42.84
CA LYS K 226 -23.44 20.23 42.94
C LYS K 226 -24.11 20.67 44.21
N SER K 227 -25.40 21.01 44.14
CA SER K 227 -26.10 21.55 45.31
C SER K 227 -27.58 21.22 45.39
N PHE K 228 -28.14 21.42 46.59
CA PHE K 228 -29.56 21.27 46.91
C PHE K 228 -29.96 22.29 47.97
N ASN K 229 -31.28 22.50 48.12
CA ASN K 229 -31.85 23.38 49.12
C ASN K 229 -32.78 22.63 50.06
N ARG K 230 -32.47 22.64 51.38
CA ARG K 230 -33.20 22.08 52.55
C ARG K 230 -32.26 21.87 53.74
N VAL L 21 5.37 -24.57 56.51
CA VAL L 21 4.66 -24.42 55.24
C VAL L 21 3.18 -23.98 55.47
N GLN L 22 2.72 -24.00 56.73
CA GLN L 22 1.35 -23.63 57.07
C GLN L 22 1.31 -23.00 58.47
N LEU L 23 1.01 -21.68 58.56
CA LEU L 23 0.92 -20.96 59.83
C LEU L 23 -0.57 -20.65 60.13
N GLN L 24 -1.11 -21.14 61.27
CA GLN L 24 -2.53 -20.96 61.60
C GLN L 24 -2.75 -19.99 62.77
N HIS L 25 -3.23 -18.76 62.46
CA HIS L 25 -3.47 -17.66 63.41
C HIS L 25 -4.62 -17.91 64.38
N SER L 26 -4.68 -17.08 65.45
CA SER L 26 -5.69 -17.09 66.51
C SER L 26 -5.40 -15.98 67.50
N GLY L 27 -6.46 -15.50 68.16
CA GLY L 27 -6.33 -14.49 69.20
C GLY L 27 -6.77 -13.09 68.84
N GLY L 28 -7.60 -12.95 67.81
CA GLY L 28 -8.12 -11.63 67.43
C GLY L 28 -8.89 -11.00 68.57
N GLY L 29 -8.85 -9.68 68.67
CA GLY L 29 -9.60 -9.08 69.77
C GLY L 29 -9.74 -7.59 69.88
N LEU L 30 -10.57 -7.24 70.84
CA LEU L 30 -10.89 -5.90 71.26
C LEU L 30 -10.34 -5.76 72.65
N GLU L 31 -9.63 -4.66 72.86
CA GLU L 31 -9.04 -4.28 74.11
C GLU L 31 -9.13 -2.79 74.29
N GLN L 32 -9.13 -2.33 75.55
CA GLN L 32 -9.23 -0.92 75.88
C GLN L 32 -7.87 -0.32 76.13
N PRO L 33 -7.65 1.02 75.98
CA PRO L 33 -6.32 1.58 76.25
C PRO L 33 -5.78 1.19 77.64
N GLY L 34 -4.56 0.66 77.67
CA GLY L 34 -3.85 0.23 78.87
C GLY L 34 -4.12 -1.24 79.18
N GLY L 35 -4.93 -1.86 78.32
CA GLY L 35 -5.34 -3.24 78.47
C GLY L 35 -4.30 -4.24 78.04
N SER L 36 -4.67 -5.50 78.06
CA SER L 36 -3.78 -6.61 77.69
C SER L 36 -4.52 -7.69 76.89
N LEU L 37 -3.80 -8.37 75.98
CA LEU L 37 -4.30 -9.41 75.10
C LEU L 37 -3.12 -10.20 74.55
N ARG L 38 -3.32 -11.50 74.35
CA ARG L 38 -2.34 -12.43 73.80
C ARG L 38 -2.85 -13.02 72.49
N ILE L 39 -2.06 -12.88 71.43
CA ILE L 39 -2.38 -13.44 70.11
C ILE L 39 -1.41 -14.58 69.84
N SER L 40 -1.83 -15.58 69.06
CA SER L 40 -1.00 -16.73 68.79
C SER L 40 -1.00 -17.19 67.31
N CYS L 41 -0.14 -18.18 67.04
CA CYS L 41 0.05 -18.82 65.74
C CYS L 41 0.54 -20.25 65.93
N ALA L 42 -0.02 -21.18 65.15
CA ALA L 42 0.37 -22.59 65.15
C ALA L 42 1.32 -22.85 63.99
N ALA L 43 2.40 -23.60 64.26
CA ALA L 43 3.43 -23.94 63.28
C ALA L 43 3.28 -25.36 62.79
N SER L 44 3.55 -25.57 61.48
CA SER L 44 3.47 -26.89 60.85
C SER L 44 4.26 -26.95 59.53
N GLY L 45 4.81 -28.14 59.25
CA GLY L 45 5.58 -28.45 58.05
C GLY L 45 7.05 -28.07 58.07
N PHE L 46 7.63 -27.75 59.27
CA PHE L 46 9.04 -27.36 59.44
C PHE L 46 9.61 -27.61 60.86
N THR L 47 10.93 -27.37 61.04
CA THR L 47 11.67 -27.52 62.30
C THR L 47 11.50 -26.23 63.13
N PHE L 48 10.33 -26.10 63.79
CA PHE L 48 9.91 -24.94 64.58
C PHE L 48 10.81 -24.60 65.77
N ASN L 49 11.22 -25.64 66.55
CA ASN L 49 12.00 -25.56 67.78
C ASN L 49 13.31 -24.77 67.66
N THR L 50 14.00 -24.90 66.53
CA THR L 50 15.28 -24.22 66.25
C THR L 50 15.05 -22.91 65.47
N ASN L 51 14.00 -22.89 64.62
CA ASN L 51 13.56 -21.79 63.73
C ASN L 51 13.21 -20.53 64.49
N ASP L 52 13.60 -19.36 63.95
CA ASP L 52 13.23 -18.08 64.52
C ASP L 52 11.79 -17.76 64.12
N MET L 53 11.15 -16.90 64.91
CA MET L 53 9.77 -16.49 64.71
C MET L 53 9.66 -15.03 64.94
N SER L 54 8.93 -14.33 64.06
CA SER L 54 8.75 -12.88 64.20
C SER L 54 7.27 -12.42 64.04
N TRP L 55 7.01 -11.18 64.48
CA TRP L 55 5.72 -10.53 64.38
C TRP L 55 5.86 -9.24 63.59
N VAL L 56 5.01 -9.12 62.55
CA VAL L 56 4.91 -7.94 61.68
C VAL L 56 3.48 -7.41 61.83
N ARG L 57 3.32 -6.10 61.76
CA ARG L 57 2.02 -5.49 61.85
C ARG L 57 1.85 -4.44 60.75
N GLN L 58 0.59 -4.12 60.46
CA GLN L 58 0.20 -3.11 59.52
C GLN L 58 -1.05 -2.45 60.05
N ALA L 59 -0.87 -1.21 60.46
CA ALA L 59 -1.89 -0.32 60.96
C ALA L 59 -2.53 0.33 59.74
N PRO L 60 -3.81 0.76 59.84
CA PRO L 60 -4.49 1.35 58.67
C PRO L 60 -3.84 2.65 58.18
N GLY L 61 -3.66 2.74 56.85
CA GLY L 61 -3.04 3.85 56.14
C GLY L 61 -1.54 3.90 56.34
N LYS L 62 -0.95 2.80 56.87
CA LYS L 62 0.48 2.74 57.14
C LYS L 62 1.18 1.53 56.46
N GLY L 63 2.52 1.52 56.51
CA GLY L 63 3.33 0.47 55.95
C GLY L 63 3.49 -0.73 56.88
N LEU L 64 4.23 -1.74 56.41
CA LEU L 64 4.55 -2.90 57.21
C LEU L 64 5.50 -2.41 58.28
N GLN L 65 5.37 -2.95 59.51
CA GLN L 65 6.17 -2.59 60.66
C GLN L 65 6.49 -3.83 61.45
N TRP L 66 7.77 -4.17 61.53
CA TRP L 66 8.25 -5.30 62.32
C TRP L 66 8.08 -4.95 63.79
N VAL L 67 7.57 -5.90 64.56
CA VAL L 67 7.22 -5.72 65.97
C VAL L 67 8.26 -6.36 66.85
N SER L 68 8.48 -7.67 66.65
CA SER L 68 9.33 -8.47 67.50
C SER L 68 9.82 -9.74 66.85
N THR L 69 10.96 -10.28 67.36
CA THR L 69 11.54 -11.55 66.94
C THR L 69 11.97 -12.37 68.16
N ILE L 70 11.64 -13.67 68.13
CA ILE L 70 12.13 -14.64 69.10
C ILE L 70 13.09 -15.55 68.33
N ILE L 71 14.35 -15.67 68.81
CA ILE L 71 15.35 -16.47 68.11
C ILE L 71 15.42 -17.88 68.72
N GLY L 72 14.99 -18.85 67.91
CA GLY L 72 14.84 -20.26 68.25
C GLY L 72 16.01 -21.06 68.79
N ILE L 73 17.24 -20.51 68.75
CA ILE L 73 18.41 -21.22 69.26
C ILE L 73 18.60 -20.98 70.77
N ASP L 74 18.17 -19.81 71.28
CA ASP L 74 18.29 -19.48 72.71
C ASP L 74 17.15 -18.60 73.28
N ASP L 75 15.95 -18.61 72.63
CA ASP L 75 14.72 -17.88 73.01
C ASP L 75 14.96 -16.39 73.37
N THR L 76 15.96 -15.74 72.71
CA THR L 76 16.31 -14.33 72.93
C THR L 76 15.34 -13.45 72.10
N THR L 77 14.89 -12.37 72.74
CA THR L 77 13.88 -11.47 72.21
C THR L 77 14.40 -10.12 71.76
N HIS L 78 13.83 -9.64 70.64
CA HIS L 78 14.10 -8.35 70.00
C HIS L 78 12.76 -7.63 69.78
N TYR L 79 12.72 -6.29 69.95
CA TYR L 79 11.49 -5.49 69.84
C TYR L 79 11.73 -4.16 69.14
N ALA L 80 10.66 -3.55 68.60
CA ALA L 80 10.78 -2.23 67.97
C ALA L 80 10.74 -1.19 69.08
N ASP L 81 11.08 0.06 68.77
CA ASP L 81 11.09 1.14 69.77
C ASP L 81 9.66 1.58 70.19
N SER L 82 8.64 1.21 69.38
CA SER L 82 7.23 1.52 69.62
C SER L 82 6.59 0.55 70.60
N VAL L 83 7.15 -0.67 70.73
CA VAL L 83 6.67 -1.72 71.64
C VAL L 83 7.62 -1.94 72.86
N ARG L 84 8.92 -2.27 72.64
CA ARG L 84 9.98 -2.51 73.67
C ARG L 84 9.55 -3.37 74.91
N GLY L 85 9.10 -2.72 76.00
CA GLY L 85 8.73 -3.38 77.25
C GLY L 85 7.28 -3.82 77.40
N ARG L 86 6.36 -3.19 76.64
CA ARG L 86 4.93 -3.45 76.65
C ARG L 86 4.60 -4.82 76.07
N PHE L 87 5.15 -5.10 74.88
CA PHE L 87 4.89 -6.35 74.18
C PHE L 87 5.94 -7.38 74.51
N THR L 88 5.53 -8.66 74.53
CA THR L 88 6.40 -9.78 74.88
C THR L 88 6.20 -10.95 73.92
N VAL L 89 7.26 -11.35 73.22
CA VAL L 89 7.24 -12.49 72.30
C VAL L 89 7.76 -13.72 73.05
N SER L 90 7.04 -14.84 72.95
CA SER L 90 7.42 -16.10 73.59
C SER L 90 6.95 -17.28 72.76
N ARG L 91 7.17 -18.50 73.22
CA ARG L 91 6.80 -19.70 72.50
C ARG L 91 6.57 -20.92 73.39
N ASP L 92 6.07 -22.01 72.75
CA ASP L 92 5.80 -23.30 73.35
C ASP L 92 6.17 -24.37 72.31
N THR L 93 7.45 -24.78 72.37
CA THR L 93 8.11 -25.76 71.50
C THR L 93 7.41 -27.13 71.49
N SER L 94 6.72 -27.47 72.60
CA SER L 94 5.97 -28.72 72.74
C SER L 94 4.63 -28.62 72.00
N LYS L 95 4.14 -27.38 71.83
CA LYS L 95 2.86 -27.09 71.18
C LYS L 95 2.97 -26.60 69.74
N ASN L 96 4.19 -26.20 69.29
CA ASN L 96 4.49 -25.59 67.98
C ASN L 96 3.79 -24.24 67.90
N MET L 97 3.82 -23.48 69.01
CA MET L 97 3.10 -22.23 69.06
C MET L 97 3.92 -21.06 69.52
N VAL L 98 3.73 -19.93 68.85
CA VAL L 98 4.39 -18.67 69.13
C VAL L 98 3.31 -17.68 69.65
N TYR L 99 3.70 -16.78 70.56
CA TYR L 99 2.77 -15.85 71.18
C TYR L 99 3.30 -14.43 71.15
N LEU L 100 2.37 -13.47 71.35
CA LEU L 100 2.67 -12.05 71.48
C LEU L 100 1.71 -11.48 72.52
N GLN L 101 2.23 -11.38 73.76
CA GLN L 101 1.52 -10.86 74.91
C GLN L 101 1.67 -9.34 74.88
N MET L 102 0.57 -8.65 74.55
CA MET L 102 0.56 -7.20 74.35
C MET L 102 -0.08 -6.44 75.51
N ASN L 103 0.76 -5.88 76.40
CA ASN L 103 0.32 -5.12 77.57
C ASN L 103 0.33 -3.61 77.32
N SER L 104 -0.25 -2.83 78.28
CA SER L 104 -0.39 -1.37 78.27
C SER L 104 -0.74 -0.81 76.88
N LEU L 105 -1.70 -1.52 76.22
CA LEU L 105 -2.17 -1.27 74.87
C LEU L 105 -2.54 0.16 74.63
N ARG L 106 -2.15 0.64 73.45
CA ARG L 106 -2.39 2.02 73.06
C ARG L 106 -3.22 2.00 71.80
N VAL L 107 -4.06 3.03 71.61
CA VAL L 107 -4.91 3.22 70.45
C VAL L 107 -4.14 2.95 69.14
N GLU L 108 -2.85 3.37 69.06
CA GLU L 108 -2.01 3.20 67.86
C GLU L 108 -1.47 1.75 67.66
N ASP L 109 -1.80 0.83 68.55
CA ASP L 109 -1.46 -0.59 68.37
C ASP L 109 -2.55 -1.33 67.53
N THR L 110 -3.64 -0.59 67.16
CA THR L 110 -4.76 -1.01 66.32
C THR L 110 -4.13 -1.28 64.92
N ALA L 111 -3.98 -2.56 64.59
CA ALA L 111 -3.31 -3.03 63.39
C ALA L 111 -3.66 -4.47 63.09
N LEU L 112 -3.27 -4.96 61.89
CA LEU L 112 -3.36 -6.38 61.58
C LEU L 112 -2.04 -6.94 62.01
N TYR L 113 -2.06 -8.08 62.70
CA TYR L 113 -0.83 -8.69 63.21
C TYR L 113 -0.62 -10.00 62.54
N TYR L 114 0.57 -10.15 61.96
CA TYR L 114 0.98 -11.33 61.26
C TYR L 114 2.14 -11.97 61.97
N CYS L 115 2.07 -13.29 62.13
CA CYS L 115 3.13 -14.11 62.65
C CYS L 115 3.90 -14.57 61.40
N VAL L 116 5.23 -14.51 61.47
CA VAL L 116 6.08 -14.89 60.34
C VAL L 116 7.20 -15.82 60.76
N LYS L 117 7.46 -16.79 59.89
CA LYS L 117 8.53 -17.77 60.01
C LYS L 117 9.84 -17.02 59.70
N ASN L 118 10.88 -17.25 60.55
CA ASN L 118 12.26 -16.72 60.45
C ASN L 118 12.44 -15.32 61.03
N SER L 119 13.69 -14.83 61.00
CA SER L 119 14.09 -13.51 61.51
C SER L 119 13.97 -12.38 60.49
N GLY L 120 14.05 -12.69 59.20
CA GLY L 120 14.02 -11.67 58.15
C GLY L 120 13.54 -12.10 56.79
N ILE L 121 13.69 -13.41 56.47
CA ILE L 121 13.24 -13.99 55.21
C ILE L 121 11.89 -14.61 55.52
N TYR L 122 10.84 -13.78 55.40
CA TYR L 122 9.47 -14.18 55.72
C TYR L 122 8.77 -14.70 54.48
N SER L 123 9.04 -15.95 54.14
CA SER L 123 8.43 -16.63 52.99
C SER L 123 7.03 -17.11 53.35
N PHE L 124 6.81 -17.38 54.66
CA PHE L 124 5.54 -17.85 55.17
C PHE L 124 4.96 -16.91 56.22
N TRP L 125 3.73 -16.48 55.94
CA TRP L 125 2.93 -15.53 56.72
C TRP L 125 1.63 -16.19 57.18
N GLY L 126 1.38 -16.16 58.50
CA GLY L 126 0.11 -16.60 59.04
C GLY L 126 -0.94 -15.58 58.67
N GLN L 127 -2.25 -15.93 58.75
CA GLN L 127 -3.32 -14.97 58.39
C GLN L 127 -3.32 -13.75 59.34
N GLY L 128 -3.73 -12.61 58.80
CA GLY L 128 -3.80 -11.36 59.55
C GLY L 128 -4.77 -11.46 60.71
N THR L 129 -4.35 -10.99 61.88
CA THR L 129 -5.12 -11.01 63.12
C THR L 129 -5.37 -9.57 63.59
N LEU L 130 -6.62 -9.16 63.51
CA LEU L 130 -7.03 -7.83 63.89
C LEU L 130 -7.11 -7.63 65.40
N VAL L 131 -6.45 -6.57 65.84
CA VAL L 131 -6.38 -6.15 67.23
C VAL L 131 -6.81 -4.70 67.22
N THR L 132 -7.89 -4.40 67.93
CA THR L 132 -8.39 -3.04 68.03
C THR L 132 -8.30 -2.60 69.48
N VAL L 133 -7.70 -1.42 69.69
CA VAL L 133 -7.52 -0.78 70.99
C VAL L 133 -8.29 0.51 70.93
N SER L 134 -9.34 0.58 71.73
CA SER L 134 -10.24 1.73 71.70
C SER L 134 -11.04 1.71 72.99
N SER L 135 -11.70 2.83 73.30
CA SER L 135 -12.59 3.01 74.46
C SER L 135 -14.03 2.71 74.05
N ALA L 136 -14.31 2.66 72.73
CA ALA L 136 -15.65 2.39 72.25
C ALA L 136 -16.05 0.96 72.57
N SER L 137 -17.34 0.74 72.64
CA SER L 137 -17.92 -0.58 72.85
C SER L 137 -18.57 -1.00 71.51
N THR L 138 -18.69 -2.32 71.28
CA THR L 138 -19.28 -2.88 70.08
C THR L 138 -20.65 -2.28 69.81
N LYS L 139 -20.83 -1.82 68.55
CA LYS L 139 -22.07 -1.24 68.09
C LYS L 139 -22.32 -1.56 66.61
N GLY L 140 -23.54 -1.96 66.31
CA GLY L 140 -23.96 -2.24 64.94
C GLY L 140 -24.20 -0.94 64.21
N PRO L 141 -24.03 -0.87 62.88
CA PRO L 141 -24.24 0.42 62.19
C PRO L 141 -25.71 0.78 62.02
N SER L 142 -25.97 2.02 61.73
CA SER L 142 -27.26 2.54 61.33
C SER L 142 -27.08 2.73 59.84
N VAL L 143 -28.01 2.20 59.03
CA VAL L 143 -27.89 2.23 57.57
C VAL L 143 -28.91 3.20 57.00
N PHE L 144 -28.41 4.24 56.33
CA PHE L 144 -29.25 5.29 55.75
C PHE L 144 -29.18 5.31 54.24
N PRO L 145 -30.33 5.52 53.55
CA PRO L 145 -30.31 5.55 52.07
C PRO L 145 -29.69 6.81 51.44
N LEU L 146 -28.93 6.64 50.37
CA LEU L 146 -28.30 7.68 49.55
C LEU L 146 -29.09 7.69 48.22
N ALA L 147 -30.08 8.56 48.20
CA ALA L 147 -31.00 8.65 47.11
C ALA L 147 -30.87 9.79 46.15
N PRO L 148 -31.37 9.52 44.97
CA PRO L 148 -31.42 10.48 43.88
C PRO L 148 -32.62 11.39 44.15
N SER L 154 -29.55 14.17 36.66
CA SER L 154 -28.35 13.37 36.40
C SER L 154 -28.32 12.67 35.04
N GLY L 155 -29.43 12.60 34.36
CA GLY L 155 -29.44 11.96 33.07
C GLY L 155 -29.74 10.49 33.06
N GLY L 156 -29.05 9.77 32.19
CA GLY L 156 -29.22 8.33 31.99
C GLY L 156 -28.57 7.44 33.04
N THR L 157 -27.68 8.03 33.90
CA THR L 157 -26.99 7.33 34.98
C THR L 157 -27.46 7.82 36.34
N ALA L 158 -27.98 6.90 37.17
CA ALA L 158 -28.40 7.27 38.52
C ALA L 158 -27.38 6.72 39.54
N ALA L 159 -27.12 7.49 40.61
CA ALA L 159 -26.24 7.05 41.69
C ALA L 159 -27.09 6.81 42.92
N LEU L 160 -26.97 5.60 43.47
CA LEU L 160 -27.68 5.21 44.68
C LEU L 160 -26.63 4.78 45.69
N GLY L 161 -27.02 4.69 46.94
CA GLY L 161 -26.09 4.27 47.97
C GLY L 161 -26.68 4.03 49.33
N CYS L 162 -25.77 3.62 50.22
CA CYS L 162 -26.06 3.36 51.60
C CYS L 162 -24.98 3.91 52.47
N LEU L 163 -25.39 4.68 53.47
CA LEU L 163 -24.48 5.24 54.47
C LEU L 163 -24.54 4.35 55.71
N VAL L 164 -23.43 3.65 55.96
CA VAL L 164 -23.18 2.71 57.06
C VAL L 164 -22.45 3.54 58.12
N LYS L 165 -23.19 4.11 59.04
CA LYS L 165 -22.66 5.00 60.06
C LYS L 165 -22.70 4.45 61.48
N ASP L 166 -21.65 4.80 62.28
CA ASP L 166 -21.51 4.60 63.71
C ASP L 166 -21.47 3.17 64.13
N TYR L 167 -20.42 2.49 63.72
CA TYR L 167 -20.21 1.11 64.08
C TYR L 167 -18.84 0.90 64.69
N PHE L 168 -18.70 -0.18 65.44
CA PHE L 168 -17.45 -0.47 66.10
C PHE L 168 -17.46 -1.95 66.49
N PRO L 169 -16.37 -2.67 66.26
CA PRO L 169 -15.13 -2.25 65.58
C PRO L 169 -15.32 -2.53 64.07
N GLU L 170 -14.23 -2.65 63.32
CA GLU L 170 -14.30 -3.03 61.92
C GLU L 170 -14.33 -4.56 61.93
N PRO L 171 -14.78 -5.27 60.88
CA PRO L 171 -15.25 -4.79 59.57
C PRO L 171 -16.76 -4.80 59.41
N VAL L 172 -17.22 -4.15 58.34
CA VAL L 172 -18.58 -4.29 57.80
C VAL L 172 -18.38 -4.90 56.43
N THR L 173 -19.39 -5.59 55.93
CA THR L 173 -19.39 -6.07 54.56
C THR L 173 -20.66 -5.52 53.97
N VAL L 174 -20.56 -5.02 52.74
CA VAL L 174 -21.68 -4.50 51.98
C VAL L 174 -21.75 -5.27 50.68
N SER L 175 -22.97 -5.63 50.29
CA SER L 175 -23.29 -6.24 49.02
C SER L 175 -24.58 -5.54 48.49
N TRP L 176 -24.89 -5.73 47.23
CA TRP L 176 -26.12 -5.15 46.66
C TRP L 176 -26.94 -6.26 46.06
N ASN L 177 -28.26 -6.24 46.33
CA ASN L 177 -29.19 -7.27 45.82
C ASN L 177 -28.64 -8.72 46.05
N SER L 178 -28.14 -8.99 47.28
CA SER L 178 -27.56 -10.26 47.77
C SER L 178 -26.34 -10.75 46.93
N GLY L 179 -25.57 -9.81 46.42
CA GLY L 179 -24.36 -10.09 45.66
C GLY L 179 -24.56 -10.21 44.17
N ALA L 180 -25.81 -10.08 43.70
CA ALA L 180 -26.18 -10.15 42.28
C ALA L 180 -25.70 -8.89 41.54
N LEU L 181 -25.62 -7.76 42.26
CA LEU L 181 -25.19 -6.47 41.70
C LEU L 181 -23.78 -6.18 42.16
N THR L 182 -22.82 -6.31 41.24
CA THR L 182 -21.39 -6.08 41.48
C THR L 182 -20.78 -4.98 40.60
N SER L 183 -21.35 -4.75 39.39
CA SER L 183 -20.90 -3.74 38.42
C SER L 183 -21.30 -2.32 38.85
N GLY L 184 -20.33 -1.42 38.84
CA GLY L 184 -20.50 -0.03 39.24
C GLY L 184 -20.54 0.20 40.75
N VAL L 185 -20.36 -0.88 41.57
CA VAL L 185 -20.36 -0.78 43.04
C VAL L 185 -19.01 -0.22 43.50
N HIS L 186 -19.04 0.81 44.38
CA HIS L 186 -17.88 1.43 45.02
C HIS L 186 -18.17 1.52 46.49
N THR L 187 -17.57 0.59 47.26
CA THR L 187 -17.72 0.49 48.70
C THR L 187 -16.52 1.24 49.26
N PHE L 188 -16.77 2.38 49.91
CA PHE L 188 -15.65 3.19 50.38
C PHE L 188 -14.97 2.62 51.60
N PRO L 189 -13.63 2.78 51.74
CA PRO L 189 -12.99 2.29 52.97
C PRO L 189 -13.55 3.02 54.20
N ALA L 190 -13.60 2.32 55.35
CA ALA L 190 -14.08 2.91 56.57
C ALA L 190 -13.20 4.05 57.00
N VAL L 191 -13.84 5.00 57.66
CA VAL L 191 -13.23 6.18 58.22
C VAL L 191 -13.52 6.20 59.70
N LEU L 192 -12.48 6.44 60.50
CA LEU L 192 -12.65 6.58 61.94
C LEU L 192 -13.04 8.03 62.23
N GLN L 193 -14.22 8.18 62.84
CA GLN L 193 -14.76 9.47 63.24
C GLN L 193 -14.15 9.91 64.59
N SER L 194 -14.32 11.21 64.92
CA SER L 194 -13.91 11.89 66.18
C SER L 194 -14.48 11.14 67.39
N SER L 195 -15.74 10.68 67.25
CA SER L 195 -16.51 9.92 68.23
C SER L 195 -15.91 8.54 68.52
N GLY L 196 -15.03 8.05 67.67
CA GLY L 196 -14.45 6.72 67.87
C GLY L 196 -15.25 5.60 67.23
N LEU L 197 -16.21 5.96 66.37
CA LEU L 197 -17.05 5.01 65.65
C LEU L 197 -16.71 5.12 64.19
N TYR L 198 -16.72 3.97 63.48
CA TYR L 198 -16.41 3.92 62.06
C TYR L 198 -17.61 4.28 61.21
N SER L 199 -17.32 4.65 59.97
CA SER L 199 -18.34 5.04 59.00
C SER L 199 -17.86 4.91 57.57
N LEU L 200 -18.76 4.42 56.72
CA LEU L 200 -18.54 4.35 55.30
C LEU L 200 -19.82 4.48 54.52
N SER L 201 -19.65 4.56 53.20
CA SER L 201 -20.72 4.64 52.22
C SER L 201 -20.40 3.65 51.12
N SER L 202 -21.43 3.03 50.57
CA SER L 202 -21.34 2.13 49.43
C SER L 202 -22.26 2.72 48.36
N VAL L 203 -21.70 3.04 47.22
CA VAL L 203 -22.46 3.59 46.11
C VAL L 203 -22.46 2.60 44.92
N VAL L 204 -23.49 2.74 44.08
CA VAL L 204 -23.63 1.99 42.84
C VAL L 204 -24.25 2.95 41.79
N THR L 205 -23.72 2.92 40.57
CA THR L 205 -24.35 3.65 39.47
C THR L 205 -25.06 2.62 38.62
N VAL L 206 -26.36 2.87 38.36
CA VAL L 206 -27.24 2.03 37.52
C VAL L 206 -27.94 2.88 36.42
N PRO L 207 -28.56 2.24 35.36
CA PRO L 207 -29.35 3.03 34.39
C PRO L 207 -30.56 3.61 35.11
N SER L 208 -30.91 4.88 34.83
CA SER L 208 -32.03 5.57 35.49
C SER L 208 -33.39 4.90 35.20
N SER L 209 -33.51 4.28 34.00
CA SER L 209 -34.69 3.54 33.55
C SER L 209 -34.97 2.31 34.44
N SER L 210 -33.90 1.64 34.96
CA SER L 210 -34.01 0.48 35.85
C SER L 210 -34.60 0.81 37.25
N LEU L 211 -34.64 2.10 37.64
CA LEU L 211 -35.23 2.52 38.92
C LEU L 211 -36.74 2.27 39.02
N GLY L 212 -37.35 1.91 37.91
CA GLY L 212 -38.77 1.60 37.87
C GLY L 212 -39.07 0.15 37.62
N THR L 213 -38.05 -0.64 37.25
CA THR L 213 -38.19 -2.06 36.93
C THR L 213 -37.36 -3.00 37.82
N GLN L 214 -36.46 -2.43 38.65
CA GLN L 214 -35.53 -3.21 39.46
C GLN L 214 -35.45 -2.63 40.86
N THR L 215 -35.64 -3.50 41.89
CA THR L 215 -35.55 -3.11 43.30
C THR L 215 -34.10 -3.10 43.72
N TYR L 216 -33.69 -2.04 44.45
CA TYR L 216 -32.30 -1.89 44.88
C TYR L 216 -32.21 -1.96 46.39
N ILE L 217 -31.46 -2.97 46.86
CA ILE L 217 -31.27 -3.25 48.30
C ILE L 217 -29.78 -3.39 48.64
N CYS L 218 -29.30 -2.63 49.64
CA CYS L 218 -27.91 -2.83 50.11
C CYS L 218 -27.98 -3.80 51.28
N ASN L 219 -27.06 -4.75 51.35
CA ASN L 219 -27.04 -5.73 52.44
C ASN L 219 -25.78 -5.48 53.25
N VAL L 220 -25.96 -4.90 54.43
CA VAL L 220 -24.89 -4.56 55.37
C VAL L 220 -24.78 -5.61 56.48
N ASN L 221 -23.59 -6.15 56.68
CA ASN L 221 -23.33 -7.11 57.74
C ASN L 221 -22.24 -6.61 58.67
N HIS L 222 -22.43 -6.83 59.96
CA HIS L 222 -21.50 -6.50 61.03
C HIS L 222 -21.48 -7.64 62.04
N LYS L 223 -20.63 -8.63 61.77
CA LYS L 223 -20.52 -9.84 62.61
C LYS L 223 -20.11 -9.50 64.07
N PRO L 224 -19.24 -8.49 64.37
CA PRO L 224 -18.96 -8.19 65.78
C PRO L 224 -20.21 -7.94 66.66
N SER L 225 -21.25 -7.29 66.11
CA SER L 225 -22.49 -6.93 66.81
C SER L 225 -23.64 -7.88 66.53
N ASN L 226 -23.39 -8.84 65.63
CA ASN L 226 -24.37 -9.78 65.11
C ASN L 226 -25.52 -9.03 64.43
N THR L 227 -25.18 -8.02 63.60
CA THR L 227 -26.22 -7.25 62.91
C THR L 227 -26.18 -7.49 61.41
N LYS L 228 -27.37 -7.60 60.81
CA LYS L 228 -27.60 -7.75 59.37
C LYS L 228 -28.68 -6.72 59.04
N VAL L 229 -28.36 -5.74 58.21
CA VAL L 229 -29.36 -4.73 57.81
C VAL L 229 -29.55 -4.73 56.28
N ASP L 230 -30.81 -4.80 55.82
CA ASP L 230 -31.15 -4.77 54.38
C ASP L 230 -31.96 -3.51 54.14
N LYS L 231 -31.34 -2.50 53.51
CA LYS L 231 -31.95 -1.20 53.24
C LYS L 231 -32.32 -1.05 51.77
N LYS L 232 -33.60 -0.85 51.53
CA LYS L 232 -34.16 -0.66 50.21
C LYS L 232 -33.97 0.81 49.87
N VAL L 233 -33.30 1.07 48.73
CA VAL L 233 -32.99 2.43 48.27
C VAL L 233 -33.83 2.82 47.05
N GLU L 234 -34.62 3.88 47.20
CA GLU L 234 -35.51 4.43 46.18
C GLU L 234 -35.39 5.98 46.12
N PRO L 235 -35.76 6.67 45.00
CA PRO L 235 -35.67 8.15 44.99
C PRO L 235 -36.74 8.85 45.83
N LYS L 236 -36.62 10.21 45.99
CA LYS L 236 -37.47 11.21 46.70
C LYS L 236 -36.86 11.61 48.04
N ASP M 20 -45.16 10.38 -0.06
CA ASP M 20 -46.00 10.13 -1.22
C ASP M 20 -45.16 9.65 -2.41
N ILE M 21 -45.40 8.40 -2.83
CA ILE M 21 -44.74 7.83 -4.00
C ILE M 21 -45.51 8.35 -5.21
N GLN M 22 -44.81 8.90 -6.19
CA GLN M 22 -45.37 9.37 -7.44
C GLN M 22 -45.27 8.19 -8.41
N MET M 23 -46.42 7.70 -8.89
CA MET M 23 -46.48 6.62 -9.87
C MET M 23 -46.62 7.29 -11.23
N THR M 24 -45.63 7.10 -12.10
CA THR M 24 -45.66 7.75 -13.41
C THR M 24 -45.83 6.68 -14.52
N GLN M 25 -46.85 6.88 -15.36
CA GLN M 25 -47.20 5.95 -16.43
C GLN M 25 -46.73 6.41 -17.78
N SER M 26 -46.29 5.46 -18.61
CA SER M 26 -45.81 5.75 -19.96
C SER M 26 -46.15 4.63 -20.98
N PRO M 27 -46.59 4.99 -22.19
CA PRO M 27 -46.85 6.37 -22.67
C PRO M 27 -48.25 6.79 -22.20
N ALA M 28 -48.66 8.04 -22.43
CA ALA M 28 -49.99 8.47 -22.01
C ALA M 28 -51.09 7.75 -22.85
N THR M 29 -50.79 7.49 -24.14
CA THR M 29 -51.69 6.82 -25.08
C THR M 29 -50.93 5.83 -25.95
N LEU M 30 -51.55 4.66 -26.18
CA LEU M 30 -51.10 3.57 -27.03
C LEU M 30 -52.17 3.35 -28.08
N SER M 31 -51.77 3.37 -29.36
CA SER M 31 -52.66 3.12 -30.47
C SER M 31 -52.17 1.81 -31.09
N VAL M 32 -52.97 0.76 -30.93
CA VAL M 32 -52.58 -0.59 -31.36
C VAL M 32 -53.60 -1.30 -32.26
N SER M 33 -53.10 -2.20 -33.09
CA SER M 33 -53.90 -3.05 -33.99
C SER M 33 -54.34 -4.32 -33.19
N PRO M 34 -55.61 -4.79 -33.31
CA PRO M 34 -56.08 -5.96 -32.51
C PRO M 34 -55.18 -7.23 -32.43
N GLY M 35 -54.27 -7.40 -33.37
CA GLY M 35 -53.36 -8.55 -33.37
C GLY M 35 -52.08 -8.35 -32.57
N GLU M 36 -51.60 -7.09 -32.55
CA GLU M 36 -50.40 -6.60 -31.88
C GLU M 36 -50.36 -6.91 -30.37
N THR M 37 -49.12 -7.09 -29.84
CA THR M 37 -48.79 -7.30 -28.43
C THR M 37 -48.18 -6.00 -27.94
N VAL M 38 -48.71 -5.47 -26.86
CA VAL M 38 -48.24 -4.20 -26.38
C VAL M 38 -47.90 -4.22 -24.88
N THR M 39 -46.93 -3.37 -24.48
CA THR M 39 -46.45 -3.26 -23.10
C THR M 39 -46.70 -1.85 -22.55
N LEU M 40 -47.22 -1.81 -21.33
CA LEU M 40 -47.50 -0.57 -20.60
C LEU M 40 -46.46 -0.48 -19.53
N SER M 41 -45.94 0.74 -19.30
CA SER M 41 -44.91 0.98 -18.27
C SER M 41 -45.43 1.80 -17.08
N CYS M 42 -44.83 1.53 -15.91
CA CYS M 42 -45.15 2.20 -14.66
C CYS M 42 -43.91 2.33 -13.82
N ARG M 43 -43.55 3.58 -13.53
CA ARG M 43 -42.39 3.92 -12.73
C ARG M 43 -42.75 4.53 -11.37
N ALA M 44 -42.18 3.96 -10.29
CA ALA M 44 -42.32 4.49 -8.94
C ALA M 44 -41.25 5.56 -8.71
N SER M 45 -41.54 6.61 -7.91
CA SER M 45 -40.57 7.68 -7.61
C SER M 45 -39.48 7.15 -6.65
N GLN M 46 -39.83 6.15 -5.84
CA GLN M 46 -38.98 5.44 -4.86
C GLN M 46 -39.39 3.97 -4.91
N SER M 47 -38.53 3.06 -4.44
CA SER M 47 -38.86 1.62 -4.38
C SER M 47 -40.24 1.32 -3.81
N VAL M 48 -40.96 0.37 -4.43
CA VAL M 48 -42.27 -0.13 -3.97
C VAL M 48 -42.23 -1.65 -3.96
N ARG M 49 -41.01 -2.22 -3.96
CA ARG M 49 -40.73 -3.66 -3.93
C ARG M 49 -41.54 -4.35 -5.02
N THR M 50 -42.48 -5.25 -4.66
CA THR M 50 -43.35 -5.91 -5.64
C THR M 50 -44.81 -5.54 -5.39
N ASN M 51 -45.05 -4.54 -4.53
CA ASN M 51 -46.42 -4.17 -4.17
C ASN M 51 -47.04 -3.18 -5.16
N VAL M 52 -47.32 -3.71 -6.38
CA VAL M 52 -47.90 -2.97 -7.48
C VAL M 52 -48.99 -3.84 -8.10
N ALA M 53 -50.16 -3.23 -8.30
CA ALA M 53 -51.30 -3.84 -8.95
C ALA M 53 -51.64 -3.03 -10.21
N TRP M 54 -52.26 -3.68 -11.17
CA TRP M 54 -52.71 -3.05 -12.42
C TRP M 54 -54.20 -3.15 -12.50
N TYR M 55 -54.84 -2.08 -12.94
CA TYR M 55 -56.29 -2.03 -13.09
C TYR M 55 -56.65 -1.42 -14.42
N ARG M 56 -57.89 -1.66 -14.88
CA ARG M 56 -58.44 -1.04 -16.09
C ARG M 56 -59.84 -0.50 -15.82
N HIS M 57 -60.23 0.52 -16.61
CA HIS M 57 -61.57 1.10 -16.52
C HIS M 57 -62.12 1.47 -17.88
N LYS M 58 -63.18 0.77 -18.28
CA LYS M 58 -63.90 1.09 -19.51
C LYS M 58 -65.14 1.84 -19.06
N ALA M 59 -65.43 3.01 -19.68
CA ALA M 59 -66.57 3.89 -19.35
C ALA M 59 -67.86 3.16 -19.00
N GLY M 60 -68.46 3.56 -17.88
CA GLY M 60 -69.69 2.98 -17.33
C GLY M 60 -69.49 1.70 -16.55
N GLN M 61 -68.57 0.82 -17.03
CA GLN M 61 -68.24 -0.47 -16.41
C GLN M 61 -67.53 -0.33 -15.07
N ALA M 62 -67.47 -1.45 -14.33
CA ALA M 62 -66.85 -1.53 -13.02
C ALA M 62 -65.35 -1.62 -13.20
N PRO M 63 -64.54 -0.81 -12.46
CA PRO M 63 -63.08 -0.93 -12.57
C PRO M 63 -62.64 -2.34 -12.15
N MET M 64 -61.68 -2.93 -12.87
CA MET M 64 -61.27 -4.30 -12.58
C MET M 64 -59.76 -4.50 -12.47
N ILE M 65 -59.35 -5.49 -11.63
CA ILE M 65 -57.95 -5.82 -11.41
C ILE M 65 -57.42 -6.76 -12.54
N LEU M 66 -56.14 -6.59 -12.90
CA LEU M 66 -55.50 -7.41 -13.91
C LEU M 66 -54.34 -8.15 -13.34
N VAL M 67 -53.47 -7.45 -12.62
CA VAL M 67 -52.25 -7.98 -12.03
C VAL M 67 -52.08 -7.47 -10.58
N SER M 68 -51.60 -8.35 -9.68
CA SER M 68 -51.25 -8.05 -8.28
C SER M 68 -49.83 -8.56 -8.05
N GLY M 69 -49.18 -8.08 -6.99
CA GLY M 69 -47.83 -8.49 -6.59
C GLY M 69 -46.80 -8.39 -7.70
N ALA M 70 -46.99 -7.37 -8.58
CA ALA M 70 -46.20 -6.95 -9.74
C ALA M 70 -46.29 -7.89 -10.92
N SER M 71 -46.37 -9.22 -10.69
CA SER M 71 -46.38 -10.20 -11.75
C SER M 71 -47.38 -11.35 -11.58
N THR M 72 -48.23 -11.31 -10.55
CA THR M 72 -49.25 -12.36 -10.42
C THR M 72 -50.50 -11.89 -11.18
N ARG M 73 -50.99 -12.71 -12.12
CA ARG M 73 -52.22 -12.45 -12.88
C ARG M 73 -53.39 -12.63 -11.92
N ALA M 74 -54.30 -11.63 -11.89
CA ALA M 74 -55.46 -11.70 -11.01
C ALA M 74 -56.33 -12.90 -11.41
N SER M 75 -56.87 -13.60 -10.40
CA SER M 75 -57.71 -14.79 -10.56
C SER M 75 -58.87 -14.60 -11.54
N GLY M 76 -59.42 -13.37 -11.59
CA GLY M 76 -60.49 -13.02 -12.52
C GLY M 76 -60.03 -12.35 -13.79
N ALA M 77 -58.71 -12.29 -14.05
CA ALA M 77 -58.19 -11.63 -15.25
C ALA M 77 -57.80 -12.60 -16.40
N PRO M 78 -58.05 -12.23 -17.71
CA PRO M 78 -57.69 -13.12 -18.83
C PRO M 78 -56.21 -13.48 -18.89
N ALA M 79 -55.90 -14.64 -19.50
CA ALA M 79 -54.56 -15.21 -19.66
C ALA M 79 -53.56 -14.27 -20.33
N ARG M 80 -54.02 -13.58 -21.40
CA ARG M 80 -53.24 -12.69 -22.26
C ARG M 80 -52.60 -11.46 -21.57
N PHE M 81 -52.93 -11.25 -20.28
CA PHE M 81 -52.40 -10.20 -19.41
C PHE M 81 -51.31 -10.78 -18.51
N SER M 82 -50.18 -10.09 -18.46
CA SER M 82 -49.08 -10.47 -17.58
C SER M 82 -48.35 -9.21 -17.17
N GLY M 83 -47.83 -9.20 -15.98
CA GLY M 83 -47.05 -8.09 -15.48
C GLY M 83 -45.66 -8.56 -15.09
N SER M 84 -44.77 -7.61 -14.87
CA SER M 84 -43.40 -7.85 -14.48
C SER M 84 -42.87 -6.55 -13.82
N GLY M 85 -41.81 -6.67 -13.05
CA GLY M 85 -41.20 -5.53 -12.38
C GLY M 85 -40.85 -5.74 -10.93
N TYR M 86 -40.01 -4.83 -10.41
CA TYR M 86 -39.51 -4.79 -9.04
C TYR M 86 -38.98 -3.36 -8.80
N GLY M 87 -38.98 -2.92 -7.55
CA GLY M 87 -38.45 -1.64 -7.14
C GLY M 87 -39.14 -0.41 -7.68
N THR M 88 -38.57 0.15 -8.74
CA THR M 88 -39.09 1.37 -9.35
C THR M 88 -39.62 1.21 -10.79
N GLU M 89 -39.50 0.01 -11.39
CA GLU M 89 -39.90 -0.21 -12.78
C GLU M 89 -40.84 -1.36 -12.93
N PHE M 90 -42.02 -1.12 -13.54
CA PHE M 90 -43.08 -2.12 -13.70
C PHE M 90 -43.69 -2.08 -15.09
N THR M 91 -44.18 -3.24 -15.55
CA THR M 91 -44.79 -3.35 -16.88
C THR M 91 -46.03 -4.24 -16.87
N LEU M 92 -46.89 -4.05 -17.86
CA LEU M 92 -48.06 -4.87 -18.11
C LEU M 92 -48.00 -5.18 -19.60
N THR M 93 -48.05 -6.45 -19.96
CA THR M 93 -48.07 -6.89 -21.35
C THR M 93 -49.45 -7.50 -21.68
N ILE M 94 -50.01 -7.09 -22.81
CA ILE M 94 -51.29 -7.60 -23.31
C ILE M 94 -50.97 -8.26 -24.64
N THR M 95 -51.02 -9.61 -24.66
CA THR M 95 -50.75 -10.43 -25.86
C THR M 95 -52.06 -10.64 -26.58
N SER M 96 -52.20 -10.08 -27.80
CA SER M 96 -53.39 -10.14 -28.68
C SER M 96 -54.58 -9.44 -28.07
N LEU M 97 -54.79 -8.18 -28.46
CA LEU M 97 -55.88 -7.38 -27.92
C LEU M 97 -57.23 -7.70 -28.51
N GLN M 98 -58.23 -7.78 -27.64
CA GLN M 98 -59.63 -8.03 -27.94
C GLN M 98 -60.40 -6.73 -27.66
N SER M 99 -61.68 -6.64 -28.09
CA SER M 99 -62.49 -5.41 -27.93
C SER M 99 -62.56 -4.88 -26.50
N GLU M 100 -62.67 -5.78 -25.51
CA GLU M 100 -62.73 -5.43 -24.10
C GLU M 100 -61.42 -4.86 -23.56
N ASP M 101 -60.30 -5.03 -24.29
CA ASP M 101 -58.96 -4.55 -23.88
C ASP M 101 -58.73 -3.06 -24.17
N PHE M 102 -59.65 -2.41 -24.92
CA PHE M 102 -59.51 -0.98 -25.24
C PHE M 102 -60.19 -0.18 -24.17
N ALA M 103 -59.37 0.26 -23.22
CA ALA M 103 -59.72 0.96 -22.00
C ALA M 103 -58.52 1.82 -21.59
N VAL M 104 -58.51 2.26 -20.34
CA VAL M 104 -57.45 3.04 -19.74
C VAL M 104 -56.91 2.26 -18.54
N TYR M 105 -55.60 2.08 -18.52
CA TYR M 105 -54.96 1.30 -17.50
C TYR M 105 -54.23 2.13 -16.47
N TYR M 106 -54.44 1.72 -15.21
CA TYR M 106 -53.83 2.33 -14.02
C TYR M 106 -52.95 1.39 -13.28
N CYS M 107 -51.78 1.88 -12.87
CA CYS M 107 -50.90 1.12 -11.99
C CYS M 107 -51.08 1.70 -10.58
N LEU M 108 -51.09 0.82 -9.57
CA LEU M 108 -51.22 1.19 -8.16
C LEU M 108 -50.08 0.59 -7.33
N GLN M 109 -49.51 1.43 -6.48
CA GLN M 109 -48.50 1.14 -5.46
C GLN M 109 -49.27 0.91 -4.14
N TYR M 110 -49.03 -0.23 -3.48
CA TYR M 110 -49.62 -0.53 -2.18
C TYR M 110 -48.54 -1.03 -1.21
N ASN M 111 -47.33 -0.44 -1.33
CA ASN M 111 -46.19 -0.76 -0.50
C ASN M 111 -46.15 0.12 0.74
N THR M 112 -46.73 1.35 0.64
CA THR M 112 -46.73 2.32 1.72
C THR M 112 -48.03 3.18 1.69
N TRP M 113 -48.14 4.15 2.62
CA TRP M 113 -49.29 5.05 2.80
C TRP M 113 -48.86 6.48 2.49
N PRO M 114 -49.66 7.25 1.75
CA PRO M 114 -50.94 6.88 1.13
C PRO M 114 -50.74 5.97 -0.09
N ARG M 115 -51.80 5.26 -0.51
CA ARG M 115 -51.81 4.41 -1.69
C ARG M 115 -51.82 5.38 -2.87
N THR M 116 -51.03 5.09 -3.91
CA THR M 116 -50.95 5.99 -5.07
C THR M 116 -51.05 5.25 -6.39
N PHE M 117 -51.90 5.81 -7.27
CA PHE M 117 -52.17 5.41 -8.64
C PHE M 117 -51.38 6.29 -9.59
N GLY M 118 -51.06 5.72 -10.76
CA GLY M 118 -50.48 6.44 -11.90
C GLY M 118 -51.62 7.19 -12.54
N GLN M 119 -51.32 8.16 -13.43
CA GLN M 119 -52.33 9.00 -14.09
C GLN M 119 -53.13 8.25 -15.19
N GLY M 120 -52.64 7.08 -15.60
CA GLY M 120 -53.28 6.22 -16.59
C GLY M 120 -52.62 6.17 -17.96
N THR M 121 -52.85 5.07 -18.67
CA THR M 121 -52.39 4.84 -20.05
C THR M 121 -53.62 4.45 -20.89
N LYS M 122 -53.98 5.31 -21.85
CA LYS M 122 -55.14 5.01 -22.66
C LYS M 122 -54.75 4.09 -23.82
N VAL M 123 -55.38 2.91 -23.89
CA VAL M 123 -55.16 1.94 -24.94
C VAL M 123 -56.31 2.10 -25.90
N GLU M 124 -56.00 2.48 -27.14
CA GLU M 124 -57.02 2.72 -28.15
C GLU M 124 -56.76 1.96 -29.44
N VAL M 125 -57.82 1.81 -30.26
CA VAL M 125 -57.74 1.13 -31.56
C VAL M 125 -57.02 2.01 -32.60
N LYS M 126 -55.89 1.49 -33.14
CA LYS M 126 -55.14 2.11 -34.23
C LYS M 126 -55.94 1.85 -35.51
N ARG M 127 -56.13 2.89 -36.32
CA ARG M 127 -56.85 2.81 -37.59
C ARG M 127 -56.30 3.86 -38.56
N THR M 128 -56.89 3.97 -39.77
CA THR M 128 -56.46 4.91 -40.79
C THR M 128 -56.88 6.35 -40.41
N VAL M 129 -56.09 7.36 -40.84
CA VAL M 129 -56.40 8.77 -40.63
C VAL M 129 -57.73 9.01 -41.37
N ALA M 130 -58.72 9.49 -40.61
CA ALA M 130 -60.02 9.81 -41.13
C ALA M 130 -60.25 11.28 -40.78
N ALA M 131 -60.40 12.13 -41.81
CA ALA M 131 -60.64 13.56 -41.62
C ALA M 131 -62.11 13.76 -41.16
N PRO M 132 -62.40 14.71 -40.24
CA PRO M 132 -63.79 14.89 -39.79
C PRO M 132 -64.70 15.50 -40.84
N SER M 133 -65.99 15.17 -40.73
CA SER M 133 -67.05 15.78 -41.51
C SER M 133 -67.56 16.90 -40.59
N VAL M 134 -67.40 18.16 -41.04
CA VAL M 134 -67.73 19.32 -40.22
C VAL M 134 -69.13 19.87 -40.51
N PHE M 135 -69.95 20.03 -39.47
CA PHE M 135 -71.28 20.59 -39.57
C PHE M 135 -71.37 21.78 -38.64
N ILE M 136 -72.10 22.84 -39.07
CA ILE M 136 -72.30 24.05 -38.24
C ILE M 136 -73.81 24.24 -38.01
N PHE M 137 -74.17 24.61 -36.79
CA PHE M 137 -75.56 24.78 -36.39
C PHE M 137 -75.75 26.14 -35.76
N PRO M 138 -76.60 26.98 -36.37
CA PRO M 138 -76.89 28.31 -35.78
C PRO M 138 -77.75 28.22 -34.51
N PRO M 139 -77.81 29.22 -33.60
CA PRO M 139 -78.78 29.08 -32.47
C PRO M 139 -80.21 28.97 -32.99
N SER M 140 -81.06 28.24 -32.25
CA SER M 140 -82.49 28.07 -32.51
C SER M 140 -83.19 29.39 -32.29
N ASP M 141 -84.35 29.60 -32.94
CA ASP M 141 -85.16 30.80 -32.70
C ASP M 141 -85.75 30.69 -31.32
N GLU M 142 -85.97 29.43 -30.86
CA GLU M 142 -86.47 29.10 -29.51
C GLU M 142 -85.52 29.66 -28.43
N GLN M 143 -84.22 29.30 -28.52
CA GLN M 143 -83.18 29.75 -27.60
C GLN M 143 -83.03 31.26 -27.66
N LEU M 144 -83.10 31.83 -28.86
CA LEU M 144 -82.96 33.27 -29.09
C LEU M 144 -83.98 34.08 -28.31
N LYS M 145 -85.20 33.57 -28.18
CA LYS M 145 -86.25 34.22 -27.37
C LYS M 145 -85.82 34.43 -25.90
N SER M 146 -84.76 33.72 -25.41
CA SER M 146 -84.27 33.73 -24.03
C SER M 146 -83.11 34.68 -23.70
N GLY M 147 -82.48 35.29 -24.71
CA GLY M 147 -81.38 36.21 -24.47
C GLY M 147 -80.01 35.57 -24.53
N THR M 148 -79.97 34.28 -24.96
CA THR M 148 -78.73 33.51 -25.12
C THR M 148 -78.69 32.87 -26.50
N ALA M 149 -77.48 32.82 -27.05
CA ALA M 149 -77.22 32.25 -28.35
C ALA M 149 -76.08 31.26 -28.21
N SER M 150 -76.29 30.05 -28.74
CA SER M 150 -75.29 28.99 -28.73
C SER M 150 -75.14 28.51 -30.14
N VAL M 151 -73.91 28.56 -30.62
CA VAL M 151 -73.52 28.14 -31.98
C VAL M 151 -72.73 26.80 -31.80
N VAL M 152 -73.16 25.75 -32.52
CA VAL M 152 -72.57 24.42 -32.38
C VAL M 152 -71.87 24.00 -33.65
N CYS M 153 -70.64 23.53 -33.51
CA CYS M 153 -69.86 22.93 -34.56
C CYS M 153 -69.62 21.44 -34.24
N LEU M 154 -69.98 20.55 -35.19
CA LEU M 154 -69.78 19.12 -35.07
C LEU M 154 -68.67 18.68 -35.99
N LEU M 155 -67.67 17.96 -35.42
CA LEU M 155 -66.50 17.34 -36.05
C LEU M 155 -66.78 15.86 -35.92
N ASN M 156 -67.32 15.25 -36.97
CA ASN M 156 -67.80 13.89 -36.92
C ASN M 156 -66.95 12.82 -37.61
N ASN M 157 -66.71 11.69 -36.89
CA ASN M 157 -66.08 10.45 -37.34
C ASN M 157 -64.65 10.61 -37.89
N PHE M 158 -63.76 11.09 -37.03
CA PHE M 158 -62.38 11.33 -37.40
C PHE M 158 -61.38 10.50 -36.60
N TYR M 159 -60.14 10.47 -37.06
CA TYR M 159 -59.06 9.72 -36.42
C TYR M 159 -57.72 10.30 -36.89
N PRO M 160 -56.74 10.56 -35.99
CA PRO M 160 -56.73 10.34 -34.53
C PRO M 160 -57.56 11.38 -33.76
N ARG M 161 -57.66 11.22 -32.43
CA ARG M 161 -58.46 12.04 -31.51
C ARG M 161 -58.16 13.54 -31.54
N GLU M 162 -56.87 13.90 -31.70
CA GLU M 162 -56.40 15.29 -31.70
C GLU M 162 -57.00 16.08 -32.84
N ALA M 163 -57.66 17.19 -32.48
CA ALA M 163 -58.32 18.13 -33.39
C ALA M 163 -58.51 19.41 -32.61
N LYS M 164 -58.54 20.54 -33.31
CA LYS M 164 -58.75 21.84 -32.70
C LYS M 164 -59.79 22.62 -33.49
N VAL M 165 -60.69 23.28 -32.77
CA VAL M 165 -61.73 24.16 -33.30
C VAL M 165 -61.36 25.59 -32.93
N GLN M 166 -61.46 26.50 -33.92
CA GLN M 166 -61.32 27.94 -33.74
C GLN M 166 -62.63 28.60 -34.21
N TRP M 167 -63.32 29.33 -33.30
CA TRP M 167 -64.53 30.08 -33.64
C TRP M 167 -64.18 31.50 -34.07
N LYS M 168 -64.89 32.01 -35.07
CA LYS M 168 -64.72 33.36 -35.60
C LYS M 168 -66.09 33.96 -35.80
N VAL M 169 -66.29 35.15 -35.22
CA VAL M 169 -67.52 35.96 -35.28
C VAL M 169 -67.07 37.20 -36.13
N ASP M 170 -67.61 37.34 -37.35
CA ASP M 170 -67.21 38.40 -38.28
C ASP M 170 -65.69 38.51 -38.30
N ASN M 171 -65.01 37.35 -38.42
CA ASN M 171 -63.56 37.26 -38.49
C ASN M 171 -62.80 37.71 -37.19
N ALA M 172 -63.47 37.86 -36.07
CA ALA M 172 -62.79 38.11 -34.80
C ALA M 172 -62.65 36.74 -34.12
N LEU M 173 -61.40 36.28 -33.92
CA LEU M 173 -61.07 35.01 -33.24
C LEU M 173 -61.65 35.00 -31.83
N GLN M 174 -62.52 34.00 -31.56
CA GLN M 174 -63.10 33.89 -30.22
C GLN M 174 -62.22 33.10 -29.23
N SER M 175 -62.29 33.52 -27.94
CA SER M 175 -61.61 32.82 -26.85
C SER M 175 -62.38 32.94 -25.54
N GLY M 176 -62.38 31.84 -24.78
CA GLY M 176 -62.98 31.71 -23.46
C GLY M 176 -64.48 31.57 -23.36
N ASN M 177 -65.15 31.49 -24.49
CA ASN M 177 -66.60 31.44 -24.59
C ASN M 177 -67.06 30.21 -25.35
N SER M 178 -66.20 29.21 -25.44
CA SER M 178 -66.52 27.97 -26.11
C SER M 178 -66.02 26.84 -25.27
N GLN M 179 -66.75 25.71 -25.31
CA GLN M 179 -66.43 24.47 -24.61
C GLN M 179 -66.56 23.33 -25.61
N GLU M 180 -65.74 22.29 -25.45
CA GLU M 180 -65.79 21.13 -26.32
C GLU M 180 -65.78 19.81 -25.54
N SER M 181 -66.37 18.77 -26.11
CA SER M 181 -66.33 17.42 -25.57
C SER M 181 -66.20 16.38 -26.69
N VAL M 182 -65.47 15.28 -26.41
CA VAL M 182 -65.18 14.22 -27.39
C VAL M 182 -65.76 12.89 -26.94
N THR M 183 -66.45 12.18 -27.83
CA THR M 183 -67.00 10.86 -27.51
C THR M 183 -65.86 9.84 -27.42
N GLU M 184 -66.16 8.70 -26.77
CA GLU M 184 -65.23 7.57 -26.65
C GLU M 184 -65.16 6.94 -28.05
N GLN M 185 -64.01 6.33 -28.40
CA GLN M 185 -63.84 5.67 -29.71
C GLN M 185 -65.07 4.78 -29.97
N ASP M 186 -65.74 5.00 -31.12
CA ASP M 186 -66.96 4.28 -31.52
C ASP M 186 -67.16 4.33 -33.04
N LYS M 188 -67.05 -0.15 -32.95
CA LYS M 188 -67.78 -0.09 -34.21
C LYS M 188 -66.90 0.36 -35.43
N ASP M 189 -66.56 1.68 -35.56
CA ASP M 189 -65.71 2.16 -36.67
C ASP M 189 -64.39 2.78 -36.20
N SER M 190 -64.13 2.75 -34.85
CA SER M 190 -62.91 3.24 -34.17
C SER M 190 -62.59 4.77 -34.39
N THR M 191 -63.61 5.58 -34.69
CA THR M 191 -63.37 7.02 -34.86
C THR M 191 -63.80 7.78 -33.60
N TYR M 192 -63.62 9.10 -33.63
CA TYR M 192 -63.99 9.98 -32.56
C TYR M 192 -64.86 11.04 -33.14
N SER M 193 -65.71 11.62 -32.30
CA SER M 193 -66.49 12.77 -32.69
C SER M 193 -66.37 13.85 -31.63
N LEU M 194 -66.40 15.10 -32.08
CA LEU M 194 -66.24 16.26 -31.23
C LEU M 194 -67.34 17.27 -31.50
N SER M 195 -67.86 17.90 -30.43
CA SER M 195 -68.78 19.02 -30.56
C SER M 195 -68.14 20.22 -29.88
N SER M 196 -68.28 21.39 -30.50
CA SER M 196 -67.79 22.65 -29.91
C SER M 196 -68.98 23.57 -29.77
N THR M 197 -69.11 24.23 -28.63
CA THR M 197 -70.25 25.09 -28.39
C THR M 197 -69.78 26.49 -28.06
N LEU M 198 -70.21 27.45 -28.85
CA LEU M 198 -69.86 28.85 -28.67
C LEU M 198 -71.01 29.59 -27.96
N THR M 199 -70.77 30.07 -26.73
CA THR M 199 -71.77 30.76 -25.93
C THR M 199 -71.63 32.27 -26.04
N LEU M 200 -72.71 32.90 -26.49
CA LEU M 200 -72.76 34.36 -26.65
C LEU M 200 -74.09 34.83 -26.12
N SER M 201 -74.22 36.14 -25.90
CA SER M 201 -75.48 36.75 -25.54
C SER M 201 -76.26 36.96 -26.85
N LYS M 202 -77.59 37.23 -26.79
CA LYS M 202 -78.44 37.53 -27.95
C LYS M 202 -77.92 38.80 -28.62
N ALA M 203 -77.64 39.85 -27.80
CA ALA M 203 -77.17 41.17 -28.20
C ALA M 203 -75.91 41.09 -29.08
N ASP M 204 -74.94 40.27 -28.65
CA ASP M 204 -73.67 40.06 -29.34
C ASP M 204 -73.96 39.27 -30.61
N TYR M 205 -74.76 38.19 -30.53
CA TYR M 205 -75.10 37.42 -31.72
C TYR M 205 -75.83 38.28 -32.79
N GLU M 206 -76.69 39.20 -32.35
CA GLU M 206 -77.46 40.05 -33.27
C GLU M 206 -76.64 41.17 -33.92
N LYS M 207 -75.44 41.45 -33.38
CA LYS M 207 -74.53 42.49 -33.90
C LYS M 207 -73.72 41.97 -35.08
N HIS M 208 -73.52 40.65 -35.14
CA HIS M 208 -72.59 40.09 -36.11
C HIS M 208 -73.22 39.20 -37.16
N LYS M 209 -72.50 39.02 -38.30
CA LYS M 209 -73.09 38.30 -39.41
C LYS M 209 -72.46 36.94 -39.74
N VAL M 210 -71.13 36.87 -39.87
CA VAL M 210 -70.49 35.61 -40.28
C VAL M 210 -70.04 34.76 -39.03
N TYR M 211 -70.57 33.52 -38.91
CA TYR M 211 -70.23 32.61 -37.81
C TYR M 211 -69.48 31.46 -38.41
N ALA M 212 -68.17 31.39 -38.09
CA ALA M 212 -67.31 30.37 -38.67
C ALA M 212 -66.63 29.45 -37.66
N CYS M 213 -66.57 28.17 -38.02
CA CYS M 213 -65.95 27.11 -37.30
C CYS M 213 -64.77 26.60 -38.14
N GLU M 214 -63.56 26.84 -37.66
CA GLU M 214 -62.33 26.48 -38.34
C GLU M 214 -61.70 25.27 -37.67
N VAL M 215 -61.58 24.16 -38.44
CA VAL M 215 -61.09 22.89 -37.95
C VAL M 215 -59.66 22.54 -38.45
N THR M 216 -58.79 22.11 -37.54
CA THR M 216 -57.45 21.62 -37.85
C THR M 216 -57.35 20.14 -37.44
N HIS M 217 -56.90 19.27 -38.38
CA HIS M 217 -56.74 17.82 -38.20
C HIS M 217 -55.60 17.26 -39.11
N GLN M 218 -55.79 16.13 -39.82
CA GLN M 218 -54.79 15.52 -40.70
C GLN M 218 -55.45 14.74 -41.84
N PRO M 223 -56.91 23.07 -43.24
CA PRO M 223 -57.76 23.74 -42.24
C PRO M 223 -59.13 24.13 -42.80
N VAL M 224 -60.13 23.22 -42.64
CA VAL M 224 -61.49 23.39 -43.16
C VAL M 224 -62.29 24.41 -42.35
N THR M 225 -63.15 25.15 -43.04
CA THR M 225 -64.00 26.14 -42.42
C THR M 225 -65.46 25.90 -42.78
N LYS M 226 -66.32 25.90 -41.76
CA LYS M 226 -67.76 25.81 -41.93
C LYS M 226 -68.36 27.04 -41.33
N SER M 227 -69.21 27.69 -42.10
CA SER M 227 -69.78 28.95 -41.67
C SER M 227 -71.20 29.12 -42.14
N PHE M 228 -71.85 30.13 -41.57
CA PHE M 228 -73.18 30.57 -41.94
C PHE M 228 -73.25 32.07 -41.70
N ASN M 229 -74.30 32.67 -42.27
CA ASN M 229 -74.61 34.09 -42.13
C ASN M 229 -75.89 34.16 -41.37
N ARG M 230 -75.91 34.87 -40.27
CA ARG M 230 -77.11 35.02 -39.46
C ARG M 230 -78.24 35.63 -40.32
N GLY M 231 -79.24 34.80 -40.65
CA GLY M 231 -80.41 35.15 -41.44
C GLY M 231 -80.39 34.60 -42.86
N GLN N 20 -71.52 -15.40 -4.87
CA GLN N 20 -70.38 -14.57 -5.24
C GLN N 20 -70.21 -13.46 -4.21
N VAL N 21 -69.02 -12.88 -4.15
CA VAL N 21 -68.73 -11.75 -3.27
C VAL N 21 -69.54 -10.55 -3.88
N GLN N 22 -70.40 -9.94 -3.05
CA GLN N 22 -71.21 -8.79 -3.48
C GLN N 22 -70.90 -7.59 -2.57
N LEU N 23 -70.75 -6.41 -3.20
CA LEU N 23 -70.55 -5.14 -2.48
C LEU N 23 -71.66 -4.21 -2.95
N GLN N 24 -72.77 -4.17 -2.20
CA GLN N 24 -73.94 -3.39 -2.59
C GLN N 24 -73.89 -1.96 -2.10
N HIS N 25 -73.57 -1.06 -3.03
CA HIS N 25 -73.44 0.37 -2.81
C HIS N 25 -74.75 1.03 -2.37
N SER N 26 -74.63 2.10 -1.59
CA SER N 26 -75.80 2.85 -1.18
C SER N 26 -76.00 3.97 -2.22
N GLY N 27 -76.97 4.83 -1.94
CA GLY N 27 -77.20 5.99 -2.79
C GLY N 27 -76.22 7.05 -2.37
N GLY N 28 -75.86 7.91 -3.31
CA GLY N 28 -74.99 9.03 -3.00
C GLY N 28 -75.84 10.21 -2.64
N GLY N 29 -75.34 11.39 -2.92
CA GLY N 29 -76.08 12.59 -2.63
C GLY N 29 -75.62 13.83 -3.34
N LEU N 30 -76.35 14.91 -3.07
CA LEU N 30 -76.12 16.24 -3.57
C LEU N 30 -75.91 17.18 -2.37
N GLU N 31 -74.76 17.85 -2.28
CA GLU N 31 -74.43 18.71 -1.15
C GLU N 31 -73.77 20.01 -1.57
N GLN N 32 -73.86 21.02 -0.69
CA GLN N 32 -73.22 22.33 -0.87
C GLN N 32 -71.83 22.30 -0.22
N PRO N 33 -70.88 23.17 -0.62
CA PRO N 33 -69.57 23.18 0.05
C PRO N 33 -69.70 23.45 1.56
N GLY N 34 -69.00 22.62 2.35
CA GLY N 34 -69.04 22.62 3.80
C GLY N 34 -70.03 21.62 4.34
N GLY N 35 -70.78 21.02 3.42
CA GLY N 35 -71.82 20.04 3.71
C GLY N 35 -71.32 18.68 4.09
N SER N 36 -72.26 17.78 4.36
CA SER N 36 -71.91 16.44 4.76
C SER N 36 -72.92 15.38 4.29
N LEU N 37 -72.40 14.18 4.11
CA LEU N 37 -73.14 13.00 3.78
C LEU N 37 -72.34 11.74 4.10
N ARG N 38 -73.05 10.66 4.23
CA ARG N 38 -72.43 9.37 4.46
C ARG N 38 -72.84 8.50 3.31
N ILE N 39 -71.92 7.63 2.84
CA ILE N 39 -72.16 6.61 1.80
C ILE N 39 -71.77 5.27 2.37
N SER N 40 -72.45 4.22 1.96
CA SER N 40 -72.16 2.90 2.49
C SER N 40 -72.04 1.85 1.41
N CYS N 41 -71.67 0.65 1.84
CA CYS N 41 -71.58 -0.53 1.03
C CYS N 41 -71.91 -1.72 1.92
N ALA N 42 -72.80 -2.59 1.43
CA ALA N 42 -73.23 -3.78 2.11
C ALA N 42 -72.46 -4.96 1.53
N ALA N 43 -71.65 -5.59 2.37
CA ALA N 43 -70.81 -6.73 2.00
C ALA N 43 -71.54 -8.05 2.20
N SER N 44 -71.16 -9.08 1.41
CA SER N 44 -71.66 -10.46 1.48
C SER N 44 -70.77 -11.37 0.61
N GLY N 45 -70.71 -12.67 0.95
CA GLY N 45 -69.94 -13.68 0.24
C GLY N 45 -68.47 -13.83 0.64
N PHE N 46 -68.06 -13.17 1.74
CA PHE N 46 -66.68 -13.23 2.27
C PHE N 46 -66.66 -12.92 3.78
N THR N 47 -65.49 -13.09 4.45
CA THR N 47 -65.32 -12.88 5.89
C THR N 47 -65.06 -11.40 6.15
N PHE N 48 -66.14 -10.60 6.22
CA PHE N 48 -66.08 -9.16 6.38
C PHE N 48 -65.37 -8.72 7.65
N ASN N 49 -65.72 -9.36 8.78
CA ASN N 49 -65.25 -9.05 10.13
C ASN N 49 -63.74 -8.89 10.28
N THR N 50 -62.97 -9.67 9.52
CA THR N 50 -61.50 -9.66 9.59
C THR N 50 -60.87 -9.14 8.30
N ASN N 51 -61.67 -8.56 7.39
CA ASN N 51 -61.17 -8.12 6.09
C ASN N 51 -60.92 -6.62 5.98
N ASP N 52 -59.81 -6.24 5.33
CA ASP N 52 -59.51 -4.82 5.10
C ASP N 52 -60.44 -4.31 4.01
N MET N 53 -60.94 -3.10 4.15
CA MET N 53 -61.89 -2.51 3.19
C MET N 53 -61.42 -1.13 2.84
N SER N 54 -61.63 -0.71 1.59
CA SER N 54 -61.13 0.60 1.18
C SER N 54 -62.14 1.37 0.34
N TRP N 55 -61.90 2.69 0.17
CA TRP N 55 -62.67 3.57 -0.69
C TRP N 55 -61.76 4.17 -1.77
N VAL N 56 -62.20 4.13 -3.02
CA VAL N 56 -61.49 4.68 -4.18
C VAL N 56 -62.44 5.62 -4.90
N ARG N 57 -61.95 6.75 -5.37
CA ARG N 57 -62.83 7.65 -6.11
C ARG N 57 -62.28 8.01 -7.48
N GLN N 58 -63.16 8.56 -8.36
CA GLN N 58 -62.81 9.04 -9.70
C GLN N 58 -63.61 10.30 -10.08
N ALA N 59 -62.90 11.43 -10.10
CA ALA N 59 -63.47 12.72 -10.50
C ALA N 59 -63.66 12.74 -12.02
N PRO N 60 -64.58 13.59 -12.57
CA PRO N 60 -64.76 13.65 -14.03
C PRO N 60 -63.49 14.10 -14.73
N GLY N 61 -63.09 13.33 -15.75
CA GLY N 61 -61.87 13.58 -16.51
C GLY N 61 -60.56 13.37 -15.76
N LYS N 62 -60.62 12.80 -14.53
CA LYS N 62 -59.43 12.50 -13.73
C LYS N 62 -59.26 10.99 -13.58
N GLY N 63 -58.13 10.57 -13.00
CA GLY N 63 -57.80 9.17 -12.82
C GLY N 63 -58.29 8.61 -11.51
N LEU N 64 -58.00 7.34 -11.24
CA LEU N 64 -58.36 6.67 -9.98
C LEU N 64 -57.51 7.28 -8.87
N GLN N 65 -58.15 7.55 -7.72
CA GLN N 65 -57.53 8.11 -6.51
C GLN N 65 -58.02 7.31 -5.28
N TRP N 66 -57.07 6.84 -4.45
CA TRP N 66 -57.41 6.14 -3.22
C TRP N 66 -57.86 7.17 -2.17
N VAL N 67 -58.91 6.84 -1.40
CA VAL N 67 -59.47 7.74 -0.36
C VAL N 67 -59.09 7.32 1.06
N SER N 68 -59.43 6.08 1.42
CA SER N 68 -59.20 5.55 2.76
C SER N 68 -59.18 4.05 2.77
N THR N 69 -58.68 3.47 3.89
CA THR N 69 -58.67 2.04 4.17
C THR N 69 -59.00 1.85 5.64
N ILE N 70 -59.76 0.81 5.95
CA ILE N 70 -60.09 0.35 7.29
C ILE N 70 -59.55 -1.07 7.41
N ILE N 71 -58.76 -1.32 8.47
CA ILE N 71 -58.13 -2.60 8.75
C ILE N 71 -59.08 -3.52 9.51
N GLY N 72 -59.33 -4.71 8.95
CA GLY N 72 -60.20 -5.73 9.52
C GLY N 72 -59.75 -6.33 10.84
N ILE N 73 -58.45 -6.64 11.04
CA ILE N 73 -57.96 -7.24 12.29
C ILE N 73 -58.03 -6.28 13.52
N ASP N 74 -57.77 -4.97 13.37
CA ASP N 74 -57.73 -4.08 14.55
C ASP N 74 -58.55 -2.78 14.44
N ASP N 75 -59.37 -2.61 13.38
CA ASP N 75 -60.21 -1.41 13.13
C ASP N 75 -59.42 -0.10 12.92
N THR N 76 -58.08 -0.15 12.67
CA THR N 76 -57.33 1.07 12.42
C THR N 76 -57.62 1.58 11.01
N THR N 77 -57.36 2.89 10.81
CA THR N 77 -57.71 3.58 9.58
C THR N 77 -56.58 4.41 8.97
N HIS N 78 -56.65 4.60 7.61
CA HIS N 78 -55.72 5.39 6.79
C HIS N 78 -56.51 6.21 5.81
N TYR N 79 -56.03 7.42 5.52
CA TYR N 79 -56.72 8.37 4.68
C TYR N 79 -55.78 9.07 3.80
N ALA N 80 -56.21 9.41 2.56
CA ALA N 80 -55.42 10.24 1.65
C ALA N 80 -55.29 11.61 2.32
N ASP N 81 -54.13 12.23 2.15
CA ASP N 81 -53.80 13.53 2.74
C ASP N 81 -54.93 14.58 2.57
N SER N 82 -55.54 14.65 1.36
CA SER N 82 -56.60 15.61 1.00
C SER N 82 -57.97 15.39 1.67
N VAL N 83 -58.17 14.27 2.39
CA VAL N 83 -59.46 13.97 2.99
C VAL N 83 -59.38 13.79 4.50
N ARG N 84 -58.16 13.55 5.03
CA ARG N 84 -57.89 13.34 6.47
C ARG N 84 -58.40 14.52 7.31
N GLY N 85 -59.19 14.17 8.33
CA GLY N 85 -59.81 15.13 9.23
C GLY N 85 -61.21 15.53 8.79
N ARG N 86 -61.58 15.17 7.54
CA ARG N 86 -62.90 15.48 6.94
C ARG N 86 -63.72 14.22 6.72
N PHE N 87 -63.06 13.17 6.20
CA PHE N 87 -63.70 11.90 5.90
C PHE N 87 -63.39 10.89 6.97
N THR N 88 -64.32 10.00 7.26
CA THR N 88 -64.13 8.94 8.27
C THR N 88 -64.64 7.61 7.77
N VAL N 89 -63.73 6.65 7.66
CA VAL N 89 -64.07 5.28 7.30
C VAL N 89 -64.43 4.53 8.59
N SER N 90 -65.51 3.77 8.56
CA SER N 90 -65.97 3.00 9.71
C SER N 90 -66.65 1.76 9.22
N ARG N 91 -67.06 0.91 10.17
CA ARG N 91 -67.74 -0.33 9.81
C ARG N 91 -68.66 -0.82 10.94
N ASP N 92 -69.57 -1.67 10.55
CA ASP N 92 -70.50 -2.30 11.45
C ASP N 92 -70.41 -3.76 11.11
N THR N 93 -69.54 -4.45 11.87
CA THR N 93 -69.23 -5.88 11.75
C THR N 93 -70.49 -6.72 11.88
N SER N 94 -71.41 -6.33 12.79
CA SER N 94 -72.64 -7.04 13.11
C SER N 94 -73.65 -7.09 11.95
N LYS N 95 -73.55 -6.15 11.00
CA LYS N 95 -74.44 -6.15 9.85
C LYS N 95 -73.65 -6.01 8.51
N ASN N 96 -72.32 -6.35 8.54
CA ASN N 96 -71.42 -6.37 7.38
C ASN N 96 -71.49 -5.10 6.51
N MET N 97 -71.41 -3.94 7.16
CA MET N 97 -71.49 -2.64 6.50
C MET N 97 -70.21 -1.86 6.65
N VAL N 98 -69.76 -1.21 5.56
CA VAL N 98 -68.63 -0.28 5.50
C VAL N 98 -69.18 1.11 5.10
N TYR N 99 -68.70 2.17 5.76
CA TYR N 99 -69.16 3.54 5.55
C TYR N 99 -68.05 4.49 5.27
N LEU N 100 -68.43 5.60 4.62
CA LEU N 100 -67.57 6.75 4.40
C LEU N 100 -68.41 7.97 4.70
N GLN N 101 -68.10 8.61 5.82
CA GLN N 101 -68.72 9.81 6.34
C GLN N 101 -67.88 10.91 5.81
N MET N 102 -68.47 11.74 4.98
CA MET N 102 -67.81 12.83 4.30
C MET N 102 -68.33 14.18 4.80
N ASN N 103 -67.51 14.86 5.57
CA ASN N 103 -67.82 16.15 6.17
C ASN N 103 -66.89 17.17 5.57
N SER N 104 -67.16 18.47 5.82
CA SER N 104 -66.41 19.63 5.30
C SER N 104 -66.14 19.50 3.79
N LEU N 105 -67.20 19.11 3.04
CA LEU N 105 -67.19 18.83 1.59
C LEU N 105 -66.72 20.00 0.74
N ARG N 106 -65.78 19.72 -0.19
CA ARG N 106 -65.24 20.71 -1.12
C ARG N 106 -65.71 20.37 -2.53
N VAL N 107 -65.72 21.33 -3.48
CA VAL N 107 -66.17 21.06 -4.88
C VAL N 107 -65.41 19.86 -5.52
N GLU N 108 -64.09 19.73 -5.25
CA GLU N 108 -63.21 18.68 -5.77
C GLU N 108 -63.51 17.27 -5.24
N ASP N 109 -64.48 17.15 -4.30
CA ASP N 109 -64.92 15.86 -3.80
C ASP N 109 -65.99 15.30 -4.74
N THR N 110 -66.53 16.13 -5.67
CA THR N 110 -67.48 15.72 -6.70
C THR N 110 -66.76 14.63 -7.52
N ALA N 111 -67.26 13.39 -7.40
CA ALA N 111 -66.67 12.21 -8.02
C ALA N 111 -67.57 10.97 -7.85
N LEU N 112 -67.22 9.88 -8.56
CA LEU N 112 -67.85 8.58 -8.35
C LEU N 112 -66.99 7.91 -7.27
N TYR N 113 -67.65 7.30 -6.26
CA TYR N 113 -67.03 6.69 -5.09
C TYR N 113 -67.31 5.21 -5.08
N TYR N 114 -66.22 4.41 -4.95
CA TYR N 114 -66.32 2.94 -4.92
C TYR N 114 -65.71 2.38 -3.66
N CYS N 115 -66.44 1.48 -3.04
CA CYS N 115 -65.97 0.69 -1.92
C CYS N 115 -65.32 -0.53 -2.60
N VAL N 116 -64.19 -0.94 -2.05
CA VAL N 116 -63.42 -2.05 -2.59
C VAL N 116 -63.01 -3.00 -1.48
N LYS N 117 -63.00 -4.31 -1.78
CA LYS N 117 -62.56 -5.34 -0.84
C LYS N 117 -61.04 -5.30 -0.85
N ASN N 118 -60.43 -5.37 0.36
CA ASN N 118 -58.98 -5.43 0.67
C ASN N 118 -58.39 -4.05 0.87
N SER N 119 -57.06 -3.99 1.05
CA SER N 119 -56.33 -2.76 1.29
C SER N 119 -55.61 -2.21 0.04
N GLY N 120 -55.19 -3.11 -0.84
CA GLY N 120 -54.45 -2.78 -2.04
C GLY N 120 -54.82 -3.60 -3.26
N ILE N 121 -55.18 -4.90 -3.05
CA ILE N 121 -55.53 -5.80 -4.15
C ILE N 121 -57.04 -5.77 -4.31
N TYR N 122 -57.54 -4.81 -5.12
CA TYR N 122 -58.98 -4.59 -5.27
C TYR N 122 -59.60 -5.43 -6.36
N SER N 123 -59.97 -6.68 -6.02
CA SER N 123 -60.61 -7.62 -6.96
C SER N 123 -62.11 -7.33 -7.06
N PHE N 124 -62.77 -7.08 -5.89
CA PHE N 124 -64.20 -6.79 -5.82
C PHE N 124 -64.45 -5.32 -5.55
N TRP N 125 -65.36 -4.76 -6.35
CA TRP N 125 -65.69 -3.35 -6.35
C TRP N 125 -67.16 -3.23 -6.24
N GLY N 126 -67.60 -2.22 -5.49
CA GLY N 126 -69.01 -1.88 -5.43
C GLY N 126 -69.28 -1.00 -6.64
N GLN N 127 -70.53 -0.74 -6.94
CA GLN N 127 -70.88 0.16 -8.06
C GLN N 127 -70.58 1.61 -7.64
N GLY N 128 -70.26 2.47 -8.59
CA GLY N 128 -70.00 3.87 -8.34
C GLY N 128 -71.18 4.62 -7.71
N THR N 129 -70.88 5.39 -6.70
CA THR N 129 -71.84 6.19 -5.99
C THR N 129 -71.44 7.61 -6.26
N LEU N 130 -72.34 8.39 -6.89
CA LEU N 130 -72.10 9.79 -7.24
C LEU N 130 -72.39 10.71 -6.07
N VAL N 131 -71.39 11.56 -5.76
CA VAL N 131 -71.45 12.61 -4.76
C VAL N 131 -71.16 13.90 -5.57
N THR N 132 -72.06 14.89 -5.48
CA THR N 132 -71.92 16.21 -6.12
C THR N 132 -71.85 17.32 -5.07
N VAL N 133 -70.77 18.09 -5.09
CA VAL N 133 -70.62 19.24 -4.18
C VAL N 133 -70.66 20.53 -5.00
N SER N 134 -71.75 21.29 -4.83
CA SER N 134 -71.98 22.52 -5.58
C SER N 134 -72.91 23.49 -4.86
N SER N 135 -72.83 24.75 -5.30
CA SER N 135 -73.64 25.88 -4.87
C SER N 135 -74.92 25.83 -5.63
N ALA N 136 -74.87 25.32 -6.88
CA ALA N 136 -76.01 25.22 -7.77
C ALA N 136 -77.17 24.45 -7.17
N SER N 137 -78.35 24.91 -7.57
CA SER N 137 -79.64 24.35 -7.25
C SER N 137 -80.04 23.49 -8.41
N THR N 138 -80.78 22.40 -8.12
CA THR N 138 -81.32 21.46 -9.10
C THR N 138 -82.13 22.22 -10.11
N LYS N 139 -81.83 22.01 -11.39
CA LYS N 139 -82.53 22.65 -12.50
C LYS N 139 -82.57 21.69 -13.68
N GLY N 140 -83.75 21.55 -14.28
CA GLY N 140 -83.98 20.75 -15.49
C GLY N 140 -83.49 21.48 -16.72
N PRO N 141 -83.10 20.77 -17.79
CA PRO N 141 -82.54 21.46 -18.97
C PRO N 141 -83.52 22.09 -19.94
N SER N 142 -83.00 23.04 -20.70
CA SER N 142 -83.65 23.67 -21.82
C SER N 142 -83.12 22.83 -22.98
N VAL N 143 -84.03 22.31 -23.80
CA VAL N 143 -83.67 21.47 -24.93
C VAL N 143 -83.97 22.26 -26.17
N PHE N 144 -82.93 22.45 -27.03
CA PHE N 144 -83.02 23.21 -28.29
C PHE N 144 -82.61 22.34 -29.47
N PRO N 145 -83.30 22.46 -30.62
CA PRO N 145 -82.92 21.63 -31.75
C PRO N 145 -81.63 22.09 -32.41
N LEU N 146 -80.94 21.15 -33.02
CA LEU N 146 -79.75 21.35 -33.85
C LEU N 146 -80.27 20.87 -35.20
N ALA N 147 -81.03 21.76 -35.84
CA ALA N 147 -81.74 21.52 -37.10
C ALA N 147 -80.83 21.22 -38.30
N PRO N 148 -81.21 20.20 -39.13
CA PRO N 148 -80.41 19.89 -40.33
C PRO N 148 -80.59 20.98 -41.41
N SER N 149 -79.49 21.31 -42.13
CA SER N 149 -79.44 22.35 -43.17
C SER N 149 -78.99 21.76 -44.51
N THR N 157 -76.03 12.09 -46.68
CA THR N 157 -76.40 12.05 -45.26
C THR N 157 -76.28 13.42 -44.56
N ALA N 158 -77.23 13.71 -43.65
CA ALA N 158 -77.34 14.93 -42.85
C ALA N 158 -77.14 14.70 -41.33
N ALA N 159 -76.68 15.75 -40.62
CA ALA N 159 -76.49 15.72 -39.16
C ALA N 159 -77.52 16.63 -38.48
N LEU N 160 -78.17 16.10 -37.45
CA LEU N 160 -79.13 16.82 -36.63
C LEU N 160 -78.88 16.48 -35.15
N GLY N 161 -79.48 17.22 -34.25
CA GLY N 161 -79.30 16.93 -32.84
C GLY N 161 -80.13 17.76 -31.88
N CYS N 162 -79.74 17.70 -30.61
CA CYS N 162 -80.40 18.46 -29.54
C CYS N 162 -79.35 19.00 -28.59
N LEU N 163 -79.57 20.21 -28.13
CA LEU N 163 -78.67 20.86 -27.19
C LEU N 163 -79.38 20.86 -25.85
N VAL N 164 -78.81 20.16 -24.88
CA VAL N 164 -79.47 20.05 -23.57
C VAL N 164 -78.59 20.86 -22.63
N LYS N 165 -79.07 22.08 -22.45
CA LYS N 165 -78.46 23.22 -21.78
C LYS N 165 -79.01 23.54 -20.41
N ASP N 166 -78.07 23.89 -19.51
CA ASP N 166 -78.25 24.43 -18.18
C ASP N 166 -79.00 23.52 -17.22
N TYR N 167 -78.47 22.33 -17.04
CA TYR N 167 -79.05 21.36 -16.09
C TYR N 167 -78.13 21.18 -14.88
N PHE N 168 -78.72 20.82 -13.76
CA PHE N 168 -77.98 20.52 -12.54
C PHE N 168 -78.79 19.59 -11.65
N PRO N 169 -78.21 18.51 -11.09
CA PRO N 169 -76.84 17.98 -11.32
C PRO N 169 -76.87 16.98 -12.47
N GLU N 170 -75.78 16.24 -12.63
CA GLU N 170 -75.78 15.14 -13.58
C GLU N 170 -76.55 13.99 -12.90
N PRO N 171 -77.10 13.02 -13.68
CA PRO N 171 -77.04 12.92 -15.15
C PRO N 171 -78.37 13.25 -15.85
N VAL N 172 -78.29 13.38 -17.18
CA VAL N 172 -79.39 13.45 -18.15
C VAL N 172 -79.14 12.24 -19.04
N THR N 173 -80.20 11.71 -19.62
CA THR N 173 -80.11 10.59 -20.57
C THR N 173 -80.80 11.06 -21.81
N VAL N 174 -80.23 10.76 -22.96
CA VAL N 174 -80.80 11.17 -24.24
C VAL N 174 -81.04 9.90 -25.06
N SER N 175 -82.19 9.83 -25.72
CA SER N 175 -82.55 8.79 -26.66
C SER N 175 -83.16 9.48 -27.91
N TRP N 176 -83.14 8.76 -29.05
CA TRP N 176 -83.68 9.24 -30.33
C TRP N 176 -84.80 8.33 -30.77
N ASN N 177 -85.99 8.92 -31.03
CA ASN N 177 -87.22 8.21 -31.40
C ASN N 177 -87.57 7.12 -30.37
N SER N 178 -87.71 7.58 -29.10
CA SER N 178 -88.04 6.83 -27.89
C SER N 178 -87.20 5.57 -27.70
N GLY N 179 -85.98 5.61 -28.22
CA GLY N 179 -85.02 4.53 -28.14
C GLY N 179 -84.84 3.75 -29.44
N ALA N 180 -85.78 3.90 -30.41
CA ALA N 180 -85.76 3.21 -31.72
C ALA N 180 -84.47 3.45 -32.56
N LEU N 181 -84.04 4.73 -32.66
CA LEU N 181 -82.84 5.13 -33.39
C LEU N 181 -81.62 5.17 -32.46
N THR N 182 -80.55 4.43 -32.82
CA THR N 182 -79.29 4.31 -32.06
C THR N 182 -78.05 4.26 -32.96
N SER N 183 -78.24 3.96 -34.26
CA SER N 183 -77.20 3.68 -35.27
C SER N 183 -76.06 4.70 -35.34
N GLY N 184 -76.34 5.92 -35.81
CA GLY N 184 -75.31 6.94 -35.93
C GLY N 184 -75.36 8.01 -34.86
N VAL N 185 -75.81 7.64 -33.65
CA VAL N 185 -75.95 8.57 -32.55
C VAL N 185 -74.67 8.79 -31.76
N HIS N 186 -74.28 10.06 -31.57
CA HIS N 186 -73.15 10.39 -30.71
C HIS N 186 -73.67 11.36 -29.64
N THR N 187 -73.71 10.89 -28.37
CA THR N 187 -74.09 11.68 -27.19
C THR N 187 -72.81 12.06 -26.43
N PHE N 188 -72.53 13.34 -26.50
CA PHE N 188 -71.36 13.95 -25.92
C PHE N 188 -71.39 13.97 -24.43
N PRO N 189 -70.19 13.76 -23.83
CA PRO N 189 -70.08 13.91 -22.37
C PRO N 189 -70.43 15.34 -22.00
N ALA N 190 -71.13 15.49 -20.88
CA ALA N 190 -71.51 16.81 -20.35
C ALA N 190 -70.29 17.64 -20.03
N VAL N 191 -70.47 18.95 -20.13
CA VAL N 191 -69.41 19.88 -19.76
C VAL N 191 -70.02 20.74 -18.64
N LEU N 192 -69.23 21.05 -17.61
CA LEU N 192 -69.63 21.91 -16.52
C LEU N 192 -69.31 23.36 -16.90
N GLN N 193 -70.35 24.22 -16.92
CA GLN N 193 -70.20 25.65 -17.24
C GLN N 193 -69.73 26.42 -16.01
N SER N 194 -69.10 27.61 -16.21
CA SER N 194 -68.63 28.49 -15.12
C SER N 194 -69.76 28.88 -14.15
N SER N 195 -71.01 28.79 -14.65
CA SER N 195 -72.28 29.03 -13.97
C SER N 195 -72.63 27.96 -12.93
N GLY N 196 -71.98 26.79 -13.04
CA GLY N 196 -72.21 25.64 -12.17
C GLY N 196 -73.25 24.68 -12.74
N LEU N 197 -73.76 24.98 -13.95
CA LEU N 197 -74.74 24.14 -14.65
C LEU N 197 -74.04 23.41 -15.77
N TYR N 198 -74.50 22.18 -16.03
CA TYR N 198 -73.99 21.32 -17.07
C TYR N 198 -74.67 21.56 -18.37
N SER N 199 -74.00 21.13 -19.45
CA SER N 199 -74.57 21.20 -20.78
C SER N 199 -74.03 20.07 -21.65
N LEU N 200 -74.88 19.49 -22.51
CA LEU N 200 -74.43 18.49 -23.46
C LEU N 200 -75.21 18.56 -24.78
N SER N 201 -74.68 17.87 -25.78
CA SER N 201 -75.29 17.78 -27.10
C SER N 201 -75.32 16.34 -27.54
N SER N 202 -76.38 15.99 -28.28
CA SER N 202 -76.56 14.67 -28.85
C SER N 202 -76.85 14.85 -30.31
N VAL N 203 -76.07 14.18 -31.16
CA VAL N 203 -76.24 14.26 -32.62
C VAL N 203 -76.53 12.89 -33.24
N VAL N 204 -77.07 12.91 -34.47
CA VAL N 204 -77.30 11.70 -35.28
C VAL N 204 -77.16 12.03 -36.78
N THR N 205 -76.37 11.20 -37.51
CA THR N 205 -76.24 11.25 -38.96
C THR N 205 -77.35 10.36 -39.54
N VAL N 206 -78.11 10.96 -40.43
CA VAL N 206 -79.33 10.40 -40.99
C VAL N 206 -79.37 10.63 -42.51
N PRO N 207 -80.10 9.83 -43.34
CA PRO N 207 -80.11 10.12 -44.79
C PRO N 207 -80.84 11.42 -45.12
N SER N 208 -80.34 12.16 -46.13
CA SER N 208 -80.93 13.41 -46.62
C SER N 208 -82.34 13.15 -47.20
N SER N 209 -82.54 11.96 -47.77
CA SER N 209 -83.76 11.47 -48.40
C SER N 209 -84.95 11.34 -47.46
N SER N 210 -84.69 10.95 -46.18
CA SER N 210 -85.70 10.76 -45.13
C SER N 210 -86.08 12.06 -44.38
N LEU N 211 -85.43 13.19 -44.71
CA LEU N 211 -85.66 14.50 -44.08
C LEU N 211 -87.09 15.05 -44.23
N GLY N 212 -87.84 14.50 -45.21
CA GLY N 212 -89.22 14.88 -45.48
C GLY N 212 -90.21 13.88 -44.93
N THR N 213 -89.82 12.59 -44.92
CA THR N 213 -90.66 11.48 -44.48
C THR N 213 -90.52 11.12 -42.98
N GLN N 214 -89.28 10.83 -42.51
CA GLN N 214 -89.00 10.39 -41.14
C GLN N 214 -88.95 11.51 -40.11
N THR N 215 -89.54 11.25 -38.93
CA THR N 215 -89.61 12.18 -37.80
C THR N 215 -88.45 11.89 -36.82
N TYR N 216 -87.82 12.95 -36.33
CA TYR N 216 -86.71 12.82 -35.40
C TYR N 216 -86.97 13.56 -34.12
N ILE N 217 -87.18 12.80 -33.04
CA ILE N 217 -87.43 13.37 -31.71
C ILE N 217 -86.32 12.98 -30.74
N CYS N 218 -85.80 13.96 -29.96
CA CYS N 218 -84.82 13.65 -28.92
C CYS N 218 -85.60 13.56 -27.63
N ASN N 219 -85.37 12.51 -26.84
CA ASN N 219 -86.05 12.27 -25.57
C ASN N 219 -85.03 12.48 -24.49
N VAL N 220 -85.21 13.58 -23.77
CA VAL N 220 -84.30 14.06 -22.72
C VAL N 220 -84.91 13.80 -21.38
N ASN N 221 -84.16 13.09 -20.55
CA ASN N 221 -84.59 12.76 -19.22
C ASN N 221 -83.65 13.30 -18.17
N HIS N 222 -84.20 14.04 -17.20
CA HIS N 222 -83.45 14.57 -16.04
C HIS N 222 -84.24 14.22 -14.78
N LYS N 223 -83.92 13.04 -14.20
CA LYS N 223 -84.59 12.51 -13.00
C LYS N 223 -84.44 13.44 -11.78
N PRO N 224 -83.24 14.07 -11.50
CA PRO N 224 -83.14 14.98 -10.33
C PRO N 224 -84.21 16.06 -10.24
N SER N 225 -84.62 16.62 -11.39
CA SER N 225 -85.61 17.68 -11.47
C SER N 225 -87.00 17.17 -11.83
N ASN N 226 -87.15 15.88 -12.07
CA ASN N 226 -88.40 15.28 -12.55
C ASN N 226 -88.81 15.87 -13.93
N THR N 227 -87.84 15.98 -14.84
CA THR N 227 -88.21 16.56 -16.14
C THR N 227 -87.95 15.59 -17.26
N LYS N 228 -88.89 15.57 -18.20
CA LYS N 228 -88.90 14.79 -19.43
C LYS N 228 -89.26 15.75 -20.56
N VAL N 229 -88.30 15.96 -21.49
CA VAL N 229 -88.49 16.86 -22.64
C VAL N 229 -88.29 16.07 -23.95
N ASP N 230 -89.30 16.14 -24.82
CA ASP N 230 -89.25 15.49 -26.15
C ASP N 230 -89.25 16.60 -27.18
N LYS N 231 -88.15 16.70 -27.94
CA LYS N 231 -88.06 17.74 -28.97
C LYS N 231 -87.98 17.17 -30.40
N LYS N 232 -88.90 17.64 -31.25
CA LYS N 232 -88.93 17.28 -32.66
C LYS N 232 -87.96 18.25 -33.37
N VAL N 233 -86.87 17.67 -33.92
CA VAL N 233 -85.82 18.38 -34.65
C VAL N 233 -86.25 18.45 -36.14
N GLU N 234 -86.63 19.65 -36.59
CA GLU N 234 -87.14 19.89 -37.93
C GLU N 234 -86.35 20.91 -38.74
N PRO N 235 -86.19 20.67 -40.07
CA PRO N 235 -85.50 21.66 -40.92
C PRO N 235 -86.29 22.96 -41.07
N ASP O 20 39.44 -13.60 0.86
CA ASP O 20 38.40 -14.05 1.77
C ASP O 20 38.25 -13.06 2.93
N ILE O 21 37.19 -13.20 3.72
CA ILE O 21 36.92 -12.36 4.88
C ILE O 21 36.87 -13.28 6.09
N GLN O 22 37.82 -13.12 7.02
CA GLN O 22 37.83 -13.94 8.23
C GLN O 22 36.84 -13.33 9.23
N MET O 23 35.94 -14.15 9.81
CA MET O 23 34.94 -13.71 10.81
C MET O 23 35.38 -14.31 12.16
N THR O 24 35.73 -13.46 13.13
CA THR O 24 36.22 -13.95 14.41
C THR O 24 35.26 -13.62 15.51
N GLN O 25 34.84 -14.66 16.24
CA GLN O 25 33.90 -14.57 17.35
C GLN O 25 34.55 -14.61 18.74
N SER O 26 34.11 -13.69 19.62
CA SER O 26 34.59 -13.58 20.99
C SER O 26 33.46 -13.52 22.05
N PRO O 27 33.62 -14.21 23.19
CA PRO O 27 34.68 -15.19 23.51
C PRO O 27 34.33 -16.55 22.92
N ALA O 28 35.24 -17.53 23.02
CA ALA O 28 35.03 -18.92 22.60
C ALA O 28 33.79 -19.55 23.31
N THR O 29 33.68 -19.31 24.62
CA THR O 29 32.61 -19.84 25.46
C THR O 29 32.11 -18.79 26.49
N LEU O 30 30.82 -18.86 26.80
CA LEU O 30 30.15 -17.98 27.75
C LEU O 30 29.38 -18.83 28.75
N SER O 31 29.83 -18.84 30.01
CA SER O 31 29.18 -19.57 31.10
C SER O 31 28.27 -18.58 31.79
N VAL O 32 26.94 -18.72 31.60
CA VAL O 32 25.92 -17.82 32.15
C VAL O 32 24.72 -18.53 32.80
N SER O 33 23.99 -17.82 33.67
CA SER O 33 22.82 -18.34 34.40
C SER O 33 21.50 -18.03 33.67
N PRO O 34 20.46 -18.91 33.71
CA PRO O 34 19.17 -18.56 33.06
C PRO O 34 18.54 -17.26 33.62
N GLY O 35 17.79 -16.56 32.77
CA GLY O 35 17.14 -15.30 33.11
C GLY O 35 18.03 -14.07 32.99
N GLU O 36 19.36 -14.30 32.96
CA GLU O 36 20.42 -13.29 32.81
C GLU O 36 20.57 -12.93 31.30
N THR O 37 21.18 -11.75 31.01
CA THR O 37 21.42 -11.23 29.66
C THR O 37 22.89 -11.44 29.25
N VAL O 38 23.13 -11.81 27.97
CA VAL O 38 24.48 -12.03 27.42
C VAL O 38 24.69 -11.34 26.04
N THR O 39 25.93 -10.90 25.80
CA THR O 39 26.31 -10.24 24.55
C THR O 39 27.49 -10.99 23.91
N LEU O 40 27.28 -11.44 22.66
CA LEU O 40 28.22 -12.18 21.81
C LEU O 40 28.80 -11.25 20.75
N SER O 41 30.12 -11.33 20.55
CA SER O 41 30.82 -10.49 19.59
C SER O 41 31.21 -11.28 18.35
N CYS O 42 31.30 -10.56 17.22
CA CYS O 42 31.71 -11.06 15.92
C CYS O 42 32.41 -9.94 15.18
N ARG O 43 33.61 -10.21 14.68
CA ARG O 43 34.43 -9.23 14.00
C ARG O 43 34.86 -9.72 12.63
N ALA O 44 34.70 -8.84 11.63
CA ALA O 44 35.06 -9.03 10.25
C ALA O 44 36.44 -8.42 9.95
N SER O 45 37.31 -9.15 9.19
CA SER O 45 38.64 -8.68 8.80
C SER O 45 38.61 -7.41 7.93
N GLN O 46 37.57 -7.29 7.06
CA GLN O 46 37.30 -6.17 6.15
C GLN O 46 35.81 -5.90 6.28
N SER O 47 35.37 -4.69 5.87
CA SER O 47 33.96 -4.33 5.99
C SER O 47 33.05 -5.35 5.30
N VAL O 48 31.85 -5.57 5.87
CA VAL O 48 30.80 -6.44 5.31
C VAL O 48 29.44 -5.75 5.41
N ARG O 49 29.47 -4.43 5.70
CA ARG O 49 28.32 -3.54 5.86
C ARG O 49 27.39 -4.06 6.91
N THR O 50 26.14 -4.38 6.51
CA THR O 50 25.13 -4.96 7.40
C THR O 50 24.83 -6.36 6.92
N ASN O 51 25.68 -6.95 6.07
CA ASN O 51 25.34 -8.27 5.54
C ASN O 51 25.86 -9.39 6.44
N VAL O 52 25.21 -9.50 7.59
CA VAL O 52 25.59 -10.46 8.63
C VAL O 52 24.36 -11.09 9.19
N ALA O 53 24.45 -12.39 9.38
CA ALA O 53 23.41 -13.21 9.95
C ALA O 53 23.99 -13.98 11.12
N TRP O 54 23.13 -14.28 12.08
CA TRP O 54 23.46 -15.01 13.29
C TRP O 54 22.60 -16.28 13.29
N TYR O 55 23.24 -17.41 13.55
CA TYR O 55 22.61 -18.73 13.58
C TYR O 55 22.89 -19.40 14.92
N ARG O 56 21.98 -20.29 15.32
CA ARG O 56 22.05 -21.07 16.56
C ARG O 56 22.05 -22.55 16.20
N HIS O 57 23.04 -23.27 16.74
CA HIS O 57 23.10 -24.71 16.53
C HIS O 57 23.12 -25.43 17.87
N LYS O 58 22.03 -26.15 18.17
CA LYS O 58 21.77 -26.92 19.39
C LYS O 58 22.00 -28.41 19.10
N ALA O 59 22.58 -29.13 20.07
CA ALA O 59 22.85 -30.58 19.99
C ALA O 59 21.66 -31.39 19.42
N GLY O 60 21.94 -32.16 18.35
CA GLY O 60 20.95 -32.99 17.66
C GLY O 60 20.07 -32.22 16.71
N GLN O 61 19.56 -31.04 17.18
CA GLN O 61 18.69 -30.11 16.46
C GLN O 61 19.32 -29.54 15.19
N ALA O 62 18.47 -29.11 14.24
CA ALA O 62 18.89 -28.51 12.97
C ALA O 62 19.23 -27.00 13.19
N PRO O 63 20.27 -26.45 12.52
CA PRO O 63 20.60 -25.03 12.73
C PRO O 63 19.43 -24.09 12.42
N MET O 64 19.39 -22.95 13.10
CA MET O 64 18.33 -21.96 12.87
C MET O 64 18.86 -20.54 12.83
N ILE O 65 18.24 -19.68 12.03
CA ILE O 65 18.55 -18.25 11.94
C ILE O 65 17.88 -17.51 13.14
N LEU O 66 18.52 -16.44 13.60
CA LEU O 66 18.05 -15.59 14.70
C LEU O 66 17.96 -14.16 14.22
N VAL O 67 18.98 -13.73 13.49
CA VAL O 67 19.12 -12.38 12.96
C VAL O 67 19.68 -12.44 11.53
N SER O 68 19.24 -11.52 10.66
CA SER O 68 19.77 -11.34 9.30
C SER O 68 19.96 -9.85 9.14
N GLY O 69 20.81 -9.43 8.23
CA GLY O 69 21.02 -8.00 7.99
C GLY O 69 21.44 -7.23 9.22
N ALA O 70 22.35 -7.86 10.01
CA ALA O 70 22.99 -7.41 11.25
C ALA O 70 22.03 -7.13 12.44
N SER O 71 20.83 -6.57 12.18
CA SER O 71 19.90 -6.14 13.22
C SER O 71 18.45 -6.55 13.08
N THR O 72 18.10 -7.27 11.99
CA THR O 72 16.70 -7.67 11.72
C THR O 72 16.40 -9.06 12.29
N ARG O 73 15.55 -9.11 13.33
CA ARG O 73 15.14 -10.36 13.97
C ARG O 73 14.47 -11.25 12.93
N ALA O 74 14.93 -12.49 12.84
CA ALA O 74 14.45 -13.45 11.86
C ALA O 74 13.22 -14.23 12.36
N SER O 75 12.50 -14.94 11.43
CA SER O 75 11.36 -15.84 11.74
C SER O 75 11.82 -16.94 12.69
N GLY O 76 10.94 -17.27 13.64
CA GLY O 76 11.18 -18.31 14.64
C GLY O 76 12.09 -17.89 15.78
N ALA O 77 12.66 -16.65 15.70
CA ALA O 77 13.54 -16.15 16.75
C ALA O 77 12.75 -15.38 17.81
N PRO O 78 12.93 -15.74 19.10
CA PRO O 78 12.25 -15.02 20.18
C PRO O 78 12.65 -13.54 20.22
N ALA O 79 11.82 -12.70 20.88
CA ALA O 79 12.02 -11.26 21.03
C ALA O 79 13.26 -10.91 21.86
N ARG O 80 13.71 -11.86 22.70
CA ARG O 80 14.90 -11.71 23.55
C ARG O 80 16.20 -11.60 22.74
N PHE O 81 16.15 -12.01 21.47
CA PHE O 81 17.28 -11.94 20.56
C PHE O 81 17.30 -10.61 19.87
N SER O 82 18.43 -9.94 19.96
CA SER O 82 18.70 -8.63 19.38
C SER O 82 20.05 -8.68 18.69
N GLY O 83 20.13 -8.04 17.53
CA GLY O 83 21.34 -7.95 16.74
C GLY O 83 21.65 -6.51 16.46
N SER O 84 22.93 -6.18 16.28
CA SER O 84 23.42 -4.83 16.02
C SER O 84 24.81 -4.91 15.40
N GLY O 85 25.25 -3.81 14.79
CA GLY O 85 26.58 -3.68 14.19
C GLY O 85 26.59 -3.23 12.75
N TYR O 86 27.78 -2.79 12.28
CA TYR O 86 28.05 -2.33 10.91
C TYR O 86 29.55 -2.42 10.64
N GLY O 87 29.88 -2.75 9.40
CA GLY O 87 31.24 -2.78 8.89
C GLY O 87 32.07 -3.96 9.30
N THR O 88 32.82 -3.82 10.43
CA THR O 88 33.71 -4.86 10.94
C THR O 88 33.34 -5.40 12.34
N GLU O 89 32.40 -4.77 13.07
CA GLU O 89 32.03 -5.23 14.43
C GLU O 89 30.54 -5.48 14.56
N PHE O 90 30.18 -6.70 15.01
CA PHE O 90 28.78 -7.12 15.14
C PHE O 90 28.52 -7.76 16.45
N THR O 91 27.33 -7.52 17.01
CA THR O 91 26.98 -8.08 18.31
C THR O 91 25.64 -8.78 18.28
N LEU O 92 25.47 -9.78 19.18
CA LEU O 92 24.24 -10.53 19.37
C LEU O 92 23.93 -10.51 20.86
N THR O 93 22.77 -9.94 21.21
CA THR O 93 22.31 -9.80 22.58
C THR O 93 21.12 -10.70 22.82
N ILE O 94 21.19 -11.47 23.91
CA ILE O 94 20.12 -12.38 24.35
C ILE O 94 19.72 -11.97 25.77
N THR O 95 18.44 -11.66 25.99
CA THR O 95 17.92 -11.29 27.31
C THR O 95 17.12 -12.44 27.92
N SER O 96 17.07 -12.54 29.27
CA SER O 96 16.32 -13.58 30.00
C SER O 96 16.46 -14.98 29.38
N LEU O 97 17.71 -15.48 29.32
CA LEU O 97 18.07 -16.77 28.70
C LEU O 97 17.25 -17.97 29.16
N GLN O 98 16.73 -18.73 28.18
CA GLN O 98 15.93 -19.94 28.45
C GLN O 98 16.78 -21.20 28.28
N SER O 99 16.19 -22.37 28.60
CA SER O 99 16.82 -23.68 28.47
C SER O 99 17.29 -23.89 27.03
N GLU O 100 16.44 -23.46 26.06
CA GLU O 100 16.70 -23.59 24.63
C GLU O 100 17.76 -22.61 24.11
N ASP O 101 18.15 -21.60 24.91
CA ASP O 101 19.15 -20.63 24.47
C ASP O 101 20.59 -21.12 24.65
N PHE O 102 20.78 -22.14 25.49
CA PHE O 102 22.12 -22.69 25.68
C PHE O 102 22.40 -23.62 24.49
N ALA O 103 23.23 -23.09 23.54
CA ALA O 103 23.64 -23.67 22.26
C ALA O 103 24.89 -22.95 21.72
N VAL O 104 25.34 -23.31 20.49
CA VAL O 104 26.51 -22.71 19.85
C VAL O 104 26.01 -21.69 18.85
N TYR O 105 26.53 -20.50 18.89
CA TYR O 105 26.12 -19.40 18.02
C TYR O 105 27.17 -19.11 16.97
N TYR O 106 26.73 -18.94 15.71
CA TYR O 106 27.63 -18.61 14.59
C TYR O 106 27.19 -17.35 13.89
N CYS O 107 28.13 -16.45 13.60
CA CYS O 107 27.85 -15.28 12.77
C CYS O 107 28.29 -15.65 11.32
N LEU O 108 27.62 -15.03 10.35
CA LEU O 108 27.88 -15.22 8.92
C LEU O 108 27.91 -13.88 8.18
N GLN O 109 28.83 -13.79 7.25
CA GLN O 109 29.09 -12.70 6.34
C GLN O 109 28.54 -13.18 4.94
N TYR O 110 27.62 -12.39 4.32
CA TYR O 110 27.11 -12.66 2.97
C TYR O 110 27.18 -11.42 2.10
N ASN O 111 28.22 -10.61 2.33
CA ASN O 111 28.48 -9.39 1.59
C ASN O 111 29.31 -9.69 0.34
N THR O 112 30.08 -10.77 0.40
CA THR O 112 30.96 -11.17 -0.69
C THR O 112 31.10 -12.68 -0.72
N TRP O 113 31.85 -13.16 -1.72
CA TRP O 113 32.13 -14.56 -1.98
C TRP O 113 33.62 -14.81 -1.72
N PRO O 114 34.01 -15.93 -1.06
CA PRO O 114 33.13 -16.97 -0.46
C PRO O 114 32.35 -16.49 0.74
N ARG O 115 31.21 -17.16 1.08
CA ARG O 115 30.39 -16.87 2.29
C ARG O 115 31.24 -17.38 3.48
N THR O 116 31.42 -16.57 4.55
CA THR O 116 32.25 -17.00 5.71
C THR O 116 31.56 -16.90 7.06
N PHE O 117 31.61 -18.03 7.76
CA PHE O 117 31.08 -18.22 9.09
C PHE O 117 32.18 -17.97 10.09
N GLY O 118 31.80 -17.42 11.25
CA GLY O 118 32.70 -17.27 12.38
C GLY O 118 32.87 -18.65 12.99
N GLN O 119 33.87 -18.85 13.87
CA GLN O 119 34.10 -20.21 14.43
C GLN O 119 33.14 -20.57 15.59
N GLY O 120 32.23 -19.67 15.95
CA GLY O 120 31.22 -19.96 16.95
C GLY O 120 31.56 -19.66 18.40
N THR O 121 30.51 -19.29 19.15
CA THR O 121 30.56 -18.99 20.59
C THR O 121 29.57 -19.93 21.28
N LYS O 122 30.05 -20.73 22.24
CA LYS O 122 29.19 -21.63 23.00
C LYS O 122 28.56 -20.93 24.23
N VAL O 123 27.24 -21.09 24.36
CA VAL O 123 26.52 -20.54 25.50
C VAL O 123 26.22 -21.70 26.42
N GLU O 124 26.95 -21.69 27.51
CA GLU O 124 27.02 -22.72 28.53
C GLU O 124 26.34 -22.26 29.86
N VAL O 125 25.61 -23.19 30.54
CA VAL O 125 24.86 -22.86 31.76
C VAL O 125 25.75 -22.94 33.02
N LYS O 126 26.08 -21.74 33.55
CA LYS O 126 26.84 -21.50 34.77
C LYS O 126 26.13 -22.04 36.01
N ARG O 127 26.84 -22.91 36.73
CA ARG O 127 26.42 -23.53 37.98
C ARG O 127 27.59 -23.47 38.97
N THR O 128 27.41 -23.98 40.20
CA THR O 128 28.44 -23.97 41.23
C THR O 128 29.55 -24.98 40.93
N VAL O 129 30.75 -24.78 41.52
CA VAL O 129 31.90 -25.67 41.32
C VAL O 129 31.60 -27.06 41.90
N ALA O 130 31.83 -28.11 41.12
CA ALA O 130 31.62 -29.49 41.56
C ALA O 130 32.86 -30.28 41.16
N ALA O 131 33.60 -30.81 42.14
CA ALA O 131 34.82 -31.57 41.90
C ALA O 131 34.49 -32.92 41.27
N PRO O 132 35.29 -33.42 40.29
CA PRO O 132 34.96 -34.74 39.70
C PRO O 132 35.26 -35.91 40.63
N SER O 133 34.50 -37.01 40.50
CA SER O 133 34.80 -38.26 41.19
C SER O 133 35.60 -39.06 40.13
N VAL O 134 36.87 -39.35 40.43
CA VAL O 134 37.81 -39.99 39.50
C VAL O 134 37.88 -41.53 39.67
N PHE O 135 37.79 -42.23 38.51
CA PHE O 135 37.85 -43.69 38.48
C PHE O 135 38.81 -44.14 37.40
N ILE O 136 39.76 -45.01 37.74
CA ILE O 136 40.68 -45.58 36.75
C ILE O 136 40.12 -46.97 36.38
N PHE O 137 40.51 -47.55 35.22
CA PHE O 137 40.05 -48.85 34.72
C PHE O 137 41.14 -49.53 33.93
N PRO O 138 41.53 -50.73 34.36
CA PRO O 138 42.57 -51.46 33.65
C PRO O 138 42.07 -52.06 32.33
N PRO O 139 42.96 -52.45 31.40
CA PRO O 139 42.48 -53.16 30.20
C PRO O 139 42.11 -54.60 30.56
N SER O 140 41.04 -55.13 29.95
CA SER O 140 40.61 -56.51 30.13
C SER O 140 41.62 -57.47 29.48
N ASP O 141 41.66 -58.74 29.96
CA ASP O 141 42.56 -59.77 29.39
C ASP O 141 42.05 -60.14 28.00
N GLU O 142 40.72 -60.00 27.80
CA GLU O 142 40.04 -60.19 26.53
C GLU O 142 40.69 -59.27 25.50
N GLN O 143 40.85 -57.96 25.84
CA GLN O 143 41.53 -57.02 24.96
C GLN O 143 43.03 -57.31 24.85
N LEU O 144 43.67 -57.70 25.96
CA LEU O 144 45.11 -58.02 25.96
C LEU O 144 45.49 -59.08 24.92
N LYS O 145 44.56 -59.99 24.54
CA LYS O 145 44.76 -61.05 23.53
C LYS O 145 45.11 -60.46 22.15
N SER O 146 44.50 -59.29 21.83
CA SER O 146 44.61 -58.54 20.56
C SER O 146 45.94 -57.83 20.29
N GLY O 147 46.81 -57.70 21.30
CA GLY O 147 48.07 -56.98 21.12
C GLY O 147 48.00 -55.49 21.45
N THR O 148 46.83 -55.02 21.93
CA THR O 148 46.62 -53.62 22.34
C THR O 148 45.96 -53.62 23.73
N ALA O 149 46.33 -52.64 24.56
CA ALA O 149 45.78 -52.42 25.89
C ALA O 149 45.19 -50.99 26.01
N SER O 150 43.90 -50.87 26.42
CA SER O 150 43.23 -49.57 26.63
C SER O 150 43.02 -49.29 28.13
N VAL O 151 43.57 -48.18 28.61
CA VAL O 151 43.43 -47.81 30.02
C VAL O 151 42.49 -46.62 30.06
N VAL O 152 41.40 -46.71 30.84
CA VAL O 152 40.40 -45.65 30.92
C VAL O 152 40.41 -44.94 32.28
N CYS O 153 40.23 -43.62 32.19
CA CYS O 153 40.10 -42.74 33.33
C CYS O 153 38.83 -41.93 33.17
N LEU O 154 37.98 -42.00 34.19
CA LEU O 154 36.72 -41.28 34.23
C LEU O 154 36.79 -40.16 35.26
N LEU O 155 36.34 -38.95 34.87
CA LEU O 155 36.15 -37.75 35.70
C LEU O 155 34.65 -37.61 35.60
N ASN O 156 33.92 -37.89 36.69
CA ASN O 156 32.48 -37.88 36.68
C ASN O 156 31.86 -36.70 37.37
N ASN O 157 30.83 -36.12 36.73
CA ASN O 157 29.99 -35.02 37.19
C ASN O 157 30.78 -33.86 37.85
N PHE O 158 31.41 -33.03 37.02
CA PHE O 158 32.19 -31.88 37.44
C PHE O 158 31.75 -30.59 36.76
N TYR O 159 32.16 -29.49 37.37
CA TYR O 159 31.95 -28.14 36.86
C TYR O 159 33.05 -27.24 37.43
N PRO O 160 33.74 -26.39 36.62
CA PRO O 160 33.52 -26.12 35.18
C PRO O 160 34.09 -27.19 34.23
N ARG O 161 33.89 -27.02 32.91
CA ARG O 161 34.36 -27.92 31.84
C ARG O 161 35.88 -28.22 31.87
N GLU O 162 36.70 -27.18 32.01
CA GLU O 162 38.16 -27.25 32.01
C GLU O 162 38.70 -28.12 33.12
N ALA O 163 39.47 -29.14 32.73
CA ALA O 163 40.15 -30.10 33.60
C ALA O 163 41.36 -30.65 32.89
N LYS O 164 42.46 -30.84 33.63
CA LYS O 164 43.71 -31.38 33.08
C LYS O 164 43.88 -32.82 33.55
N VAL O 165 44.05 -33.75 32.61
CA VAL O 165 44.21 -35.19 32.87
C VAL O 165 45.58 -35.63 32.41
N GLN O 166 46.38 -36.21 33.34
CA GLN O 166 47.70 -36.70 33.02
C GLN O 166 47.88 -38.19 33.29
N TRP O 167 48.31 -38.91 32.28
CA TRP O 167 48.64 -40.31 32.43
C TRP O 167 50.10 -40.43 32.79
N LYS O 168 50.40 -41.36 33.69
CA LYS O 168 51.76 -41.68 34.11
C LYS O 168 51.88 -43.21 34.12
N VAL O 169 52.93 -43.71 33.50
CA VAL O 169 53.21 -45.14 33.39
C VAL O 169 54.61 -45.34 34.02
N ASP O 170 54.63 -45.86 35.27
CA ASP O 170 55.83 -46.03 36.12
C ASP O 170 56.51 -44.63 36.28
N ASN O 171 55.65 -43.63 36.55
CA ASN O 171 55.93 -42.19 36.76
C ASN O 171 56.34 -41.43 35.47
N ALA O 172 56.27 -42.08 34.30
CA ALA O 172 56.57 -41.45 32.99
C ALA O 172 55.34 -40.73 32.41
N LEU O 173 55.42 -39.41 32.21
CA LEU O 173 54.30 -38.65 31.63
C LEU O 173 54.05 -39.06 30.17
N GLN O 174 52.86 -39.61 29.90
CA GLN O 174 52.45 -40.06 28.58
C GLN O 174 51.99 -38.88 27.73
N SER O 175 52.43 -38.84 26.50
CA SER O 175 51.95 -37.81 25.57
C SER O 175 51.60 -38.44 24.21
N GLY O 176 50.51 -37.95 23.61
CA GLY O 176 50.06 -38.36 22.28
C GLY O 176 49.66 -39.81 22.06
N ASN O 177 49.25 -40.50 23.14
CA ASN O 177 48.76 -41.88 23.10
C ASN O 177 47.44 -41.96 23.88
N SER O 178 46.87 -40.80 24.20
CA SER O 178 45.58 -40.71 24.84
C SER O 178 44.65 -39.77 24.07
N GLN O 179 43.34 -40.04 24.16
CA GLN O 179 42.27 -39.25 23.57
C GLN O 179 41.22 -38.99 24.66
N GLU O 180 40.70 -37.76 24.69
CA GLU O 180 39.65 -37.32 25.62
C GLU O 180 38.28 -37.19 24.92
N SER O 181 37.22 -37.51 25.67
CA SER O 181 35.84 -37.38 25.23
C SER O 181 35.00 -36.82 26.37
N VAL O 182 34.17 -35.83 26.10
CA VAL O 182 33.37 -35.09 27.07
C VAL O 182 31.90 -35.13 26.71
N THR O 183 31.05 -35.34 27.73
CA THR O 183 29.60 -35.31 27.58
C THR O 183 29.18 -33.83 27.53
N GLU O 184 27.97 -33.59 27.05
CA GLU O 184 27.33 -32.30 27.03
C GLU O 184 26.84 -32.03 28.48
N GLN O 185 26.54 -30.77 28.82
CA GLN O 185 26.03 -30.47 30.16
C GLN O 185 24.78 -31.31 30.46
N ASP O 186 24.77 -32.02 31.63
CA ASP O 186 23.68 -32.89 32.08
C ASP O 186 22.35 -32.12 32.12
N SER O 187 21.28 -32.76 31.63
CA SER O 187 19.92 -32.19 31.59
C SER O 187 19.44 -31.83 33.02
N LYS O 188 19.84 -32.66 34.01
CA LYS O 188 19.55 -32.57 35.43
C LYS O 188 20.42 -31.52 36.16
N ASP O 189 21.69 -31.87 36.51
CA ASP O 189 22.58 -31.02 37.29
C ASP O 189 23.45 -30.05 36.49
N SER O 190 23.48 -30.16 35.17
CA SER O 190 24.32 -29.34 34.25
C SER O 190 25.85 -29.49 34.50
N THR O 191 26.28 -30.70 34.92
CA THR O 191 27.71 -30.99 35.09
C THR O 191 28.22 -31.67 33.80
N TYR O 192 29.54 -31.97 33.75
CA TYR O 192 30.27 -32.63 32.67
C TYR O 192 30.87 -33.91 33.21
N SER O 193 31.08 -34.89 32.32
CA SER O 193 31.83 -36.11 32.56
C SER O 193 32.79 -36.21 31.40
N LEU O 194 33.96 -36.77 31.69
CA LEU O 194 35.04 -36.90 30.73
C LEU O 194 35.66 -38.29 30.79
N SER O 195 36.10 -38.78 29.62
CA SER O 195 36.83 -40.03 29.52
C SER O 195 38.18 -39.75 28.87
N SER O 196 39.27 -40.20 29.49
CA SER O 196 40.59 -40.15 28.88
C SER O 196 40.96 -41.61 28.72
N THR O 197 41.22 -42.02 27.48
CA THR O 197 41.56 -43.40 27.13
C THR O 197 42.98 -43.40 26.64
N LEU O 198 43.79 -44.29 27.19
CA LEU O 198 45.20 -44.43 26.87
C LEU O 198 45.39 -45.68 26.03
N THR O 199 45.99 -45.52 24.86
CA THR O 199 46.26 -46.66 24.00
C THR O 199 47.70 -47.05 24.11
N LEU O 200 47.93 -48.32 24.48
CA LEU O 200 49.28 -48.87 24.60
C LEU O 200 49.38 -50.24 23.93
N SER O 201 50.59 -50.60 23.50
CA SER O 201 50.84 -51.94 22.97
C SER O 201 50.93 -52.88 24.20
N LYS O 202 50.57 -54.17 24.05
CA LYS O 202 50.64 -55.14 25.16
C LYS O 202 52.08 -55.25 25.64
N ALA O 203 53.04 -55.28 24.68
CA ALA O 203 54.48 -55.31 24.92
C ALA O 203 54.93 -54.13 25.85
N ASP O 204 54.30 -52.95 25.70
CA ASP O 204 54.58 -51.78 26.52
C ASP O 204 53.84 -51.88 27.86
N TYR O 205 52.60 -52.39 27.84
CA TYR O 205 51.77 -52.54 29.04
C TYR O 205 52.31 -53.58 30.05
N GLU O 206 52.76 -54.73 29.52
CA GLU O 206 53.30 -55.86 30.26
C GLU O 206 54.69 -55.60 30.83
N LYS O 207 55.35 -54.51 30.37
CA LYS O 207 56.69 -54.07 30.74
C LYS O 207 56.70 -53.14 31.95
N HIS O 208 55.53 -52.59 32.33
CA HIS O 208 55.43 -51.62 33.42
C HIS O 208 54.42 -52.02 34.49
N LYS O 209 54.50 -51.40 35.68
CA LYS O 209 53.66 -51.76 36.84
C LYS O 209 52.58 -50.71 37.24
N VAL O 210 52.99 -49.46 37.54
CA VAL O 210 52.07 -48.43 38.04
C VAL O 210 51.39 -47.73 36.89
N TYR O 211 50.09 -47.52 37.02
CA TYR O 211 49.22 -46.87 36.05
C TYR O 211 48.43 -45.85 36.78
N ALA O 212 48.75 -44.57 36.52
CA ALA O 212 48.17 -43.44 37.23
C ALA O 212 47.54 -42.39 36.35
N CYS O 213 46.39 -41.92 36.80
CA CYS O 213 45.64 -40.90 36.15
C CYS O 213 45.52 -39.73 37.14
N GLU O 214 46.21 -38.62 36.84
CA GLU O 214 46.25 -37.44 37.70
C GLU O 214 45.38 -36.34 37.13
N VAL O 215 44.42 -35.91 37.95
CA VAL O 215 43.42 -34.95 37.57
C VAL O 215 43.58 -33.64 38.31
N THR O 216 43.69 -32.56 37.56
CA THR O 216 43.74 -31.19 38.07
C THR O 216 42.43 -30.57 37.71
N HIS O 217 41.76 -29.98 38.70
CA HIS O 217 40.48 -29.30 38.53
C HIS O 217 40.24 -28.31 39.68
N GLN O 218 39.45 -27.25 39.38
CA GLN O 218 38.99 -26.21 40.29
C GLN O 218 38.01 -26.92 41.25
N GLY O 219 38.30 -26.92 42.52
CA GLY O 219 37.45 -27.66 43.46
C GLY O 219 38.19 -28.87 44.01
N LEU O 220 39.42 -29.05 43.54
CA LEU O 220 40.36 -30.03 44.01
C LEU O 220 41.57 -29.17 44.33
N SER O 221 41.76 -28.92 45.64
CA SER O 221 42.84 -28.13 46.25
C SER O 221 44.21 -28.62 45.79
N SER O 222 44.32 -29.93 45.59
CA SER O 222 45.51 -30.64 45.13
C SER O 222 45.03 -31.75 44.18
N PRO O 223 45.82 -32.14 43.17
CA PRO O 223 45.36 -33.18 42.25
C PRO O 223 45.12 -34.55 42.87
N VAL O 224 44.01 -35.16 42.44
CA VAL O 224 43.56 -36.49 42.78
C VAL O 224 44.30 -37.41 41.81
N THR O 225 44.64 -38.63 42.27
CA THR O 225 45.35 -39.61 41.46
C THR O 225 44.81 -40.97 41.72
N LYS O 226 44.24 -41.57 40.68
CA LYS O 226 43.74 -42.92 40.73
C LYS O 226 44.78 -43.77 40.02
N SER O 227 45.31 -44.74 40.75
CA SER O 227 46.38 -45.62 40.30
C SER O 227 46.02 -47.06 40.50
N PHE O 228 46.73 -47.94 39.84
CA PHE O 228 46.58 -49.37 40.00
C PHE O 228 47.91 -49.98 39.57
N ASN O 229 48.14 -51.24 39.96
CA ASN O 229 49.36 -51.95 39.57
C ASN O 229 49.02 -53.16 38.70
N ARG O 230 49.78 -53.36 37.60
CA ARG O 230 49.59 -54.50 36.71
C ARG O 230 50.22 -55.75 37.32
N GLN P 20 3.87 -23.70 4.32
CA GLN P 20 5.21 -23.27 4.71
C GLN P 20 6.27 -23.81 3.76
N VAL P 21 7.52 -23.30 3.91
CA VAL P 21 8.69 -23.73 3.13
C VAL P 21 9.07 -25.15 3.61
N GLN P 22 9.34 -26.03 2.66
CA GLN P 22 9.79 -27.40 2.91
C GLN P 22 10.98 -27.68 2.02
N LEU P 23 12.02 -28.27 2.60
CA LEU P 23 13.22 -28.77 1.93
C LEU P 23 13.43 -30.21 2.48
N GLN P 24 13.08 -31.21 1.66
CA GLN P 24 13.13 -32.61 2.11
C GLN P 24 14.37 -33.30 1.63
N HIS P 25 15.28 -33.58 2.58
CA HIS P 25 16.58 -34.16 2.27
C HIS P 25 16.55 -35.62 1.80
N SER P 26 17.51 -35.95 0.95
CA SER P 26 17.73 -37.29 0.41
C SER P 26 18.56 -38.03 1.45
N GLY P 27 18.76 -39.32 1.21
CA GLY P 27 19.65 -40.14 2.01
C GLY P 27 21.08 -39.80 1.66
N GLY P 28 21.96 -39.86 2.67
CA GLY P 28 23.39 -39.62 2.50
C GLY P 28 24.11 -40.84 1.96
N GLY P 29 25.32 -41.05 2.42
CA GLY P 29 26.07 -42.20 1.96
C GLY P 29 27.44 -42.37 2.60
N LEU P 30 27.96 -43.58 2.46
CA LEU P 30 29.27 -44.01 2.89
C LEU P 30 30.09 -44.29 1.61
N GLU P 31 31.22 -43.59 1.44
CA GLU P 31 32.10 -43.72 0.29
C GLU P 31 33.54 -43.87 0.73
N GLN P 32 34.42 -44.22 -0.22
CA GLN P 32 35.87 -44.36 -0.07
C GLN P 32 36.50 -43.09 -0.60
N PRO P 33 37.75 -42.72 -0.22
CA PRO P 33 38.40 -41.57 -0.88
C PRO P 33 38.44 -41.76 -2.40
N GLY P 34 38.12 -40.70 -3.14
CA GLY P 34 38.11 -40.68 -4.60
C GLY P 34 36.79 -41.09 -5.19
N GLY P 35 35.92 -41.56 -4.32
CA GLY P 35 34.58 -42.01 -4.67
C GLY P 35 33.68 -40.83 -4.93
N SER P 36 32.44 -41.11 -5.25
CA SER P 36 31.51 -40.06 -5.56
C SER P 36 30.13 -40.36 -5.00
N LEU P 37 29.33 -39.34 -4.73
CA LEU P 37 27.95 -39.47 -4.23
C LEU P 37 27.16 -38.20 -4.59
N ARG P 38 25.89 -38.36 -4.80
CA ARG P 38 24.95 -37.30 -5.09
C ARG P 38 23.81 -37.27 -4.02
N ILE P 39 23.71 -36.13 -3.28
CA ILE P 39 22.66 -35.86 -2.30
C ILE P 39 21.70 -34.78 -2.87
N SER P 40 20.48 -34.69 -2.35
CA SER P 40 19.52 -33.75 -2.86
C SER P 40 18.58 -33.21 -1.80
N CYS P 41 17.72 -32.28 -2.21
CA CYS P 41 16.64 -31.73 -1.40
C CYS P 41 15.46 -31.42 -2.29
N ALA P 42 14.31 -31.92 -1.93
CA ALA P 42 13.08 -31.64 -2.67
C ALA P 42 12.42 -30.45 -2.00
N ALA P 43 12.34 -29.35 -2.74
CA ALA P 43 11.81 -28.08 -2.26
C ALA P 43 10.37 -27.88 -2.67
N SER P 44 9.60 -27.21 -1.80
CA SER P 44 8.21 -26.80 -2.00
C SER P 44 7.89 -25.62 -1.06
N GLY P 45 6.79 -24.91 -1.35
CA GLY P 45 6.28 -23.81 -0.54
C GLY P 45 6.88 -22.43 -0.77
N PHE P 46 7.47 -22.20 -1.95
CA PHE P 46 8.07 -20.93 -2.39
C PHE P 46 8.33 -21.05 -3.88
N THR P 47 8.65 -19.94 -4.55
CA THR P 47 8.95 -19.92 -5.99
C THR P 47 10.38 -20.37 -6.16
N PHE P 48 10.60 -21.70 -6.26
CA PHE P 48 11.92 -22.34 -6.36
C PHE P 48 12.77 -21.90 -7.52
N ASN P 49 12.15 -21.80 -8.71
CA ASN P 49 12.76 -21.47 -9.99
C ASN P 49 13.54 -20.19 -10.06
N THR P 50 13.20 -19.20 -9.24
CA THR P 50 13.90 -17.90 -9.22
C THR P 50 14.68 -17.67 -7.92
N ASN P 51 14.70 -18.68 -7.05
CA ASN P 51 15.34 -18.58 -5.75
C ASN P 51 16.75 -19.15 -5.73
N ASP P 52 17.67 -18.48 -5.01
CA ASP P 52 19.04 -19.00 -4.81
C ASP P 52 18.98 -20.14 -3.78
N MET P 53 19.84 -21.15 -3.96
CA MET P 53 19.85 -22.29 -3.05
C MET P 53 21.27 -22.52 -2.64
N SER P 54 21.52 -23.00 -1.40
CA SER P 54 22.90 -23.23 -0.96
C SER P 54 23.06 -24.53 -0.21
N TRP P 55 24.32 -24.92 0.00
CA TRP P 55 24.72 -26.08 0.77
C TRP P 55 25.71 -25.60 1.82
N VAL P 56 25.45 -26.00 3.06
CA VAL P 56 26.23 -25.72 4.26
C VAL P 56 26.58 -27.07 4.81
N ARG P 57 27.78 -27.22 5.36
CA ARG P 57 28.15 -28.49 5.95
C ARG P 57 28.74 -28.30 7.34
N GLN P 58 28.76 -29.38 8.13
CA GLN P 58 29.38 -29.39 9.46
C GLN P 58 30.09 -30.71 9.74
N ALA P 59 31.43 -30.65 9.77
CA ALA P 59 32.31 -31.78 10.06
C ALA P 59 32.29 -32.02 11.58
N PRO P 60 32.52 -33.27 12.08
CA PRO P 60 32.52 -33.49 13.54
C PRO P 60 33.51 -32.61 14.30
N GLY P 61 33.02 -31.93 15.34
CA GLY P 61 33.83 -31.04 16.21
C GLY P 61 34.35 -29.79 15.55
N LYS P 62 33.73 -29.39 14.43
CA LYS P 62 34.13 -28.18 13.73
C LYS P 62 32.91 -27.29 13.56
N GLY P 63 33.10 -26.09 13.02
CA GLY P 63 32.02 -25.14 12.84
C GLY P 63 31.14 -25.35 11.61
N LEU P 64 30.21 -24.40 11.36
CA LEU P 64 29.39 -24.44 10.16
C LEU P 64 30.30 -23.97 8.99
N GLN P 65 30.19 -24.61 7.82
CA GLN P 65 30.98 -24.22 6.66
C GLN P 65 30.10 -24.07 5.42
N TRP P 66 30.23 -22.96 4.69
CA TRP P 66 29.46 -22.80 3.46
C TRP P 66 30.17 -23.61 2.36
N VAL P 67 29.39 -24.33 1.54
CA VAL P 67 29.95 -25.17 0.49
C VAL P 67 29.78 -24.57 -0.92
N SER P 68 28.52 -24.26 -1.29
CA SER P 68 28.17 -23.76 -2.60
C SER P 68 26.81 -23.12 -2.61
N THR P 69 26.55 -22.30 -3.65
CA THR P 69 25.28 -21.63 -3.95
C THR P 69 24.98 -21.69 -5.44
N ILE P 70 23.73 -21.97 -5.79
CA ILE P 70 23.20 -21.90 -7.14
C ILE P 70 22.27 -20.69 -7.19
N ILE P 71 22.50 -19.80 -8.16
CA ILE P 71 21.76 -18.59 -8.39
C ILE P 71 20.47 -18.90 -9.17
N GLY P 72 19.34 -18.45 -8.63
CA GLY P 72 18.02 -18.70 -9.18
C GLY P 72 17.71 -18.02 -10.49
N ILE P 73 18.13 -16.74 -10.70
CA ILE P 73 17.81 -16.01 -11.94
C ILE P 73 18.50 -16.58 -13.19
N ASP P 74 19.78 -17.03 -13.09
CA ASP P 74 20.51 -17.45 -14.27
C ASP P 74 21.26 -18.80 -14.16
N ASP P 75 21.09 -19.53 -13.03
CA ASP P 75 21.74 -20.83 -12.75
C ASP P 75 23.28 -20.78 -12.60
N THR P 76 23.84 -19.61 -12.26
CA THR P 76 25.30 -19.51 -12.05
C THR P 76 25.64 -20.13 -10.69
N THR P 77 26.93 -20.41 -10.46
CA THR P 77 27.37 -21.12 -9.26
C THR P 77 28.61 -20.58 -8.61
N HIS P 78 28.67 -20.74 -7.28
CA HIS P 78 29.80 -20.34 -6.42
C HIS P 78 30.20 -21.54 -5.57
N TYR P 79 31.50 -21.66 -5.26
CA TYR P 79 32.01 -22.78 -4.51
C TYR P 79 33.03 -22.35 -3.52
N ALA P 80 33.16 -23.13 -2.41
CA ALA P 80 34.20 -22.91 -1.40
C ALA P 80 35.46 -23.46 -2.09
N ASP P 81 36.63 -22.88 -1.81
CA ASP P 81 37.92 -23.31 -2.39
C ASP P 81 38.21 -24.80 -2.19
N SER P 82 37.91 -25.31 -0.96
CA SER P 82 38.10 -26.72 -0.60
C SER P 82 37.30 -27.73 -1.46
N VAL P 83 36.16 -27.33 -2.07
CA VAL P 83 35.31 -28.24 -2.87
C VAL P 83 35.29 -27.95 -4.40
N ARG P 84 35.75 -26.75 -4.86
CA ARG P 84 35.75 -26.36 -6.28
C ARG P 84 36.44 -27.40 -7.23
N GLY P 85 35.71 -27.79 -8.27
CA GLY P 85 36.15 -28.77 -9.26
C GLY P 85 35.71 -30.18 -8.95
N ARG P 86 35.44 -30.46 -7.65
CA ARG P 86 35.04 -31.77 -7.13
C ARG P 86 33.56 -31.87 -6.91
N PHE P 87 32.97 -30.88 -6.22
CA PHE P 87 31.51 -30.87 -6.00
C PHE P 87 30.87 -29.95 -7.02
N THR P 88 29.65 -30.29 -7.48
CA THR P 88 28.87 -29.49 -8.40
C THR P 88 27.44 -29.35 -7.88
N VAL P 89 27.01 -28.11 -7.60
CA VAL P 89 25.62 -27.80 -7.25
C VAL P 89 24.80 -27.66 -8.55
N SER P 90 23.59 -28.24 -8.58
CA SER P 90 22.73 -28.15 -9.76
C SER P 90 21.33 -28.23 -9.29
N ARG P 91 20.40 -27.97 -10.18
CA ARG P 91 18.99 -28.00 -9.83
C ARG P 91 18.12 -28.48 -10.99
N ASP P 92 16.94 -29.00 -10.67
CA ASP P 92 15.95 -29.41 -11.66
C ASP P 92 14.72 -28.59 -11.33
N THR P 93 14.53 -27.46 -12.06
CA THR P 93 13.41 -26.51 -11.87
C THR P 93 12.05 -27.24 -12.07
N SER P 94 12.04 -28.21 -12.99
CA SER P 94 10.85 -29.04 -13.29
C SER P 94 10.46 -29.98 -12.13
N LYS P 95 11.46 -30.50 -11.37
CA LYS P 95 11.20 -31.38 -10.21
C LYS P 95 11.36 -30.66 -8.85
N ASN P 96 11.72 -29.34 -8.87
CA ASN P 96 12.00 -28.50 -7.68
C ASN P 96 13.02 -29.18 -6.74
N MET P 97 14.03 -29.78 -7.36
CA MET P 97 15.12 -30.51 -6.70
C MET P 97 16.41 -29.73 -6.87
N VAL P 98 17.18 -29.64 -5.78
CA VAL P 98 18.54 -29.07 -5.72
C VAL P 98 19.47 -30.23 -5.38
N TYR P 99 20.56 -30.38 -6.14
CA TYR P 99 21.51 -31.47 -5.98
C TYR P 99 22.89 -30.98 -5.62
N LEU P 100 23.66 -31.85 -4.98
CA LEU P 100 25.08 -31.61 -4.75
C LEU P 100 25.80 -32.92 -5.16
N GLN P 101 26.53 -32.84 -6.27
CA GLN P 101 27.28 -33.95 -6.85
C GLN P 101 28.65 -33.85 -6.25
N MET P 102 29.03 -34.83 -5.42
CA MET P 102 30.31 -34.86 -4.70
C MET P 102 31.26 -35.95 -5.25
N ASN P 103 32.26 -35.53 -6.04
CA ASN P 103 33.26 -36.40 -6.66
C ASN P 103 34.58 -36.15 -5.98
N SER P 104 35.62 -36.96 -6.28
CA SER P 104 36.97 -36.85 -5.67
C SER P 104 36.88 -36.60 -4.17
N LEU P 105 35.98 -37.39 -3.53
CA LEU P 105 35.70 -37.31 -2.11
C LEU P 105 36.92 -37.57 -1.27
N ARG P 106 37.12 -36.70 -0.26
CA ARG P 106 38.24 -36.74 0.67
C ARG P 106 37.69 -36.97 2.07
N VAL P 107 38.51 -37.58 2.95
CA VAL P 107 38.13 -37.94 4.33
C VAL P 107 37.52 -36.72 5.08
N GLU P 108 38.18 -35.54 5.02
CA GLU P 108 37.74 -34.28 5.64
C GLU P 108 36.38 -33.77 5.10
N ASP P 109 35.84 -34.43 4.03
CA ASP P 109 34.51 -34.11 3.51
C ASP P 109 33.46 -34.81 4.37
N THR P 110 33.87 -35.73 5.31
CA THR P 110 32.95 -36.43 6.22
C THR P 110 32.23 -35.37 7.04
N ALA P 111 30.91 -35.26 6.86
CA ALA P 111 30.12 -34.25 7.55
C ALA P 111 28.66 -34.45 7.39
N LEU P 112 27.89 -33.55 8.05
CA LEU P 112 26.47 -33.39 7.85
C LEU P 112 26.28 -32.24 6.86
N TYR P 113 25.52 -32.48 5.80
CA TYR P 113 25.24 -31.51 4.74
C TYR P 113 23.82 -31.02 4.83
N TYR P 114 23.66 -29.73 4.65
CA TYR P 114 22.38 -29.06 4.77
C TYR P 114 22.10 -28.24 3.54
N CYS P 115 20.94 -28.46 2.94
CA CYS P 115 20.50 -27.64 1.83
C CYS P 115 19.76 -26.53 2.52
N VAL P 116 19.97 -25.30 2.05
CA VAL P 116 19.33 -24.13 2.64
C VAL P 116 18.74 -23.28 1.53
N LYS P 117 17.59 -22.65 1.80
CA LYS P 117 16.96 -21.72 0.86
C LYS P 117 17.74 -20.41 1.02
N ASN P 118 18.04 -19.73 -0.13
CA ASN P 118 18.73 -18.45 -0.30
C ASN P 118 20.25 -18.58 -0.39
N SER P 119 20.95 -17.44 -0.69
CA SER P 119 22.40 -17.38 -0.82
C SER P 119 23.11 -16.96 0.46
N GLY P 120 22.40 -16.28 1.36
CA GLY P 120 22.99 -15.79 2.59
C GLY P 120 22.10 -15.87 3.80
N ILE P 121 20.80 -15.56 3.63
CA ILE P 121 19.83 -15.55 4.73
C ILE P 121 19.20 -16.92 4.82
N TYR P 122 19.84 -17.81 5.58
CA TYR P 122 19.42 -19.22 5.69
C TYR P 122 18.35 -19.40 6.73
N SER P 123 17.12 -19.03 6.35
CA SER P 123 15.92 -19.06 7.19
C SER P 123 15.31 -20.46 7.27
N PHE P 124 15.42 -21.24 6.18
CA PHE P 124 14.93 -22.60 6.11
C PHE P 124 16.05 -23.55 5.75
N TRP P 125 16.22 -24.60 6.56
CA TRP P 125 17.23 -25.65 6.45
C TRP P 125 16.58 -27.00 6.25
N GLY P 126 17.15 -27.83 5.36
CA GLY P 126 16.75 -29.22 5.21
C GLY P 126 17.46 -29.96 6.33
N GLN P 127 17.04 -31.20 6.66
CA GLN P 127 17.68 -31.98 7.73
C GLN P 127 19.08 -32.42 7.26
N GLY P 128 19.99 -32.62 8.21
CA GLY P 128 21.37 -33.02 7.95
C GLY P 128 21.54 -34.34 7.21
N THR P 129 22.27 -34.30 6.10
CA THR P 129 22.54 -35.48 5.32
C THR P 129 23.97 -35.93 5.65
N LEU P 130 24.12 -37.17 6.15
CA LEU P 130 25.40 -37.74 6.56
C LEU P 130 26.21 -38.31 5.40
N VAL P 131 27.40 -37.75 5.19
CA VAL P 131 28.30 -38.22 4.13
C VAL P 131 29.61 -38.64 4.79
N THR P 132 29.92 -39.94 4.80
CA THR P 132 31.13 -40.51 5.43
C THR P 132 32.10 -40.98 4.35
N VAL P 133 33.38 -40.54 4.46
CA VAL P 133 34.45 -40.85 3.51
C VAL P 133 35.60 -41.46 4.27
N SER P 134 35.91 -42.72 3.98
CA SER P 134 36.90 -43.50 4.68
C SER P 134 37.36 -44.70 3.85
N SER P 135 38.59 -45.11 4.07
CA SER P 135 39.03 -46.30 3.36
C SER P 135 38.72 -47.55 4.22
N ALA P 136 38.23 -47.35 5.47
CA ALA P 136 37.84 -48.42 6.41
C ALA P 136 36.62 -49.19 5.93
N SER P 137 36.60 -50.47 6.23
CA SER P 137 35.47 -51.31 5.88
C SER P 137 34.56 -51.47 7.13
N THR P 138 33.23 -51.64 6.90
CA THR P 138 32.20 -51.81 7.96
C THR P 138 32.63 -52.87 9.00
N LYS P 139 32.62 -52.49 10.26
CA LYS P 139 33.07 -53.40 11.31
C LYS P 139 32.25 -53.20 12.57
N GLY P 140 31.72 -54.30 13.10
CA GLY P 140 31.00 -54.27 14.37
C GLY P 140 31.98 -54.05 15.51
N PRO P 141 31.57 -53.47 16.65
CA PRO P 141 32.56 -53.23 17.74
C PRO P 141 32.93 -54.45 18.58
N SER P 142 34.11 -54.38 19.22
CA SER P 142 34.59 -55.30 20.24
C SER P 142 34.23 -54.55 21.53
N VAL P 143 33.48 -55.21 22.43
CA VAL P 143 33.00 -54.63 23.69
C VAL P 143 33.76 -55.23 24.87
N PHE P 144 34.58 -54.40 25.51
CA PHE P 144 35.38 -54.78 26.65
C PHE P 144 34.81 -54.19 27.93
N PRO P 145 34.86 -54.93 29.05
CA PRO P 145 34.30 -54.39 30.30
C PRO P 145 35.18 -53.33 30.92
N LEU P 146 34.59 -52.39 31.67
CA LEU P 146 35.30 -51.41 32.50
C LEU P 146 34.87 -51.80 33.92
N ALA P 147 35.60 -52.76 34.49
CA ALA P 147 35.34 -53.37 35.81
C ALA P 147 35.50 -52.44 37.03
N PRO P 148 34.55 -52.45 38.00
CA PRO P 148 34.67 -51.57 39.19
C PRO P 148 35.91 -51.79 40.07
N THR P 157 29.90 -45.93 46.70
CA THR P 157 29.77 -45.65 45.26
C THR P 157 30.92 -46.29 44.44
N ALA P 158 30.50 -46.96 43.33
CA ALA P 158 31.36 -47.63 42.38
C ALA P 158 31.01 -47.23 40.92
N ALA P 159 32.04 -47.17 40.07
CA ALA P 159 31.80 -46.85 38.66
C ALA P 159 32.25 -48.01 37.82
N LEU P 160 31.42 -48.35 36.84
CA LEU P 160 31.70 -49.43 35.90
C LEU P 160 31.17 -49.08 34.49
N GLY P 161 31.62 -49.81 33.49
CA GLY P 161 31.15 -49.54 32.14
C GLY P 161 31.56 -50.51 31.07
N CYS P 162 31.40 -50.05 29.81
CA CYS P 162 31.77 -50.81 28.64
C CYS P 162 32.55 -49.95 27.68
N LEU P 163 33.67 -50.49 27.19
CA LEU P 163 34.51 -49.88 26.18
C LEU P 163 34.02 -50.49 24.87
N VAL P 164 33.33 -49.69 24.04
CA VAL P 164 32.84 -50.18 22.75
C VAL P 164 33.85 -49.68 21.70
N LYS P 165 34.72 -50.59 21.32
CA LYS P 165 35.89 -50.30 20.53
C LYS P 165 36.00 -50.88 19.11
N ASP P 166 36.60 -50.06 18.21
CA ASP P 166 36.96 -50.42 16.84
C ASP P 166 35.78 -50.77 15.94
N TYR P 167 34.87 -49.83 15.75
CA TYR P 167 33.77 -50.01 14.85
C TYR P 167 33.84 -48.99 13.73
N PHE P 168 33.12 -49.28 12.65
CA PHE P 168 33.04 -48.40 11.50
C PHE P 168 31.76 -48.73 10.71
N PRO P 169 31.00 -47.74 10.19
CA PRO P 169 31.04 -46.29 10.49
C PRO P 169 30.25 -46.00 11.78
N GLU P 170 29.97 -44.71 12.06
CA GLU P 170 29.07 -44.39 13.17
C GLU P 170 27.61 -44.70 12.68
N PRO P 171 26.62 -44.98 13.57
CA PRO P 171 26.67 -44.97 15.04
C PRO P 171 26.57 -46.33 15.68
N VAL P 172 26.89 -46.38 16.99
CA VAL P 172 26.61 -47.49 17.88
C VAL P 172 25.58 -46.93 18.87
N THR P 173 24.76 -47.80 19.42
CA THR P 173 23.77 -47.49 20.43
C THR P 173 24.12 -48.31 21.66
N VAL P 174 24.08 -47.67 22.84
CA VAL P 174 24.36 -48.30 24.13
C VAL P 174 23.17 -48.08 25.11
N SER P 175 22.84 -49.14 25.83
CA SER P 175 21.84 -49.22 26.88
C SER P 175 22.42 -50.17 27.94
N TRP P 176 21.86 -50.14 29.14
CA TRP P 176 22.28 -51.00 30.26
C TRP P 176 21.08 -51.75 30.78
N ASN P 177 21.24 -53.05 31.07
CA ASN P 177 20.18 -53.96 31.54
C ASN P 177 18.89 -53.79 30.70
N SER P 178 19.06 -53.81 29.35
CA SER P 178 18.03 -53.66 28.32
C SER P 178 17.19 -52.38 28.47
N GLY P 179 17.83 -51.29 28.90
CA GLY P 179 17.21 -49.98 29.07
C GLY P 179 16.62 -49.68 30.44
N ALA P 180 16.76 -50.61 31.40
CA ALA P 180 16.23 -50.44 32.76
C ALA P 180 17.14 -49.50 33.55
N LEU P 181 18.47 -49.73 33.50
CA LEU P 181 19.46 -48.89 34.17
C LEU P 181 19.69 -47.62 33.32
N THR P 182 19.19 -46.47 33.83
CA THR P 182 19.23 -45.20 33.11
C THR P 182 19.90 -44.06 33.92
N SER P 183 19.60 -43.95 35.23
CA SER P 183 20.16 -42.88 36.06
C SER P 183 21.66 -43.07 36.35
N GLY P 184 22.42 -42.01 36.06
CA GLY P 184 23.87 -41.99 36.21
C GLY P 184 24.63 -42.62 35.05
N VAL P 185 23.92 -42.92 33.93
CA VAL P 185 24.54 -43.48 32.73
C VAL P 185 25.20 -42.33 31.97
N HIS P 186 26.47 -42.55 31.58
CA HIS P 186 27.28 -41.63 30.81
C HIS P 186 27.96 -42.30 29.62
N THR P 187 27.33 -42.22 28.42
CA THR P 187 27.88 -42.74 27.16
C THR P 187 28.55 -41.57 26.46
N PHE P 188 29.86 -41.71 26.23
CA PHE P 188 30.65 -40.65 25.65
C PHE P 188 30.55 -40.57 24.14
N PRO P 189 30.66 -39.34 23.56
CA PRO P 189 30.68 -39.22 22.08
C PRO P 189 31.84 -40.03 21.49
N ALA P 190 31.60 -40.65 20.32
CA ALA P 190 32.62 -41.43 19.62
C ALA P 190 33.87 -40.60 19.36
N VAL P 191 34.96 -41.29 19.25
CA VAL P 191 36.22 -40.68 18.92
C VAL P 191 36.77 -41.48 17.74
N LEU P 192 37.17 -40.78 16.67
CA LEU P 192 37.78 -41.44 15.53
C LEU P 192 39.25 -41.68 15.89
N GLN P 193 39.68 -42.95 15.88
CA GLN P 193 41.06 -43.29 16.19
C GLN P 193 41.92 -43.17 14.94
N SER P 194 43.23 -43.11 15.17
CA SER P 194 44.32 -43.14 14.19
C SER P 194 44.09 -44.24 13.09
N SER P 195 43.49 -45.38 13.48
CA SER P 195 43.16 -46.52 12.63
C SER P 195 42.03 -46.28 11.61
N GLY P 196 41.25 -45.21 11.79
CA GLY P 196 40.08 -44.95 10.97
C GLY P 196 38.85 -45.56 11.60
N LEU P 197 39.05 -46.33 12.69
CA LEU P 197 37.96 -46.96 13.41
C LEU P 197 37.60 -46.11 14.60
N TYR P 198 36.30 -46.09 14.92
CA TYR P 198 35.73 -45.34 16.00
C TYR P 198 35.78 -46.11 17.32
N SER P 199 35.75 -45.37 18.41
CA SER P 199 35.76 -45.96 19.74
C SER P 199 34.95 -45.06 20.68
N LEU P 200 34.26 -45.67 21.67
CA LEU P 200 33.58 -44.94 22.75
C LEU P 200 33.51 -45.76 24.02
N SER P 201 33.12 -45.11 25.12
CA SER P 201 32.92 -45.80 26.38
C SER P 201 31.59 -45.36 26.95
N SER P 202 30.91 -46.31 27.60
CA SER P 202 29.64 -46.12 28.32
C SER P 202 29.88 -46.43 29.79
N VAL P 203 29.51 -45.51 30.67
CA VAL P 203 29.73 -45.73 32.10
C VAL P 203 28.45 -45.53 32.90
N VAL P 204 28.47 -46.01 34.14
CA VAL P 204 27.39 -45.89 35.13
C VAL P 204 28.00 -46.00 36.55
N THR P 205 27.48 -45.19 37.47
CA THR P 205 27.87 -45.23 38.89
C THR P 205 26.73 -45.89 39.62
N VAL P 206 27.06 -46.93 40.39
CA VAL P 206 26.13 -47.77 41.16
C VAL P 206 26.41 -47.64 42.67
N PRO P 207 25.53 -48.17 43.59
CA PRO P 207 25.81 -48.03 45.05
C PRO P 207 27.17 -48.57 45.52
N SER P 208 27.50 -49.87 45.22
CA SER P 208 28.74 -50.62 45.56
C SER P 208 28.47 -52.11 45.78
N THR P 213 26.29 -56.21 43.74
CA THR P 213 25.76 -57.58 43.71
C THR P 213 24.42 -57.70 42.93
N GLN P 214 24.23 -56.81 41.95
CA GLN P 214 23.12 -56.79 41.00
C GLN P 214 23.75 -57.08 39.62
N THR P 215 22.96 -57.56 38.65
CA THR P 215 23.49 -57.88 37.32
C THR P 215 23.72 -56.57 36.49
N TYR P 216 24.91 -56.44 35.87
CA TYR P 216 25.21 -55.26 35.06
C TYR P 216 25.67 -55.63 33.63
N ILE P 217 24.73 -55.46 32.66
CA ILE P 217 24.92 -55.79 31.25
C ILE P 217 24.79 -54.56 30.37
N CYS P 218 25.77 -54.32 29.47
CA CYS P 218 25.66 -53.22 28.51
C CYS P 218 25.24 -53.84 27.17
N ASN P 219 24.25 -53.23 26.54
CA ASN P 219 23.72 -53.70 25.26
C ASN P 219 24.17 -52.73 24.18
N VAL P 220 25.07 -53.21 23.31
CA VAL P 220 25.68 -52.45 22.23
C VAL P 220 25.10 -52.86 20.85
N ASN P 221 24.52 -51.88 20.15
CA ASN P 221 23.93 -52.09 18.82
C ASN P 221 24.68 -51.31 17.77
N HIS P 222 25.12 -51.99 16.71
CA HIS P 222 25.75 -51.39 15.54
C HIS P 222 24.91 -51.80 14.29
N LYS P 223 23.91 -50.97 13.94
CA LYS P 223 23.03 -51.23 12.80
C LYS P 223 23.81 -51.36 11.46
N PRO P 224 24.91 -50.59 11.20
CA PRO P 224 25.62 -50.74 9.92
C PRO P 224 26.21 -52.15 9.67
N SER P 225 26.61 -52.86 10.74
CA SER P 225 27.15 -54.21 10.62
C SER P 225 26.11 -55.28 10.95
N ASN P 226 24.89 -54.86 11.36
CA ASN P 226 23.79 -55.70 11.82
C ASN P 226 24.15 -56.53 13.06
N THR P 227 24.94 -55.96 13.97
CA THR P 227 25.36 -56.66 15.19
C THR P 227 24.75 -56.10 16.48
N LYS P 228 24.60 -57.01 17.45
CA LYS P 228 24.12 -56.79 18.82
C LYS P 228 25.10 -57.54 19.70
N VAL P 229 25.70 -56.82 20.63
CA VAL P 229 26.66 -57.39 21.58
C VAL P 229 26.19 -57.02 22.97
N ASP P 230 26.03 -58.04 23.81
CA ASP P 230 25.67 -57.88 25.21
C ASP P 230 26.86 -58.34 26.06
N LYS P 231 27.29 -57.50 27.00
CA LYS P 231 28.40 -57.87 27.87
C LYS P 231 28.05 -57.57 29.32
N LYS P 232 28.31 -58.58 30.19
CA LYS P 232 28.09 -58.48 31.64
C LYS P 232 29.42 -58.03 32.25
N VAL P 233 29.38 -56.90 32.96
CA VAL P 233 30.55 -56.33 33.60
C VAL P 233 30.53 -56.66 35.11
N GLU P 234 31.50 -57.46 35.54
CA GLU P 234 31.67 -57.93 36.91
C GLU P 234 33.14 -57.80 37.40
N PRO P 235 33.39 -57.55 38.73
CA PRO P 235 34.79 -57.35 39.18
C PRO P 235 35.68 -58.59 39.13
CL CL Q . 39.99 47.42 -7.62
CL CL R . 12.03 27.24 -12.32
CL CL S . -44.89 -16.15 31.23
C1 HD4 T . -61.73 -24.44 27.77
C2 HD4 T . -60.57 -23.78 28.56
C5 HD4 T . -63.30 -23.86 29.52
C3 HD4 T . -60.85 -23.71 30.06
C4 HD4 T . -62.24 -23.15 30.39
C8 HD4 T . -56.92 -24.69 27.75
C7 HD4 T . -58.17 -23.87 27.95
O7 HD4 T . -58.14 -22.66 27.73
N2 HD4 T . -59.31 -24.50 28.34
O5 HD4 T . -62.98 -23.84 28.12
O1 HD4 T . -61.44 -24.21 26.39
C17 HD4 T . -62.15 -24.97 25.41
C19 HD4 T . -61.27 -26.12 24.89
O20 HD4 T . -60.36 -25.65 23.90
C21 HD4 T . -62.58 -24.02 24.26
C23 HD4 T . -63.18 -22.71 24.81
C25 HD4 T . -64.62 -22.96 25.25
O26 HD4 T . -65.19 -21.88 25.97
P27 HD4 T . -66.75 -21.92 26.36
O28 HD4 T . -67.55 -21.82 25.12
O29 HD4 T . -67.07 -23.33 27.09
O30 HD4 T . -67.11 -20.72 27.38
O31 HD4 T . -63.09 -21.67 23.82
O32 HD4 T . -63.48 -24.71 23.37
C6 HD4 T . -64.69 -23.30 29.78
O6 HD4 T . -65.60 -24.16 29.12
O4 HD4 T . -62.53 -23.46 31.74
O3 HD4 T . -59.81 -22.91 30.63
CL CL U . -21.99 -31.94 12.11
CL CL V . 16.39 -0.35 -30.70
CAC FLC W . 37.95 -15.80 -9.89
CA FLC W . 37.17 -16.91 -10.56
CB FLC W . 36.28 -16.46 -11.72
CBC FLC W . 37.14 -15.79 -12.82
CG FLC W . 35.55 -17.70 -12.27
CGC FLC W . 34.82 -17.50 -13.59
OA1 FLC W . 39.13 -15.60 -10.25
OA2 FLC W . 37.37 -15.11 -9.03
OB1 FLC W . 38.01 -16.49 -13.37
OB2 FLC W . 36.88 -14.59 -13.10
OG1 FLC W . 35.39 -17.93 -14.63
OG2 FLC W . 33.70 -16.94 -13.58
OHB FLC W . 35.32 -15.53 -11.23
C1 HD4 X . 1.12 -11.04 -27.82
C2 HD4 X . 2.29 -10.47 -28.61
C5 HD4 X . 0.79 -12.74 -29.53
C3 HD4 X . 2.15 -10.78 -30.09
C4 HD4 X . 1.99 -12.28 -30.35
C8 HD4 X . 3.37 -6.86 -27.78
C7 HD4 X . 3.46 -8.36 -27.97
O7 HD4 X . 4.50 -8.93 -27.73
N2 HD4 X . 2.35 -9.02 -28.40
O5 HD4 X . 1.05 -12.41 -28.16
O1 HD4 X . 1.45 -10.87 -26.44
C17 HD4 X . 0.50 -11.30 -25.42
C19 HD4 X . 0.07 -10.07 -24.60
O20 HD4 X . -0.89 -9.29 -25.32
C21 HD4 X . 1.24 -12.20 -24.40
C23 HD4 X . 1.91 -13.42 -25.03
C25 HD4 X . 0.89 -14.50 -25.41
O26 HD4 X . 1.50 -15.46 -26.29
P27 HD4 X . 0.94 -16.96 -26.47
O28 HD4 X . 0.59 -17.54 -25.14
O29 HD4 X . -0.38 -16.96 -27.39
O30 HD4 X . 2.07 -17.89 -27.16
O31 HD4 X . 2.90 -13.96 -24.13
O32 HD4 X . 0.39 -12.54 -23.30
C6 HD4 X . 0.55 -14.25 -29.62
O6 HD4 X . -0.49 -14.54 -28.67
O4 HD4 X . 1.74 -12.51 -31.73
O3 HD4 X . 3.24 -10.24 -30.82
C1 GOL Y . 41.33 -12.30 -48.93
O1 GOL Y . 42.28 -12.70 -47.94
C2 GOL Y . 39.94 -12.79 -48.58
O2 GOL Y . 39.50 -12.23 -47.34
C3 GOL Y . 38.96 -12.46 -49.67
O3 GOL Y . 39.10 -13.32 -50.80
C1 HD4 Z . 43.52 54.85 -58.38
C2 HD4 Z . 44.27 53.73 -59.16
C5 HD4 Z . 41.79 54.86 -60.17
C3 HD4 Z . 44.02 53.90 -60.68
C4 HD4 Z . 42.52 53.77 -60.96
C8 HD4 Z . 47.89 52.93 -58.17
C7 HD4 Z . 46.45 52.65 -58.49
O7 HD4 Z . 46.00 51.51 -58.41
N2 HD4 Z . 45.70 53.73 -58.83
O5 HD4 Z . 42.12 54.85 -58.76
O1 HD4 Z . 43.71 54.68 -56.96
C17 HD4 Z . 43.15 55.63 -56.04
C19 HD4 Z . 44.24 56.39 -55.25
O20 HD4 Z . 45.58 56.14 -55.69
C21 HD4 Z . 42.19 54.97 -55.02
C23 HD4 Z . 41.09 54.10 -55.65
C25 HD4 Z . 39.90 54.95 -56.10
O26 HD4 Z . 38.96 54.10 -56.75
P27 HD4 Z . 37.57 54.72 -57.24
O28 HD4 Z . 36.76 55.10 -56.06
O29 HD4 Z . 37.88 56.06 -58.10
O30 HD4 Z . 36.79 53.67 -58.16
O31 HD4 Z . 40.60 53.10 -54.76
O32 HD4 Z . 41.60 55.95 -54.15
C6 HD4 Z . 40.29 54.64 -60.34
O6 HD4 Z . 39.60 55.87 -60.13
O4 HD4 Z . 42.22 53.79 -62.38
O3 HD4 Z . 44.71 52.91 -61.41
C1 GOL AA . 41.29 18.37 -40.96
O1 GOL AA . 42.55 18.87 -41.43
C2 GOL AA . 40.79 19.13 -39.74
O2 GOL AA . 40.75 20.53 -40.04
C3 GOL AA . 41.69 18.91 -38.55
O3 GOL AA . 41.23 17.83 -37.73
C1 HD4 BA . 16.90 -18.79 58.22
C2 HD4 BA . 16.28 -17.59 58.95
C5 HD4 BA . 16.26 -20.30 60.04
C3 HD4 BA . 16.32 -17.83 60.47
C4 HD4 BA . 15.62 -19.15 60.86
C8 HD4 BA . 17.58 -14.07 58.24
C7 HD4 BA . 16.60 -15.20 58.41
O7 HD4 BA . 15.41 -15.00 58.27
N2 HD4 BA . 17.11 -16.41 58.71
O5 HD4 BA . 16.25 -20.00 58.64
O1 HD4 BA . 16.74 -18.56 56.82
C17 HD4 BA . 17.63 -19.29 55.97
C19 HD4 BA . 18.69 -18.38 55.37
O20 HD4 BA . 19.71 -18.13 56.35
C21 HD4 BA . 16.84 -19.97 54.84
C23 HD4 BA . 15.55 -20.62 55.38
C25 HD4 BA . 15.70 -22.13 55.59
O26 HD4 BA . 15.12 -22.54 56.83
P27 HD4 BA . 14.48 -24.01 57.02
O28 HD4 BA . 15.58 -25.00 57.01
O29 HD4 BA . 13.67 -24.10 58.42
O30 HD4 BA . 13.44 -24.33 55.82
O31 HD4 BA . 14.42 -20.30 54.58
O32 HD4 BA . 17.69 -20.90 54.17
C6 HD4 BA . 15.54 -21.63 60.31
O6 HD4 BA . 16.25 -22.74 59.75
O4 HD4 BA . 15.85 -19.34 62.25
O3 HD4 BA . 15.74 -16.72 61.14
CL CL CA . 32.62 -20.73 5.90
#